data_8RIU
#
_entry.id   8RIU
#
_cell.length_a   97.070
_cell.length_b   159.213
_cell.length_c   191.444
_cell.angle_alpha   90.00
_cell.angle_beta   90.00
_cell.angle_gamma   90.00
#
_symmetry.space_group_name_H-M   'P 21 21 21'
#
loop_
_entity.id
_entity.type
_entity.pdbx_description
1 polymer 'Acetyl-CoA decarbonylase/synthase complex subunit alpha'
2 polymer 'Coenzyme F420 hydrogenase/dehydrogenase, beta subunit C terminus'
3 polymer 'Acetyl-CoA decarbonylase/synthase complex subunit epsilon'
4 non-polymer GLYCEROL
5 non-polymer 1,2-ETHANEDIOL
6 non-polymer 'IRON/SULFUR CLUSTER'
7 non-polymer 'FE(4)-NI(1)-S(4) CLUSTER'
8 non-polymer 'POTASSIUM ION'
9 non-polymer 'FLAVIN-ADENINE DINUCLEOTIDE'
10 non-polymer 2-{2-[2-(2-{2-[2-(2-ETHOXY-ETHOXY)-ETHOXY]-ETHOXY}-ETHOXY)-ETHOXY]-ETHOXY}-ETHANOL
11 non-polymer 'CHLORIDE ION'
12 water water
#
loop_
_entity_poly.entity_id
_entity_poly.type
_entity_poly.pdbx_seq_one_letter_code
_entity_poly.pdbx_strand_id
1 'polypeptide(L)'
;MTKTEKKGNIEIEALKDVVVNIGGIEEEEEEWEPMGPTPMPGIVDLRDWDYKLMDRYKPFYAPYCEMCCFCTFGKCDLTG
GKKGACGLDMTAQQARFVTIACLIGCSAHTAHGRHMLNEILHIYGDREIDMGTGINIEAPLTRLITGIKPKRLSDFIPVL
DYIEEQIAQVMDSVHTGQEGSNIDYESKAFHVGMLDSLGKEVADIVQIVAFDLPKGDPDAPLVEIGMGCIDETKPMLLVI
GHNVVPSVSVIDYMREHDLEDKIEVAGICCTAIDTTRYSDRAKIVGSIGRQLRFVRSGIADVIMVDEQCIRADILEQAKR
THAPLIATNDKALYGLVDRTDDSADDIITILVSGKEPGVVILDPVKAGEVAVRLVQIMHEKRKGLVHLPTDEEFKEYVEM
CQNCDANCVIACPQGLPIGEANKAAAAGNIEPLAELFDLCVGCGRCEQVCKKHIPIVDVIHKAALPLVRAEKGMIRVGRG
PVLDTEIRNVGAPLVLGTIPGIIAIVGCGNYPNGTKDVYIMAKEFVERKYIVVLTGCGAMDAALYRDEDGKTLYEKYPGD
FDGGCIVNIGSCVSNAHIHDAAIKVASIFARRNIRANYAEIADYILNRVGACGMAWGAMSQKAASIASGVNRIGIPVVIG
PHGWKYRRAYLGRKDVDRDWMVYDARDGSKVRIEPAPEHLLVAADTLEEAIPLMARLCFRPTDNSMGRQVKLTHYMDLSM
KYLGKYPDDWPVFVRTEADLPLAKKEEYLRILKEDYGWDVDLEAKKIISGPIRKFDVSFDATNLEQLIRENK
;
A,D
2 'polypeptide(L)'
;MKFDEKGSIIDLETKVVYSNICCYCGACGAFCTEYISYENGTPVTKQKCFEIHGACFDFCPRTFLPVLEMERELFGEVRS
DWELGYYTDIVTARATNPEILEKGQNGGVVTALLTHLIDEGKIDAACITGRSDDEPWKPEPLVATTRDEILKGAGSNYEQ
CPAIMGVGEALANGSENIAMVGLPCHIQAMRKIQLSKAFDVGASRVKYAIGLLCTETFDRDLLHAKLREMKIKAEDVKKF
DIGEGKFKVFTEEGVRTEKIATMKSCMRDGCKVCYDFAAELADISVGSIGSEEGWNTVLIRSKAGKELIDEAEKAKVIEV
KPLNEASIQSVKDLASRKKSENMDNIVEIAGATKILHLAVKPQELSLLLG
;
B,E
3 'polypeptide(L)'
;MNIPFDIGNISGPEMGRIATPEALGRAIKNAKRPLLVVGSEILEDGLIDRAIAIGKKGIPIAATAHSIKGFVDAGYTDNV
YMVGLHELANNIKSPDWMGFDGKGGYDLVAVLGGIYYSTSQFLISIKNCATDPLVRAISIDRYYHIAARMTFDNISRKRT
DEFKEMLDRVVQSI
;
C,F
#
# COMPACT_ATOMS: atom_id res chain seq x y z
N GLU A 31 33.28 -27.26 38.27
CA GLU A 31 32.71 -26.31 37.26
C GLU A 31 33.13 -26.77 35.87
N TRP A 32 32.27 -27.51 35.19
CA TRP A 32 32.63 -28.06 33.85
C TRP A 32 33.35 -26.98 33.04
N GLU A 33 32.94 -25.73 33.20
CA GLU A 33 33.60 -24.60 32.51
C GLU A 33 33.39 -23.33 33.31
N PRO A 34 34.26 -22.32 33.19
CA PRO A 34 34.05 -21.06 33.86
C PRO A 34 32.86 -20.34 33.23
N MET A 35 32.00 -19.75 34.04
CA MET A 35 30.90 -18.96 33.49
C MET A 35 31.47 -17.83 32.64
N GLY A 36 31.02 -17.79 31.38
CA GLY A 36 31.47 -16.72 30.49
C GLY A 36 30.80 -15.40 30.81
N PRO A 37 31.04 -14.35 30.02
CA PRO A 37 30.52 -13.02 30.36
C PRO A 37 29.07 -12.70 29.99
N THR A 38 28.44 -13.53 29.17
CA THR A 38 27.09 -13.18 28.65
C THR A 38 26.08 -14.29 28.96
N PRO A 39 25.85 -14.63 30.24
CA PRO A 39 24.87 -15.64 30.60
C PRO A 39 23.44 -15.13 30.40
N MET A 40 22.60 -15.93 29.76
CA MET A 40 21.19 -15.56 29.51
C MET A 40 21.14 -14.08 29.11
N PRO A 41 21.73 -13.72 27.96
CA PRO A 41 21.84 -12.32 27.56
C PRO A 41 20.54 -11.57 27.25
N GLY A 42 20.48 -10.28 27.62
CA GLY A 42 19.31 -9.46 27.29
C GLY A 42 19.59 -8.64 26.03
N ILE A 43 18.77 -7.64 25.74
CA ILE A 43 18.91 -6.88 24.47
C ILE A 43 20.29 -6.23 24.34
N VAL A 44 20.80 -5.59 25.39
CA VAL A 44 22.07 -4.81 25.27
C VAL A 44 23.31 -5.67 25.53
N ASP A 45 23.15 -6.89 26.01
CA ASP A 45 24.32 -7.71 26.45
C ASP A 45 25.22 -8.17 25.29
N LEU A 46 24.69 -8.25 24.08
CA LEU A 46 25.51 -8.62 22.90
C LEU A 46 25.40 -7.53 21.83
N ARG A 47 25.00 -6.33 22.23
CA ARG A 47 24.80 -5.25 21.23
C ARG A 47 26.15 -4.89 20.61
N ASP A 48 27.23 -4.89 21.40
CA ASP A 48 28.56 -4.47 20.88
C ASP A 48 29.02 -5.48 19.81
N TRP A 49 28.70 -6.76 20.00
CA TRP A 49 29.03 -7.76 18.95
C TRP A 49 28.22 -7.44 17.70
N ASP A 50 26.94 -7.12 17.87
CA ASP A 50 26.08 -6.79 16.71
C ASP A 50 26.70 -5.61 15.95
N TYR A 51 27.28 -4.65 16.66
CA TYR A 51 27.86 -3.45 16.01
C TYR A 51 29.11 -3.84 15.22
N LYS A 52 29.82 -4.85 15.71
CA LYS A 52 31.00 -5.34 14.96
C LYS A 52 30.48 -5.90 13.63
N LEU A 53 29.44 -6.71 13.70
CA LEU A 53 28.86 -7.25 12.47
C LEU A 53 28.38 -6.13 11.57
N MET A 54 27.71 -5.14 12.16
CA MET A 54 26.97 -4.16 11.38
C MET A 54 27.87 -3.02 10.90
N ASP A 55 28.98 -2.77 11.59
CA ASP A 55 29.98 -1.83 11.09
C ASP A 55 30.58 -2.32 9.77
N ARG A 56 30.64 -3.64 9.56
CA ARG A 56 31.18 -4.25 8.35
C ARG A 56 30.11 -4.57 7.32
N TYR A 57 29.07 -5.25 7.79
CA TYR A 57 27.93 -5.62 6.92
C TYR A 57 26.81 -4.67 7.34
N LYS A 58 26.77 -3.50 6.73
CA LYS A 58 25.81 -2.47 7.18
C LYS A 58 24.40 -2.85 6.72
N PRO A 59 23.37 -2.49 7.49
CA PRO A 59 22.00 -2.72 7.08
C PRO A 59 21.67 -2.04 5.73
N PHE A 60 21.01 -2.77 4.83
CA PHE A 60 20.58 -2.22 3.52
C PHE A 60 19.05 -2.31 3.45
N TYR A 61 18.39 -1.30 2.91
CA TYR A 61 16.92 -1.26 2.99
C TYR A 61 16.28 -1.05 1.63
N ALA A 62 15.23 -1.85 1.40
CA ALA A 62 14.41 -1.74 0.18
C ALA A 62 12.95 -1.80 0.64
N PRO A 63 12.31 -0.66 0.99
CA PRO A 63 10.95 -0.68 1.53
C PRO A 63 9.87 -1.22 0.58
N TYR A 64 9.70 -2.55 0.54
CA TYR A 64 8.61 -3.15 -0.27
C TYR A 64 7.35 -2.33 -0.01
N CYS A 65 7.08 -2.02 1.25
CA CYS A 65 5.99 -1.07 1.59
C CYS A 65 6.66 0.20 2.10
N GLU A 66 6.27 1.37 1.58
CA GLU A 66 6.91 2.65 1.96
C GLU A 66 6.04 3.33 3.02
N MET A 67 5.05 2.60 3.54
CA MET A 67 4.11 3.18 4.50
C MET A 67 4.16 2.42 5.83
N CYS A 68 3.44 2.90 6.84
CA CYS A 68 3.27 2.19 8.10
C CYS A 68 1.81 2.30 8.50
N CYS A 69 1.23 1.18 8.91
CA CYS A 69 -0.18 1.08 9.27
C CYS A 69 -0.40 0.69 10.72
N PHE A 70 0.64 0.73 11.55
CA PHE A 70 0.57 0.14 12.93
C PHE A 70 -0.21 0.96 13.96
N CYS A 71 -0.47 2.25 13.73
CA CYS A 71 -1.15 3.08 14.75
C CYS A 71 -2.16 4.01 14.06
N THR A 72 -3.10 4.58 14.83
CA THR A 72 -4.18 5.43 14.23
C THR A 72 -3.64 6.79 13.76
N PHE A 73 -2.45 7.20 14.18
CA PHE A 73 -1.89 8.46 13.62
C PHE A 73 -1.61 8.24 12.14
N GLY A 74 -1.43 6.98 11.76
CA GLY A 74 -1.17 6.65 10.35
C GLY A 74 -2.42 6.84 9.51
N LYS A 75 -2.37 6.40 8.25
CA LYS A 75 -1.20 5.65 7.69
C LYS A 75 -0.10 6.63 7.29
N CYS A 76 1.13 6.37 7.74
CA CYS A 76 2.23 7.30 7.45
C CYS A 76 2.97 6.95 6.16
N ASP A 77 3.23 7.96 5.35
CA ASP A 77 4.09 7.79 4.19
C ASP A 77 5.52 8.08 4.62
N LEU A 78 6.40 7.09 4.46
CA LEU A 78 7.81 7.24 4.82
C LEU A 78 8.70 7.36 3.59
N THR A 79 8.11 7.49 2.40
CA THR A 79 8.88 7.56 1.16
C THR A 79 10.03 8.54 1.28
N GLY A 80 11.19 8.13 0.77
CA GLY A 80 12.31 9.04 0.62
C GLY A 80 13.04 9.35 1.90
N GLY A 81 12.84 8.56 2.95
CA GLY A 81 13.51 8.78 4.21
C GLY A 81 12.76 9.63 5.21
N LYS A 82 11.45 9.83 5.02
CA LYS A 82 10.71 10.68 5.95
C LYS A 82 10.49 9.94 7.28
N LYS A 83 10.10 10.72 8.29
CA LYS A 83 9.74 10.20 9.60
C LYS A 83 8.23 10.08 9.72
N GLY A 84 7.78 9.05 10.41
CA GLY A 84 6.36 8.88 10.67
C GLY A 84 5.83 9.90 11.66
N ALA A 85 4.52 9.80 11.90
CA ALA A 85 3.85 10.68 12.85
C ALA A 85 4.33 10.49 14.28
N CYS A 86 5.04 9.39 14.56
CA CYS A 86 5.61 9.11 15.87
C CYS A 86 7.08 9.51 16.00
N GLY A 87 7.69 10.01 14.92
CA GLY A 87 9.10 10.37 14.91
C GLY A 87 10.01 9.34 14.27
N LEU A 88 9.50 8.13 14.03
CA LEU A 88 10.36 7.03 13.51
C LEU A 88 10.65 7.23 12.02
N ASP A 89 11.93 7.15 11.64
CA ASP A 89 12.27 7.41 10.22
C ASP A 89 12.13 6.13 9.40
N MET A 90 12.14 6.28 8.08
CA MET A 90 11.93 5.12 7.16
C MET A 90 12.83 3.94 7.53
N THR A 91 14.15 4.15 7.63
CA THR A 91 15.03 3.00 7.84
C THR A 91 14.71 2.29 9.16
N ALA A 92 14.46 3.06 10.22
CA ALA A 92 14.13 2.43 11.50
C ALA A 92 12.82 1.67 11.44
N GLN A 93 11.85 2.11 10.63
CA GLN A 93 10.63 1.34 10.45
C GLN A 93 10.91 0.02 9.74
N GLN A 94 11.79 0.05 8.74
CA GLN A 94 12.15 -1.20 8.02
C GLN A 94 12.76 -2.19 9.03
N ALA A 95 13.66 -1.69 9.90
CA ALA A 95 14.31 -2.54 10.90
C ALA A 95 13.27 -3.08 11.89
N ARG A 96 12.27 -2.25 12.24
CA ARG A 96 11.18 -2.71 13.14
C ARG A 96 10.42 -3.83 12.45
N PHE A 97 10.15 -3.66 11.17
CA PHE A 97 9.37 -4.67 10.41
C PHE A 97 10.06 -6.01 10.48
N VAL A 98 11.34 -6.04 10.12
CA VAL A 98 12.10 -7.31 10.11
C VAL A 98 12.21 -7.86 11.54
N THR A 99 12.24 -6.97 12.53
CA THR A 99 12.26 -7.42 13.94
C THR A 99 10.96 -8.18 14.24
N ILE A 100 9.83 -7.64 13.81
CA ILE A 100 8.51 -8.30 14.01
C ILE A 100 8.54 -9.66 13.32
N ALA A 101 9.00 -9.70 12.08
CA ALA A 101 9.07 -10.99 11.34
C ALA A 101 9.89 -11.99 12.16
N CYS A 102 11.09 -11.59 12.58
CA CYS A 102 11.97 -12.49 13.36
C CYS A 102 11.24 -12.92 14.64
N LEU A 103 10.55 -11.99 15.30
CA LEU A 103 9.84 -12.33 16.53
C LEU A 103 8.76 -13.37 16.27
N ILE A 104 8.09 -13.29 15.12
CA ILE A 104 7.08 -14.29 14.78
C ILE A 104 7.76 -15.62 14.54
N GLY A 105 8.87 -15.63 13.80
CA GLY A 105 9.58 -16.88 13.57
C GLY A 105 10.14 -17.45 14.85
N CYS A 106 10.75 -16.59 15.67
CA CYS A 106 11.27 -17.05 16.95
C CYS A 106 10.17 -17.64 17.82
N SER A 107 9.00 -17.00 17.84
CA SER A 107 7.90 -17.51 18.64
C SER A 107 7.43 -18.86 18.13
N ALA A 108 7.43 -19.04 16.80
CA ALA A 108 6.96 -20.29 16.24
C ALA A 108 7.81 -21.47 16.72
N HIS A 109 9.13 -21.31 16.70
CA HIS A 109 10.02 -22.39 17.09
C HIS A 109 9.97 -22.61 18.59
N THR A 110 10.03 -21.53 19.37
CA THR A 110 9.97 -21.62 20.81
C THR A 110 8.65 -22.24 21.26
N ALA A 111 7.54 -21.80 20.69
CA ALA A 111 6.24 -22.32 21.10
C ALA A 111 6.08 -23.77 20.68
N HIS A 112 6.62 -24.13 19.51
CA HIS A 112 6.65 -25.52 19.10
C HIS A 112 7.34 -26.38 20.15
N GLY A 113 8.54 -25.96 20.58
CA GLY A 113 9.26 -26.71 21.59
C GLY A 113 8.54 -26.75 22.94
N ARG A 114 8.07 -25.60 23.41
CA ARG A 114 7.29 -25.59 24.65
C ARG A 114 6.12 -26.56 24.56
N HIS A 115 5.36 -26.49 23.48
CA HIS A 115 4.20 -27.36 23.30
C HIS A 115 4.60 -28.83 23.35
N MET A 116 5.64 -29.19 22.59
CA MET A 116 6.11 -30.58 22.57
C MET A 116 6.57 -31.03 23.95
N LEU A 117 7.35 -30.19 24.62
CA LEU A 117 7.87 -30.56 25.94
C LEU A 117 6.72 -30.80 26.92
N ASN A 118 5.76 -29.87 26.97
CA ASN A 118 4.63 -30.03 27.88
C ASN A 118 3.87 -31.32 27.60
N GLU A 119 3.58 -31.59 26.33
CA GLU A 119 2.91 -32.85 25.99
C GLU A 119 3.76 -34.04 26.39
N ILE A 120 5.07 -33.99 26.10
CA ILE A 120 5.93 -35.13 26.36
C ILE A 120 6.01 -35.39 27.86
N LEU A 121 6.22 -34.34 28.65
CA LEU A 121 6.37 -34.51 30.08
C LEU A 121 5.08 -35.03 30.72
N HIS A 122 3.92 -34.76 30.11
CA HIS A 122 2.66 -35.23 30.65
C HIS A 122 2.30 -36.64 30.13
N ILE A 123 2.60 -36.94 28.87
CA ILE A 123 2.20 -38.22 28.28
C ILE A 123 3.25 -39.30 28.49
N TYR A 124 4.54 -38.93 28.44
CA TYR A 124 5.61 -39.91 28.55
C TYR A 124 6.51 -39.70 29.76
N GLY A 125 6.53 -38.52 30.37
CA GLY A 125 7.32 -38.27 31.55
C GLY A 125 8.66 -37.64 31.22
N ASP A 126 9.40 -37.32 32.27
CA ASP A 126 10.74 -36.76 32.12
C ASP A 126 11.71 -37.84 31.67
N ARG A 127 12.81 -37.42 31.06
CA ARG A 127 13.81 -38.37 30.53
C ARG A 127 15.18 -37.73 30.55
N GLU A 128 16.23 -38.55 30.67
CA GLU A 128 17.60 -38.02 30.68
C GLU A 128 18.04 -37.74 29.24
N ILE A 129 18.74 -36.62 29.06
CA ILE A 129 19.23 -36.27 27.71
C ILE A 129 20.45 -37.13 27.43
N ASP A 130 20.27 -38.16 26.61
CA ASP A 130 21.37 -39.02 26.20
C ASP A 130 21.49 -38.94 24.69
N MET A 131 22.53 -38.27 24.20
CA MET A 131 22.77 -38.11 22.78
C MET A 131 23.70 -39.18 22.22
N GLY A 132 23.94 -40.26 22.98
CA GLY A 132 24.86 -41.29 22.57
C GLY A 132 26.28 -41.00 23.02
N THR A 133 27.12 -42.03 22.91
CA THR A 133 28.50 -41.91 23.35
C THR A 133 29.38 -41.17 22.34
N GLY A 134 28.85 -40.84 21.17
CA GLY A 134 29.55 -40.05 20.18
C GLY A 134 29.38 -38.56 20.32
N ILE A 135 28.67 -38.14 21.36
CA ILE A 135 28.45 -36.69 21.63
C ILE A 135 28.58 -36.40 23.12
N ASN A 136 29.47 -35.48 23.50
CA ASN A 136 29.62 -35.09 24.92
C ASN A 136 28.81 -33.83 25.20
N ILE A 137 28.96 -32.80 24.36
CA ILE A 137 28.16 -31.54 24.52
C ILE A 137 26.77 -31.79 23.94
N GLU A 138 25.82 -32.06 24.82
CA GLU A 138 24.44 -32.36 24.42
C GLU A 138 23.84 -31.15 23.69
N ALA A 139 23.99 -29.96 24.26
CA ALA A 139 23.31 -28.77 23.70
C ALA A 139 24.29 -27.58 23.62
N PRO A 140 25.19 -27.56 22.63
CA PRO A 140 26.18 -26.48 22.53
C PRO A 140 25.55 -25.09 22.63
N LEU A 141 24.44 -24.84 21.93
CA LEU A 141 23.81 -23.49 21.92
C LEU A 141 23.25 -23.18 23.31
N THR A 142 22.63 -24.17 23.94
CA THR A 142 22.13 -23.92 25.28
C THR A 142 23.28 -23.51 26.20
N ARG A 143 24.40 -24.25 26.14
CA ARG A 143 25.56 -23.90 26.93
C ARG A 143 26.09 -22.51 26.55
N LEU A 144 26.12 -22.21 25.25
CA LEU A 144 26.71 -20.97 24.77
C LEU A 144 25.91 -19.75 25.20
N ILE A 145 24.58 -19.82 25.11
CA ILE A 145 23.74 -18.66 25.39
C ILE A 145 23.34 -18.58 26.86
N THR A 146 22.83 -19.68 27.42
CA THR A 146 22.30 -19.64 28.78
C THR A 146 23.31 -20.01 29.85
N GLY A 147 24.39 -20.69 29.48
CA GLY A 147 25.33 -21.20 30.46
C GLY A 147 24.89 -22.48 31.15
N ILE A 148 23.76 -23.04 30.72
CA ILE A 148 23.20 -24.24 31.40
C ILE A 148 23.67 -25.51 30.70
N LYS A 149 24.02 -26.53 31.49
CA LYS A 149 24.38 -27.85 30.93
C LYS A 149 23.20 -28.78 31.22
N PRO A 150 22.22 -28.90 30.31
CA PRO A 150 21.02 -29.67 30.60
C PRO A 150 21.28 -31.17 30.80
N LYS A 151 20.64 -31.76 31.80
CA LYS A 151 20.75 -33.20 32.04
C LYS A 151 19.47 -33.95 31.72
N ARG A 152 18.31 -33.35 31.95
CA ARG A 152 17.02 -33.96 31.64
C ARG A 152 16.22 -33.02 30.78
N LEU A 153 15.20 -33.59 30.11
CA LEU A 153 14.28 -32.76 29.34
C LEU A 153 13.72 -31.63 30.20
N SER A 154 13.36 -31.93 31.44
CA SER A 154 12.81 -30.90 32.32
C SER A 154 13.76 -29.73 32.52
N ASP A 155 15.06 -29.94 32.29
CA ASP A 155 16.02 -28.83 32.43
C ASP A 155 15.92 -27.82 31.30
N PHE A 156 15.13 -28.09 30.26
CA PHE A 156 14.89 -27.11 29.21
C PHE A 156 13.79 -26.12 29.59
N ILE A 157 13.07 -26.36 30.70
CA ILE A 157 12.02 -25.42 31.12
C ILE A 157 12.59 -24.05 31.44
N PRO A 158 13.64 -23.91 32.25
CA PRO A 158 14.23 -22.57 32.46
C PRO A 158 14.78 -21.97 31.19
N VAL A 159 15.25 -22.79 30.25
CA VAL A 159 15.74 -22.26 28.99
C VAL A 159 14.59 -21.64 28.20
N LEU A 160 13.46 -22.35 28.14
CA LEU A 160 12.28 -21.79 27.47
C LEU A 160 11.76 -20.56 28.23
N ASP A 161 11.78 -20.62 29.57
CA ASP A 161 11.38 -19.45 30.36
C ASP A 161 12.19 -18.23 29.96
N TYR A 162 13.50 -18.40 29.74
CA TYR A 162 14.35 -17.30 29.32
C TYR A 162 13.92 -16.76 27.96
N ILE A 163 13.82 -17.65 26.96
CA ILE A 163 13.43 -17.21 25.62
C ILE A 163 12.11 -16.45 25.67
N GLU A 164 11.11 -17.05 26.32
CA GLU A 164 9.77 -16.47 26.32
C GLU A 164 9.76 -15.11 27.01
N GLU A 165 10.56 -14.94 28.06
CA GLU A 165 10.66 -13.62 28.68
C GLU A 165 11.28 -12.62 27.71
N GLN A 166 12.34 -13.03 27.00
CA GLN A 166 12.98 -12.13 26.06
C GLN A 166 12.05 -11.78 24.90
N ILE A 167 11.27 -12.75 24.43
CA ILE A 167 10.32 -12.47 23.34
C ILE A 167 9.43 -11.28 23.70
N ALA A 168 8.87 -11.31 24.92
CA ALA A 168 7.99 -10.24 25.35
C ALA A 168 8.74 -8.92 25.52
N GLN A 169 9.99 -8.97 25.95
CA GLN A 169 10.78 -7.73 26.06
C GLN A 169 10.95 -7.08 24.70
N VAL A 170 11.36 -7.85 23.70
CA VAL A 170 11.63 -7.24 22.36
C VAL A 170 10.32 -6.83 21.69
N MET A 171 9.28 -7.65 21.83
CA MET A 171 7.96 -7.26 21.27
C MET A 171 7.59 -5.90 21.84
N ASP A 172 7.88 -5.68 23.12
CA ASP A 172 7.57 -4.38 23.76
C ASP A 172 8.29 -3.31 22.94
N SER A 173 9.51 -3.59 22.48
CA SER A 173 10.33 -2.61 21.70
C SER A 173 9.68 -2.23 20.37
N VAL A 174 8.76 -3.05 19.85
CA VAL A 174 8.20 -2.74 18.50
C VAL A 174 6.95 -1.87 18.69
N HIS A 175 6.55 -1.60 19.93
CA HIS A 175 5.41 -0.69 20.18
C HIS A 175 5.78 0.73 19.72
N THR A 176 4.80 1.47 19.24
CA THR A 176 5.01 2.85 18.82
C THR A 176 5.69 3.64 19.94
N GLY A 177 6.62 4.50 19.55
CA GLY A 177 7.32 5.32 20.52
C GLY A 177 8.35 4.56 21.34
N GLN A 178 9.11 3.68 20.69
CA GLN A 178 10.17 2.95 21.36
C GLN A 178 11.48 3.26 20.64
N GLU A 179 12.27 2.23 20.33
CA GLU A 179 13.56 2.42 19.67
C GLU A 179 13.46 3.36 18.48
N GLY A 180 14.44 4.27 18.37
CA GLY A 180 14.49 5.19 17.22
C GLY A 180 15.68 4.96 16.32
N SER A 181 16.66 4.16 16.76
CA SER A 181 17.83 3.83 15.91
C SER A 181 17.56 2.57 15.09
N ASN A 182 17.68 2.69 13.77
CA ASN A 182 17.55 1.50 12.89
C ASN A 182 18.61 0.48 13.33
N ILE A 183 19.79 0.97 13.66
CA ILE A 183 20.88 0.03 14.03
C ILE A 183 20.49 -0.77 15.28
N ASP A 184 19.92 -0.10 16.27
CA ASP A 184 19.61 -0.79 17.56
C ASP A 184 18.44 -1.73 17.33
N TYR A 185 17.60 -1.41 16.36
CA TYR A 185 16.54 -2.36 16.04
C TYR A 185 17.09 -3.60 15.33
N GLU A 186 18.07 -3.39 14.47
CA GLU A 186 18.73 -4.55 13.83
C GLU A 186 19.34 -5.41 14.95
N SER A 187 19.91 -4.76 15.98
CA SER A 187 20.54 -5.54 17.08
C SER A 187 19.46 -6.36 17.78
N LYS A 188 18.29 -5.74 17.95
CA LYS A 188 17.14 -6.44 18.59
C LYS A 188 16.73 -7.62 17.69
N ALA A 189 16.76 -7.44 16.38
CA ALA A 189 16.43 -8.56 15.46
C ALA A 189 17.49 -9.66 15.56
N PHE A 190 18.77 -9.27 15.60
CA PHE A 190 19.87 -10.25 15.77
C PHE A 190 19.62 -11.01 17.07
N HIS A 191 19.32 -10.28 18.14
CA HIS A 191 19.05 -10.91 19.46
C HIS A 191 17.89 -11.90 19.31
N VAL A 192 16.83 -11.48 18.62
CA VAL A 192 15.71 -12.40 18.42
C VAL A 192 16.16 -13.60 17.59
N GLY A 193 17.06 -13.38 16.63
CA GLY A 193 17.58 -14.49 15.84
C GLY A 193 18.37 -15.49 16.68
N MET A 194 19.17 -14.98 17.62
CA MET A 194 19.90 -15.88 18.50
C MET A 194 18.94 -16.67 19.37
N LEU A 195 17.92 -16.02 19.90
CA LEU A 195 16.90 -16.73 20.68
C LEU A 195 16.21 -17.79 19.82
N ASP A 196 16.03 -17.52 18.53
CA ASP A 196 15.42 -18.51 17.65
C ASP A 196 16.31 -19.73 17.49
N SER A 197 17.61 -19.52 17.34
CA SER A 197 18.53 -20.65 17.21
C SER A 197 18.52 -21.49 18.48
N LEU A 198 18.38 -20.84 19.64
CA LEU A 198 18.23 -21.57 20.89
C LEU A 198 16.88 -22.28 20.95
N GLY A 199 15.80 -21.63 20.48
CA GLY A 199 14.50 -22.28 20.50
C GLY A 199 14.45 -23.47 19.57
N LYS A 200 15.13 -23.36 18.42
CA LYS A 200 15.22 -24.49 17.51
C LYS A 200 15.96 -25.66 18.15
N GLU A 201 17.07 -25.37 18.85
CA GLU A 201 17.83 -26.45 19.46
C GLU A 201 17.00 -27.17 20.52
N VAL A 202 16.33 -26.42 21.40
CA VAL A 202 15.49 -27.05 22.42
C VAL A 202 14.47 -27.97 21.77
N ALA A 203 13.68 -27.43 20.85
CA ALA A 203 12.57 -28.22 20.26
C ALA A 203 13.10 -29.55 19.72
N ASP A 204 14.20 -29.50 18.99
CA ASP A 204 14.69 -30.73 18.34
C ASP A 204 15.33 -31.71 19.31
N ILE A 205 16.24 -31.23 20.17
CA ILE A 205 16.83 -32.12 21.20
C ILE A 205 15.68 -32.84 21.93
N VAL A 206 14.66 -32.09 22.34
CA VAL A 206 13.51 -32.66 23.08
C VAL A 206 12.96 -33.86 22.29
N GLN A 207 12.59 -33.65 21.03
CA GLN A 207 11.95 -34.74 20.25
C GLN A 207 12.97 -35.83 19.94
N ILE A 208 14.23 -35.47 19.68
CA ILE A 208 15.24 -36.50 19.46
C ILE A 208 15.33 -37.41 20.67
N VAL A 209 15.36 -36.82 21.86
CA VAL A 209 15.52 -37.60 23.08
C VAL A 209 14.22 -38.32 23.41
N ALA A 210 13.09 -37.62 23.34
CA ALA A 210 11.83 -38.22 23.75
C ALA A 210 11.40 -39.36 22.85
N PHE A 211 11.69 -39.28 21.55
CA PHE A 211 11.20 -40.26 20.58
C PHE A 211 12.33 -41.08 19.96
N ASP A 212 13.54 -40.97 20.49
CA ASP A 212 14.67 -41.77 20.03
C ASP A 212 14.85 -41.67 18.52
N LEU A 213 14.88 -40.43 18.03
CA LEU A 213 15.22 -40.16 16.65
C LEU A 213 16.72 -40.35 16.48
N PRO A 214 17.21 -40.45 15.24
CA PRO A 214 18.64 -40.67 15.04
C PRO A 214 19.47 -39.59 15.72
N LYS A 215 20.60 -39.98 16.27
CA LYS A 215 21.48 -39.08 17.01
C LYS A 215 22.81 -38.99 16.26
N GLY A 216 22.77 -38.38 15.08
CA GLY A 216 23.96 -38.22 14.27
C GLY A 216 24.29 -39.41 13.42
N ASP A 217 23.28 -40.17 13.00
CA ASP A 217 23.53 -41.43 12.25
C ASP A 217 24.06 -41.11 10.85
N PRO A 218 25.33 -41.46 10.54
CA PRO A 218 25.89 -41.20 9.23
C PRO A 218 25.29 -42.13 8.17
N ASP A 219 24.69 -43.23 8.60
CA ASP A 219 24.06 -44.18 7.66
C ASP A 219 22.57 -44.26 7.96
N ALA A 220 21.97 -43.11 8.31
CA ALA A 220 20.52 -43.05 8.60
C ALA A 220 19.74 -43.64 7.42
N PRO A 221 18.55 -44.24 7.62
CA PRO A 221 17.82 -44.87 6.53
C PRO A 221 17.33 -43.92 5.42
N LEU A 222 17.05 -44.48 4.25
CA LEU A 222 16.51 -43.68 3.12
C LEU A 222 15.00 -43.92 3.06
N VAL A 223 14.22 -42.88 2.77
CA VAL A 223 12.74 -43.03 2.61
C VAL A 223 12.33 -42.46 1.26
N GLU A 224 11.20 -42.93 0.72
CA GLU A 224 10.70 -42.45 -0.56
C GLU A 224 10.13 -41.04 -0.40
N ILE A 225 10.29 -40.24 -1.45
CA ILE A 225 9.81 -38.87 -1.47
C ILE A 225 9.32 -38.51 -2.86
N GLY A 226 8.33 -37.62 -2.92
CA GLY A 226 7.85 -37.08 -4.18
C GLY A 226 6.36 -37.21 -4.40
N MET A 227 5.80 -36.41 -5.32
CA MET A 227 4.37 -36.47 -5.59
C MET A 227 3.93 -37.88 -6.00
N GLY A 228 4.81 -38.64 -6.62
CA GLY A 228 4.47 -39.92 -7.22
C GLY A 228 4.88 -41.15 -6.45
N CYS A 229 5.32 -41.02 -5.20
CA CYS A 229 5.76 -42.18 -4.43
C CYS A 229 4.66 -42.79 -3.57
N ILE A 230 3.46 -42.24 -3.60
CA ILE A 230 2.35 -42.69 -2.76
C ILE A 230 1.65 -43.85 -3.43
N ASP A 231 1.35 -44.89 -2.66
CA ASP A 231 0.57 -46.03 -3.13
C ASP A 231 -0.91 -45.73 -2.93
N GLU A 232 -1.59 -45.34 -4.02
CA GLU A 232 -2.97 -44.87 -3.94
C GLU A 232 -3.96 -45.99 -3.68
N THR A 233 -3.55 -47.25 -3.80
CA THR A 233 -4.46 -48.37 -3.58
C THR A 233 -4.67 -48.68 -2.10
N LYS A 234 -3.91 -48.04 -1.20
CA LYS A 234 -4.02 -48.23 0.23
C LYS A 234 -4.64 -46.99 0.90
N PRO A 235 -5.29 -47.15 2.07
CA PRO A 235 -5.76 -45.98 2.81
C PRO A 235 -4.58 -45.01 2.95
N MET A 236 -4.79 -43.74 2.59
CA MET A 236 -3.66 -42.76 2.61
C MET A 236 -3.94 -41.67 3.65
N LEU A 237 -3.09 -41.60 4.68
CA LEU A 237 -3.21 -40.53 5.69
C LEU A 237 -2.16 -39.47 5.41
N LEU A 238 -2.59 -38.22 5.31
CA LEU A 238 -1.66 -37.10 5.03
C LEU A 238 -1.49 -36.25 6.28
N VAL A 239 -0.24 -36.03 6.67
CA VAL A 239 0.06 -35.15 7.83
C VAL A 239 0.73 -33.88 7.29
N ILE A 240 0.33 -32.72 7.80
CA ILE A 240 0.91 -31.46 7.35
C ILE A 240 1.22 -30.60 8.57
N GLY A 241 2.41 -30.01 8.59
CA GLY A 241 2.74 -29.08 9.65
C GLY A 241 4.18 -29.22 10.11
N HIS A 242 4.40 -29.04 11.41
CA HIS A 242 5.78 -29.11 11.98
C HIS A 242 5.81 -29.91 13.29
N ASN A 243 4.69 -29.99 14.01
CA ASN A 243 4.65 -30.70 15.33
C ASN A 243 4.42 -32.20 15.11
N VAL A 244 5.38 -33.05 15.44
CA VAL A 244 5.30 -34.51 15.14
C VAL A 244 4.58 -35.30 16.24
N VAL A 245 4.22 -34.66 17.35
CA VAL A 245 3.65 -35.44 18.49
C VAL A 245 2.43 -36.24 18.04
N PRO A 246 1.40 -35.68 17.34
CA PRO A 246 0.28 -36.51 16.90
C PRO A 246 0.69 -37.61 15.91
N SER A 247 1.74 -37.38 15.13
CA SER A 247 2.18 -38.44 14.21
C SER A 247 2.84 -39.59 14.94
N VAL A 248 3.52 -39.32 16.06
CA VAL A 248 4.08 -40.40 16.87
C VAL A 248 2.98 -41.35 17.32
N SER A 249 1.85 -40.79 17.75
CA SER A 249 0.70 -41.62 18.18
C SER A 249 0.14 -42.42 16.99
N VAL A 250 0.10 -41.81 15.80
CA VAL A 250 -0.33 -42.55 14.61
C VAL A 250 0.55 -43.77 14.39
N ILE A 251 1.86 -43.55 14.28
CA ILE A 251 2.80 -44.65 14.09
C ILE A 251 2.67 -45.66 15.22
N ASP A 252 2.65 -45.18 16.46
CA ASP A 252 2.54 -46.09 17.59
C ASP A 252 1.28 -46.92 17.52
N TYR A 253 0.16 -46.29 17.17
CA TYR A 253 -1.09 -47.04 17.07
C TYR A 253 -1.01 -48.08 15.95
N MET A 254 -0.38 -47.71 14.83
CA MET A 254 -0.26 -48.65 13.71
C MET A 254 0.62 -49.83 14.05
N ARG A 255 1.69 -49.61 14.82
CA ARG A 255 2.54 -50.73 15.22
C ARG A 255 1.81 -51.65 16.18
N GLU A 256 1.02 -51.09 17.09
CA GLU A 256 0.36 -51.91 18.09
C GLU A 256 -0.72 -52.78 17.45
N HIS A 257 -1.30 -52.35 16.34
CA HIS A 257 -2.38 -53.08 15.69
C HIS A 257 -1.96 -53.76 14.39
N ASP A 258 -0.67 -53.74 14.06
CA ASP A 258 -0.16 -54.46 12.90
C ASP A 258 -0.73 -53.89 11.61
N LEU A 259 -0.76 -52.55 11.53
CA LEU A 259 -1.34 -51.86 10.35
C LEU A 259 -0.28 -51.12 9.53
N GLU A 260 1.00 -51.30 9.84
CA GLU A 260 2.09 -50.54 9.16
C GLU A 260 2.19 -50.88 7.68
N ASP A 261 1.70 -52.05 7.26
CA ASP A 261 1.80 -52.46 5.84
C ASP A 261 0.46 -52.24 5.14
N LYS A 262 -0.54 -51.77 5.87
CA LYS A 262 -1.90 -51.64 5.30
C LYS A 262 -2.24 -50.16 5.07
N ILE A 263 -1.57 -49.26 5.78
CA ILE A 263 -1.90 -47.81 5.66
C ILE A 263 -0.67 -47.05 5.13
N GLU A 264 -0.88 -46.13 4.19
CA GLU A 264 0.22 -45.30 3.62
C GLU A 264 0.22 -43.97 4.40
N VAL A 265 1.27 -43.71 5.17
CA VAL A 265 1.38 -42.45 5.94
C VAL A 265 2.47 -41.59 5.32
N ALA A 266 2.09 -40.41 4.84
CA ALA A 266 3.04 -39.50 4.22
C ALA A 266 2.72 -38.08 4.66
N GLY A 267 3.72 -37.21 4.58
CA GLY A 267 3.61 -35.86 5.09
C GLY A 267 4.04 -34.82 4.07
N ILE A 268 3.67 -33.58 4.37
CA ILE A 268 4.12 -32.40 3.64
C ILE A 268 4.72 -31.43 4.65
N CYS A 269 5.83 -30.78 4.28
CA CYS A 269 6.56 -29.90 5.18
C CYS A 269 7.13 -30.69 6.36
N CYS A 270 7.61 -30.00 7.39
CA CYS A 270 8.56 -30.63 8.31
C CYS A 270 7.98 -31.79 9.11
N THR A 271 6.66 -31.84 9.33
CA THR A 271 6.13 -33.01 10.01
C THR A 271 6.50 -34.28 9.26
N ALA A 272 6.63 -34.19 7.93
CA ALA A 272 7.02 -35.33 7.14
C ALA A 272 8.45 -35.76 7.45
N ILE A 273 9.33 -34.79 7.71
CA ILE A 273 10.72 -35.10 8.04
C ILE A 273 10.78 -35.74 9.42
N ASP A 274 10.14 -35.11 10.40
CA ASP A 274 10.18 -35.64 11.76
C ASP A 274 9.48 -37.00 11.86
N THR A 275 8.43 -37.22 11.07
CA THR A 275 7.74 -38.51 11.11
C THR A 275 8.62 -39.61 10.51
N THR A 276 9.28 -39.35 9.39
CA THR A 276 10.18 -40.36 8.83
C THR A 276 11.36 -40.61 9.75
N ARG A 277 11.77 -39.60 10.53
CA ARG A 277 12.78 -39.84 11.55
C ARG A 277 12.30 -40.85 12.59
N TYR A 278 11.01 -40.88 12.87
CA TYR A 278 10.44 -41.88 13.81
C TYR A 278 10.20 -43.22 13.10
N SER A 279 9.66 -43.20 11.89
CA SER A 279 9.35 -44.44 11.14
C SER A 279 9.92 -44.37 9.72
N ASP A 280 10.80 -45.31 9.37
CA ASP A 280 11.34 -45.40 7.99
C ASP A 280 10.29 -46.05 7.09
N ARG A 281 9.09 -46.28 7.60
CA ARG A 281 8.02 -46.81 6.77
C ARG A 281 7.13 -45.71 6.22
N ALA A 282 7.16 -44.53 6.82
CA ALA A 282 6.42 -43.40 6.28
C ALA A 282 7.14 -42.85 5.06
N LYS A 283 6.46 -41.96 4.35
CA LYS A 283 6.98 -41.34 3.13
C LYS A 283 6.79 -39.84 3.21
N ILE A 284 7.46 -39.14 2.30
CA ILE A 284 7.33 -37.65 2.26
C ILE A 284 6.76 -37.27 0.89
N VAL A 285 5.63 -36.56 0.87
CA VAL A 285 5.03 -36.08 -0.41
C VAL A 285 5.95 -35.00 -0.97
N GLY A 286 6.20 -33.95 -0.21
CA GLY A 286 7.14 -32.91 -0.67
C GLY A 286 7.08 -31.60 0.10
N SER A 287 7.59 -30.53 -0.51
CA SER A 287 7.72 -29.22 0.16
C SER A 287 6.45 -28.37 0.09
N ILE A 288 6.52 -27.13 0.57
CA ILE A 288 5.34 -26.22 0.62
C ILE A 288 4.76 -26.03 -0.78
N GLY A 289 5.64 -25.84 -1.77
CA GLY A 289 5.18 -25.59 -3.16
C GLY A 289 4.29 -26.70 -3.68
N ARG A 290 4.45 -27.92 -3.15
CA ARG A 290 3.65 -29.03 -3.63
C ARG A 290 2.36 -29.22 -2.84
N GLN A 291 2.19 -28.53 -1.72
CA GLN A 291 1.09 -28.83 -0.81
C GLN A 291 -0.25 -28.73 -1.51
N LEU A 292 -0.60 -27.58 -2.05
CA LEU A 292 -1.95 -27.40 -2.64
C LEU A 292 -2.21 -28.44 -3.73
N ARG A 293 -1.23 -28.73 -4.54
CA ARG A 293 -1.44 -29.66 -5.69
C ARG A 293 -1.76 -31.06 -5.16
N PHE A 294 -0.97 -31.54 -4.18
CA PHE A 294 -1.25 -32.88 -3.59
C PHE A 294 -2.63 -32.92 -2.93
N VAL A 295 -2.95 -31.90 -2.15
CA VAL A 295 -4.27 -31.89 -1.53
C VAL A 295 -5.36 -31.88 -2.61
N ARG A 296 -5.20 -31.03 -3.62
CA ARG A 296 -6.18 -30.97 -4.71
C ARG A 296 -6.28 -32.30 -5.45
N SER A 297 -5.20 -33.10 -5.41
CA SER A 297 -5.20 -34.41 -6.11
C SER A 297 -6.23 -35.35 -5.50
N GLY A 298 -6.54 -35.17 -4.21
CA GLY A 298 -7.53 -36.03 -3.54
C GLY A 298 -7.03 -37.43 -3.21
N ILE A 299 -5.72 -37.66 -3.28
CA ILE A 299 -5.13 -38.98 -2.93
C ILE A 299 -5.38 -39.26 -1.45
N ALA A 300 -5.39 -38.21 -0.64
CA ALA A 300 -5.53 -38.37 0.82
C ALA A 300 -6.96 -38.67 1.23
N ASP A 301 -7.16 -39.74 1.99
CA ASP A 301 -8.47 -40.05 2.54
C ASP A 301 -8.78 -39.26 3.79
N VAL A 302 -7.75 -38.92 4.57
CA VAL A 302 -7.88 -38.12 5.79
C VAL A 302 -6.65 -37.22 5.86
N ILE A 303 -6.85 -35.99 6.32
CA ILE A 303 -5.78 -35.02 6.47
C ILE A 303 -5.72 -34.62 7.94
N MET A 304 -4.55 -34.79 8.54
CA MET A 304 -4.30 -34.40 9.92
C MET A 304 -3.22 -33.32 9.92
N VAL A 305 -3.60 -32.15 10.39
CA VAL A 305 -2.66 -31.00 10.39
C VAL A 305 -2.34 -30.62 11.84
N ASP A 306 -1.23 -29.90 12.04
CA ASP A 306 -0.84 -29.45 13.40
C ASP A 306 -0.63 -27.94 13.36
N GLU A 307 0.57 -27.48 13.00
CA GLU A 307 0.83 -26.01 13.04
C GLU A 307 1.94 -25.62 12.05
N GLN A 308 1.89 -24.39 11.54
CA GLN A 308 2.98 -23.82 10.70
C GLN A 308 3.05 -24.33 9.26
N CYS A 309 3.02 -23.40 8.29
CA CYS A 309 3.20 -23.74 6.85
C CYS A 309 2.07 -24.63 6.32
N ILE A 310 0.91 -24.60 6.97
CA ILE A 310 -0.27 -25.33 6.48
C ILE A 310 -1.11 -24.37 5.66
N ARG A 311 -1.61 -24.83 4.52
CA ARG A 311 -2.53 -24.02 3.72
C ARG A 311 -3.68 -23.52 4.59
N ALA A 312 -3.82 -22.20 4.70
CA ALA A 312 -4.84 -21.65 5.58
C ALA A 312 -6.26 -21.99 5.12
N ASP A 313 -6.43 -22.37 3.85
CA ASP A 313 -7.71 -22.83 3.34
C ASP A 313 -7.83 -24.35 3.30
N ILE A 314 -7.08 -25.05 4.16
CA ILE A 314 -7.01 -26.51 4.10
C ILE A 314 -8.37 -27.14 4.39
N LEU A 315 -9.22 -26.48 5.19
CA LEU A 315 -10.56 -27.03 5.40
C LEU A 315 -11.35 -27.04 4.11
N GLU A 316 -11.37 -25.90 3.40
CA GLU A 316 -11.98 -25.84 2.08
C GLU A 316 -11.45 -26.97 1.19
N GLN A 317 -10.13 -27.07 1.08
CA GLN A 317 -9.52 -28.01 0.16
C GLN A 317 -9.81 -29.45 0.56
N ALA A 318 -9.77 -29.75 1.86
CA ALA A 318 -10.15 -31.09 2.31
C ALA A 318 -11.61 -31.37 1.98
N LYS A 319 -12.51 -30.46 2.32
CA LYS A 319 -13.94 -30.65 2.02
C LYS A 319 -14.12 -30.97 0.53
N ARG A 320 -13.47 -30.21 -0.35
CA ARG A 320 -13.67 -30.41 -1.78
C ARG A 320 -13.34 -31.84 -2.21
N THR A 321 -12.36 -32.47 -1.57
CA THR A 321 -11.97 -33.83 -1.92
C THR A 321 -12.60 -34.87 -1.01
N HIS A 322 -13.53 -34.45 -0.16
CA HIS A 322 -14.27 -35.37 0.71
C HIS A 322 -13.32 -36.10 1.66
N ALA A 323 -12.28 -35.41 2.11
CA ALA A 323 -11.36 -35.94 3.10
C ALA A 323 -11.58 -35.22 4.43
N PRO A 324 -11.92 -35.92 5.51
CA PRO A 324 -12.06 -35.24 6.80
C PRO A 324 -10.75 -34.63 7.26
N LEU A 325 -10.85 -33.46 7.89
CA LEU A 325 -9.69 -32.77 8.44
C LEU A 325 -9.64 -32.94 9.95
N ILE A 326 -8.49 -33.37 10.45
CA ILE A 326 -8.22 -33.48 11.89
C ILE A 326 -7.20 -32.41 12.24
N ALA A 327 -7.61 -31.41 13.01
CA ALA A 327 -6.73 -30.36 13.49
C ALA A 327 -6.30 -30.68 14.92
N THR A 328 -4.99 -30.66 15.17
CA THR A 328 -4.44 -31.13 16.45
C THR A 328 -3.72 -30.05 17.27
N ASN A 329 -3.73 -28.79 16.81
CA ASN A 329 -2.98 -27.72 17.51
C ASN A 329 -3.83 -26.47 17.61
N ASP A 330 -3.73 -25.76 18.72
CA ASP A 330 -4.59 -24.57 18.98
C ASP A 330 -4.14 -23.37 18.15
N LYS A 331 -3.01 -23.46 17.46
CA LYS A 331 -2.64 -22.36 16.57
C LYS A 331 -3.54 -22.30 15.35
N ALA A 332 -4.28 -23.38 15.07
CA ALA A 332 -5.02 -23.51 13.81
C ALA A 332 -6.24 -24.40 14.07
N LEU A 333 -7.40 -23.77 14.30
CA LEU A 333 -8.64 -24.53 14.61
C LEU A 333 -9.62 -24.48 13.43
N TYR A 334 -9.59 -23.41 12.63
CA TYR A 334 -10.40 -23.35 11.41
C TYR A 334 -11.90 -23.36 11.71
N GLY A 335 -12.30 -22.87 12.87
CA GLY A 335 -13.72 -22.85 13.21
C GLY A 335 -14.31 -24.19 13.57
N LEU A 336 -13.49 -25.21 13.70
CA LEU A 336 -13.99 -26.55 13.97
C LEU A 336 -14.32 -26.71 15.45
N VAL A 337 -15.16 -27.70 15.74
CA VAL A 337 -15.56 -27.98 17.11
C VAL A 337 -14.40 -28.68 17.82
N ASP A 338 -14.10 -28.23 19.03
CA ASP A 338 -13.09 -28.87 19.87
C ASP A 338 -13.71 -30.12 20.50
N ARG A 339 -13.34 -31.28 19.98
CA ARG A 339 -13.85 -32.56 20.46
C ARG A 339 -12.78 -33.35 21.19
N THR A 340 -11.86 -32.64 21.84
CA THR A 340 -10.79 -33.29 22.59
C THR A 340 -11.34 -34.26 23.63
N ASP A 341 -12.48 -33.92 24.26
CA ASP A 341 -13.04 -34.72 25.34
C ASP A 341 -14.02 -35.79 24.86
N ASP A 342 -14.33 -35.82 23.57
CA ASP A 342 -15.28 -36.82 23.08
C ASP A 342 -14.58 -38.14 22.84
N SER A 343 -15.36 -39.22 22.87
CA SER A 343 -14.80 -40.54 22.60
C SER A 343 -14.33 -40.62 21.16
N ALA A 344 -13.28 -41.41 20.94
CA ALA A 344 -12.81 -41.66 19.59
C ALA A 344 -13.92 -42.26 18.74
N ASP A 345 -14.76 -43.11 19.35
CA ASP A 345 -15.89 -43.68 18.62
C ASP A 345 -16.81 -42.58 18.12
N ASP A 346 -17.22 -41.66 19.00
CA ASP A 346 -18.16 -40.63 18.61
C ASP A 346 -17.58 -39.68 17.58
N ILE A 347 -16.28 -39.41 17.65
CA ILE A 347 -15.64 -38.55 16.66
C ILE A 347 -15.70 -39.20 15.28
N ILE A 348 -15.35 -40.50 15.22
CA ILE A 348 -15.36 -41.19 13.93
C ILE A 348 -16.76 -41.19 13.33
N THR A 349 -17.76 -41.50 14.16
CA THR A 349 -19.15 -41.48 13.69
C THR A 349 -19.49 -40.14 13.06
N ILE A 350 -19.14 -39.05 13.73
CA ILE A 350 -19.44 -37.71 13.23
C ILE A 350 -18.76 -37.49 11.89
N LEU A 351 -17.46 -37.81 11.81
CA LEU A 351 -16.72 -37.54 10.58
C LEU A 351 -17.19 -38.45 9.46
N VAL A 352 -17.41 -39.74 9.74
CA VAL A 352 -17.85 -40.65 8.70
C VAL A 352 -19.20 -40.22 8.16
N SER A 353 -20.11 -39.81 9.05
CA SER A 353 -21.45 -39.43 8.65
C SER A 353 -21.48 -38.12 7.87
N GLY A 354 -20.44 -37.31 7.97
CA GLY A 354 -20.37 -36.08 7.22
C GLY A 354 -21.05 -34.88 7.84
N LYS A 355 -21.62 -35.00 9.04
CA LYS A 355 -22.25 -33.83 9.62
C LYS A 355 -21.25 -32.78 10.09
N GLU A 356 -19.96 -33.09 10.10
CA GLU A 356 -18.92 -32.09 10.31
C GLU A 356 -17.77 -32.42 9.38
N PRO A 357 -17.20 -31.42 8.68
CA PRO A 357 -16.10 -31.72 7.74
C PRO A 357 -14.76 -31.94 8.41
N GLY A 358 -14.64 -31.62 9.70
CA GLY A 358 -13.42 -31.89 10.45
C GLY A 358 -13.69 -31.70 11.92
N VAL A 359 -12.64 -31.91 12.72
CA VAL A 359 -12.72 -31.73 14.16
C VAL A 359 -11.37 -31.26 14.69
N VAL A 360 -11.39 -30.64 15.87
CA VAL A 360 -10.18 -30.34 16.62
C VAL A 360 -10.02 -31.39 17.70
N ILE A 361 -8.82 -31.97 17.78
CA ILE A 361 -8.48 -32.94 18.82
C ILE A 361 -7.11 -32.55 19.34
N LEU A 362 -7.08 -31.90 20.50
CA LEU A 362 -5.85 -31.42 21.11
C LEU A 362 -5.15 -32.48 21.94
N ASP A 363 -5.75 -33.66 22.08
CA ASP A 363 -5.13 -34.81 22.71
C ASP A 363 -4.46 -35.63 21.61
N PRO A 364 -3.13 -35.69 21.56
CA PRO A 364 -2.49 -36.36 20.40
C PRO A 364 -2.72 -37.86 20.35
N VAL A 365 -2.81 -38.51 21.50
CA VAL A 365 -3.07 -39.95 21.51
C VAL A 365 -4.42 -40.24 20.86
N LYS A 366 -5.45 -39.50 21.26
CA LYS A 366 -6.77 -39.67 20.66
C LYS A 366 -6.76 -39.29 19.18
N ALA A 367 -6.09 -38.19 18.84
CA ALA A 367 -6.00 -37.79 17.44
C ALA A 367 -5.43 -38.91 16.59
N GLY A 368 -4.35 -39.54 17.07
CA GLY A 368 -3.74 -40.61 16.30
C GLY A 368 -4.69 -41.78 16.09
N GLU A 369 -5.37 -42.20 17.16
CA GLU A 369 -6.30 -43.31 17.04
C GLU A 369 -7.40 -42.98 16.02
N VAL A 370 -7.97 -41.78 16.12
CA VAL A 370 -9.04 -41.40 15.21
C VAL A 370 -8.55 -41.42 13.77
N ALA A 371 -7.40 -40.80 13.52
CA ALA A 371 -6.88 -40.72 12.16
C ALA A 371 -6.69 -42.10 11.56
N VAL A 372 -6.10 -43.02 12.32
CA VAL A 372 -5.82 -44.35 11.82
C VAL A 372 -7.10 -45.13 11.59
N ARG A 373 -8.01 -45.09 12.56
CA ARG A 373 -9.30 -45.77 12.38
C ARG A 373 -10.10 -45.12 11.27
N LEU A 374 -10.01 -43.79 11.14
CA LEU A 374 -10.86 -43.08 10.13
C LEU A 374 -10.35 -43.32 8.71
N VAL A 375 -9.03 -43.32 8.50
CA VAL A 375 -8.47 -43.42 7.12
C VAL A 375 -8.86 -44.75 6.48
N GLN A 376 -8.96 -45.81 7.26
CA GLN A 376 -9.38 -47.13 6.74
C GLN A 376 -10.84 -47.04 6.28
N ILE A 377 -11.67 -46.31 7.01
CA ILE A 377 -13.07 -46.21 6.62
C ILE A 377 -13.24 -45.31 5.42
N MET A 378 -12.60 -44.14 5.44
CA MET A 378 -12.76 -43.20 4.34
C MET A 378 -12.15 -43.74 3.05
N HIS A 379 -11.09 -44.54 3.15
CA HIS A 379 -10.48 -45.12 1.96
C HIS A 379 -11.54 -45.84 1.12
N GLU A 380 -12.43 -46.56 1.76
CA GLU A 380 -13.50 -47.28 1.03
C GLU A 380 -14.55 -46.27 0.54
N LYS A 381 -14.92 -45.30 1.37
CA LYS A 381 -16.02 -44.38 0.98
C LYS A 381 -15.58 -43.46 -0.15
N ARG A 382 -14.28 -43.21 -0.28
CA ARG A 382 -13.79 -42.20 -1.27
C ARG A 382 -13.46 -42.85 -2.62
N LYS A 383 -13.51 -44.18 -2.73
CA LYS A 383 -13.30 -44.79 -4.03
C LYS A 383 -14.39 -44.33 -5.00
N GLY A 384 -14.01 -44.10 -6.25
CA GLY A 384 -14.94 -43.64 -7.25
C GLY A 384 -15.00 -42.14 -7.43
N LEU A 385 -14.29 -41.37 -6.61
CA LEU A 385 -14.26 -39.92 -6.77
C LEU A 385 -13.21 -39.53 -7.81
N VAL A 386 -13.45 -38.40 -8.47
CA VAL A 386 -12.52 -37.81 -9.43
C VAL A 386 -12.29 -36.37 -9.02
N HIS A 387 -11.02 -35.99 -8.91
CA HIS A 387 -10.68 -34.66 -8.34
C HIS A 387 -10.05 -33.71 -9.36
N LEU A 388 -9.24 -34.24 -10.28
CA LEU A 388 -8.61 -33.39 -11.27
C LEU A 388 -9.46 -33.35 -12.54
N PRO A 389 -9.27 -32.34 -13.37
CA PRO A 389 -10.05 -32.27 -14.62
C PRO A 389 -9.83 -33.51 -15.46
N THR A 390 -10.91 -33.97 -16.09
CA THR A 390 -10.81 -35.02 -17.08
C THR A 390 -10.20 -34.46 -18.36
N ASP A 391 -9.97 -35.35 -19.33
CA ASP A 391 -9.45 -34.93 -20.62
C ASP A 391 -10.36 -33.89 -21.27
N GLU A 392 -11.66 -34.16 -21.28
CA GLU A 392 -12.60 -33.23 -21.90
C GLU A 392 -12.66 -31.93 -21.12
N GLU A 393 -12.75 -32.00 -19.79
CA GLU A 393 -12.76 -30.79 -18.99
C GLU A 393 -11.50 -29.97 -19.22
N PHE A 394 -10.33 -30.63 -19.20
CA PHE A 394 -9.07 -29.95 -19.51
C PHE A 394 -9.15 -29.24 -20.86
N LYS A 395 -9.71 -29.91 -21.86
CA LYS A 395 -9.82 -29.32 -23.18
C LYS A 395 -10.71 -28.09 -23.15
N GLU A 396 -11.86 -28.18 -22.48
CA GLU A 396 -12.75 -27.01 -22.41
C GLU A 396 -12.07 -25.84 -21.72
N TYR A 397 -11.25 -26.13 -20.70
CA TYR A 397 -10.63 -25.05 -19.94
C TYR A 397 -9.62 -24.30 -20.80
N VAL A 398 -8.72 -25.03 -21.46
CA VAL A 398 -7.68 -24.37 -22.23
C VAL A 398 -8.27 -23.67 -23.44
N GLU A 399 -9.39 -24.18 -23.96
CA GLU A 399 -10.03 -23.56 -25.11
C GLU A 399 -10.77 -22.29 -24.74
N MET A 400 -11.35 -22.24 -23.54
CA MET A 400 -12.12 -21.08 -23.11
C MET A 400 -11.24 -19.96 -22.57
N CYS A 401 -9.99 -20.26 -22.24
CA CYS A 401 -9.07 -19.21 -21.79
C CYS A 401 -8.97 -18.11 -22.84
N GLN A 402 -8.99 -16.86 -22.40
CA GLN A 402 -8.97 -15.71 -23.29
C GLN A 402 -7.55 -15.18 -23.52
N ASN A 403 -6.52 -15.87 -23.04
CA ASN A 403 -5.12 -15.45 -23.22
C ASN A 403 -4.97 -13.99 -22.81
N CYS A 404 -5.57 -13.66 -21.67
CA CYS A 404 -5.55 -12.28 -21.16
C CYS A 404 -4.12 -11.73 -21.11
N ASP A 405 -3.97 -10.48 -21.54
CA ASP A 405 -2.64 -9.84 -21.53
C ASP A 405 -2.05 -9.73 -20.13
N ALA A 406 -2.87 -9.41 -19.13
CA ALA A 406 -2.33 -9.11 -17.78
C ALA A 406 -3.31 -9.40 -16.64
N ASN A 407 -3.77 -10.63 -16.53
CA ASN A 407 -4.60 -11.02 -15.40
C ASN A 407 -3.83 -12.07 -14.60
N CYS A 408 -4.04 -13.36 -14.88
CA CYS A 408 -3.40 -14.44 -14.08
C CYS A 408 -1.88 -14.24 -13.96
N VAL A 409 -1.21 -13.88 -15.05
CA VAL A 409 0.27 -13.72 -15.04
C VAL A 409 0.65 -12.63 -14.02
N ILE A 410 -0.17 -11.60 -13.90
CA ILE A 410 0.13 -10.47 -12.98
C ILE A 410 -0.12 -10.93 -11.54
N ALA A 411 -1.11 -11.78 -11.32
CA ALA A 411 -1.35 -12.23 -9.95
C ALA A 411 -0.38 -13.31 -9.51
N CYS A 412 0.35 -13.91 -10.44
CA CYS A 412 1.23 -15.03 -10.11
C CYS A 412 2.55 -14.49 -9.57
N PRO A 413 3.02 -14.97 -8.41
CA PRO A 413 4.29 -14.46 -7.88
C PRO A 413 5.47 -14.72 -8.79
N GLN A 414 5.40 -15.75 -9.65
CA GLN A 414 6.48 -16.07 -10.58
C GLN A 414 6.23 -15.54 -11.98
N GLY A 415 5.11 -14.85 -12.22
CA GLY A 415 4.80 -14.36 -13.56
C GLY A 415 4.78 -15.43 -14.62
N LEU A 416 4.19 -16.58 -14.32
CA LEU A 416 4.22 -17.70 -15.25
C LEU A 416 3.29 -17.44 -16.44
N PRO A 417 3.68 -17.90 -17.66
CA PRO A 417 2.89 -17.68 -18.89
C PRO A 417 1.69 -18.63 -19.01
N ILE A 418 0.71 -18.51 -18.12
CA ILE A 418 -0.44 -19.45 -18.09
C ILE A 418 -1.28 -19.32 -19.37
N GLY A 419 -1.60 -18.10 -19.77
CA GLY A 419 -2.48 -17.90 -20.94
C GLY A 419 -1.86 -18.50 -22.18
N GLU A 420 -0.60 -18.15 -22.41
CA GLU A 420 0.08 -18.66 -23.62
C GLU A 420 0.21 -20.18 -23.52
N ALA A 421 0.42 -20.70 -22.31
CA ALA A 421 0.49 -22.15 -22.13
C ALA A 421 -0.86 -22.79 -22.42
N ASN A 422 -1.93 -22.15 -22.00
CA ASN A 422 -3.28 -22.70 -22.26
C ASN A 422 -3.54 -22.76 -23.76
N LYS A 423 -3.24 -21.68 -24.47
CA LYS A 423 -3.56 -21.62 -25.93
C LYS A 423 -2.71 -22.69 -26.65
N ALA A 424 -1.46 -22.87 -26.23
CA ALA A 424 -0.63 -23.94 -26.81
C ALA A 424 -1.29 -25.30 -26.60
N ALA A 425 -1.84 -25.53 -25.41
CA ALA A 425 -2.53 -26.79 -25.17
C ALA A 425 -3.79 -26.90 -26.02
N ALA A 426 -4.54 -25.80 -26.15
CA ALA A 426 -5.72 -25.82 -27.03
C ALA A 426 -5.32 -26.17 -28.45
N ALA A 427 -4.13 -25.76 -28.88
CA ALA A 427 -3.63 -26.09 -30.21
C ALA A 427 -2.93 -27.44 -30.23
N GLY A 428 -2.99 -28.20 -29.15
CA GLY A 428 -2.48 -29.57 -29.13
C GLY A 428 -1.11 -29.77 -28.53
N ASN A 429 -0.54 -28.76 -27.87
CA ASN A 429 0.79 -28.84 -27.27
C ASN A 429 0.66 -28.56 -25.77
N ILE A 430 0.77 -29.62 -24.96
CA ILE A 430 0.57 -29.48 -23.48
C ILE A 430 1.92 -29.29 -22.77
N GLU A 431 3.01 -29.37 -23.51
CA GLU A 431 4.36 -29.24 -22.89
C GLU A 431 4.47 -27.90 -22.15
N PRO A 432 4.14 -26.75 -22.78
CA PRO A 432 4.20 -25.48 -22.06
C PRO A 432 3.50 -25.55 -20.70
N LEU A 433 2.27 -26.08 -20.65
CA LEU A 433 1.58 -26.18 -19.38
C LEU A 433 2.32 -27.12 -18.42
N ALA A 434 2.78 -28.27 -18.91
CA ALA A 434 3.43 -29.25 -18.05
C ALA A 434 4.68 -28.66 -17.41
N GLU A 435 5.43 -27.85 -18.16
CA GLU A 435 6.62 -27.20 -17.65
C GLU A 435 6.31 -26.33 -16.43
N LEU A 436 5.09 -25.82 -16.33
CA LEU A 436 4.77 -24.90 -15.24
C LEU A 436 4.58 -25.61 -13.91
N PHE A 437 4.35 -26.93 -13.92
CA PHE A 437 4.04 -27.59 -12.66
C PHE A 437 5.13 -27.37 -11.63
N ASP A 438 6.40 -27.54 -12.03
CA ASP A 438 7.48 -27.41 -11.06
C ASP A 438 7.81 -25.95 -10.76
N LEU A 439 7.62 -25.06 -11.73
CA LEU A 439 7.83 -23.64 -11.49
C LEU A 439 6.77 -23.06 -10.56
N CYS A 440 5.56 -23.64 -10.58
CA CYS A 440 4.47 -23.20 -9.73
C CYS A 440 4.77 -23.52 -8.27
N VAL A 441 4.43 -22.59 -7.37
CA VAL A 441 4.63 -22.79 -5.95
C VAL A 441 3.30 -23.01 -5.22
N GLY A 442 2.26 -23.39 -5.96
CA GLY A 442 1.01 -23.83 -5.35
C GLY A 442 0.35 -22.83 -4.43
N CYS A 443 0.29 -21.56 -4.85
CA CYS A 443 -0.28 -20.50 -4.02
C CYS A 443 -1.75 -20.22 -4.32
N GLY A 444 -2.21 -20.45 -5.55
CA GLY A 444 -3.61 -20.25 -5.91
C GLY A 444 -4.03 -18.83 -6.22
N ARG A 445 -3.11 -17.88 -6.35
CA ARG A 445 -3.55 -16.47 -6.57
C ARG A 445 -4.07 -16.32 -8.00
N CYS A 446 -3.44 -16.98 -8.97
CA CYS A 446 -3.83 -16.90 -10.40
C CYS A 446 -5.33 -17.14 -10.58
N GLU A 447 -5.87 -18.18 -9.98
CA GLU A 447 -7.28 -18.57 -10.23
C GLU A 447 -8.26 -17.49 -9.78
N GLN A 448 -7.90 -16.65 -8.82
CA GLN A 448 -8.85 -15.70 -8.26
C GLN A 448 -9.09 -14.48 -9.13
N VAL A 449 -8.20 -14.22 -10.09
CA VAL A 449 -8.38 -13.11 -11.02
C VAL A 449 -8.88 -13.58 -12.39
N CYS A 450 -9.20 -14.88 -12.49
CA CYS A 450 -9.68 -15.44 -13.78
C CYS A 450 -11.22 -15.45 -13.82
N LYS A 451 -11.81 -14.55 -14.61
CA LYS A 451 -13.29 -14.45 -14.73
C LYS A 451 -13.87 -15.73 -15.33
N LYS A 452 -13.06 -16.45 -16.12
CA LYS A 452 -13.52 -17.71 -16.75
C LYS A 452 -13.60 -18.82 -15.69
N HIS A 453 -13.02 -18.59 -14.51
CA HIS A 453 -13.12 -19.55 -13.41
C HIS A 453 -12.40 -20.86 -13.76
N ILE A 454 -11.28 -20.74 -14.46
CA ILE A 454 -10.46 -21.90 -14.81
C ILE A 454 -9.66 -22.34 -13.59
N PRO A 455 -9.72 -23.60 -13.19
CA PRO A 455 -8.87 -24.04 -12.07
C PRO A 455 -7.42 -24.24 -12.54
N ILE A 456 -6.74 -23.11 -12.70
CA ILE A 456 -5.41 -23.08 -13.32
C ILE A 456 -4.48 -24.09 -12.65
N VAL A 457 -4.50 -24.14 -11.31
CA VAL A 457 -3.59 -25.02 -10.60
C VAL A 457 -3.82 -26.48 -11.00
N ASP A 458 -5.10 -26.86 -11.15
CA ASP A 458 -5.43 -28.23 -11.53
C ASP A 458 -5.20 -28.48 -13.02
N VAL A 459 -5.28 -27.42 -13.84
CA VAL A 459 -5.03 -27.57 -15.27
C VAL A 459 -3.55 -27.84 -15.51
N ILE A 460 -2.68 -27.11 -14.82
CA ILE A 460 -1.22 -27.40 -14.93
C ILE A 460 -0.95 -28.83 -14.45
N HIS A 461 -1.54 -29.21 -13.32
CA HIS A 461 -1.34 -30.56 -12.75
C HIS A 461 -1.72 -31.63 -13.79
N LYS A 462 -2.91 -31.50 -14.38
CA LYS A 462 -3.39 -32.48 -15.37
C LYS A 462 -2.38 -32.59 -16.52
N ALA A 463 -1.90 -31.46 -17.02
CA ALA A 463 -0.94 -31.46 -18.14
C ALA A 463 0.35 -32.17 -17.74
N ALA A 464 0.72 -32.10 -16.46
CA ALA A 464 2.00 -32.69 -16.00
C ALA A 464 1.77 -34.02 -15.26
N LEU A 465 0.54 -34.52 -15.28
CA LEU A 465 0.23 -35.76 -14.52
C LEU A 465 1.33 -36.80 -14.75
N PRO A 466 1.74 -37.13 -16.00
CA PRO A 466 2.75 -38.14 -16.22
C PRO A 466 4.00 -37.86 -15.37
N LEU A 467 4.52 -36.64 -15.41
CA LEU A 467 5.76 -36.30 -14.66
C LEU A 467 5.49 -36.28 -13.16
N VAL A 468 4.31 -35.83 -12.75
CA VAL A 468 3.94 -35.83 -11.30
C VAL A 468 3.99 -37.27 -10.80
N ARG A 469 3.38 -38.18 -11.55
CA ARG A 469 3.31 -39.60 -11.11
C ARG A 469 4.72 -40.21 -11.14
N ALA A 470 5.61 -39.62 -11.94
CA ALA A 470 6.98 -40.14 -12.01
C ALA A 470 7.91 -39.48 -11.01
N GLU A 471 7.35 -38.56 -10.20
CA GLU A 471 8.16 -37.87 -9.16
C GLU A 471 8.40 -38.85 -8.01
N LYS A 472 9.43 -39.67 -8.14
CA LYS A 472 9.73 -40.70 -7.11
C LYS A 472 11.20 -40.56 -6.74
N GLY A 473 11.46 -39.87 -5.64
CA GLY A 473 12.86 -39.66 -5.23
C GLY A 473 13.23 -40.48 -4.02
N MET A 474 14.41 -40.23 -3.46
CA MET A 474 14.88 -40.96 -2.27
C MET A 474 15.69 -40.00 -1.40
N ILE A 475 15.31 -39.88 -0.13
CA ILE A 475 15.98 -38.93 0.79
C ILE A 475 16.42 -39.64 2.07
N ARG A 476 17.60 -39.30 2.56
CA ARG A 476 18.05 -39.80 3.84
C ARG A 476 17.29 -39.09 4.95
N VAL A 477 16.97 -39.85 5.99
CA VAL A 477 16.17 -39.29 7.12
C VAL A 477 17.01 -38.27 7.88
N GLY A 478 16.33 -37.36 8.57
CA GLY A 478 16.99 -36.31 9.35
C GLY A 478 17.91 -36.92 10.37
N ARG A 479 19.22 -36.64 10.24
CA ARG A 479 20.23 -37.26 11.14
C ARG A 479 20.35 -36.46 12.45
N GLY A 480 19.98 -35.19 12.42
CA GLY A 480 20.08 -34.38 13.65
C GLY A 480 21.49 -33.88 13.93
N PRO A 481 22.08 -34.20 15.10
CA PRO A 481 23.39 -33.65 15.48
C PRO A 481 24.64 -34.13 14.75
N VAL A 482 25.70 -33.31 14.76
CA VAL A 482 27.00 -33.75 14.16
C VAL A 482 27.80 -34.45 15.27
N LEU A 483 28.42 -35.58 14.95
CA LEU A 483 29.14 -36.35 15.93
C LEU A 483 30.47 -35.68 16.31
N ASP A 484 30.89 -35.90 17.56
CA ASP A 484 32.15 -35.33 18.02
C ASP A 484 33.32 -35.82 17.17
N THR A 485 33.33 -37.11 16.82
CA THR A 485 34.41 -37.63 15.98
C THR A 485 34.42 -36.94 14.61
N GLU A 486 33.26 -36.53 14.11
CA GLU A 486 33.23 -35.82 12.84
C GLU A 486 33.83 -34.43 12.97
N ILE A 487 33.53 -33.75 14.09
CA ILE A 487 34.17 -32.45 14.34
C ILE A 487 35.68 -32.61 14.37
N ARG A 488 36.18 -33.66 15.01
CA ARG A 488 37.63 -33.84 15.09
C ARG A 488 38.22 -34.21 13.75
N ASN A 489 37.43 -34.77 12.84
CA ASN A 489 37.97 -35.17 11.54
C ASN A 489 38.05 -34.00 10.58
N VAL A 490 37.06 -33.09 10.62
CA VAL A 490 36.97 -31.99 9.66
C VAL A 490 37.47 -30.66 10.23
N GLY A 491 37.67 -30.56 11.54
CA GLY A 491 38.00 -29.29 12.17
C GLY A 491 39.16 -28.54 11.53
N ALA A 492 40.34 -29.16 11.53
CA ALA A 492 41.51 -28.50 10.97
C ALA A 492 41.37 -28.23 9.47
N PRO A 493 41.04 -29.23 8.64
CA PRO A 493 40.88 -28.98 7.22
C PRO A 493 39.83 -27.90 6.91
N LEU A 494 38.82 -27.75 7.76
CA LEU A 494 37.78 -26.72 7.56
C LEU A 494 38.36 -25.34 7.89
N VAL A 495 39.00 -25.21 9.05
CA VAL A 495 39.56 -23.90 9.50
C VAL A 495 40.70 -23.48 8.57
N LEU A 496 41.57 -24.41 8.21
CA LEU A 496 42.71 -24.11 7.29
C LEU A 496 42.14 -23.90 5.88
N GLY A 497 41.05 -24.58 5.54
CA GLY A 497 40.40 -24.34 4.24
C GLY A 497 40.51 -25.47 3.24
N THR A 498 41.21 -26.55 3.58
CA THR A 498 41.38 -27.61 2.59
C THR A 498 40.09 -28.39 2.35
N ILE A 499 39.21 -28.43 3.34
CA ILE A 499 37.79 -28.64 3.10
C ILE A 499 37.20 -27.27 2.80
N PRO A 500 36.72 -27.02 1.57
CA PRO A 500 36.43 -25.65 1.16
C PRO A 500 35.21 -25.01 1.82
N GLY A 501 34.46 -25.71 2.64
CA GLY A 501 33.44 -25.06 3.44
C GLY A 501 32.24 -25.96 3.69
N ILE A 502 31.42 -25.52 4.64
CA ILE A 502 30.10 -26.09 4.89
C ILE A 502 29.11 -25.32 4.02
N ILE A 503 28.38 -26.02 3.18
CA ILE A 503 27.32 -25.43 2.36
C ILE A 503 25.99 -25.93 2.93
N ALA A 504 25.19 -25.02 3.47
CA ALA A 504 23.94 -25.36 4.14
C ALA A 504 22.77 -24.88 3.28
N ILE A 505 22.16 -25.83 2.59
CA ILE A 505 21.00 -25.51 1.70
C ILE A 505 19.75 -25.73 2.54
N VAL A 506 19.06 -24.64 2.85
CA VAL A 506 17.91 -24.73 3.77
C VAL A 506 16.80 -23.78 3.32
N GLY A 507 15.72 -23.77 4.06
CA GLY A 507 14.68 -22.77 3.80
C GLY A 507 13.52 -23.23 2.97
N CYS A 508 12.63 -22.30 2.68
CA CYS A 508 11.35 -22.63 2.01
C CYS A 508 11.48 -22.79 0.49
N GLY A 509 10.35 -23.06 -0.16
CA GLY A 509 10.36 -23.34 -1.60
C GLY A 509 9.76 -22.25 -2.46
N ASN A 510 9.83 -20.99 -2.04
CA ASN A 510 9.41 -19.92 -2.94
C ASN A 510 10.57 -19.59 -3.88
N TYR A 511 10.89 -20.59 -4.73
CA TYR A 511 11.99 -20.45 -5.67
C TYR A 511 11.58 -19.60 -6.88
N PRO A 512 12.56 -18.97 -7.55
CA PRO A 512 12.23 -18.20 -8.75
C PRO A 512 12.03 -19.03 -10.00
N ASN A 513 12.53 -20.26 -10.04
CA ASN A 513 12.61 -20.99 -11.31
C ASN A 513 12.62 -22.49 -11.05
N GLY A 514 11.80 -22.95 -10.12
CA GLY A 514 11.60 -24.38 -9.91
C GLY A 514 12.48 -24.94 -8.81
N THR A 515 12.31 -26.25 -8.60
CA THR A 515 12.95 -26.93 -7.49
C THR A 515 14.30 -27.56 -7.85
N LYS A 516 14.67 -27.59 -9.13
CA LYS A 516 15.94 -28.21 -9.49
C LYS A 516 17.13 -27.35 -9.12
N ASP A 517 16.95 -26.04 -8.90
CA ASP A 517 18.09 -25.19 -8.58
C ASP A 517 18.82 -25.68 -7.34
N VAL A 518 18.08 -25.97 -6.26
CA VAL A 518 18.75 -26.38 -5.02
C VAL A 518 19.45 -27.72 -5.22
N TYR A 519 18.87 -28.61 -6.04
CA TYR A 519 19.54 -29.86 -6.38
C TYR A 519 20.86 -29.60 -7.07
N ILE A 520 20.88 -28.65 -8.01
CA ILE A 520 22.10 -28.37 -8.75
C ILE A 520 23.15 -27.75 -7.84
N MET A 521 22.75 -26.96 -6.85
CA MET A 521 23.75 -26.41 -5.93
C MET A 521 24.34 -27.52 -5.06
N ALA A 522 23.48 -28.36 -4.49
CA ALA A 522 23.97 -29.46 -3.67
C ALA A 522 24.91 -30.36 -4.47
N LYS A 523 24.51 -30.69 -5.70
CA LYS A 523 25.32 -31.57 -6.55
C LYS A 523 26.68 -30.94 -6.85
N GLU A 524 26.68 -29.67 -7.26
CA GLU A 524 27.93 -29.02 -7.64
C GLU A 524 28.91 -28.96 -6.48
N PHE A 525 28.43 -28.69 -5.27
CA PHE A 525 29.36 -28.49 -4.13
C PHE A 525 29.85 -29.85 -3.56
N VAL A 526 29.01 -30.87 -3.56
CA VAL A 526 29.42 -32.22 -3.06
C VAL A 526 30.48 -32.77 -4.01
N GLU A 527 30.30 -32.55 -5.30
CA GLU A 527 31.28 -33.03 -6.30
C GLU A 527 32.62 -32.32 -6.04
N ARG A 528 32.57 -31.10 -5.49
CA ARG A 528 33.81 -30.38 -5.18
C ARG A 528 34.24 -30.58 -3.73
N LYS A 529 33.68 -31.59 -3.06
CA LYS A 529 34.13 -32.03 -1.74
C LYS A 529 33.83 -31.01 -0.65
N TYR A 530 32.86 -30.13 -0.85
CA TYR A 530 32.33 -29.38 0.27
C TYR A 530 31.56 -30.32 1.19
N ILE A 531 31.39 -29.90 2.44
CA ILE A 531 30.43 -30.53 3.34
C ILE A 531 29.06 -29.93 3.04
N VAL A 532 28.14 -30.73 2.51
CA VAL A 532 26.84 -30.24 2.07
C VAL A 532 25.78 -30.79 3.02
N VAL A 533 25.14 -29.87 3.75
CA VAL A 533 24.07 -30.24 4.72
C VAL A 533 22.77 -29.57 4.27
N LEU A 534 21.65 -30.19 4.58
CA LEU A 534 20.35 -29.67 4.11
C LEU A 534 19.28 -29.84 5.20
N THR A 535 18.24 -29.02 5.13
CA THR A 535 17.12 -29.12 6.09
C THR A 535 15.81 -28.66 5.44
N GLY A 536 14.70 -29.01 6.07
CA GLY A 536 13.39 -28.52 5.62
C GLY A 536 13.11 -28.73 4.15
N CYS A 537 12.45 -27.75 3.55
CA CYS A 537 12.03 -27.90 2.16
C CYS A 537 13.22 -28.05 1.21
N GLY A 538 14.34 -27.40 1.51
CA GLY A 538 15.51 -27.58 0.67
C GLY A 538 15.95 -29.02 0.59
N ALA A 539 16.04 -29.69 1.74
CA ALA A 539 16.48 -31.08 1.74
C ALA A 539 15.53 -31.94 0.93
N MET A 540 14.23 -31.66 1.05
CA MET A 540 13.21 -32.36 0.28
C MET A 540 13.42 -32.18 -1.21
N ASP A 541 13.54 -30.93 -1.64
CA ASP A 541 13.57 -30.65 -3.07
C ASP A 541 14.83 -31.17 -3.73
N ALA A 542 15.96 -31.18 -3.01
CA ALA A 542 17.19 -31.72 -3.59
C ALA A 542 17.11 -33.22 -3.85
N ALA A 543 16.16 -33.91 -3.22
CA ALA A 543 16.03 -35.36 -3.33
C ALA A 543 15.12 -35.80 -4.46
N LEU A 544 14.55 -34.87 -5.21
CA LEU A 544 13.60 -35.22 -6.26
C LEU A 544 14.27 -35.55 -7.59
N TYR A 545 15.58 -35.37 -7.70
CA TYR A 545 16.26 -35.51 -8.98
C TYR A 545 17.30 -36.62 -8.94
N ARG A 546 17.49 -37.25 -10.09
CA ARG A 546 18.39 -38.39 -10.25
C ARG A 546 19.39 -38.09 -11.35
N ASP A 547 20.62 -38.52 -11.15
CA ASP A 547 21.70 -38.26 -12.11
C ASP A 547 21.64 -39.32 -13.22
N GLU A 548 22.67 -39.32 -14.08
CA GLU A 548 22.71 -40.19 -15.24
C GLU A 548 22.67 -41.65 -14.87
N ASP A 549 23.13 -42.00 -13.67
CA ASP A 549 23.09 -43.38 -13.19
C ASP A 549 21.80 -43.69 -12.42
N GLY A 550 20.86 -42.75 -12.42
CA GLY A 550 19.55 -42.98 -11.79
C GLY A 550 19.57 -42.88 -10.27
N LYS A 551 20.53 -42.15 -9.71
CA LYS A 551 20.64 -42.12 -8.22
C LYS A 551 20.38 -40.71 -7.69
N THR A 552 19.65 -40.61 -6.58
CA THR A 552 19.45 -39.30 -5.92
C THR A 552 20.75 -38.95 -5.19
N LEU A 553 20.95 -37.68 -4.86
CA LEU A 553 22.16 -37.30 -4.13
C LEU A 553 22.31 -38.12 -2.86
N TYR A 554 21.19 -38.36 -2.17
CA TYR A 554 21.25 -39.10 -0.91
C TYR A 554 21.58 -40.57 -1.12
N GLU A 555 21.36 -41.09 -2.32
CA GLU A 555 21.72 -42.46 -2.64
C GLU A 555 23.17 -42.56 -3.09
N LYS A 556 23.70 -41.51 -3.73
CA LYS A 556 25.04 -41.59 -4.30
C LYS A 556 26.12 -41.29 -3.27
N TYR A 557 25.84 -40.33 -2.39
CA TYR A 557 26.89 -39.87 -1.45
C TYR A 557 26.60 -40.31 -0.02
N PRO A 558 27.65 -40.47 0.81
CA PRO A 558 27.49 -40.86 2.21
C PRO A 558 26.83 -39.76 3.06
N GLY A 559 26.29 -40.13 4.21
CA GLY A 559 25.60 -39.16 5.09
C GLY A 559 26.47 -38.72 6.24
N ASP A 560 27.78 -38.91 6.10
CA ASP A 560 28.73 -38.48 7.14
C ASP A 560 28.89 -36.97 7.08
N PHE A 561 29.15 -36.32 8.22
CA PHE A 561 29.48 -34.88 8.20
C PHE A 561 30.94 -34.80 7.78
N ASP A 562 31.17 -34.76 6.47
CA ASP A 562 32.54 -34.78 5.95
C ASP A 562 32.50 -34.22 4.54
N GLY A 563 33.67 -33.86 4.03
CA GLY A 563 33.74 -33.35 2.67
C GLY A 563 33.21 -34.37 1.69
N GLY A 564 32.49 -33.88 0.69
CA GLY A 564 31.97 -34.78 -0.33
C GLY A 564 30.82 -35.64 0.12
N CYS A 565 30.14 -35.22 1.17
CA CYS A 565 28.99 -35.99 1.69
C CYS A 565 27.71 -35.13 1.66
N ILE A 566 26.56 -35.78 1.52
CA ILE A 566 25.25 -35.07 1.53
C ILE A 566 24.56 -35.48 2.82
N VAL A 567 24.18 -34.50 3.63
CA VAL A 567 23.57 -34.80 4.96
C VAL A 567 22.22 -34.10 5.13
N ASN A 568 21.17 -34.86 5.40
CA ASN A 568 19.86 -34.27 5.76
C ASN A 568 19.87 -34.06 7.28
N ILE A 569 20.27 -32.87 7.74
CA ILE A 569 20.31 -32.59 9.21
C ILE A 569 18.92 -32.85 9.77
N GLY A 570 17.86 -32.45 9.04
CA GLY A 570 16.49 -32.76 9.48
C GLY A 570 15.51 -31.66 9.15
N SER A 571 14.54 -31.42 10.04
CA SER A 571 13.51 -30.43 9.82
C SER A 571 14.06 -29.03 10.09
N CYS A 572 13.19 -28.02 9.97
CA CYS A 572 13.65 -26.64 10.13
C CYS A 572 14.21 -26.39 11.53
N VAL A 573 13.66 -27.04 12.56
CA VAL A 573 14.24 -26.91 13.89
C VAL A 573 15.62 -27.57 13.96
N SER A 574 15.87 -28.58 13.11
CA SER A 574 17.19 -29.21 13.09
C SER A 574 18.29 -28.27 12.61
N ASN A 575 17.94 -27.11 12.04
CA ASN A 575 18.96 -26.16 11.62
C ASN A 575 19.94 -25.87 12.76
N ALA A 576 19.43 -25.84 14.00
CA ALA A 576 20.30 -25.51 15.12
C ALA A 576 21.51 -26.42 15.22
N HIS A 577 21.44 -27.63 14.65
CA HIS A 577 22.60 -28.52 14.65
C HIS A 577 23.75 -27.97 13.79
N ILE A 578 23.45 -27.09 12.84
CA ILE A 578 24.50 -26.45 12.06
C ILE A 578 25.26 -25.44 12.91
N HIS A 579 24.54 -24.54 13.58
CA HIS A 579 25.16 -23.70 14.61
C HIS A 579 26.02 -24.56 15.53
N ASP A 580 25.41 -25.63 16.07
CA ASP A 580 26.09 -26.44 17.07
C ASP A 580 27.38 -27.03 16.53
N ALA A 581 27.38 -27.46 15.26
CA ALA A 581 28.60 -27.99 14.68
C ALA A 581 29.72 -26.94 14.68
N ALA A 582 29.39 -25.70 14.31
CA ALA A 582 30.41 -24.65 14.29
C ALA A 582 30.88 -24.34 15.70
N ILE A 583 29.99 -24.34 16.67
CA ILE A 583 30.39 -24.09 18.08
C ILE A 583 31.36 -25.20 18.52
N LYS A 584 31.04 -26.45 18.21
CA LYS A 584 31.87 -27.59 18.64
C LYS A 584 33.25 -27.49 17.98
N VAL A 585 33.31 -26.99 16.76
CA VAL A 585 34.64 -26.78 16.13
C VAL A 585 35.44 -25.83 17.03
N ALA A 586 34.81 -24.76 17.50
CA ALA A 586 35.57 -23.81 18.35
C ALA A 586 35.90 -24.46 19.69
N SER A 587 35.00 -25.28 20.22
CA SER A 587 35.21 -25.89 21.57
C SER A 587 36.14 -27.10 21.47
N ILE A 588 35.84 -28.03 20.57
CA ILE A 588 36.64 -29.29 20.50
C ILE A 588 37.96 -29.07 19.77
N PHE A 589 37.93 -28.41 18.61
CA PHE A 589 39.16 -28.31 17.82
C PHE A 589 40.02 -27.11 18.23
N ALA A 590 39.41 -26.03 18.72
CA ALA A 590 40.16 -24.85 19.13
C ALA A 590 40.22 -24.68 20.64
N ARG A 591 39.59 -25.58 21.40
CA ARG A 591 39.70 -25.58 22.87
C ARG A 591 39.30 -24.22 23.44
N ARG A 592 38.25 -23.62 22.88
CA ARG A 592 37.66 -22.41 23.42
C ARG A 592 36.55 -22.75 24.39
N ASN A 593 36.38 -21.91 25.41
CA ASN A 593 35.24 -22.09 26.35
C ASN A 593 33.99 -21.54 25.66
N ILE A 594 32.85 -22.20 25.84
CA ILE A 594 31.59 -21.76 25.15
C ILE A 594 30.58 -21.33 26.22
N ARG A 595 30.79 -21.71 27.48
CA ARG A 595 29.77 -21.40 28.53
C ARG A 595 29.54 -19.88 28.54
N ALA A 596 28.32 -19.46 28.24
CA ALA A 596 27.94 -18.03 28.26
C ALA A 596 29.03 -17.17 27.61
N ASN A 597 29.62 -17.65 26.51
CA ASN A 597 30.72 -16.93 25.82
C ASN A 597 30.36 -16.70 24.34
N TYR A 598 29.15 -16.21 24.06
CA TYR A 598 28.68 -16.13 22.67
C TYR A 598 29.60 -15.32 21.75
N ALA A 599 30.01 -14.13 22.17
CA ALA A 599 30.72 -13.24 21.25
C ALA A 599 32.03 -13.87 20.80
N GLU A 600 32.77 -14.50 21.73
CA GLU A 600 34.05 -15.08 21.36
C GLU A 600 33.87 -16.22 20.36
N ILE A 601 32.83 -17.02 20.52
CA ILE A 601 32.61 -18.13 19.61
C ILE A 601 32.13 -17.62 18.25
N ALA A 602 31.22 -16.64 18.25
CA ALA A 602 30.76 -16.06 16.99
C ALA A 602 31.92 -15.43 16.22
N ASP A 603 32.79 -14.70 16.92
CA ASP A 603 33.94 -14.11 16.26
C ASP A 603 34.88 -15.19 15.72
N TYR A 604 35.02 -16.29 16.45
CA TYR A 604 35.80 -17.41 15.94
C TYR A 604 35.21 -17.94 14.63
N ILE A 605 33.90 -18.14 14.59
CA ILE A 605 33.26 -18.72 13.41
C ILE A 605 33.35 -17.77 12.23
N LEU A 606 33.20 -16.47 12.48
CA LEU A 606 33.25 -15.50 11.39
C LEU A 606 34.65 -15.39 10.79
N ASN A 607 35.68 -15.64 11.60
CA ASN A 607 37.07 -15.46 11.12
C ASN A 607 37.70 -16.76 10.64
N ARG A 608 37.19 -17.92 11.06
CA ARG A 608 37.92 -19.18 10.73
C ARG A 608 37.05 -20.29 10.13
N VAL A 609 35.73 -20.27 10.33
CA VAL A 609 34.92 -21.43 9.86
C VAL A 609 34.30 -21.10 8.49
N GLY A 610 34.91 -21.61 7.43
CA GLY A 610 34.34 -21.40 6.12
C GLY A 610 32.98 -22.06 6.01
N ALA A 611 31.94 -21.25 5.79
CA ALA A 611 30.60 -21.77 5.71
C ALA A 611 29.72 -20.76 4.98
N CYS A 612 28.61 -21.25 4.45
CA CYS A 612 27.66 -20.37 3.79
C CYS A 612 26.30 -21.05 3.75
N GLY A 613 25.29 -20.33 4.19
CA GLY A 613 23.93 -20.79 4.05
C GLY A 613 23.32 -20.36 2.74
N MET A 614 22.29 -21.10 2.32
CA MET A 614 21.58 -20.82 1.08
C MET A 614 20.12 -21.13 1.34
N ALA A 615 19.28 -20.11 1.32
CA ALA A 615 17.82 -20.27 1.39
C ALA A 615 17.21 -19.74 0.09
N TRP A 616 17.45 -20.50 -0.99
CA TRP A 616 17.10 -20.05 -2.33
C TRP A 616 15.63 -19.68 -2.45
N GLY A 617 14.77 -20.29 -1.62
CA GLY A 617 13.36 -19.98 -1.67
C GLY A 617 12.82 -19.40 -0.37
N ALA A 618 13.68 -18.70 0.38
CA ALA A 618 13.27 -18.14 1.67
C ALA A 618 11.96 -17.38 1.53
N MET A 619 11.03 -17.68 2.45
CA MET A 619 9.66 -17.18 2.39
C MET A 619 9.09 -16.78 3.75
N SER A 620 9.18 -17.66 4.73
CA SER A 620 8.42 -17.55 5.97
C SER A 620 9.05 -16.53 6.93
N GLN A 621 8.32 -16.28 8.03
CA GLN A 621 8.92 -15.54 9.14
C GLN A 621 9.94 -16.40 9.86
N LYS A 622 9.71 -17.71 9.92
CA LYS A 622 10.72 -18.61 10.46
C LYS A 622 12.01 -18.56 9.66
N ALA A 623 11.92 -18.33 8.34
CA ALA A 623 13.15 -18.25 7.55
C ALA A 623 13.93 -16.97 7.87
N ALA A 624 13.23 -15.87 8.20
CA ALA A 624 13.93 -14.63 8.54
C ALA A 624 14.63 -14.76 9.88
N SER A 625 14.00 -15.40 10.86
CA SER A 625 14.63 -15.57 12.17
C SER A 625 15.74 -16.59 12.13
N ILE A 626 15.61 -17.62 11.30
CA ILE A 626 16.71 -18.56 11.08
C ILE A 626 17.93 -17.80 10.56
N ALA A 627 17.75 -16.99 9.51
CA ALA A 627 18.87 -16.26 8.94
C ALA A 627 19.49 -15.33 9.95
N SER A 628 18.66 -14.67 10.77
CA SER A 628 19.17 -13.77 11.79
C SER A 628 20.04 -14.51 12.81
N GLY A 629 19.55 -15.64 13.32
CA GLY A 629 20.34 -16.42 14.26
C GLY A 629 21.60 -17.02 13.68
N VAL A 630 21.55 -17.41 12.39
CA VAL A 630 22.74 -17.88 11.71
C VAL A 630 23.72 -16.72 11.50
N ASN A 631 23.21 -15.57 11.05
CA ASN A 631 24.07 -14.40 10.85
C ASN A 631 24.75 -13.98 12.15
N ARG A 632 24.01 -14.01 13.27
CA ARG A 632 24.60 -13.49 14.54
C ARG A 632 25.81 -14.33 14.98
N ILE A 633 25.84 -15.62 14.64
CA ILE A 633 26.97 -16.45 15.16
C ILE A 633 28.11 -16.41 14.15
N GLY A 634 27.97 -15.61 13.10
CA GLY A 634 29.09 -15.36 12.17
C GLY A 634 29.05 -16.13 10.87
N ILE A 635 27.87 -16.49 10.39
CA ILE A 635 27.78 -17.33 9.20
C ILE A 635 26.97 -16.56 8.15
N PRO A 636 27.50 -16.35 6.94
CA PRO A 636 26.74 -15.63 5.93
C PRO A 636 25.64 -16.49 5.32
N VAL A 637 24.66 -15.82 4.72
CA VAL A 637 23.51 -16.48 4.12
C VAL A 637 23.17 -15.79 2.81
N VAL A 638 23.00 -16.59 1.78
CA VAL A 638 22.50 -16.08 0.47
C VAL A 638 21.03 -16.48 0.41
N ILE A 639 20.19 -15.63 -0.13
CA ILE A 639 18.75 -15.95 -0.30
C ILE A 639 18.37 -15.73 -1.76
N GLY A 640 17.19 -16.18 -2.16
CA GLY A 640 16.73 -16.02 -3.54
C GLY A 640 16.23 -14.62 -3.83
N PRO A 641 15.84 -14.32 -5.08
CA PRO A 641 15.42 -12.96 -5.45
C PRO A 641 14.15 -12.49 -4.75
N HIS A 642 13.28 -13.41 -4.32
CA HIS A 642 12.13 -13.02 -3.51
C HIS A 642 12.56 -12.47 -2.15
N GLY A 643 13.81 -12.71 -1.74
CA GLY A 643 14.27 -12.28 -0.43
C GLY A 643 14.38 -10.78 -0.27
N TRP A 644 14.43 -10.03 -1.38
CA TRP A 644 14.32 -8.60 -1.29
C TRP A 644 13.05 -8.17 -0.57
N LYS A 645 12.03 -9.04 -0.54
CA LYS A 645 10.75 -8.67 0.07
C LYS A 645 10.82 -8.63 1.59
N TYR A 646 11.86 -9.22 2.19
CA TYR A 646 12.11 -9.01 3.61
C TYR A 646 12.55 -7.57 3.91
N ARG A 647 12.82 -6.80 2.86
CA ARG A 647 13.17 -5.35 3.01
C ARG A 647 14.62 -5.16 3.43
N ARG A 648 15.11 -5.91 4.42
CA ARG A 648 16.47 -5.62 4.95
C ARG A 648 17.51 -6.70 4.59
N ALA A 649 18.74 -6.27 4.29
CA ALA A 649 19.86 -7.19 4.04
C ALA A 649 21.08 -6.64 4.79
N TYR A 650 22.18 -7.39 4.77
CA TYR A 650 23.43 -6.97 5.45
C TYR A 650 24.54 -7.11 4.40
N LEU A 651 25.00 -5.99 3.87
CA LEU A 651 25.90 -6.00 2.72
C LEU A 651 27.18 -5.27 3.04
N GLY A 652 28.31 -5.85 2.62
CA GLY A 652 29.60 -5.21 2.79
C GLY A 652 29.98 -4.29 1.64
N ARG A 653 30.87 -3.35 1.94
CA ARG A 653 31.46 -2.43 0.96
C ARG A 653 32.94 -2.81 0.84
N LYS A 654 33.24 -3.72 -0.10
CA LYS A 654 34.60 -4.20 -0.26
C LYS A 654 35.58 -3.09 -0.60
N ASP A 655 35.08 -1.94 -1.07
CA ASP A 655 35.95 -0.84 -1.46
C ASP A 655 36.32 0.07 -0.29
N VAL A 656 35.67 -0.05 0.85
CA VAL A 656 35.92 0.82 2.00
C VAL A 656 36.92 0.14 2.91
N ASP A 657 38.18 0.59 2.85
CA ASP A 657 39.26 -0.08 3.57
C ASP A 657 38.97 -0.18 5.06
N ARG A 658 38.47 0.90 5.65
CA ARG A 658 38.29 0.92 7.11
C ARG A 658 37.22 -0.06 7.57
N ASP A 659 36.38 -0.57 6.67
CA ASP A 659 35.36 -1.54 7.06
C ASP A 659 35.91 -2.96 7.20
N TRP A 660 37.13 -3.20 6.73
CA TRP A 660 37.67 -4.59 6.72
C TRP A 660 38.94 -4.65 7.57
N MET A 661 38.91 -4.01 8.73
CA MET A 661 40.09 -4.04 9.63
C MET A 661 39.84 -5.07 10.73
N VAL A 662 40.78 -5.99 10.92
CA VAL A 662 40.67 -6.97 12.02
C VAL A 662 41.94 -6.87 12.86
N TYR A 663 41.87 -7.34 14.09
CA TYR A 663 43.05 -7.30 14.96
C TYR A 663 43.86 -8.58 14.90
N ASP A 664 45.17 -8.47 14.81
CA ASP A 664 46.04 -9.62 15.00
C ASP A 664 46.18 -9.79 16.51
N ALA A 665 45.58 -10.85 17.04
CA ALA A 665 45.54 -11.02 18.50
C ALA A 665 46.92 -11.18 19.10
N ARG A 666 47.95 -11.42 18.28
CA ARG A 666 49.29 -11.58 18.82
C ARG A 666 49.78 -10.30 19.48
N ASP A 667 49.55 -9.15 18.85
CA ASP A 667 50.09 -7.89 19.35
C ASP A 667 49.11 -6.73 19.32
N GLY A 668 47.88 -6.92 18.86
CA GLY A 668 46.92 -5.84 18.81
C GLY A 668 47.00 -4.96 17.58
N SER A 669 47.86 -5.29 16.63
CA SER A 669 47.92 -4.52 15.40
C SER A 669 46.66 -4.76 14.57
N LYS A 670 46.41 -3.81 13.66
CA LYS A 670 45.22 -3.88 12.80
C LYS A 670 45.64 -4.28 11.39
N VAL A 671 44.90 -5.22 10.80
CA VAL A 671 45.24 -5.74 9.45
C VAL A 671 44.01 -5.63 8.56
N ARG A 672 44.18 -5.07 7.37
CA ARG A 672 43.05 -5.00 6.40
C ARG A 672 42.94 -6.38 5.74
N ILE A 673 41.76 -6.96 5.78
CA ILE A 673 41.60 -8.35 5.24
C ILE A 673 40.74 -8.33 3.98
N GLU A 674 40.96 -9.32 3.12
CA GLU A 674 40.13 -9.51 1.91
C GLU A 674 38.68 -9.61 2.39
N PRO A 675 37.70 -9.29 1.53
CA PRO A 675 36.28 -9.44 1.89
C PRO A 675 35.88 -10.90 2.01
N ALA A 676 35.90 -11.43 3.23
CA ALA A 676 35.86 -12.88 3.44
C ALA A 676 35.23 -13.19 4.80
N PRO A 677 33.89 -13.31 4.84
CA PRO A 677 32.93 -13.18 3.75
C PRO A 677 32.59 -11.74 3.41
N GLU A 678 32.33 -11.47 2.13
CA GLU A 678 32.04 -10.11 1.68
C GLU A 678 30.69 -9.62 2.20
N HIS A 679 29.70 -10.51 2.24
CA HIS A 679 28.34 -10.15 2.65
C HIS A 679 27.88 -11.09 3.76
N LEU A 680 26.90 -10.62 4.52
CA LEU A 680 26.31 -11.40 5.60
C LEU A 680 24.94 -11.94 5.25
N LEU A 681 24.07 -11.13 4.65
CA LEU A 681 22.78 -11.58 4.15
C LEU A 681 22.53 -10.89 2.82
N VAL A 682 22.50 -11.66 1.73
CA VAL A 682 22.48 -11.11 0.37
C VAL A 682 21.56 -11.98 -0.48
N ALA A 683 20.82 -11.32 -1.38
CA ALA A 683 19.91 -11.99 -2.30
C ALA A 683 20.51 -12.03 -3.70
N ALA A 684 20.50 -13.23 -4.28
CA ALA A 684 20.96 -13.40 -5.67
C ALA A 684 19.75 -13.69 -6.57
N ASP A 685 19.89 -13.51 -7.88
CA ASP A 685 18.72 -13.62 -8.79
C ASP A 685 18.65 -14.97 -9.48
N THR A 686 19.80 -15.55 -9.83
CA THR A 686 19.80 -16.79 -10.63
C THR A 686 20.78 -17.82 -10.07
N LEU A 687 20.49 -19.09 -10.30
CA LEU A 687 21.39 -20.16 -9.91
C LEU A 687 22.81 -19.85 -10.37
N GLU A 688 22.95 -19.31 -11.58
CA GLU A 688 24.28 -19.12 -12.15
C GLU A 688 25.05 -18.01 -11.45
N GLU A 689 24.35 -17.03 -10.88
CA GLU A 689 25.03 -16.06 -10.03
C GLU A 689 25.28 -16.63 -8.64
N ALA A 690 24.32 -17.42 -8.14
CA ALA A 690 24.34 -17.81 -6.72
C ALA A 690 25.50 -18.75 -6.41
N ILE A 691 25.81 -19.68 -7.31
CA ILE A 691 26.79 -20.72 -6.99
C ILE A 691 28.18 -20.11 -6.87
N PRO A 692 28.64 -19.28 -7.81
CA PRO A 692 29.93 -18.62 -7.58
C PRO A 692 29.94 -17.77 -6.31
N LEU A 693 28.82 -17.10 -6.03
CA LEU A 693 28.73 -16.26 -4.80
C LEU A 693 28.97 -17.12 -3.56
N MET A 694 28.27 -18.25 -3.47
CA MET A 694 28.41 -19.15 -2.29
C MET A 694 29.88 -19.50 -2.09
N ALA A 695 30.56 -19.94 -3.15
CA ALA A 695 32.01 -20.27 -3.05
C ALA A 695 32.76 -19.04 -2.53
N ARG A 696 32.50 -17.87 -3.12
CA ARG A 696 33.16 -16.65 -2.68
C ARG A 696 32.94 -16.41 -1.20
N LEU A 697 31.74 -16.66 -0.71
CA LEU A 697 31.42 -16.37 0.68
C LEU A 697 32.01 -17.40 1.66
N CYS A 698 32.77 -18.38 1.16
CA CYS A 698 33.46 -19.32 2.03
C CYS A 698 34.90 -18.93 2.34
N PHE A 699 35.47 -17.96 1.64
CA PHE A 699 36.81 -17.48 1.96
C PHE A 699 36.83 -16.95 3.39
N ARG A 700 37.94 -17.17 4.08
CA ARG A 700 38.11 -16.68 5.44
C ARG A 700 39.54 -16.22 5.63
N PRO A 701 39.79 -15.17 6.47
CA PRO A 701 41.14 -14.62 6.61
C PRO A 701 42.17 -15.61 7.15
N THR A 702 41.73 -16.69 7.79
CA THR A 702 42.69 -17.64 8.41
C THR A 702 42.95 -18.84 7.49
N ASP A 703 42.50 -18.75 6.23
CA ASP A 703 42.80 -19.83 5.25
C ASP A 703 44.33 -19.93 5.09
N ASN A 704 44.88 -21.15 5.11
CA ASN A 704 46.33 -21.31 4.86
C ASN A 704 46.50 -21.31 3.35
N SER A 705 47.71 -21.50 2.87
CA SER A 705 47.96 -21.41 1.41
C SER A 705 47.22 -22.54 0.70
N MET A 706 47.28 -23.75 1.23
CA MET A 706 46.63 -24.91 0.56
C MET A 706 45.11 -24.72 0.63
N GLY A 707 44.62 -24.23 1.77
CA GLY A 707 43.18 -24.07 1.89
C GLY A 707 42.64 -22.99 0.98
N ARG A 708 43.30 -21.83 0.96
CA ARG A 708 42.91 -20.79 0.02
C ARG A 708 43.01 -21.29 -1.42
N GLN A 709 44.07 -22.03 -1.72
CA GLN A 709 44.22 -22.59 -3.06
C GLN A 709 43.06 -23.50 -3.43
N VAL A 710 42.63 -24.36 -2.50
CA VAL A 710 41.45 -25.19 -2.76
C VAL A 710 40.25 -24.31 -3.05
N LYS A 711 39.98 -23.35 -2.15
CA LYS A 711 38.79 -22.53 -2.28
C LYS A 711 38.85 -21.67 -3.54
N LEU A 712 40.02 -21.15 -3.87
CA LEU A 712 40.15 -20.29 -5.04
C LEU A 712 40.03 -21.08 -6.33
N THR A 713 40.54 -22.32 -6.35
CA THR A 713 40.35 -23.16 -7.53
C THR A 713 38.86 -23.30 -7.84
N HIS A 714 38.06 -23.55 -6.82
CA HIS A 714 36.61 -23.76 -7.03
C HIS A 714 35.93 -22.44 -7.41
N TYR A 715 36.32 -21.34 -6.75
CA TYR A 715 35.68 -20.04 -7.03
C TYR A 715 35.95 -19.65 -8.48
N MET A 716 37.20 -19.79 -8.91
CA MET A 716 37.57 -19.40 -10.29
C MET A 716 36.90 -20.33 -11.31
N ASP A 717 36.92 -21.64 -11.05
CA ASP A 717 36.34 -22.61 -12.02
C ASP A 717 34.82 -22.45 -12.05
N LEU A 718 34.22 -22.25 -10.89
CA LEU A 718 32.77 -22.08 -10.85
C LEU A 718 32.36 -20.78 -11.53
N SER A 719 33.15 -19.71 -11.35
CA SER A 719 32.87 -18.46 -12.04
C SER A 719 32.95 -18.62 -13.55
N MET A 720 33.95 -19.35 -14.03
CA MET A 720 34.08 -19.56 -15.47
C MET A 720 32.97 -20.44 -15.99
N LYS A 721 32.61 -21.48 -15.22
CA LYS A 721 31.60 -22.42 -15.66
C LYS A 721 30.22 -21.76 -15.79
N TYR A 722 29.83 -20.99 -14.79
CA TYR A 722 28.48 -20.44 -14.73
C TYR A 722 28.36 -19.03 -15.28
N LEU A 723 29.42 -18.22 -15.21
CA LEU A 723 29.37 -16.85 -15.70
C LEU A 723 30.18 -16.63 -16.96
N GLY A 724 31.07 -17.56 -17.32
CA GLY A 724 31.80 -17.44 -18.59
C GLY A 724 33.02 -16.53 -18.50
N LYS A 725 33.32 -16.05 -17.29
CA LYS A 725 34.46 -15.12 -17.12
C LYS A 725 34.92 -15.19 -15.67
N TYR A 726 36.21 -14.97 -15.42
CA TYR A 726 36.72 -14.92 -14.03
C TYR A 726 36.22 -13.63 -13.40
N PRO A 727 35.98 -13.60 -12.08
CA PRO A 727 35.52 -12.38 -11.40
C PRO A 727 36.47 -11.22 -11.66
N ASP A 728 35.91 -10.01 -11.65
CA ASP A 728 36.72 -8.84 -11.95
C ASP A 728 37.80 -8.62 -10.91
N ASP A 729 37.57 -9.03 -9.66
CA ASP A 729 38.47 -8.72 -8.56
C ASP A 729 39.03 -9.96 -7.88
N TRP A 730 39.12 -11.08 -8.60
CA TRP A 730 39.57 -12.30 -7.95
C TRP A 730 40.95 -12.18 -7.30
N PRO A 731 41.88 -11.35 -7.79
CA PRO A 731 43.19 -11.25 -7.13
C PRO A 731 43.13 -10.81 -5.68
N VAL A 732 42.01 -10.29 -5.21
CA VAL A 732 41.94 -9.86 -3.82
C VAL A 732 42.19 -11.04 -2.89
N PHE A 733 41.87 -12.25 -3.36
CA PHE A 733 42.03 -13.46 -2.57
C PHE A 733 43.38 -14.12 -2.74
N VAL A 734 44.33 -13.40 -3.37
CA VAL A 734 45.69 -13.95 -3.59
C VAL A 734 46.68 -13.18 -2.70
N ARG A 735 47.29 -13.89 -1.74
CA ARG A 735 48.27 -13.26 -0.82
C ARG A 735 49.66 -13.67 -1.29
N THR A 736 49.79 -14.90 -1.79
CA THR A 736 51.10 -15.42 -2.29
C THR A 736 50.86 -16.32 -3.50
N GLU A 737 51.94 -16.73 -4.18
CA GLU A 737 51.82 -17.61 -5.37
C GLU A 737 51.22 -18.95 -4.95
N ALA A 738 51.49 -19.40 -3.73
CA ALA A 738 50.98 -20.70 -3.24
C ALA A 738 49.46 -20.69 -3.17
N ASP A 739 48.86 -19.50 -3.06
CA ASP A 739 47.40 -19.42 -3.05
C ASP A 739 46.80 -19.69 -4.41
N LEU A 740 47.61 -19.72 -5.45
CA LEU A 740 47.05 -19.76 -6.80
C LEU A 740 46.69 -21.19 -7.18
N PRO A 741 45.56 -21.41 -7.85
CA PRO A 741 45.25 -22.75 -8.35
C PRO A 741 46.44 -23.31 -9.13
N LEU A 742 46.71 -24.60 -8.91
CA LEU A 742 47.95 -25.19 -9.42
C LEU A 742 47.93 -25.29 -10.94
N ALA A 743 46.89 -25.86 -11.51
CA ALA A 743 46.89 -26.13 -12.97
C ALA A 743 47.10 -24.88 -13.82
N LYS A 744 46.61 -23.72 -13.40
CA LYS A 744 46.70 -22.51 -14.27
C LYS A 744 47.59 -21.48 -13.57
N LYS A 745 48.46 -21.91 -12.67
CA LYS A 745 49.27 -20.96 -11.88
C LYS A 745 50.05 -20.02 -12.79
N GLU A 746 50.71 -20.56 -13.80
CA GLU A 746 51.53 -19.70 -14.65
C GLU A 746 50.68 -18.69 -15.41
N GLU A 747 49.50 -19.10 -15.90
CA GLU A 747 48.64 -18.15 -16.59
C GLU A 747 48.08 -17.10 -15.63
N TYR A 748 47.75 -17.51 -14.41
CA TYR A 748 47.26 -16.55 -13.42
C TYR A 748 48.36 -15.54 -13.07
N LEU A 749 49.61 -16.00 -12.95
CA LEU A 749 50.70 -15.07 -12.66
C LEU A 749 50.85 -14.05 -13.77
N ARG A 750 50.69 -14.46 -15.03
CA ARG A 750 50.75 -13.51 -16.13
C ARG A 750 49.57 -12.54 -16.06
N ILE A 751 48.37 -13.06 -15.81
CA ILE A 751 47.20 -12.20 -15.69
C ILE A 751 47.41 -11.18 -14.58
N LEU A 752 47.95 -11.62 -13.44
CA LEU A 752 48.21 -10.68 -12.35
C LEU A 752 49.16 -9.58 -12.79
N LYS A 753 50.13 -9.91 -13.64
CA LYS A 753 51.13 -8.93 -14.06
C LYS A 753 50.59 -7.99 -15.13
N GLU A 754 49.96 -8.54 -16.17
CA GLU A 754 49.63 -7.76 -17.35
C GLU A 754 48.21 -7.20 -17.35
N ASP A 755 47.27 -7.82 -16.62
CA ASP A 755 45.92 -7.29 -16.52
C ASP A 755 45.65 -6.53 -15.22
N TYR A 756 46.39 -6.82 -14.15
CA TYR A 756 46.18 -6.17 -12.87
C TYR A 756 47.39 -5.36 -12.42
N GLY A 757 48.47 -5.32 -13.20
CA GLY A 757 49.58 -4.46 -12.88
C GLY A 757 50.38 -4.84 -11.66
N TRP A 758 50.22 -6.06 -11.16
CA TRP A 758 51.03 -6.52 -10.04
C TRP A 758 52.48 -6.67 -10.48
N ASP A 759 53.39 -6.53 -9.53
CA ASP A 759 54.81 -6.81 -9.76
C ASP A 759 55.00 -8.31 -9.54
N VAL A 760 55.11 -9.04 -10.64
CA VAL A 760 55.27 -10.49 -10.62
C VAL A 760 56.48 -10.86 -11.47
N ASP A 761 57.34 -11.73 -10.95
CA ASP A 761 58.49 -12.23 -11.68
C ASP A 761 58.07 -13.53 -12.34
N LEU A 762 57.72 -13.46 -13.63
CA LEU A 762 57.21 -14.64 -14.32
C LEU A 762 58.30 -15.72 -14.42
N GLU A 763 59.54 -15.27 -14.59
CA GLU A 763 60.67 -16.24 -14.65
C GLU A 763 60.72 -17.01 -13.32
N ALA A 764 60.76 -16.32 -12.19
CA ALA A 764 60.88 -17.00 -10.88
C ALA A 764 59.52 -17.52 -10.42
N LYS A 765 58.47 -17.20 -11.16
CA LYS A 765 57.10 -17.60 -10.76
C LYS A 765 56.86 -17.12 -9.33
N LYS A 766 57.08 -15.83 -9.09
CA LYS A 766 56.91 -15.28 -7.71
C LYS A 766 56.23 -13.91 -7.80
N ILE A 767 55.28 -13.66 -6.90
CA ILE A 767 54.61 -12.32 -6.85
C ILE A 767 55.46 -11.44 -5.93
N ILE A 768 55.78 -10.24 -6.38
CA ILE A 768 56.64 -9.33 -5.56
C ILE A 768 55.73 -8.33 -4.82
N SER A 769 54.82 -7.67 -5.54
CA SER A 769 53.88 -6.69 -4.95
C SER A 769 52.48 -6.86 -5.56
N GLY A 770 51.47 -6.27 -4.93
CA GLY A 770 50.09 -6.38 -5.43
C GLY A 770 49.12 -6.90 -4.38
N PRO A 771 49.42 -8.03 -3.71
CA PRO A 771 48.51 -8.60 -2.71
C PRO A 771 48.01 -7.58 -1.66
N ILE A 772 46.83 -7.84 -1.11
CA ILE A 772 46.23 -6.91 -0.11
C ILE A 772 47.06 -6.97 1.19
N ARG A 773 47.68 -8.12 1.48
CA ARG A 773 48.41 -8.28 2.72
C ARG A 773 49.43 -9.39 2.56
N LYS A 774 50.46 -9.38 3.39
CA LYS A 774 51.48 -10.47 3.36
C LYS A 774 50.89 -11.73 4.00
N PHE A 775 51.24 -12.90 3.49
CA PHE A 775 50.78 -14.14 4.15
C PHE A 775 51.56 -14.33 5.46
N ASP A 776 50.85 -14.62 6.54
CA ASP A 776 51.51 -14.90 7.84
C ASP A 776 50.71 -16.01 8.50
N VAL A 777 51.30 -17.19 8.56
CA VAL A 777 50.58 -18.34 9.09
C VAL A 777 50.14 -18.12 10.53
N SER A 778 50.84 -17.26 11.27
CA SER A 778 50.55 -17.02 12.67
C SER A 778 49.58 -15.87 12.89
N PHE A 779 49.09 -15.23 11.83
CA PHE A 779 48.10 -14.16 11.94
C PHE A 779 46.86 -14.66 12.68
N ASP A 780 46.66 -14.15 13.92
CA ASP A 780 45.52 -14.54 14.81
C ASP A 780 44.42 -13.50 14.62
N ALA A 781 43.55 -13.66 13.63
CA ALA A 781 42.54 -12.65 13.30
C ALA A 781 41.37 -12.69 14.27
N THR A 782 41.01 -11.50 14.79
CA THR A 782 39.83 -11.37 15.63
C THR A 782 39.32 -9.94 15.55
N ASN A 783 38.00 -9.79 15.75
CA ASN A 783 37.37 -8.49 15.84
C ASN A 783 37.28 -7.98 17.27
N LEU A 784 37.68 -8.78 18.25
CA LEU A 784 37.40 -8.53 19.66
C LEU A 784 38.65 -7.99 20.35
N GLU A 785 38.56 -6.78 20.86
CA GLU A 785 39.70 -6.18 21.60
C GLU A 785 40.08 -7.07 22.78
N GLN A 786 39.09 -7.69 23.43
CA GLN A 786 39.37 -8.47 24.63
C GLN A 786 40.18 -9.72 24.35
N LEU A 787 40.35 -10.10 23.09
CA LEU A 787 41.15 -11.26 22.73
C LEU A 787 42.59 -10.89 22.38
N ILE A 788 42.93 -9.60 22.43
CA ILE A 788 44.30 -9.18 22.19
C ILE A 788 45.18 -9.63 23.35
N ARG A 789 46.28 -10.30 23.02
CA ARG A 789 47.23 -10.73 24.03
C ARG A 789 48.40 -9.75 24.12
N MET B 1 -7.20 27.84 -12.24
CA MET B 1 -7.92 28.05 -13.53
C MET B 1 -8.62 26.76 -13.93
N LYS B 2 -9.37 26.80 -15.02
CA LYS B 2 -10.01 25.56 -15.51
C LYS B 2 -8.96 24.70 -16.21
N PHE B 3 -9.17 23.38 -16.22
CA PHE B 3 -8.24 22.46 -16.91
C PHE B 3 -6.88 22.50 -16.22
N ASP B 4 -6.87 22.85 -14.94
CA ASP B 4 -5.59 22.82 -14.19
C ASP B 4 -5.23 21.37 -13.88
N GLU B 5 -3.94 21.09 -13.70
CA GLU B 5 -3.46 19.75 -13.39
C GLU B 5 -2.48 19.82 -12.23
N LYS B 6 -2.52 18.82 -11.36
CA LYS B 6 -1.54 18.67 -10.29
C LYS B 6 -0.35 17.88 -10.79
N GLY B 7 0.82 18.21 -10.26
CA GLY B 7 2.05 17.53 -10.69
C GLY B 7 3.26 17.89 -9.85
N SER B 8 4.32 17.09 -9.95
CA SER B 8 5.54 17.31 -9.17
C SER B 8 6.75 17.39 -10.11
N ILE B 9 7.94 17.55 -9.56
CA ILE B 9 9.19 17.58 -10.38
C ILE B 9 9.18 16.38 -11.33
N ILE B 10 8.74 15.22 -10.85
CA ILE B 10 8.81 14.04 -11.71
C ILE B 10 7.94 14.22 -12.94
N ASP B 11 6.76 14.82 -12.78
CA ASP B 11 5.89 15.05 -13.92
C ASP B 11 6.48 16.12 -14.83
N LEU B 12 7.11 17.14 -14.24
CA LEU B 12 7.78 18.16 -15.05
C LEU B 12 8.87 17.55 -15.90
N GLU B 13 9.68 16.67 -15.30
CA GLU B 13 10.76 16.01 -16.05
C GLU B 13 10.21 15.08 -17.11
N THR B 14 9.20 14.26 -16.75
CA THR B 14 8.62 13.32 -17.71
C THR B 14 8.03 14.04 -18.90
N LYS B 15 7.31 15.13 -18.66
CA LYS B 15 6.48 15.76 -19.69
C LYS B 15 7.13 16.96 -20.37
N VAL B 16 8.16 17.56 -19.78
CA VAL B 16 8.71 18.79 -20.34
C VAL B 16 10.22 18.66 -20.52
N VAL B 17 10.97 18.46 -19.44
CA VAL B 17 12.42 18.47 -19.53
C VAL B 17 12.92 17.38 -20.47
N TYR B 18 12.56 16.13 -20.17
CA TYR B 18 13.05 15.02 -20.98
C TYR B 18 12.25 14.84 -22.26
N SER B 19 11.14 15.57 -22.41
CA SER B 19 10.46 15.66 -23.70
C SER B 19 11.12 16.67 -24.63
N ASN B 20 12.07 17.46 -24.12
CA ASN B 20 12.80 18.43 -24.94
C ASN B 20 11.89 19.56 -25.39
N ILE B 21 10.95 19.98 -24.54
CA ILE B 21 10.09 21.13 -24.83
C ILE B 21 10.18 22.20 -23.76
N CYS B 22 11.19 22.15 -22.89
CA CYS B 22 11.44 23.26 -21.98
C CYS B 22 11.96 24.43 -22.81
N CYS B 23 11.39 25.63 -22.55
CA CYS B 23 11.72 26.85 -23.34
C CYS B 23 12.58 27.82 -22.53
N TYR B 24 12.99 27.45 -21.32
CA TYR B 24 13.88 28.28 -20.46
C TYR B 24 13.20 29.59 -20.08
N CYS B 25 11.91 29.54 -19.71
CA CYS B 25 11.14 30.74 -19.30
C CYS B 25 11.60 31.19 -17.91
N GLY B 26 12.06 30.26 -17.08
CA GLY B 26 12.56 30.58 -15.76
C GLY B 26 11.57 30.43 -14.63
N ALA B 27 10.33 29.99 -14.91
CA ALA B 27 9.29 30.05 -13.89
C ALA B 27 9.48 29.00 -12.81
N CYS B 28 9.88 27.78 -13.20
CA CYS B 28 10.05 26.72 -12.20
C CYS B 28 11.16 27.08 -11.21
N GLY B 29 12.26 27.66 -11.70
CA GLY B 29 13.33 28.04 -10.81
C GLY B 29 13.01 29.28 -9.99
N ALA B 30 12.20 30.18 -10.56
CA ALA B 30 11.92 31.44 -9.88
C ALA B 30 11.14 31.21 -8.59
N PHE B 31 10.35 30.15 -8.52
CA PHE B 31 9.56 29.87 -7.32
C PHE B 31 9.91 28.52 -6.72
N CYS B 32 11.12 28.02 -6.98
CA CYS B 32 11.68 26.93 -6.21
C CYS B 32 13.20 27.11 -6.18
N THR B 33 13.65 28.20 -5.57
CA THR B 33 15.06 28.35 -5.25
C THR B 33 15.56 27.28 -4.29
N GLU B 34 14.64 26.61 -3.57
CA GLU B 34 15.04 25.62 -2.58
C GLU B 34 15.64 24.37 -3.22
N TYR B 35 15.28 24.05 -4.47
CA TYR B 35 15.72 22.80 -5.08
C TYR B 35 16.16 22.94 -6.54
N ILE B 36 15.58 23.84 -7.32
CA ILE B 36 15.81 23.90 -8.75
C ILE B 36 16.97 24.84 -9.03
N SER B 37 17.88 24.39 -9.89
CA SER B 37 18.87 25.23 -10.53
C SER B 37 18.79 24.96 -12.03
N TYR B 38 19.49 25.76 -12.81
CA TYR B 38 19.45 25.64 -14.26
C TYR B 38 20.81 25.23 -14.79
N GLU B 39 20.81 24.25 -15.71
CA GLU B 39 22.01 23.83 -16.43
C GLU B 39 21.65 23.71 -17.90
N ASN B 40 22.44 24.36 -18.76
CA ASN B 40 22.15 24.36 -20.20
C ASN B 40 20.70 24.75 -20.46
N GLY B 41 20.20 25.72 -19.69
CA GLY B 41 18.85 26.21 -19.92
C GLY B 41 17.74 25.26 -19.58
N THR B 42 18.00 24.25 -18.74
CA THR B 42 16.92 23.35 -18.31
C THR B 42 17.03 23.12 -16.82
N PRO B 43 15.90 22.97 -16.13
CA PRO B 43 15.93 22.82 -14.68
C PRO B 43 16.43 21.45 -14.25
N VAL B 44 17.20 21.43 -13.16
CA VAL B 44 17.61 20.21 -12.51
C VAL B 44 17.40 20.36 -11.01
N THR B 45 17.22 19.23 -10.34
CA THR B 45 17.35 19.17 -8.88
C THR B 45 18.45 18.17 -8.54
N LYS B 46 19.09 18.35 -7.39
CA LYS B 46 20.24 17.50 -7.00
C LYS B 46 19.92 16.77 -5.69
N GLN B 47 18.76 17.05 -5.11
CA GLN B 47 18.34 16.37 -3.87
C GLN B 47 16.83 16.12 -3.96
N LYS B 48 16.38 15.05 -3.32
CA LYS B 48 14.95 14.69 -3.41
C LYS B 48 14.11 15.71 -2.65
N CYS B 49 13.07 16.20 -3.29
CA CYS B 49 12.09 17.05 -2.63
C CYS B 49 10.86 16.22 -2.28
N PHE B 50 10.02 16.78 -1.39
CA PHE B 50 8.93 15.96 -0.81
C PHE B 50 7.54 16.58 -0.89
N GLU B 51 7.35 17.59 -1.73
CA GLU B 51 6.00 18.18 -1.94
C GLU B 51 5.12 17.17 -2.67
N ILE B 52 3.84 17.07 -2.29
CA ILE B 52 2.88 16.21 -3.02
C ILE B 52 2.68 16.82 -4.42
N HIS B 53 2.62 18.15 -4.51
CA HIS B 53 2.51 18.81 -5.81
C HIS B 53 3.31 20.10 -5.76
N GLY B 54 3.85 20.49 -6.91
CA GLY B 54 4.86 21.53 -6.96
C GLY B 54 4.45 22.73 -7.78
N ALA B 55 4.99 23.90 -7.41
CA ALA B 55 4.84 25.08 -8.26
C ALA B 55 5.59 24.92 -9.57
N CYS B 56 6.69 24.16 -9.57
CA CYS B 56 7.43 23.93 -10.80
C CYS B 56 6.52 23.43 -11.90
N PHE B 57 5.66 22.47 -11.57
CA PHE B 57 4.74 21.92 -12.55
C PHE B 57 3.55 22.85 -12.79
N ASP B 58 3.07 23.51 -11.74
CA ASP B 58 1.89 24.34 -11.87
C ASP B 58 2.16 25.57 -12.73
N PHE B 59 3.35 26.16 -12.61
CA PHE B 59 3.65 27.42 -13.28
C PHE B 59 4.22 27.24 -14.68
N CYS B 60 4.61 26.02 -15.05
CA CYS B 60 5.31 25.82 -16.31
C CYS B 60 4.33 25.98 -17.49
N PRO B 61 4.68 26.78 -18.51
CA PRO B 61 3.78 26.94 -19.66
C PRO B 61 3.72 25.72 -20.56
N ARG B 62 4.52 24.68 -20.31
CA ARG B 62 4.60 23.53 -21.19
C ARG B 62 4.05 22.25 -20.58
N THR B 63 3.52 22.29 -19.35
CA THR B 63 2.84 21.13 -18.78
C THR B 63 1.36 21.13 -19.15
N PHE B 64 0.65 22.21 -18.84
CA PHE B 64 -0.71 22.42 -19.30
C PHE B 64 -0.88 23.91 -19.58
N LEU B 65 -1.42 24.22 -20.76
CA LEU B 65 -1.64 25.61 -21.15
C LEU B 65 -3.02 25.68 -21.81
N PRO B 66 -4.09 25.92 -21.01
CA PRO B 66 -5.44 26.09 -21.56
C PRO B 66 -5.60 27.53 -22.08
N VAL B 67 -5.03 27.82 -23.25
CA VAL B 67 -4.97 29.22 -23.76
C VAL B 67 -6.33 29.90 -23.83
N LEU B 68 -7.34 29.24 -24.38
CA LEU B 68 -8.66 29.90 -24.55
C LEU B 68 -9.29 30.15 -23.17
N GLU B 69 -9.12 29.22 -22.23
CA GLU B 69 -9.65 29.46 -20.89
C GLU B 69 -8.97 30.65 -20.25
N MET B 70 -7.64 30.75 -20.39
CA MET B 70 -6.93 31.90 -19.83
C MET B 70 -7.28 33.18 -20.56
N GLU B 71 -7.56 33.11 -21.86
CA GLU B 71 -8.02 34.30 -22.58
C GLU B 71 -9.32 34.84 -21.97
N ARG B 72 -10.25 33.95 -21.63
CA ARG B 72 -11.54 34.43 -21.09
C ARG B 72 -11.31 35.07 -19.72
N GLU B 73 -10.41 34.52 -18.93
CA GLU B 73 -10.20 35.02 -17.54
C GLU B 73 -9.45 36.36 -17.57
N LEU B 74 -8.65 36.58 -18.60
CA LEU B 74 -7.80 37.81 -18.64
C LEU B 74 -8.48 38.86 -19.51
N PHE B 75 -9.23 38.43 -20.50
CA PHE B 75 -9.82 39.37 -21.44
C PHE B 75 -11.34 39.41 -21.41
N GLY B 76 -11.99 38.42 -20.81
CA GLY B 76 -13.43 38.31 -20.88
C GLY B 76 -13.94 37.78 -22.21
N GLU B 77 -13.05 37.41 -23.13
CA GLU B 77 -13.42 36.94 -24.45
C GLU B 77 -12.39 35.92 -24.90
N VAL B 78 -12.76 35.08 -25.87
CA VAL B 78 -11.81 34.26 -26.57
C VAL B 78 -11.46 34.94 -27.89
N ARG B 79 -10.40 34.48 -28.53
CA ARG B 79 -10.00 35.04 -29.82
C ARG B 79 -11.06 34.78 -30.87
N SER B 80 -11.13 35.68 -31.86
CA SER B 80 -11.75 35.38 -33.14
C SER B 80 -10.71 35.21 -34.23
N ASP B 81 -9.51 35.75 -34.00
CA ASP B 81 -8.39 35.62 -34.96
C ASP B 81 -7.39 34.57 -34.41
N TRP B 82 -7.28 33.43 -35.08
CA TRP B 82 -6.40 32.34 -34.59
C TRP B 82 -4.93 32.69 -34.77
N GLU B 83 -4.63 33.68 -35.61
CA GLU B 83 -3.22 33.99 -35.93
C GLU B 83 -2.61 34.98 -34.94
N LEU B 84 -3.40 35.92 -34.44
CA LEU B 84 -2.84 37.00 -33.60
C LEU B 84 -3.44 36.95 -32.20
N GLY B 85 -4.49 36.17 -32.01
CA GLY B 85 -5.13 36.10 -30.72
C GLY B 85 -6.19 37.17 -30.56
N TYR B 86 -6.57 37.40 -29.30
CA TYR B 86 -7.57 38.40 -28.99
C TYR B 86 -6.93 39.77 -28.89
N TYR B 87 -7.54 40.76 -29.54
CA TYR B 87 -7.05 42.13 -29.50
C TYR B 87 -8.20 43.07 -29.86
N THR B 88 -8.15 44.25 -29.26
CA THR B 88 -9.17 45.29 -29.53
C THR B 88 -8.65 46.24 -30.61
N ASP B 89 -7.32 46.35 -30.75
CA ASP B 89 -6.78 47.34 -31.70
C ASP B 89 -5.34 47.01 -32.07
N ILE B 90 -4.98 47.21 -33.34
CA ILE B 90 -3.57 47.05 -33.79
C ILE B 90 -3.11 48.39 -34.35
N VAL B 91 -2.06 48.98 -33.79
CA VAL B 91 -1.60 50.32 -34.22
C VAL B 91 -0.06 50.36 -34.27
N THR B 92 0.51 51.28 -35.05
CA THR B 92 1.99 51.45 -35.03
C THR B 92 2.32 52.60 -34.09
N ALA B 93 3.50 52.58 -33.49
CA ALA B 93 3.83 53.64 -32.51
C ALA B 93 5.33 53.71 -32.27
N ARG B 94 5.79 54.82 -31.70
CA ARG B 94 7.20 55.00 -31.36
C ARG B 94 7.29 56.01 -30.22
N ALA B 95 8.44 56.03 -29.55
CA ALA B 95 8.67 56.95 -28.46
C ALA B 95 8.96 58.35 -28.97
N THR B 96 8.68 59.34 -28.12
CA THR B 96 8.95 60.74 -28.45
C THR B 96 10.31 61.21 -27.93
N ASN B 97 10.89 60.53 -26.95
CA ASN B 97 12.16 60.94 -26.36
C ASN B 97 13.32 60.46 -27.24
N PRO B 98 14.06 61.39 -27.88
CA PRO B 98 15.26 60.99 -28.63
C PRO B 98 16.16 59.97 -27.96
N GLU B 99 16.47 60.12 -26.68
CA GLU B 99 17.35 59.16 -26.02
C GLU B 99 16.76 57.76 -26.01
N ILE B 100 15.47 57.65 -25.72
CA ILE B 100 14.80 56.31 -25.70
C ILE B 100 14.69 55.79 -27.14
N LEU B 101 14.34 56.66 -28.09
CA LEU B 101 14.11 56.18 -29.48
C LEU B 101 15.42 55.65 -30.05
N GLU B 102 16.55 56.20 -29.62
CA GLU B 102 17.85 55.78 -30.20
C GLU B 102 18.30 54.46 -29.59
N LYS B 103 18.18 54.34 -28.27
CA LYS B 103 18.67 53.13 -27.56
C LYS B 103 17.68 51.97 -27.72
N GLY B 104 16.48 52.23 -28.20
CA GLY B 104 15.45 51.19 -28.34
C GLY B 104 15.66 50.33 -29.57
N GLN B 105 15.12 49.11 -29.54
CA GLN B 105 15.31 48.20 -30.66
C GLN B 105 14.74 48.79 -31.95
N ASN B 106 13.46 49.16 -31.93
CA ASN B 106 12.80 49.70 -33.11
C ASN B 106 12.39 51.15 -32.88
N GLY B 107 11.30 51.35 -32.13
CA GLY B 107 10.83 52.69 -31.82
C GLY B 107 10.83 53.00 -30.34
N GLY B 108 11.39 52.11 -29.54
CA GLY B 108 11.49 52.34 -28.11
C GLY B 108 10.18 52.37 -27.36
N VAL B 109 9.14 51.71 -27.89
CA VAL B 109 7.82 51.79 -27.25
C VAL B 109 7.86 51.17 -25.86
N VAL B 110 8.42 49.96 -25.75
CA VAL B 110 8.43 49.26 -24.46
C VAL B 110 9.13 50.10 -23.41
N THR B 111 10.34 50.57 -23.72
CA THR B 111 11.08 51.41 -22.78
C THR B 111 10.30 52.67 -22.43
N ALA B 112 9.67 53.29 -23.42
CA ALA B 112 8.91 54.51 -23.15
C ALA B 112 7.75 54.23 -22.19
N LEU B 113 6.98 53.17 -22.46
CA LEU B 113 5.85 52.87 -21.59
C LEU B 113 6.32 52.55 -20.18
N LEU B 114 7.42 51.82 -20.04
CA LEU B 114 7.94 51.47 -18.73
C LEU B 114 8.40 52.71 -17.97
N THR B 115 9.20 53.56 -18.62
CA THR B 115 9.64 54.79 -17.98
C THR B 115 8.45 55.66 -17.61
N HIS B 116 7.41 55.68 -18.45
CA HIS B 116 6.22 56.42 -18.12
C HIS B 116 5.57 55.87 -16.86
N LEU B 117 5.44 54.54 -16.78
CA LEU B 117 4.77 53.93 -15.63
C LEU B 117 5.51 54.22 -14.34
N ILE B 118 6.84 54.28 -14.39
CA ILE B 118 7.59 54.49 -13.16
C ILE B 118 7.65 55.97 -12.81
N ASP B 119 7.68 56.86 -13.81
CA ASP B 119 7.71 58.29 -13.54
C ASP B 119 6.38 58.77 -12.98
N GLU B 120 5.29 58.12 -13.37
CA GLU B 120 3.97 58.43 -12.81
C GLU B 120 3.69 57.64 -11.53
N GLY B 121 4.68 56.91 -11.02
CA GLY B 121 4.51 56.17 -9.79
C GLY B 121 3.56 55.00 -9.88
N LYS B 122 3.25 54.54 -11.09
CA LYS B 122 2.31 53.44 -11.26
C LYS B 122 2.97 52.07 -11.12
N ILE B 123 4.30 52.01 -11.23
CA ILE B 123 5.07 50.81 -10.88
C ILE B 123 6.30 51.28 -10.12
N ASP B 124 6.84 50.38 -9.30
CA ASP B 124 8.10 50.62 -8.59
C ASP B 124 9.17 49.62 -8.98
N ALA B 125 8.92 48.77 -9.97
CA ALA B 125 9.92 47.83 -10.45
C ALA B 125 9.48 47.32 -11.81
N ALA B 126 10.44 47.16 -12.72
CA ALA B 126 10.20 46.67 -14.06
C ALA B 126 11.09 45.44 -14.28
N CYS B 127 10.46 44.28 -14.42
CA CYS B 127 11.17 43.03 -14.59
C CYS B 127 11.47 42.84 -16.08
N ILE B 128 12.70 43.17 -16.46
CA ILE B 128 13.12 43.13 -17.86
C ILE B 128 14.38 42.30 -17.97
N THR B 129 15.14 42.50 -19.04
CA THR B 129 16.33 41.69 -19.33
C THR B 129 17.53 42.59 -19.53
N GLY B 130 18.65 42.24 -18.89
CA GLY B 130 19.90 43.02 -19.06
C GLY B 130 20.94 42.22 -19.81
N ARG B 131 22.22 42.60 -19.67
CA ARG B 131 23.31 41.92 -20.39
C ARG B 131 24.49 41.69 -19.44
N SER B 132 25.08 40.49 -19.47
CA SER B 132 26.27 40.20 -18.63
C SER B 132 27.48 40.97 -19.18
N ASP B 133 28.23 41.64 -18.31
CA ASP B 133 29.46 42.34 -18.75
C ASP B 133 30.62 41.34 -18.69
N ASP B 134 30.37 40.15 -18.13
CA ASP B 134 31.41 39.09 -18.10
C ASP B 134 31.20 38.16 -19.29
N GLU B 135 29.96 37.73 -19.52
CA GLU B 135 29.65 36.89 -20.70
C GLU B 135 28.98 37.74 -21.77
N PRO B 136 29.71 38.18 -22.81
CA PRO B 136 29.15 39.08 -23.83
C PRO B 136 27.76 38.72 -24.36
N TRP B 137 26.84 39.68 -24.32
CA TRP B 137 25.47 39.49 -24.87
C TRP B 137 24.75 38.31 -24.22
N LYS B 138 25.20 37.88 -23.04
CA LYS B 138 24.46 36.81 -22.32
C LYS B 138 23.31 37.47 -21.57
N PRO B 139 22.04 37.19 -21.94
CA PRO B 139 20.90 37.84 -21.30
C PRO B 139 20.76 37.44 -19.83
N GLU B 140 20.49 38.41 -18.96
CA GLU B 140 20.24 38.08 -17.52
C GLU B 140 19.03 38.90 -17.04
N PRO B 141 18.17 38.34 -16.18
CA PRO B 141 17.03 39.09 -15.64
C PRO B 141 17.49 40.39 -14.97
N LEU B 142 16.75 41.48 -15.18
CA LEU B 142 17.08 42.77 -14.59
C LEU B 142 15.84 43.33 -13.93
N VAL B 143 15.91 43.49 -12.60
CA VAL B 143 14.84 44.12 -11.84
C VAL B 143 15.16 45.62 -11.80
N ALA B 144 14.61 46.34 -12.76
CA ALA B 144 14.88 47.79 -12.86
C ALA B 144 13.97 48.60 -11.94
N THR B 145 14.56 49.49 -11.14
CA THR B 145 13.78 50.33 -10.20
C THR B 145 13.99 51.81 -10.53
N THR B 146 14.78 52.10 -11.57
CA THR B 146 15.06 53.50 -11.99
C THR B 146 14.86 53.63 -13.49
N ARG B 147 14.53 54.83 -13.97
CA ARG B 147 14.31 54.99 -15.42
C ARG B 147 15.64 54.75 -16.13
N ASP B 148 16.77 54.98 -15.46
CA ASP B 148 18.11 54.64 -16.02
C ASP B 148 18.18 53.13 -16.24
N GLU B 149 17.92 52.35 -15.19
CA GLU B 149 17.98 50.88 -15.29
C GLU B 149 17.04 50.39 -16.41
N ILE B 150 15.88 51.01 -16.56
CA ILE B 150 14.95 50.62 -17.66
C ILE B 150 15.63 50.81 -19.02
N LEU B 151 16.32 51.94 -19.20
CA LEU B 151 16.98 52.23 -20.50
C LEU B 151 18.11 51.22 -20.70
N LYS B 152 18.77 50.82 -19.64
CA LYS B 152 19.90 49.87 -19.75
C LYS B 152 19.40 48.59 -20.42
N GLY B 153 18.20 48.15 -20.09
CA GLY B 153 17.68 46.94 -20.69
C GLY B 153 17.07 47.10 -22.07
N ALA B 154 17.24 48.26 -22.70
CA ALA B 154 16.66 48.49 -24.02
C ALA B 154 17.38 47.68 -25.09
N GLY B 155 16.66 47.38 -26.17
CA GLY B 155 17.20 46.58 -27.25
C GLY B 155 16.76 45.14 -27.17
N SER B 156 16.95 44.42 -28.26
CA SER B 156 16.60 43.00 -28.33
C SER B 156 17.83 42.15 -28.06
N ASN B 157 17.64 41.08 -27.29
CA ASN B 157 18.62 40.02 -27.17
C ASN B 157 17.99 38.76 -27.74
N TYR B 158 18.64 38.14 -28.72
CA TYR B 158 18.07 36.99 -29.38
C TYR B 158 18.47 35.69 -28.73
N GLU B 159 19.12 35.79 -27.57
CA GLU B 159 19.40 34.58 -26.77
C GLU B 159 18.28 34.52 -25.73
N GLN B 160 17.91 33.32 -25.26
CA GLN B 160 16.76 33.20 -24.32
C GLN B 160 17.16 33.66 -22.93
N CYS B 161 16.27 34.39 -22.24
CA CYS B 161 16.53 34.83 -20.85
C CYS B 161 15.53 34.17 -19.91
N PRO B 162 15.93 33.65 -18.73
CA PRO B 162 14.97 33.11 -17.77
C PRO B 162 14.34 34.33 -17.08
N ALA B 163 13.61 35.15 -17.85
CA ALA B 163 13.04 36.41 -17.32
C ALA B 163 12.22 36.19 -16.05
N ILE B 164 11.46 35.10 -15.98
CA ILE B 164 10.59 34.94 -14.82
C ILE B 164 11.41 34.88 -13.53
N MET B 165 12.70 34.57 -13.62
CA MET B 165 13.58 34.65 -12.46
C MET B 165 13.52 36.05 -11.84
N GLY B 166 13.49 37.08 -12.69
CA GLY B 166 13.43 38.44 -12.19
C GLY B 166 12.10 38.77 -11.55
N VAL B 167 11.01 38.26 -12.11
CA VAL B 167 9.69 38.39 -11.49
C VAL B 167 9.72 37.82 -10.07
N GLY B 168 10.28 36.62 -9.93
CA GLY B 168 10.36 36.03 -8.60
C GLY B 168 11.20 36.85 -7.64
N GLU B 169 12.32 37.39 -8.13
CA GLU B 169 13.12 38.28 -7.30
C GLU B 169 12.32 39.50 -6.87
N ALA B 170 11.61 40.12 -7.81
CA ALA B 170 10.85 41.32 -7.49
C ALA B 170 9.73 41.02 -6.50
N LEU B 171 9.09 39.85 -6.63
CA LEU B 171 7.92 39.54 -5.78
C LEU B 171 8.41 39.23 -4.36
N ALA B 172 9.71 39.11 -4.19
CA ALA B 172 10.27 38.77 -2.86
C ALA B 172 11.09 39.94 -2.33
N ASN B 173 11.20 41.02 -3.10
CA ASN B 173 12.05 42.18 -2.70
C ASN B 173 11.19 43.33 -2.18
N GLY B 174 9.87 43.16 -2.12
CA GLY B 174 9.01 44.20 -1.52
C GLY B 174 8.34 45.11 -2.53
N SER B 175 8.67 44.98 -3.81
CA SER B 175 7.96 45.78 -4.83
C SER B 175 6.45 45.57 -4.70
N GLU B 176 5.66 46.64 -4.75
CA GLU B 176 4.18 46.53 -4.57
C GLU B 176 3.49 46.65 -5.93
N ASN B 177 4.17 47.20 -6.92
CA ASN B 177 3.58 47.38 -8.27
C ASN B 177 4.65 47.01 -9.30
N ILE B 178 4.46 45.90 -10.02
CA ILE B 178 5.49 45.39 -10.91
C ILE B 178 4.94 45.35 -12.33
N ALA B 179 5.81 45.72 -13.27
CA ALA B 179 5.48 45.53 -14.69
C ALA B 179 6.54 44.56 -15.21
N MET B 180 6.15 43.66 -16.11
CA MET B 180 7.11 42.65 -16.61
C MET B 180 7.13 42.66 -18.15
N VAL B 181 8.30 42.46 -18.73
CA VAL B 181 8.43 42.34 -20.21
C VAL B 181 8.81 40.88 -20.51
N GLY B 182 8.20 40.29 -21.52
CA GLY B 182 8.47 38.90 -21.82
C GLY B 182 8.13 38.53 -23.24
N LEU B 183 8.84 37.53 -23.74
CA LEU B 183 8.45 36.87 -24.97
C LEU B 183 7.17 36.07 -24.70
N PRO B 184 6.51 35.58 -25.75
CA PRO B 184 5.25 34.86 -25.53
C PRO B 184 5.32 33.80 -24.46
N CYS B 185 6.43 33.06 -24.39
CA CYS B 185 6.50 31.98 -23.41
C CYS B 185 6.59 32.54 -21.99
N HIS B 186 7.34 33.63 -21.80
CA HIS B 186 7.36 34.28 -20.49
C HIS B 186 5.96 34.74 -20.09
N ILE B 187 5.24 35.36 -21.02
CA ILE B 187 3.90 35.84 -20.73
C ILE B 187 3.00 34.67 -20.33
N GLN B 188 3.08 33.57 -21.07
CA GLN B 188 2.30 32.38 -20.73
C GLN B 188 2.56 31.95 -19.29
N ALA B 189 3.84 31.86 -18.91
CA ALA B 189 4.19 31.49 -17.54
C ALA B 189 3.69 32.53 -16.56
N MET B 190 3.86 33.81 -16.88
CA MET B 190 3.35 34.87 -16.01
C MET B 190 1.85 34.69 -15.77
N ARG B 191 1.08 34.45 -16.84
CA ARG B 191 -0.36 34.33 -16.69
C ARG B 191 -0.72 33.05 -15.94
N LYS B 192 0.01 31.97 -16.17
CA LYS B 192 -0.22 30.75 -15.40
C LYS B 192 -0.04 31.03 -13.90
N ILE B 193 0.97 31.81 -13.54
CA ILE B 193 1.19 32.13 -12.13
C ILE B 193 0.05 32.96 -11.59
N GLN B 194 -0.37 33.99 -12.35
CA GLN B 194 -1.39 34.91 -11.88
C GLN B 194 -2.76 34.24 -11.74
N LEU B 195 -3.06 33.27 -12.61
CA LEU B 195 -4.36 32.63 -12.64
C LEU B 195 -4.40 31.35 -11.81
N SER B 196 -3.26 30.97 -11.24
CA SER B 196 -3.17 29.69 -10.47
C SER B 196 -4.06 29.72 -9.23
N LYS B 197 -4.70 28.59 -8.91
CA LYS B 197 -5.50 28.48 -7.67
C LYS B 197 -4.83 27.43 -6.78
N ALA B 198 -3.66 26.94 -7.19
CA ALA B 198 -2.94 25.90 -6.41
C ALA B 198 -1.85 26.55 -5.55
N PHE B 199 -1.34 27.71 -5.99
CA PHE B 199 -0.29 28.38 -5.25
C PHE B 199 -0.53 29.88 -5.26
N ASP B 200 -0.16 30.54 -4.16
CA ASP B 200 -0.21 31.99 -4.05
C ASP B 200 1.21 32.50 -3.80
N VAL B 201 1.73 33.29 -4.75
CA VAL B 201 3.06 33.86 -4.64
C VAL B 201 3.03 35.38 -4.75
N GLY B 202 1.89 36.00 -4.44
CA GLY B 202 1.76 37.44 -4.52
C GLY B 202 1.75 37.99 -5.93
N ALA B 203 1.41 37.15 -6.91
CA ALA B 203 1.50 37.56 -8.31
C ALA B 203 0.49 38.64 -8.69
N SER B 204 -0.51 38.91 -7.84
CA SER B 204 -1.40 40.04 -8.12
C SER B 204 -0.65 41.36 -8.12
N ARG B 205 0.55 41.40 -7.54
CA ARG B 205 1.36 42.60 -7.55
C ARG B 205 1.96 42.90 -8.92
N VAL B 206 1.92 41.95 -9.84
CA VAL B 206 2.33 42.21 -11.22
C VAL B 206 1.13 42.82 -11.93
N LYS B 207 1.24 44.11 -12.26
CA LYS B 207 0.11 44.86 -12.80
C LYS B 207 0.15 45.02 -14.31
N TYR B 208 1.31 44.81 -14.94
CA TYR B 208 1.44 44.94 -16.38
C TYR B 208 2.31 43.82 -16.91
N ALA B 209 1.84 43.16 -17.96
CA ALA B 209 2.60 42.13 -18.67
C ALA B 209 2.74 42.59 -20.12
N ILE B 210 3.93 43.06 -20.48
CA ILE B 210 4.20 43.62 -21.79
C ILE B 210 4.84 42.52 -22.62
N GLY B 211 4.12 42.06 -23.65
CA GLY B 211 4.60 40.98 -24.47
C GLY B 211 5.36 41.47 -25.69
N LEU B 212 6.29 40.65 -26.16
CA LEU B 212 7.06 40.99 -27.37
C LEU B 212 6.75 39.92 -28.41
N LEU B 213 6.67 40.31 -29.68
CA LEU B 213 6.49 39.29 -30.74
C LEU B 213 7.77 38.44 -30.80
N CYS B 214 7.66 37.16 -31.15
CA CYS B 214 8.86 36.28 -31.16
C CYS B 214 8.71 35.17 -32.19
N THR B 215 9.76 34.94 -32.99
CA THR B 215 9.74 33.82 -33.95
C THR B 215 10.60 32.70 -33.38
N GLU B 216 11.68 33.05 -32.66
CA GLU B 216 12.54 32.03 -32.03
C GLU B 216 13.74 32.68 -31.33
N THR B 217 14.30 32.00 -30.32
CA THR B 217 15.54 32.46 -29.67
C THR B 217 16.65 31.55 -30.17
N PHE B 218 17.91 31.91 -29.99
CA PHE B 218 19.01 31.10 -30.56
C PHE B 218 19.84 30.48 -29.44
N ASP B 219 20.40 29.29 -29.69
CA ASP B 219 21.31 28.66 -28.71
C ASP B 219 22.61 29.48 -28.65
N ARG B 220 23.12 29.74 -27.46
CA ARG B 220 24.31 30.63 -27.34
C ARG B 220 25.49 30.07 -28.13
N ASP B 221 25.84 28.80 -27.93
CA ASP B 221 27.04 28.31 -28.59
C ASP B 221 26.92 28.37 -30.10
N LEU B 222 25.75 28.00 -30.64
CA LEU B 222 25.56 28.05 -32.09
C LEU B 222 25.59 29.49 -32.59
N LEU B 223 24.86 30.39 -31.92
CA LEU B 223 24.86 31.80 -32.29
C LEU B 223 26.27 32.36 -32.34
N HIS B 224 27.01 32.24 -31.24
CA HIS B 224 28.36 32.80 -31.18
C HIS B 224 29.33 32.08 -32.11
N ALA B 225 29.04 30.84 -32.48
CA ALA B 225 29.84 30.18 -33.50
C ALA B 225 29.61 30.83 -34.87
N LYS B 226 28.39 31.31 -35.11
CA LYS B 226 28.14 32.08 -36.33
C LYS B 226 28.85 33.42 -36.27
N LEU B 227 28.92 34.03 -35.08
CA LEU B 227 29.64 35.29 -34.93
C LEU B 227 31.12 35.11 -35.26
N ARG B 228 31.68 33.92 -35.01
CA ARG B 228 33.07 33.65 -35.36
C ARG B 228 33.23 33.39 -36.85
N GLU B 229 32.27 32.69 -37.45
CA GLU B 229 32.30 32.49 -38.90
C GLU B 229 32.26 33.83 -39.63
N MET B 230 31.54 34.79 -39.06
CA MET B 230 31.40 36.14 -39.68
C MET B 230 32.53 37.06 -39.22
N LYS B 231 33.51 36.53 -38.50
CA LYS B 231 34.65 37.33 -38.04
C LYS B 231 34.17 38.53 -37.22
N ILE B 232 33.33 38.21 -36.23
CA ILE B 232 32.78 39.26 -35.32
C ILE B 232 32.86 38.74 -33.88
N LYS B 233 33.46 39.53 -32.99
CA LYS B 233 33.59 39.18 -31.58
C LYS B 233 32.43 39.79 -30.81
N ALA B 234 31.71 38.94 -30.05
CA ALA B 234 30.53 39.41 -29.35
C ALA B 234 30.82 40.65 -28.50
N GLU B 235 32.07 40.80 -28.03
CA GLU B 235 32.40 41.96 -27.21
C GLU B 235 32.23 43.27 -27.98
N ASP B 236 32.27 43.22 -29.31
CA ASP B 236 32.19 44.42 -30.15
C ASP B 236 30.82 44.59 -30.81
N VAL B 237 29.91 43.63 -30.66
CA VAL B 237 28.57 43.80 -31.22
C VAL B 237 27.84 44.87 -30.43
N LYS B 238 27.33 45.87 -31.13
CA LYS B 238 26.59 46.96 -30.50
C LYS B 238 25.09 46.74 -30.55
N LYS B 239 24.58 46.01 -31.53
CA LYS B 239 23.15 45.79 -31.67
C LYS B 239 22.90 44.60 -32.58
N PHE B 240 21.80 43.92 -32.32
CA PHE B 240 21.29 42.84 -33.16
C PHE B 240 19.93 43.26 -33.72
N ASP B 241 19.63 42.80 -34.93
CA ASP B 241 18.29 43.06 -35.51
C ASP B 241 17.97 42.00 -36.57
N ILE B 242 16.69 41.82 -36.84
CA ILE B 242 16.24 40.85 -37.87
C ILE B 242 15.25 41.58 -38.77
N GLY B 243 15.60 41.78 -40.04
CA GLY B 243 14.73 42.48 -41.01
C GLY B 243 15.15 42.21 -42.44
N GLU B 244 14.26 42.45 -43.40
CA GLU B 244 14.57 42.22 -44.84
C GLU B 244 15.14 40.81 -44.99
N GLY B 245 14.55 39.85 -44.29
CA GLY B 245 15.06 38.46 -44.32
C GLY B 245 16.55 38.43 -44.02
N LYS B 246 16.97 39.18 -43.01
CA LYS B 246 18.40 39.25 -42.73
C LYS B 246 18.63 39.29 -41.23
N PHE B 247 19.72 38.67 -40.80
CA PHE B 247 20.17 38.74 -39.41
C PHE B 247 21.31 39.76 -39.35
N LYS B 248 21.04 40.89 -38.70
CA LYS B 248 21.96 42.03 -38.73
C LYS B 248 22.77 42.09 -37.44
N VAL B 249 24.07 42.31 -37.58
CA VAL B 249 24.99 42.45 -36.47
C VAL B 249 25.70 43.79 -36.65
N PHE B 250 25.42 44.74 -35.76
CA PHE B 250 25.94 46.10 -35.87
C PHE B 250 27.18 46.27 -34.99
N THR B 251 28.24 46.76 -35.63
CA THR B 251 29.48 47.10 -34.90
C THR B 251 29.86 48.51 -35.34
N GLU B 252 30.79 49.16 -34.65
CA GLU B 252 31.23 50.53 -35.04
C GLU B 252 31.56 50.52 -36.53
N GLU B 253 32.32 49.53 -36.99
CA GLU B 253 32.76 49.48 -38.41
C GLU B 253 31.52 49.40 -39.30
N GLY B 254 30.35 49.12 -38.72
CA GLY B 254 29.11 49.08 -39.51
C GLY B 254 28.26 47.84 -39.20
N VAL B 255 27.62 47.28 -40.22
CA VAL B 255 26.68 46.13 -40.00
C VAL B 255 27.05 44.94 -40.88
N ARG B 256 27.20 43.76 -40.27
CA ARG B 256 27.44 42.52 -41.05
C ARG B 256 26.10 41.76 -41.07
N THR B 257 25.73 41.17 -42.20
CA THR B 257 24.39 40.54 -42.28
C THR B 257 24.48 39.06 -42.63
N GLU B 258 23.35 38.36 -42.54
CA GLU B 258 23.29 36.93 -42.92
C GLU B 258 21.83 36.59 -43.22
N LYS B 259 21.61 35.64 -44.11
CA LYS B 259 20.22 35.23 -44.44
C LYS B 259 19.58 34.64 -43.19
N ILE B 260 18.39 35.10 -42.84
CA ILE B 260 17.74 34.64 -41.58
C ILE B 260 17.52 33.12 -41.65
N ALA B 261 17.42 32.57 -42.86
CA ALA B 261 17.19 31.12 -43.01
C ALA B 261 18.42 30.34 -42.55
N THR B 262 19.61 30.85 -42.86
CA THR B 262 20.85 30.16 -42.45
C THR B 262 20.96 30.17 -40.94
N MET B 263 20.09 30.93 -40.27
CA MET B 263 20.18 31.06 -38.79
C MET B 263 19.19 30.10 -38.12
N LYS B 264 18.17 29.63 -38.83
CA LYS B 264 17.26 28.66 -38.24
C LYS B 264 18.01 27.52 -37.57
N SER B 265 19.20 27.17 -38.07
CA SER B 265 19.96 26.10 -37.45
C SER B 265 20.42 26.45 -36.04
N CYS B 266 20.36 27.71 -35.65
CA CYS B 266 20.79 28.15 -34.32
C CYS B 266 19.67 28.18 -33.30
N MET B 267 18.43 27.89 -33.70
CA MET B 267 17.29 28.07 -32.82
C MET B 267 17.33 27.08 -31.66
N ARG B 268 16.68 27.46 -30.55
CA ARG B 268 16.56 26.57 -29.42
C ARG B 268 15.52 25.48 -29.69
N ASP B 269 15.81 24.27 -29.25
CA ASP B 269 14.86 23.16 -29.42
C ASP B 269 13.51 23.50 -28.83
N GLY B 270 13.49 24.14 -27.66
CA GLY B 270 12.24 24.46 -27.00
C GLY B 270 11.33 25.36 -27.81
N CYS B 271 11.91 26.19 -28.69
CA CYS B 271 11.12 27.05 -29.55
C CYS B 271 10.40 26.28 -30.66
N LYS B 272 10.82 25.03 -30.92
CA LYS B 272 10.27 24.32 -32.06
C LYS B 272 8.79 24.00 -31.89
N VAL B 273 8.33 23.84 -30.66
CA VAL B 273 6.92 23.53 -30.40
C VAL B 273 6.15 24.76 -29.91
N CYS B 274 6.72 25.95 -30.14
CA CYS B 274 6.06 27.21 -29.70
C CYS B 274 4.92 27.56 -30.65
N TYR B 275 3.74 27.79 -30.11
CA TYR B 275 2.55 28.03 -30.93
C TYR B 275 2.03 29.45 -30.79
N ASP B 276 2.82 30.36 -30.20
CA ASP B 276 2.39 31.71 -29.86
C ASP B 276 3.38 32.71 -30.44
N PHE B 277 3.03 33.35 -31.56
CA PHE B 277 3.91 34.34 -32.18
C PHE B 277 3.73 35.73 -31.60
N ALA B 278 2.50 36.14 -31.34
CA ALA B 278 2.18 37.53 -31.02
C ALA B 278 1.96 37.77 -29.53
N ALA B 279 2.53 36.93 -28.67
CA ALA B 279 2.30 37.06 -27.21
C ALA B 279 0.80 37.23 -26.99
N GLU B 280 0.02 36.20 -27.30
CA GLU B 280 -1.47 36.31 -27.25
C GLU B 280 -2.03 36.58 -25.86
N LEU B 281 -1.27 36.34 -24.79
CA LEU B 281 -1.86 36.49 -23.42
C LEU B 281 -1.33 37.75 -22.72
N ALA B 282 -0.68 38.65 -23.45
CA ALA B 282 -0.12 39.83 -22.82
C ALA B 282 -1.15 40.95 -22.76
N ASP B 283 -0.92 41.90 -21.84
CA ASP B 283 -1.75 43.11 -21.82
C ASP B 283 -1.60 43.88 -23.13
N ILE B 284 -0.38 43.93 -23.66
CA ILE B 284 -0.10 44.47 -24.98
C ILE B 284 1.06 43.65 -25.56
N SER B 285 1.11 43.59 -26.88
CA SER B 285 2.12 42.82 -27.61
C SER B 285 2.80 43.75 -28.58
N VAL B 286 4.12 43.89 -28.45
CA VAL B 286 4.89 44.89 -29.19
C VAL B 286 5.88 44.18 -30.10
N GLY B 287 5.84 44.52 -31.38
CA GLY B 287 6.75 43.94 -32.35
C GLY B 287 7.17 44.92 -33.41
N SER B 288 7.89 44.44 -34.41
CA SER B 288 8.36 45.26 -35.53
C SER B 288 7.62 45.01 -36.83
N ILE B 289 7.24 43.76 -37.09
CA ILE B 289 6.57 43.43 -38.35
C ILE B 289 5.32 44.28 -38.50
N GLY B 290 5.07 44.76 -39.72
CA GLY B 290 3.92 45.58 -40.03
C GLY B 290 4.16 47.08 -39.91
N SER B 291 5.12 47.49 -39.09
CA SER B 291 5.44 48.90 -38.94
C SER B 291 6.63 49.27 -39.82
N GLU B 292 6.88 50.57 -39.93
CA GLU B 292 8.01 51.08 -40.68
C GLU B 292 9.23 51.16 -39.76
N GLU B 293 10.40 51.39 -40.37
CA GLU B 293 11.63 51.47 -39.60
C GLU B 293 11.51 52.55 -38.54
N GLY B 294 11.96 52.23 -37.33
CA GLY B 294 11.84 53.15 -36.22
C GLY B 294 10.49 53.16 -35.54
N TRP B 295 9.56 52.35 -36.06
CA TRP B 295 8.21 52.27 -35.47
C TRP B 295 7.96 50.86 -34.94
N ASN B 296 6.97 50.73 -34.05
CA ASN B 296 6.61 49.45 -33.45
C ASN B 296 5.16 49.13 -33.76
N THR B 297 4.89 47.86 -34.04
CA THR B 297 3.53 47.36 -34.14
C THR B 297 3.06 46.99 -32.74
N VAL B 298 1.91 47.54 -32.35
CA VAL B 298 1.38 47.30 -30.98
C VAL B 298 -0.02 46.73 -31.08
N LEU B 299 -0.24 45.58 -30.45
CA LEU B 299 -1.60 44.96 -30.41
C LEU B 299 -2.17 45.23 -29.02
N ILE B 300 -3.33 45.87 -28.96
CA ILE B 300 -3.98 46.17 -27.64
C ILE B 300 -4.90 45.02 -27.30
N ARG B 301 -4.75 44.46 -26.11
CA ARG B 301 -5.51 43.27 -25.72
C ARG B 301 -6.37 43.53 -24.49
N SER B 302 -5.73 43.81 -23.36
CA SER B 302 -6.48 43.98 -22.08
C SER B 302 -6.93 45.42 -21.86
N LYS B 303 -7.87 45.61 -20.95
CA LYS B 303 -8.30 47.00 -20.60
C LYS B 303 -7.06 47.73 -20.11
N ALA B 304 -6.28 47.09 -19.26
CA ALA B 304 -5.04 47.70 -18.73
C ALA B 304 -4.10 48.04 -19.88
N GLY B 305 -3.96 47.14 -20.85
CA GLY B 305 -3.14 47.49 -22.01
C GLY B 305 -3.66 48.71 -22.74
N LYS B 306 -4.96 48.76 -23.00
CA LYS B 306 -5.57 49.92 -23.70
C LYS B 306 -5.30 51.18 -22.87
N GLU B 307 -5.51 51.10 -21.56
CA GLU B 307 -5.30 52.26 -20.67
C GLU B 307 -3.84 52.70 -20.74
N LEU B 308 -2.90 51.76 -20.77
CA LEU B 308 -1.46 52.11 -20.78
C LEU B 308 -1.14 52.94 -22.03
N ILE B 309 -1.61 52.52 -23.19
CA ILE B 309 -1.27 53.24 -24.45
C ILE B 309 -1.96 54.60 -24.48
N ASP B 310 -3.27 54.62 -24.20
CA ASP B 310 -4.01 55.89 -24.16
C ASP B 310 -3.29 56.85 -23.21
N GLU B 311 -3.10 56.47 -21.94
CA GLU B 311 -2.48 57.39 -21.00
C GLU B 311 -1.09 57.81 -21.47
N ALA B 312 -0.32 56.87 -22.02
CA ALA B 312 1.01 57.19 -22.51
C ALA B 312 0.91 58.20 -23.65
N GLU B 313 0.06 57.92 -24.64
CA GLU B 313 -0.13 58.87 -25.73
C GLU B 313 -0.59 60.23 -25.24
N LYS B 314 -1.52 60.25 -24.28
CA LYS B 314 -2.00 61.51 -23.72
C LYS B 314 -0.90 62.28 -23.02
N ALA B 315 0.18 61.58 -22.64
CA ALA B 315 1.32 62.24 -21.96
C ALA B 315 2.46 62.50 -22.94
N LYS B 316 2.22 62.24 -24.23
CA LYS B 316 3.24 62.56 -25.26
C LYS B 316 4.53 61.78 -25.05
N VAL B 317 4.45 60.60 -24.42
CA VAL B 317 5.69 59.78 -24.30
C VAL B 317 5.76 58.85 -25.51
N ILE B 318 4.65 58.68 -26.24
CA ILE B 318 4.64 57.87 -27.48
C ILE B 318 3.76 58.56 -28.53
N GLU B 319 3.93 58.21 -29.80
CA GLU B 319 3.09 58.77 -30.88
C GLU B 319 2.41 57.58 -31.57
N VAL B 320 1.09 57.59 -31.69
CA VAL B 320 0.35 56.42 -32.23
C VAL B 320 -0.25 56.77 -33.59
N LYS B 321 -0.31 55.80 -34.50
CA LYS B 321 -0.94 56.01 -35.83
C LYS B 321 -1.65 54.73 -36.23
N PRO B 322 -2.65 54.80 -37.12
CA PRO B 322 -3.32 53.60 -37.61
C PRO B 322 -2.39 52.75 -38.47
N LEU B 323 -2.80 51.52 -38.76
CA LEU B 323 -2.00 50.64 -39.63
C LEU B 323 -2.91 50.09 -40.74
N ASN B 324 -2.40 50.01 -41.96
CA ASN B 324 -3.22 49.55 -43.11
C ASN B 324 -3.49 48.04 -43.02
N GLU B 325 -4.46 47.55 -43.79
CA GLU B 325 -4.83 46.11 -43.76
C GLU B 325 -3.68 45.24 -44.26
N ALA B 326 -2.95 45.71 -45.26
CA ALA B 326 -1.79 44.96 -45.76
C ALA B 326 -0.78 44.77 -44.63
N SER B 327 -0.42 45.84 -43.94
CA SER B 327 0.55 45.76 -42.84
C SER B 327 0.04 44.80 -41.76
N ILE B 328 -1.24 44.88 -41.42
CA ILE B 328 -1.81 43.93 -40.43
C ILE B 328 -1.64 42.51 -40.99
N GLN B 329 -1.84 42.32 -42.30
CA GLN B 329 -1.79 40.95 -42.89
C GLN B 329 -0.35 40.46 -42.88
N SER B 330 0.62 41.38 -42.92
CA SER B 330 2.04 40.98 -42.83
C SER B 330 2.26 40.31 -41.47
N VAL B 331 1.79 40.96 -40.40
CA VAL B 331 1.89 40.38 -39.04
C VAL B 331 1.19 39.02 -39.06
N LYS B 332 -0.06 38.99 -39.54
CA LYS B 332 -0.82 37.75 -39.57
C LYS B 332 -0.05 36.65 -40.30
N ASP B 333 0.57 37.01 -41.42
CA ASP B 333 1.24 35.98 -42.26
C ASP B 333 2.38 35.30 -41.50
N LEU B 334 3.19 36.08 -40.79
CA LEU B 334 4.34 35.50 -40.07
C LEU B 334 3.81 34.63 -38.93
N ALA B 335 2.74 35.08 -38.28
CA ALA B 335 2.13 34.28 -37.20
C ALA B 335 1.72 32.93 -37.76
N SER B 336 0.88 32.92 -38.80
CA SER B 336 0.49 31.67 -39.44
C SER B 336 1.71 30.80 -39.72
N ARG B 337 2.77 31.39 -40.27
CA ARG B 337 3.96 30.62 -40.60
C ARG B 337 4.53 29.92 -39.38
N LYS B 338 4.78 30.69 -38.30
CA LYS B 338 5.30 30.08 -37.09
C LYS B 338 4.36 29.01 -36.56
N LYS B 339 3.06 29.29 -36.58
CA LYS B 339 2.10 28.34 -36.00
C LYS B 339 1.95 27.11 -36.88
N SER B 340 1.98 27.28 -38.20
CA SER B 340 1.86 26.12 -39.09
C SER B 340 3.10 25.24 -39.00
N GLU B 341 4.28 25.87 -39.05
CA GLU B 341 5.52 25.11 -39.01
C GLU B 341 5.69 24.41 -37.67
N ASN B 342 5.33 25.09 -36.57
CA ASN B 342 5.59 24.55 -35.25
C ASN B 342 4.52 23.55 -34.83
N MET B 343 3.30 23.63 -35.36
CA MET B 343 2.35 22.55 -35.16
C MET B 343 2.87 21.25 -35.75
N ASP B 344 3.58 21.34 -36.88
CA ASP B 344 4.17 20.13 -37.45
C ASP B 344 5.14 19.49 -36.46
N ASN B 345 5.90 20.31 -35.73
CA ASN B 345 6.79 19.77 -34.71
C ASN B 345 6.03 19.27 -33.49
N ILE B 346 4.92 19.94 -33.14
CA ILE B 346 4.13 19.55 -31.99
C ILE B 346 3.58 18.15 -32.18
N VAL B 347 2.95 17.90 -33.34
CA VAL B 347 2.28 16.63 -33.58
C VAL B 347 3.25 15.47 -33.71
N GLU B 348 4.55 15.75 -33.82
CA GLU B 348 5.55 14.68 -33.82
C GLU B 348 5.80 14.16 -32.41
N ILE B 349 5.54 14.96 -31.39
CA ILE B 349 5.82 14.58 -30.00
C ILE B 349 4.52 14.21 -29.30
N ALA B 350 3.43 14.86 -29.69
CA ALA B 350 2.18 14.73 -28.94
C ALA B 350 1.65 13.31 -28.99
N GLY B 351 0.96 12.92 -27.93
CA GLY B 351 0.23 11.67 -27.91
C GLY B 351 -1.06 11.78 -28.70
N ALA B 352 -1.80 10.67 -28.73
CA ALA B 352 -3.05 10.64 -29.48
C ALA B 352 -3.98 11.74 -29.00
N THR B 353 -4.74 12.30 -29.94
CA THR B 353 -5.80 13.25 -29.60
C THR B 353 -7.09 12.46 -29.40
N LYS B 354 -7.73 12.68 -28.25
CA LYS B 354 -8.94 11.96 -27.90
C LYS B 354 -10.13 12.91 -27.81
N ILE B 355 -11.23 12.53 -28.46
CA ILE B 355 -12.48 13.29 -28.44
C ILE B 355 -13.57 12.29 -28.05
N LEU B 356 -14.00 12.36 -26.78
CA LEU B 356 -14.83 11.31 -26.18
C LEU B 356 -14.17 9.94 -26.34
N HIS B 357 -14.78 9.03 -27.10
CA HIS B 357 -14.20 7.71 -27.35
C HIS B 357 -13.24 7.70 -28.53
N LEU B 358 -13.30 8.69 -29.41
CA LEU B 358 -12.51 8.70 -30.63
C LEU B 358 -11.06 9.11 -30.32
N ALA B 359 -10.11 8.36 -30.87
CA ALA B 359 -8.69 8.61 -30.67
C ALA B 359 -7.97 8.61 -32.02
N VAL B 360 -7.18 9.65 -32.28
CA VAL B 360 -6.45 9.78 -33.53
C VAL B 360 -5.10 10.43 -33.26
N LYS B 361 -4.17 10.18 -34.18
CA LYS B 361 -2.95 10.99 -34.21
C LYS B 361 -3.35 12.45 -34.40
N PRO B 362 -2.66 13.40 -33.76
CA PRO B 362 -3.08 14.80 -33.90
C PRO B 362 -3.03 15.31 -35.33
N GLN B 363 -2.02 14.91 -36.11
CA GLN B 363 -1.93 15.40 -37.47
C GLN B 363 -2.99 14.79 -38.39
N GLU B 364 -3.80 13.87 -37.85
CA GLU B 364 -4.84 13.22 -38.67
C GLU B 364 -6.22 13.71 -38.22
N LEU B 365 -6.27 14.77 -37.42
CA LEU B 365 -7.56 15.29 -36.89
C LEU B 365 -8.49 15.64 -38.06
N SER B 366 -7.94 16.06 -39.19
CA SER B 366 -8.75 16.47 -40.36
C SER B 366 -9.43 15.28 -41.01
N LEU B 367 -8.67 14.21 -41.18
CA LEU B 367 -9.27 12.98 -41.74
C LEU B 367 -10.48 12.60 -40.89
N LEU B 368 -10.43 12.83 -39.58
CA LEU B 368 -11.55 12.37 -38.76
C LEU B 368 -12.67 13.39 -38.70
N LEU B 369 -12.34 14.69 -38.74
CA LEU B 369 -13.31 15.74 -38.48
C LEU B 369 -13.81 16.42 -39.75
N GLY B 370 -13.03 16.40 -40.82
CA GLY B 370 -13.45 17.01 -42.07
C GLY B 370 -12.73 18.31 -42.38
N MET C 1 -4.79 2.98 -17.16
CA MET C 1 -4.50 1.96 -16.10
C MET C 1 -3.07 1.44 -16.24
N ASN C 2 -2.23 1.68 -15.24
CA ASN C 2 -0.87 1.16 -15.21
C ASN C 2 -0.89 -0.11 -14.36
N ILE C 3 -0.43 -1.21 -14.95
CA ILE C 3 -0.48 -2.52 -14.24
C ILE C 3 0.92 -2.94 -13.82
N PRO C 4 1.25 -2.90 -12.51
CA PRO C 4 2.53 -3.41 -12.04
C PRO C 4 2.53 -4.94 -12.27
N PHE C 5 3.69 -5.50 -12.63
CA PHE C 5 3.74 -6.94 -12.99
C PHE C 5 3.24 -7.80 -11.82
N ASP C 6 3.47 -7.34 -10.60
CA ASP C 6 2.89 -8.01 -9.44
C ASP C 6 1.80 -7.06 -8.93
N ILE C 7 0.53 -7.45 -9.05
CA ILE C 7 -0.53 -6.49 -8.77
C ILE C 7 -0.49 -5.97 -7.33
N GLY C 8 0.10 -6.72 -6.39
CA GLY C 8 0.24 -6.29 -5.01
C GLY C 8 1.37 -5.32 -4.74
N ASN C 9 2.16 -4.97 -5.75
CA ASN C 9 3.34 -4.13 -5.58
C ASN C 9 2.93 -2.66 -5.60
N ILE C 10 1.91 -2.31 -4.80
CA ILE C 10 1.49 -0.92 -4.59
C ILE C 10 2.21 -0.43 -3.34
N SER C 11 3.37 0.19 -3.55
CA SER C 11 4.30 0.42 -2.44
C SER C 11 3.94 1.66 -1.63
N GLY C 12 3.39 2.68 -2.26
CA GLY C 12 3.16 3.95 -1.63
C GLY C 12 2.64 4.98 -2.60
N PRO C 13 2.60 6.25 -2.17
CA PRO C 13 1.94 7.28 -3.00
C PRO C 13 2.73 7.77 -4.20
N GLU C 14 4.04 7.60 -4.26
CA GLU C 14 4.85 8.16 -5.34
C GLU C 14 5.11 7.06 -6.37
N MET C 15 4.31 7.07 -7.44
CA MET C 15 4.24 5.97 -8.39
C MET C 15 4.92 6.36 -9.69
N GLY C 16 5.66 5.42 -10.28
CA GLY C 16 6.40 5.73 -11.50
C GLY C 16 5.54 6.36 -12.58
N ARG C 17 6.08 7.39 -13.24
CA ARG C 17 5.39 8.06 -14.32
C ARG C 17 5.65 7.35 -15.65
N ILE C 18 4.59 7.23 -16.46
CA ILE C 18 4.73 6.70 -17.81
C ILE C 18 5.47 7.74 -18.65
N ALA C 19 6.49 7.28 -19.38
CA ALA C 19 7.32 8.16 -20.20
C ALA C 19 7.46 7.60 -21.60
N THR C 20 7.54 8.49 -22.59
CA THR C 20 7.76 8.05 -23.95
C THR C 20 9.14 7.43 -24.08
N PRO C 21 9.36 6.59 -25.09
CA PRO C 21 10.73 6.11 -25.33
C PRO C 21 11.71 7.24 -25.54
N GLU C 22 11.27 8.32 -26.21
CA GLU C 22 12.17 9.43 -26.47
C GLU C 22 12.55 10.15 -25.18
N ALA C 23 11.61 10.24 -24.23
CA ALA C 23 11.92 10.89 -22.96
C ALA C 23 12.87 10.03 -22.12
N LEU C 24 12.69 8.71 -22.13
CA LEU C 24 13.60 7.85 -21.40
C LEU C 24 15.00 7.91 -22.01
N GLY C 25 15.08 7.93 -23.34
CA GLY C 25 16.39 8.05 -23.98
C GLY C 25 17.08 9.37 -23.69
N ARG C 26 16.32 10.48 -23.71
CA ARG C 26 16.93 11.77 -23.42
C ARG C 26 17.42 11.87 -21.98
N ALA C 27 16.76 11.20 -21.04
CA ALA C 27 17.23 11.18 -19.66
C ALA C 27 18.59 10.49 -19.56
N ILE C 28 18.79 9.39 -20.30
CA ILE C 28 20.10 8.77 -20.35
C ILE C 28 21.10 9.71 -21.00
N LYS C 29 20.68 10.38 -22.08
CA LYS C 29 21.54 11.30 -22.81
C LYS C 29 21.92 12.51 -21.95
N ASN C 30 20.96 13.05 -21.17
CA ASN C 30 21.23 14.22 -20.35
C ASN C 30 22.05 13.90 -19.11
N ALA C 31 22.16 12.63 -18.74
CA ALA C 31 22.87 12.25 -17.53
C ALA C 31 24.36 12.45 -17.67
N LYS C 32 25.01 12.89 -16.59
CA LYS C 32 26.48 13.09 -16.64
C LYS C 32 27.18 11.74 -16.50
N ARG C 33 26.63 10.84 -15.70
CA ARG C 33 27.22 9.52 -15.51
C ARG C 33 26.11 8.48 -15.40
N PRO C 34 25.52 8.08 -16.53
CA PRO C 34 24.47 7.07 -16.50
C PRO C 34 25.04 5.67 -16.37
N LEU C 35 24.16 4.77 -15.94
CA LEU C 35 24.50 3.36 -15.79
C LEU C 35 23.33 2.53 -16.29
N LEU C 36 23.60 1.64 -17.23
CA LEU C 36 22.62 0.66 -17.68
C LEU C 36 22.77 -0.58 -16.81
N VAL C 37 21.69 -1.00 -16.18
CA VAL C 37 21.65 -2.18 -15.32
C VAL C 37 20.82 -3.22 -16.03
N VAL C 38 21.41 -4.39 -16.31
CA VAL C 38 20.68 -5.45 -16.98
C VAL C 38 20.69 -6.70 -16.10
N GLY C 39 19.66 -7.52 -16.27
CA GLY C 39 19.52 -8.74 -15.49
C GLY C 39 19.46 -9.98 -16.34
N SER C 40 18.96 -11.10 -15.78
CA SER C 40 18.98 -12.36 -16.51
C SER C 40 18.04 -12.35 -17.71
N GLU C 41 17.07 -11.45 -17.74
CA GLU C 41 16.08 -11.44 -18.85
C GLU C 41 16.68 -10.80 -20.11
N ILE C 42 17.88 -10.24 -20.02
CA ILE C 42 18.58 -9.67 -21.21
C ILE C 42 19.09 -10.79 -22.11
N LEU C 43 19.18 -12.01 -21.58
CA LEU C 43 19.75 -13.15 -22.35
C LEU C 43 18.68 -13.70 -23.28
N GLU C 44 17.54 -13.03 -23.38
CA GLU C 44 16.44 -13.59 -24.19
C GLU C 44 15.99 -12.61 -25.28
N ASP C 45 15.19 -13.08 -26.23
CA ASP C 45 14.58 -12.21 -27.29
C ASP C 45 15.57 -11.17 -27.86
N GLY C 46 16.83 -11.55 -28.11
CA GLY C 46 17.75 -10.61 -28.72
C GLY C 46 17.80 -9.26 -28.02
N LEU C 47 17.58 -9.23 -26.71
CA LEU C 47 17.62 -7.99 -25.97
C LEU C 47 19.05 -7.51 -25.72
N ILE C 48 20.02 -8.42 -25.71
CA ILE C 48 21.39 -8.01 -25.41
C ILE C 48 21.95 -7.14 -26.52
N ASP C 49 21.43 -7.26 -27.73
CA ASP C 49 21.88 -6.39 -28.85
C ASP C 49 21.59 -4.92 -28.51
N ARG C 50 20.45 -4.68 -27.88
CA ARG C 50 20.08 -3.30 -27.47
C ARG C 50 21.00 -2.84 -26.34
N ALA C 51 21.26 -3.70 -25.37
CA ALA C 51 22.18 -3.34 -24.27
C ALA C 51 23.54 -2.98 -24.86
N ILE C 52 24.04 -3.81 -25.76
CA ILE C 52 25.35 -3.55 -26.36
C ILE C 52 25.32 -2.24 -27.16
N ALA C 53 24.23 -1.99 -27.89
CA ALA C 53 24.13 -0.73 -28.63
C ALA C 53 24.14 0.47 -27.67
N ILE C 54 23.49 0.33 -26.52
CA ILE C 54 23.55 1.39 -25.52
C ILE C 54 24.98 1.52 -24.98
N GLY C 55 25.59 0.40 -24.59
CA GLY C 55 26.94 0.46 -24.08
C GLY C 55 27.91 1.14 -25.02
N LYS C 56 27.77 0.87 -26.33
CA LYS C 56 28.68 1.44 -27.32
C LYS C 56 28.49 2.94 -27.51
N LYS C 57 27.49 3.54 -26.88
CA LYS C 57 27.38 4.99 -26.84
C LYS C 57 28.21 5.61 -25.72
N GLY C 58 29.03 4.81 -25.03
CA GLY C 58 29.87 5.30 -23.96
C GLY C 58 29.27 5.16 -22.59
N ILE C 59 28.37 4.21 -22.40
CA ILE C 59 27.63 4.05 -21.14
C ILE C 59 28.07 2.74 -20.51
N PRO C 60 28.51 2.74 -19.25
CA PRO C 60 28.87 1.48 -18.61
C PRO C 60 27.64 0.64 -18.34
N ILE C 61 27.82 -0.68 -18.32
CA ILE C 61 26.76 -1.64 -18.08
C ILE C 61 27.07 -2.42 -16.82
N ALA C 62 26.12 -2.47 -15.90
CA ALA C 62 26.18 -3.38 -14.76
C ALA C 62 25.46 -4.66 -15.14
N ALA C 63 26.21 -5.74 -15.32
CA ALA C 63 25.66 -7.02 -15.75
C ALA C 63 25.36 -7.83 -14.50
N THR C 64 24.09 -7.86 -14.07
CA THR C 64 23.70 -8.54 -12.85
C THR C 64 23.19 -9.93 -13.19
N ALA C 65 22.79 -10.67 -12.15
CA ALA C 65 22.51 -12.10 -12.33
C ALA C 65 23.69 -12.79 -13.00
N HIS C 66 23.43 -13.59 -14.04
CA HIS C 66 24.50 -14.18 -14.84
C HIS C 66 24.55 -13.58 -16.25
N SER C 67 24.09 -12.35 -16.40
CA SER C 67 24.03 -11.71 -17.70
C SER C 67 25.40 -11.53 -18.34
N ILE C 68 26.47 -11.51 -17.56
CA ILE C 68 27.85 -11.35 -18.11
C ILE C 68 28.14 -12.41 -19.18
N LYS C 69 27.59 -13.61 -19.03
CA LYS C 69 27.86 -14.71 -19.99
C LYS C 69 27.43 -14.31 -21.39
N GLY C 70 26.28 -13.67 -21.51
CA GLY C 70 25.78 -13.23 -22.83
C GLY C 70 26.66 -12.17 -23.44
N PHE C 71 27.24 -11.31 -22.61
CA PHE C 71 28.17 -10.30 -23.16
C PHE C 71 29.45 -10.99 -23.63
N VAL C 72 29.97 -11.92 -22.82
CA VAL C 72 31.18 -12.69 -23.21
C VAL C 72 30.86 -13.44 -24.50
N ASP C 73 29.72 -14.11 -24.53
CA ASP C 73 29.30 -14.85 -25.75
C ASP C 73 29.12 -13.88 -26.92
N ALA C 74 28.57 -12.69 -26.67
CA ALA C 74 28.33 -11.75 -27.76
C ALA C 74 29.61 -11.06 -28.21
N GLY C 75 30.68 -11.14 -27.42
CA GLY C 75 31.91 -10.48 -27.78
C GLY C 75 32.00 -9.02 -27.40
N TYR C 76 31.14 -8.55 -26.50
CA TYR C 76 31.19 -7.17 -26.02
C TYR C 76 31.28 -7.19 -24.49
N THR C 77 32.48 -6.97 -23.97
CA THR C 77 32.72 -6.92 -22.52
C THR C 77 33.42 -5.65 -22.08
N ASP C 78 33.83 -4.79 -23.02
CA ASP C 78 34.46 -3.53 -22.63
C ASP C 78 33.45 -2.66 -21.91
N ASN C 79 33.85 -2.12 -20.76
CA ASN C 79 32.99 -1.25 -19.97
C ASN C 79 31.71 -1.97 -19.54
N VAL C 80 31.83 -3.27 -19.28
CA VAL C 80 30.76 -4.10 -18.74
C VAL C 80 31.29 -4.74 -17.47
N TYR C 81 30.55 -4.55 -16.38
CA TYR C 81 31.03 -5.00 -15.06
C TYR C 81 30.07 -6.02 -14.44
N MET C 82 30.64 -7.16 -14.00
CA MET C 82 29.85 -8.20 -13.29
C MET C 82 29.56 -7.68 -11.88
N VAL C 83 28.32 -7.78 -11.42
CA VAL C 83 27.98 -7.33 -10.05
C VAL C 83 26.61 -7.88 -9.67
N GLY C 84 26.39 -8.12 -8.39
CA GLY C 84 25.04 -8.46 -7.91
C GLY C 84 24.12 -7.26 -7.88
N LEU C 85 22.85 -7.46 -8.22
CA LEU C 85 21.86 -6.36 -8.15
C LEU C 85 21.83 -5.85 -6.72
N HIS C 86 21.86 -6.76 -5.74
CA HIS C 86 21.77 -6.35 -4.31
C HIS C 86 22.92 -5.41 -3.95
N GLU C 87 24.17 -5.83 -4.16
CA GLU C 87 25.33 -4.99 -3.76
C GLU C 87 25.32 -3.70 -4.61
N LEU C 88 24.91 -3.80 -5.87
CA LEU C 88 24.84 -2.63 -6.78
C LEU C 88 23.95 -1.56 -6.15
N ALA C 89 22.78 -1.96 -5.65
CA ALA C 89 21.86 -1.00 -5.00
C ALA C 89 22.56 -0.32 -3.82
N ASN C 90 23.19 -1.12 -2.95
CA ASN C 90 23.85 -0.56 -1.74
C ASN C 90 24.95 0.42 -2.16
N ASN C 91 25.66 0.08 -3.23
CA ASN C 91 26.78 0.93 -3.71
C ASN C 91 26.24 2.23 -4.31
N ILE C 92 25.18 2.15 -5.13
CA ILE C 92 24.64 3.35 -5.83
C ILE C 92 24.13 4.37 -4.79
N LYS C 93 23.55 3.89 -3.69
CA LYS C 93 22.97 4.79 -2.65
C LYS C 93 24.08 5.33 -1.75
N SER C 94 25.30 4.85 -1.93
CA SER C 94 26.43 5.26 -1.06
C SER C 94 27.21 6.39 -1.73
N PRO C 95 27.05 7.65 -1.27
CA PRO C 95 27.69 8.80 -1.95
C PRO C 95 29.22 8.69 -2.06
N ASP C 96 29.84 7.89 -1.19
CA ASP C 96 31.32 7.74 -1.18
C ASP C 96 31.77 6.69 -2.19
N TRP C 97 30.84 5.95 -2.77
CA TRP C 97 31.22 4.94 -3.76
C TRP C 97 31.63 5.65 -5.05
N MET C 98 32.82 5.31 -5.55
CA MET C 98 33.39 5.96 -6.72
C MET C 98 33.10 5.20 -8.02
N GLY C 99 32.17 4.26 -8.00
CA GLY C 99 31.73 3.62 -9.22
C GLY C 99 32.69 2.57 -9.76
N PHE C 100 32.39 2.11 -10.97
CA PHE C 100 33.16 1.03 -11.57
C PHE C 100 34.46 1.51 -12.22
N ASP C 101 34.56 2.79 -12.55
CA ASP C 101 35.80 3.35 -13.06
C ASP C 101 36.57 4.12 -12.00
N GLY C 102 36.02 4.22 -10.79
CA GLY C 102 36.67 4.94 -9.72
C GLY C 102 36.56 6.44 -9.79
N LYS C 103 35.77 6.98 -10.72
CA LYS C 103 35.66 8.42 -10.91
C LYS C 103 34.48 9.05 -10.18
N GLY C 104 33.53 8.26 -9.71
CA GLY C 104 32.40 8.81 -8.98
C GLY C 104 31.16 7.96 -9.15
N GLY C 105 30.09 8.42 -8.52
CA GLY C 105 28.82 7.71 -8.55
C GLY C 105 28.10 7.93 -9.87
N TYR C 106 26.88 7.40 -9.93
CA TYR C 106 26.04 7.52 -11.11
C TYR C 106 24.82 8.36 -10.77
N ASP C 107 24.48 9.29 -11.67
CA ASP C 107 23.35 10.22 -11.42
C ASP C 107 22.07 9.64 -12.03
N LEU C 108 22.21 8.70 -12.97
CA LEU C 108 21.04 8.10 -13.65
C LEU C 108 21.25 6.58 -13.75
N VAL C 109 20.27 5.81 -13.29
CA VAL C 109 20.34 4.32 -13.41
C VAL C 109 19.13 3.84 -14.22
N ALA C 110 19.38 3.07 -15.27
CA ALA C 110 18.32 2.57 -16.13
C ALA C 110 18.35 1.05 -16.15
N VAL C 111 17.19 0.41 -15.87
CA VAL C 111 17.11 -1.05 -15.81
C VAL C 111 16.49 -1.60 -17.08
N LEU C 112 16.94 -2.80 -17.46
CA LEU C 112 16.50 -3.46 -18.67
C LEU C 112 16.74 -4.96 -18.52
N GLY C 113 15.77 -5.76 -18.96
CA GLY C 113 15.90 -7.21 -18.88
C GLY C 113 16.19 -7.76 -17.49
N GLY C 114 15.40 -7.37 -16.49
CA GLY C 114 15.59 -7.83 -15.12
C GLY C 114 14.38 -8.57 -14.60
N ILE C 115 14.63 -9.53 -13.69
CA ILE C 115 13.52 -10.19 -13.00
C ILE C 115 12.71 -9.14 -12.28
N TYR C 116 11.38 -9.16 -12.47
CA TYR C 116 10.55 -8.03 -12.08
C TYR C 116 10.69 -7.72 -10.59
N TYR C 117 10.38 -8.70 -9.74
CA TYR C 117 10.20 -8.40 -8.33
C TYR C 117 11.52 -8.05 -7.64
N SER C 118 12.65 -8.57 -8.12
CA SER C 118 13.93 -8.15 -7.58
C SER C 118 14.34 -6.80 -8.13
N THR C 119 14.19 -6.61 -9.45
CA THR C 119 14.51 -5.30 -10.03
C THR C 119 13.66 -4.21 -9.39
N SER C 120 12.38 -4.48 -9.14
CA SER C 120 11.52 -3.47 -8.52
C SER C 120 12.08 -3.05 -7.17
N GLN C 121 12.45 -4.03 -6.34
CA GLN C 121 13.01 -3.71 -5.04
C GLN C 121 14.36 -2.99 -5.16
N PHE C 122 15.13 -3.30 -6.20
CA PHE C 122 16.33 -2.54 -6.49
C PHE C 122 15.98 -1.08 -6.79
N LEU C 123 14.93 -0.86 -7.55
CA LEU C 123 14.48 0.53 -7.85
C LEU C 123 13.97 1.21 -6.56
N ILE C 124 13.17 0.52 -5.76
CA ILE C 124 12.58 1.14 -4.53
C ILE C 124 13.72 1.57 -3.60
N SER C 125 14.79 0.78 -3.55
CA SER C 125 15.94 1.09 -2.68
C SER C 125 16.51 2.45 -3.09
N ILE C 126 16.76 2.63 -4.38
CA ILE C 126 17.34 3.88 -4.86
C ILE C 126 16.36 5.04 -4.67
N LYS C 127 15.09 4.81 -4.99
CA LYS C 127 14.06 5.83 -4.81
C LYS C 127 14.05 6.35 -3.38
N ASN C 128 14.21 5.45 -2.40
CA ASN C 128 14.03 5.81 -1.01
C ASN C 128 15.33 6.11 -0.27
N CYS C 129 16.48 5.66 -0.77
CA CYS C 129 17.73 5.83 -0.08
C CYS C 129 18.75 6.68 -0.82
N ALA C 130 18.66 6.80 -2.13
CA ALA C 130 19.60 7.62 -2.92
C ALA C 130 18.96 8.98 -3.20
N THR C 131 18.91 9.80 -2.14
CA THR C 131 18.18 11.06 -2.16
C THR C 131 19.06 12.29 -2.15
N ASP C 132 20.34 12.17 -1.80
CA ASP C 132 21.20 13.34 -1.62
C ASP C 132 22.65 12.89 -1.61
N PRO C 133 23.31 12.79 -2.79
CA PRO C 133 22.84 13.36 -4.05
C PRO C 133 21.74 12.48 -4.63
N LEU C 134 20.77 13.12 -5.28
CA LEU C 134 19.67 12.39 -5.89
C LEU C 134 20.18 11.55 -7.06
N VAL C 135 19.82 10.26 -7.06
CA VAL C 135 20.07 9.38 -8.18
C VAL C 135 18.71 9.06 -8.80
N ARG C 136 18.57 9.36 -10.08
CA ARG C 136 17.32 9.08 -10.79
C ARG C 136 17.39 7.66 -11.34
N ALA C 137 16.37 6.87 -11.05
CA ALA C 137 16.28 5.50 -11.55
C ALA C 137 15.08 5.39 -12.46
N ILE C 138 15.32 4.87 -13.67
CA ILE C 138 14.28 4.73 -14.68
C ILE C 138 14.27 3.30 -15.18
N SER C 139 13.16 2.93 -15.83
CA SER C 139 13.03 1.57 -16.41
C SER C 139 12.73 1.68 -17.91
N ILE C 140 13.49 0.98 -18.75
CA ILE C 140 13.20 0.93 -20.20
C ILE C 140 12.82 -0.52 -20.50
N ASP C 141 12.35 -1.23 -19.46
CA ASP C 141 12.01 -2.68 -19.61
C ASP C 141 10.55 -2.84 -20.03
N ARG C 142 10.08 -4.09 -20.13
CA ARG C 142 8.70 -4.37 -20.61
C ARG C 142 7.69 -4.26 -19.46
N TYR C 143 8.14 -3.90 -18.25
CA TYR C 143 7.23 -3.87 -17.12
C TYR C 143 6.89 -2.44 -16.73
N TYR C 144 5.75 -2.28 -16.07
CA TYR C 144 5.43 -0.95 -15.50
C TYR C 144 6.10 -0.90 -14.12
N HIS C 145 7.26 -0.26 -14.03
CA HIS C 145 8.00 -0.23 -12.73
C HIS C 145 7.47 0.92 -11.87
N ILE C 146 6.45 0.64 -11.06
CA ILE C 146 5.85 1.68 -10.17
C ILE C 146 6.94 2.29 -9.29
N ALA C 147 8.02 1.54 -9.02
CA ALA C 147 9.08 2.02 -8.16
C ALA C 147 10.13 2.84 -8.89
N ALA C 148 10.10 2.86 -10.23
CA ALA C 148 10.96 3.74 -10.98
C ALA C 148 10.40 5.15 -11.00
N ARG C 149 11.30 6.11 -11.27
CA ARG C 149 10.87 7.49 -11.48
C ARG C 149 10.04 7.60 -12.75
N MET C 150 10.59 7.06 -13.83
CA MET C 150 9.88 7.06 -15.14
C MET C 150 9.96 5.64 -15.69
N THR C 151 8.94 5.22 -16.43
CA THR C 151 8.91 3.81 -16.89
C THR C 151 7.94 3.63 -18.06
N PHE C 152 8.03 2.50 -18.75
CA PHE C 152 7.03 2.18 -19.79
C PHE C 152 5.85 1.52 -19.08
N ASP C 153 4.73 1.36 -19.76
CA ASP C 153 3.62 0.59 -19.16
C ASP C 153 3.92 -0.89 -19.37
N ASN C 154 3.07 -1.77 -18.85
CA ASN C 154 3.30 -3.23 -18.99
C ASN C 154 3.14 -3.63 -20.46
N ILE C 155 4.11 -4.35 -21.00
CA ILE C 155 3.97 -4.89 -22.38
C ILE C 155 4.07 -6.42 -22.28
N SER C 156 2.96 -7.10 -22.50
CA SER C 156 2.90 -8.58 -22.38
C SER C 156 3.99 -9.25 -23.21
N ARG C 157 4.42 -10.43 -22.76
CA ARG C 157 5.44 -11.17 -23.50
C ARG C 157 4.99 -11.55 -24.89
N LYS C 158 3.69 -11.78 -25.09
CA LYS C 158 3.24 -12.08 -26.44
C LYS C 158 3.23 -10.85 -27.33
N ARG C 159 3.44 -9.66 -26.77
CA ARG C 159 3.61 -8.44 -27.54
C ARG C 159 5.05 -7.92 -27.47
N THR C 160 6.01 -8.85 -27.38
CA THR C 160 7.41 -8.45 -27.24
C THR C 160 7.90 -7.65 -28.44
N ASP C 161 7.38 -7.95 -29.63
CA ASP C 161 7.74 -7.17 -30.80
CA ASP C 161 7.76 -7.16 -30.81
C ASP C 161 7.47 -5.69 -30.58
N GLU C 162 6.37 -5.38 -29.89
CA GLU C 162 6.03 -3.97 -29.56
C GLU C 162 7.08 -3.39 -28.60
N PHE C 163 7.47 -4.17 -27.59
CA PHE C 163 8.48 -3.72 -26.60
C PHE C 163 9.79 -3.39 -27.34
N LYS C 164 10.16 -4.22 -28.30
CA LYS C 164 11.43 -4.02 -29.03
C LYS C 164 11.37 -2.77 -29.89
N GLU C 165 10.20 -2.44 -30.45
CA GLU C 165 10.10 -1.18 -31.22
C GLU C 165 10.33 -0.01 -30.27
N MET C 166 9.74 -0.07 -29.08
CA MET C 166 9.87 1.04 -28.11
C MET C 166 11.30 1.13 -27.60
N LEU C 167 11.92 -0.01 -27.28
CA LEU C 167 13.31 -0.01 -26.79
C LEU C 167 14.23 0.55 -27.89
N ASP C 168 14.01 0.09 -29.12
CA ASP C 168 14.84 0.62 -30.20
C ASP C 168 14.73 2.13 -30.30
N ARG C 169 13.54 2.68 -30.04
CA ARG C 169 13.38 4.13 -30.02
C ARG C 169 14.14 4.78 -28.86
N VAL C 170 14.26 4.08 -27.73
CA VAL C 170 15.11 4.57 -26.64
C VAL C 170 16.55 4.68 -27.12
N VAL C 171 17.04 3.62 -27.77
CA VAL C 171 18.45 3.58 -28.18
C VAL C 171 18.74 4.71 -29.16
N GLN C 172 17.85 4.94 -30.13
N GLN C 172 17.84 4.95 -30.12
CA GLN C 172 18.06 6.03 -31.08
CA GLN C 172 18.02 6.02 -31.08
C GLN C 172 18.01 7.40 -30.42
C GLN C 172 17.96 7.40 -30.44
N SER C 173 17.36 7.52 -29.27
CA SER C 173 17.23 8.81 -28.59
C SER C 173 18.35 9.10 -27.60
N ILE C 174 19.30 8.18 -27.51
CA ILE C 174 20.48 8.40 -26.63
C ILE C 174 21.60 9.02 -27.48
N GLU D 31 -8.70 -24.21 48.24
CA GLU D 31 -8.49 -23.78 49.62
C GLU D 31 -9.41 -22.60 49.95
N TRP D 32 -8.98 -21.39 49.54
CA TRP D 32 -9.76 -20.16 49.84
C TRP D 32 -11.03 -20.08 49.00
N GLU D 33 -11.03 -20.74 47.84
CA GLU D 33 -12.26 -20.81 47.02
C GLU D 33 -12.11 -22.05 46.15
N PRO D 34 -13.21 -22.64 45.66
CA PRO D 34 -13.11 -23.78 44.78
C PRO D 34 -12.43 -23.35 43.47
N MET D 35 -11.59 -24.21 42.92
CA MET D 35 -10.95 -23.90 41.66
C MET D 35 -11.98 -23.93 40.53
N GLY D 36 -12.14 -22.79 39.86
CA GLY D 36 -13.10 -22.70 38.74
C GLY D 36 -12.66 -23.56 37.56
N PRO D 37 -13.36 -23.49 36.40
CA PRO D 37 -13.06 -24.36 35.27
C PRO D 37 -11.92 -23.89 34.35
N THR D 38 -11.48 -22.64 34.46
CA THR D 38 -10.48 -22.12 33.48
C THR D 38 -9.24 -21.55 34.18
N PRO D 39 -8.46 -22.36 34.95
CA PRO D 39 -7.22 -21.88 35.55
C PRO D 39 -6.14 -21.68 34.49
N MET D 40 -5.53 -20.50 34.43
CA MET D 40 -4.49 -20.20 33.45
C MET D 40 -4.88 -20.74 32.07
N PRO D 41 -5.88 -20.14 31.44
CA PRO D 41 -6.40 -20.69 30.19
C PRO D 41 -5.45 -20.55 29.02
N GLY D 42 -5.56 -21.49 28.10
CA GLY D 42 -4.83 -21.39 26.83
C GLY D 42 -5.78 -20.87 25.78
N ILE D 43 -5.39 -20.86 24.51
CA ILE D 43 -6.21 -20.25 23.43
C ILE D 43 -7.64 -20.82 23.38
N VAL D 44 -7.81 -22.13 23.51
CA VAL D 44 -9.16 -22.78 23.34
C VAL D 44 -9.99 -22.78 24.62
N ASP D 45 -9.37 -22.53 25.77
CA ASP D 45 -10.07 -22.68 27.08
C ASP D 45 -11.23 -21.70 27.24
N LEU D 46 -11.15 -20.51 26.63
CA LEU D 46 -12.23 -19.55 26.71
C LEU D 46 -12.81 -19.23 25.32
N ARG D 47 -12.52 -20.08 24.34
CA ARG D 47 -13.00 -19.85 22.97
C ARG D 47 -14.52 -19.85 22.91
N ASP D 48 -15.18 -20.70 23.70
CA ASP D 48 -16.64 -20.76 23.64
C ASP D 48 -17.28 -19.48 24.18
N TRP D 49 -16.67 -18.85 25.18
CA TRP D 49 -17.16 -17.55 25.62
C TRP D 49 -16.97 -16.49 24.54
N ASP D 50 -15.83 -16.49 23.87
CA ASP D 50 -15.59 -15.52 22.76
C ASP D 50 -16.67 -15.64 21.69
N TYR D 51 -17.09 -16.87 21.37
CA TYR D 51 -18.12 -17.07 20.32
C TYR D 51 -19.46 -16.55 20.81
N LYS D 52 -19.69 -16.59 22.12
CA LYS D 52 -20.93 -15.98 22.67
C LYS D 52 -20.86 -14.48 22.39
N LEU D 53 -19.70 -13.88 22.62
CA LEU D 53 -19.56 -12.46 22.31
C LEU D 53 -19.70 -12.21 20.82
N MET D 54 -19.06 -13.02 19.99
CA MET D 54 -18.98 -12.73 18.55
C MET D 54 -20.23 -13.16 17.81
N ASP D 55 -20.97 -14.14 18.32
CA ASP D 55 -22.29 -14.44 17.76
C ASP D 55 -23.20 -13.22 17.83
N ARG D 56 -23.06 -12.41 18.86
CA ARG D 56 -23.87 -11.21 19.08
C ARG D 56 -23.24 -9.99 18.43
N TYR D 57 -21.96 -9.75 18.70
CA TYR D 57 -21.21 -8.62 18.17
C TYR D 57 -20.21 -9.19 17.17
N LYS D 58 -20.65 -9.39 15.93
CA LYS D 58 -19.81 -10.03 14.95
C LYS D 58 -18.64 -9.12 14.57
N PRO D 59 -17.48 -9.69 14.25
CA PRO D 59 -16.38 -8.86 13.76
C PRO D 59 -16.80 -8.09 12.53
N PHE D 60 -16.40 -6.82 12.48
CA PHE D 60 -16.60 -5.95 11.32
C PHE D 60 -15.23 -5.51 10.81
N TYR D 61 -15.05 -5.57 9.49
CA TYR D 61 -13.71 -5.30 8.92
C TYR D 61 -13.69 -4.15 7.92
N ALA D 62 -12.70 -3.27 8.07
CA ALA D 62 -12.47 -2.18 7.09
C ALA D 62 -10.96 -2.23 6.79
N PRO D 63 -10.53 -2.95 5.74
CA PRO D 63 -9.09 -3.13 5.46
C PRO D 63 -8.38 -1.83 5.07
N TYR D 64 -7.81 -1.13 6.06
CA TYR D 64 -7.02 0.10 5.78
C TYR D 64 -5.97 -0.28 4.73
N CYS D 65 -5.34 -1.44 4.90
CA CYS D 65 -4.41 -1.95 3.86
C CYS D 65 -5.06 -3.21 3.30
N GLU D 66 -5.29 -3.27 2.00
CA GLU D 66 -5.99 -4.44 1.40
C GLU D 66 -4.93 -5.45 0.96
N MET D 67 -3.70 -5.29 1.45
CA MET D 67 -2.61 -6.17 1.01
C MET D 67 -1.98 -6.89 2.20
N CYS D 68 -0.99 -7.73 1.94
CA CYS D 68 -0.24 -8.40 3.03
C CYS D 68 1.23 -8.42 2.61
N CYS D 69 2.11 -8.03 3.51
CA CYS D 69 3.54 -7.93 3.22
C CYS D 69 4.38 -8.91 4.04
N PHE D 70 3.76 -9.84 4.75
CA PHE D 70 4.45 -10.55 5.83
C PHE D 70 5.39 -11.67 5.38
N CYS D 71 5.34 -12.08 4.10
CA CYS D 71 6.16 -13.20 3.63
C CYS D 71 6.46 -13.01 2.15
N THR D 72 7.49 -13.71 1.65
CA THR D 72 8.00 -13.43 0.30
C THR D 72 7.11 -13.99 -0.81
N PHE D 73 6.09 -14.80 -0.51
CA PHE D 73 5.07 -15.09 -1.52
C PHE D 73 4.35 -13.82 -1.94
N GLY D 74 4.25 -12.86 -1.03
CA GLY D 74 3.56 -11.60 -1.33
C GLY D 74 4.34 -10.75 -2.31
N LYS D 75 3.99 -9.47 -2.42
CA LYS D 75 2.89 -8.84 -1.65
C LYS D 75 1.54 -9.33 -2.18
N CYS D 76 0.69 -9.79 -1.29
CA CYS D 76 -0.59 -10.38 -1.73
C CYS D 76 -1.70 -9.33 -1.75
N ASP D 77 -2.44 -9.27 -2.84
CA ASP D 77 -3.63 -8.44 -2.92
C ASP D 77 -4.82 -9.25 -2.43
N LEU D 78 -5.49 -8.73 -1.39
CA LEU D 78 -6.63 -9.39 -0.77
C LEU D 78 -7.94 -8.66 -1.05
N THR D 79 -7.91 -7.67 -1.95
CA THR D 79 -9.07 -6.84 -2.22
C THR D 79 -10.31 -7.67 -2.54
N GLY D 80 -11.44 -7.29 -1.93
CA GLY D 80 -12.70 -7.91 -2.28
C GLY D 80 -12.92 -9.27 -1.68
N GLY D 81 -12.13 -9.67 -0.70
CA GLY D 81 -12.29 -10.95 -0.05
C GLY D 81 -11.48 -12.08 -0.65
N LYS D 82 -10.40 -11.77 -1.36
CA LYS D 82 -9.58 -12.80 -1.97
C LYS D 82 -8.67 -13.44 -0.92
N LYS D 83 -8.03 -14.52 -1.32
CA LYS D 83 -7.13 -15.26 -0.46
C LYS D 83 -5.68 -14.97 -0.85
N GLY D 84 -4.83 -14.85 0.14
CA GLY D 84 -3.42 -14.67 -0.11
C GLY D 84 -2.78 -15.94 -0.64
N ALA D 85 -1.51 -15.80 -1.02
CA ALA D 85 -0.75 -16.91 -1.57
C ALA D 85 -0.60 -18.06 -0.58
N CYS D 86 -0.86 -17.82 0.69
CA CYS D 86 -0.88 -18.88 1.71
C CYS D 86 -2.26 -19.50 1.89
N GLY D 87 -3.29 -18.98 1.20
CA GLY D 87 -4.65 -19.44 1.37
C GLY D 87 -5.47 -18.64 2.37
N LEU D 88 -4.85 -17.70 3.08
CA LEU D 88 -5.55 -16.92 4.09
C LEU D 88 -6.47 -15.90 3.44
N ASP D 89 -7.73 -15.89 3.83
CA ASP D 89 -8.66 -14.96 3.21
C ASP D 89 -8.57 -13.59 3.88
N MET D 90 -9.12 -12.59 3.18
CA MET D 90 -8.94 -11.19 3.56
C MET D 90 -9.40 -10.95 4.99
N THR D 91 -10.59 -11.45 5.35
CA THR D 91 -11.10 -11.17 6.69
C THR D 91 -10.18 -11.76 7.74
N ALA D 92 -9.69 -12.98 7.52
CA ALA D 92 -8.80 -13.61 8.50
C ALA D 92 -7.50 -12.86 8.64
N GLN D 93 -7.02 -12.23 7.56
CA GLN D 93 -5.81 -11.40 7.66
C GLN D 93 -6.06 -10.16 8.51
N GLN D 94 -7.26 -9.56 8.41
CA GLN D 94 -7.58 -8.42 9.26
C GLN D 94 -7.57 -8.84 10.72
N ALA D 95 -8.21 -9.97 11.03
CA ALA D 95 -8.19 -10.50 12.39
C ALA D 95 -6.77 -10.84 12.83
N ARG D 96 -5.96 -11.37 11.90
CA ARG D 96 -4.56 -11.62 12.22
C ARG D 96 -3.82 -10.33 12.51
N PHE D 97 -4.14 -9.27 11.77
CA PHE D 97 -3.46 -8.00 11.98
C PHE D 97 -3.76 -7.42 13.36
N VAL D 98 -5.04 -7.42 13.78
N VAL D 98 -5.03 -7.44 13.78
CA VAL D 98 -5.35 -6.87 15.10
CA VAL D 98 -5.36 -6.87 15.09
C VAL D 98 -4.79 -7.76 16.20
C VAL D 98 -4.79 -7.76 16.20
N THR D 99 -4.68 -9.07 15.95
CA THR D 99 -4.03 -9.94 16.92
C THR D 99 -2.59 -9.54 17.12
N ILE D 100 -1.88 -9.23 16.03
CA ILE D 100 -0.51 -8.76 16.14
C ILE D 100 -0.46 -7.46 16.92
N ALA D 101 -1.39 -6.54 16.62
CA ALA D 101 -1.42 -5.28 17.36
C ALA D 101 -1.69 -5.52 18.84
N CYS D 102 -2.62 -6.43 19.14
CA CYS D 102 -2.91 -6.76 20.53
C CYS D 102 -1.69 -7.38 21.21
N LEU D 103 -1.00 -8.28 20.51
CA LEU D 103 0.21 -8.88 21.05
C LEU D 103 1.27 -7.83 21.38
N ILE D 104 1.38 -6.80 20.53
CA ILE D 104 2.37 -5.72 20.79
C ILE D 104 1.94 -4.96 22.05
N GLY D 105 0.65 -4.68 22.19
CA GLY D 105 0.18 -4.01 23.39
C GLY D 105 0.35 -4.88 24.61
N CYS D 106 -0.09 -6.13 24.53
CA CYS D 106 0.03 -7.05 25.65
C CYS D 106 1.48 -7.21 26.08
N SER D 107 2.39 -7.33 25.10
CA SER D 107 3.81 -7.45 25.42
C SER D 107 4.34 -6.18 26.08
N ALA D 108 3.82 -5.03 25.68
CA ALA D 108 4.32 -3.78 26.25
C ALA D 108 3.99 -3.71 27.73
N HIS D 109 2.77 -4.08 28.11
CA HIS D 109 2.38 -4.04 29.52
C HIS D 109 3.04 -5.16 30.30
N THR D 110 3.08 -6.38 29.74
CA THR D 110 3.70 -7.49 30.45
C THR D 110 5.18 -7.26 30.67
N ALA D 111 5.88 -6.82 29.63
CA ALA D 111 7.33 -6.59 29.76
C ALA D 111 7.63 -5.43 30.68
N HIS D 112 6.75 -4.42 30.71
CA HIS D 112 6.88 -3.33 31.67
C HIS D 112 6.79 -3.86 33.10
N GLY D 113 5.76 -4.67 33.39
CA GLY D 113 5.65 -5.24 34.72
C GLY D 113 6.83 -6.13 35.07
N ARG D 114 7.24 -6.99 34.14
CA ARG D 114 8.37 -7.92 34.38
C ARG D 114 9.64 -7.13 34.72
N HIS D 115 9.94 -6.11 33.94
CA HIS D 115 11.16 -5.29 34.15
C HIS D 115 11.10 -4.67 35.55
N MET D 116 9.98 -4.01 35.87
CA MET D 116 9.83 -3.35 37.18
C MET D 116 10.04 -4.39 38.28
N LEU D 117 9.36 -5.52 38.18
CA LEU D 117 9.51 -6.57 39.22
C LEU D 117 10.99 -6.94 39.31
N ASN D 118 11.62 -7.27 38.18
CA ASN D 118 13.03 -7.74 38.21
C ASN D 118 13.90 -6.77 39.00
N GLU D 119 13.69 -5.47 38.84
CA GLU D 119 14.57 -4.49 39.51
C GLU D 119 14.15 -4.27 40.96
N ILE D 120 12.85 -4.14 41.21
CA ILE D 120 12.37 -4.00 42.61
C ILE D 120 12.92 -5.17 43.42
N LEU D 121 12.82 -6.39 42.89
CA LEU D 121 13.28 -7.52 43.67
C LEU D 121 14.78 -7.47 43.88
N HIS D 122 15.52 -6.92 42.91
CA HIS D 122 16.98 -6.84 43.03
C HIS D 122 17.40 -5.63 43.85
N ILE D 123 16.80 -4.47 43.58
CA ILE D 123 17.23 -3.23 44.25
C ILE D 123 16.65 -3.14 45.65
N TYR D 124 15.33 -3.31 45.78
CA TYR D 124 14.67 -3.11 47.08
C TYR D 124 14.39 -4.46 47.77
N GLY D 125 13.95 -5.45 47.00
CA GLY D 125 13.69 -6.80 47.57
C GLY D 125 12.22 -7.16 47.54
N ASP D 126 11.89 -8.40 47.93
CA ASP D 126 10.47 -8.86 47.90
C ASP D 126 9.64 -8.05 48.90
N ARG D 127 8.39 -7.75 48.54
CA ARG D 127 7.50 -6.95 49.43
C ARG D 127 6.14 -7.65 49.55
N GLU D 128 5.71 -7.91 50.78
CA GLU D 128 4.38 -8.54 51.02
C GLU D 128 3.30 -7.62 50.45
N ILE D 129 2.32 -8.20 49.77
CA ILE D 129 1.26 -7.39 49.10
C ILE D 129 0.24 -6.96 50.14
N ASP D 130 0.31 -5.71 50.56
CA ASP D 130 -0.67 -5.15 51.50
C ASP D 130 -1.37 -4.00 50.80
N MET D 131 -2.63 -4.21 50.41
CA MET D 131 -3.37 -3.17 49.66
C MET D 131 -4.27 -2.38 50.61
N GLY D 132 -4.11 -2.57 51.92
CA GLY D 132 -4.88 -1.78 52.89
C GLY D 132 -5.99 -2.57 53.54
N THR D 133 -6.57 -2.04 54.61
CA THR D 133 -7.67 -2.73 55.34
C THR D 133 -8.95 -2.68 54.50
N GLY D 134 -9.11 -1.64 53.68
CA GLY D 134 -10.34 -1.48 52.89
C GLY D 134 -10.33 -2.29 51.61
N ILE D 135 -9.38 -3.22 51.46
CA ILE D 135 -9.37 -4.10 50.27
C ILE D 135 -8.98 -5.52 50.68
N ASN D 136 -9.86 -6.49 50.45
CA ASN D 136 -9.53 -7.91 50.76
C ASN D 136 -8.95 -8.60 49.54
N ILE D 137 -9.66 -8.57 48.40
CA ILE D 137 -9.09 -9.16 47.15
C ILE D 137 -7.96 -8.26 46.64
N GLU D 138 -6.71 -8.70 46.81
CA GLU D 138 -5.55 -7.92 46.33
C GLU D 138 -5.61 -7.75 44.80
N ALA D 139 -5.75 -8.84 44.05
CA ALA D 139 -5.70 -8.77 42.57
C ALA D 139 -6.83 -9.63 41.97
N PRO D 140 -8.05 -9.07 41.80
CA PRO D 140 -9.18 -9.82 41.25
C PRO D 140 -8.83 -10.50 39.92
N LEU D 141 -8.15 -9.79 39.01
CA LEU D 141 -7.83 -10.36 37.68
C LEU D 141 -6.90 -11.57 37.86
N THR D 142 -5.87 -11.45 38.69
CA THR D 142 -4.98 -12.59 38.92
C THR D 142 -5.77 -13.79 39.42
N ARG D 143 -6.60 -13.59 40.44
CA ARG D 143 -7.43 -14.70 40.93
C ARG D 143 -8.37 -15.19 39.84
N LEU D 144 -8.95 -14.27 39.08
CA LEU D 144 -9.96 -14.65 38.09
C LEU D 144 -9.37 -15.52 37.00
N ILE D 145 -8.19 -15.15 36.49
CA ILE D 145 -7.62 -15.86 35.31
C ILE D 145 -6.69 -17.01 35.71
N THR D 146 -5.81 -16.81 36.69
CA THR D 146 -4.81 -17.83 37.06
C THR D 146 -5.30 -18.70 38.24
N GLY D 147 -6.15 -18.15 39.10
CA GLY D 147 -6.57 -18.89 40.30
C GLY D 147 -5.60 -18.72 41.45
N ILE D 148 -4.58 -17.88 41.27
CA ILE D 148 -3.58 -17.65 42.32
C ILE D 148 -4.05 -16.52 43.23
N LYS D 149 -3.83 -16.71 44.52
CA LYS D 149 -3.96 -15.66 45.51
C LYS D 149 -2.56 -15.17 45.87
N PRO D 150 -2.08 -14.08 45.21
CA PRO D 150 -0.75 -13.57 45.47
C PRO D 150 -0.63 -12.97 46.88
N LYS D 151 0.47 -13.28 47.56
CA LYS D 151 0.71 -12.76 48.95
C LYS D 151 1.94 -11.86 48.96
N ARG D 152 2.95 -12.17 48.16
CA ARG D 152 4.16 -11.31 48.06
C ARG D 152 4.38 -10.91 46.60
N LEU D 153 5.21 -9.91 46.31
CA LEU D 153 5.53 -9.53 44.94
C LEU D 153 6.12 -10.71 44.18
N SER D 154 6.91 -11.54 44.85
CA SER D 154 7.51 -12.70 44.20
C SER D 154 6.47 -13.69 43.68
N ASP D 155 5.26 -13.68 44.24
CA ASP D 155 4.20 -14.57 43.77
C ASP D 155 3.65 -14.14 42.41
N PHE D 156 4.07 -13.00 41.88
CA PHE D 156 3.60 -12.54 40.54
C PHE D 156 4.49 -13.15 39.44
N ILE D 157 5.63 -13.69 39.81
CA ILE D 157 6.57 -14.30 38.82
C ILE D 157 5.86 -15.42 38.04
N PRO D 158 5.15 -16.37 38.66
CA PRO D 158 4.43 -17.39 37.90
C PRO D 158 3.31 -16.78 37.05
N VAL D 159 2.72 -15.68 37.49
CA VAL D 159 1.69 -15.01 36.65
C VAL D 159 2.38 -14.52 35.37
N LEU D 160 3.53 -13.87 35.54
CA LEU D 160 4.25 -13.33 34.34
C LEU D 160 4.74 -14.50 33.48
N ASP D 161 5.19 -15.58 34.11
CA ASP D 161 5.66 -16.77 33.34
C ASP D 161 4.52 -17.30 32.48
N TYR D 162 3.30 -17.27 32.98
CA TYR D 162 2.12 -17.78 32.25
C TYR D 162 1.83 -16.86 31.05
N ILE D 163 1.82 -15.56 31.31
CA ILE D 163 1.51 -14.59 30.23
C ILE D 163 2.59 -14.72 29.16
N GLU D 164 3.86 -14.77 29.55
CA GLU D 164 4.91 -14.79 28.55
C GLU D 164 4.86 -16.08 27.73
N GLU D 165 4.53 -17.20 28.37
CA GLU D 165 4.37 -18.44 27.62
C GLU D 165 3.18 -18.31 26.65
N GLN D 166 2.09 -17.71 27.10
CA GLN D 166 0.93 -17.53 26.25
C GLN D 166 1.23 -16.61 25.07
N ILE D 167 1.97 -15.52 25.33
CA ILE D 167 2.30 -14.58 24.26
C ILE D 167 3.01 -15.29 23.13
N ALA D 168 3.96 -16.17 23.47
CA ALA D 168 4.69 -16.90 22.43
C ALA D 168 3.80 -17.92 21.75
N GLN D 169 2.84 -18.49 22.48
CA GLN D 169 1.90 -19.41 21.85
C GLN D 169 1.06 -18.69 20.79
N VAL D 170 0.55 -17.51 21.13
CA VAL D 170 -0.35 -16.80 20.17
C VAL D 170 0.47 -16.16 19.04
N MET D 171 1.66 -15.66 19.34
CA MET D 171 2.53 -15.10 18.29
C MET D 171 2.82 -16.19 17.26
N ASP D 172 3.04 -17.42 17.72
CA ASP D 172 3.24 -18.56 16.80
C ASP D 172 2.04 -18.65 15.86
N SER D 173 0.85 -18.29 16.34
CA SER D 173 -0.42 -18.38 15.55
C SER D 173 -0.47 -17.38 14.38
N VAL D 174 0.33 -16.31 14.44
CA VAL D 174 0.27 -15.26 13.36
C VAL D 174 1.28 -15.62 12.27
N HIS D 175 2.06 -16.67 12.47
CA HIS D 175 3.00 -17.13 11.41
C HIS D 175 2.18 -17.59 10.21
N THR D 176 2.77 -17.47 9.04
CA THR D 176 2.12 -17.92 7.81
C THR D 176 1.74 -19.39 7.93
N GLY D 177 0.55 -19.72 7.43
CA GLY D 177 0.13 -21.10 7.41
C GLY D 177 -0.35 -21.62 8.75
N GLN D 178 -1.08 -20.79 9.49
CA GLN D 178 -1.64 -21.15 10.79
C GLN D 178 -3.15 -21.01 10.75
N GLU D 179 -3.74 -20.31 11.73
CA GLU D 179 -5.19 -20.12 11.76
C GLU D 179 -5.75 -19.66 10.43
N GLY D 180 -6.84 -20.31 10.01
CA GLY D 180 -7.52 -19.92 8.76
C GLY D 180 -8.89 -19.32 9.01
N SER D 181 -9.41 -19.47 10.23
CA SER D 181 -10.72 -18.87 10.58
C SER D 181 -10.51 -17.47 11.17
N ASN D 182 -11.18 -16.47 10.62
CA ASN D 182 -11.10 -15.09 11.15
C ASN D 182 -11.67 -15.06 12.57
N ILE D 183 -12.71 -15.86 12.81
CA ILE D 183 -13.36 -15.89 14.15
C ILE D 183 -12.35 -16.40 15.19
N ASP D 184 -11.63 -17.47 14.85
CA ASP D 184 -10.64 -18.06 15.80
C ASP D 184 -9.50 -17.06 16.03
N TYR D 185 -9.19 -16.24 15.02
CA TYR D 185 -8.16 -15.18 15.22
C TYR D 185 -8.68 -14.12 16.19
N GLU D 186 -9.92 -13.72 15.97
CA GLU D 186 -10.52 -12.76 16.91
C GLU D 186 -10.43 -13.36 18.31
N SER D 187 -10.79 -14.63 18.46
CA SER D 187 -10.71 -15.31 19.78
C SER D 187 -9.29 -15.21 20.31
N LYS D 188 -8.33 -15.43 19.43
CA LYS D 188 -6.90 -15.33 19.86
C LYS D 188 -6.62 -13.90 20.30
N ALA D 189 -7.20 -12.93 19.60
CA ALA D 189 -7.02 -11.50 19.96
C ALA D 189 -7.71 -11.25 21.29
N PHE D 190 -8.89 -11.84 21.47
CA PHE D 190 -9.55 -11.69 22.76
C PHE D 190 -8.70 -12.29 23.87
N HIS D 191 -8.08 -13.44 23.61
CA HIS D 191 -7.22 -14.07 24.59
C HIS D 191 -6.02 -13.17 24.92
N VAL D 192 -5.43 -12.55 23.91
CA VAL D 192 -4.32 -11.63 24.16
C VAL D 192 -4.82 -10.44 24.98
N GLY D 193 -6.04 -9.96 24.71
CA GLY D 193 -6.59 -8.87 25.49
C GLY D 193 -6.73 -9.22 26.96
N MET D 194 -7.30 -10.40 27.24
CA MET D 194 -7.39 -10.87 28.63
C MET D 194 -6.02 -10.93 29.28
N LEU D 195 -5.03 -11.46 28.56
CA LEU D 195 -3.68 -11.49 29.11
C LEU D 195 -3.15 -10.09 29.36
N ASP D 196 -3.55 -9.13 28.52
CA ASP D 196 -3.14 -7.75 28.70
C ASP D 196 -3.74 -7.16 29.98
N SER D 197 -5.02 -7.45 30.24
CA SER D 197 -5.63 -6.94 31.46
C SER D 197 -4.91 -7.52 32.68
N LEU D 198 -4.52 -8.79 32.61
CA LEU D 198 -3.71 -9.38 33.68
C LEU D 198 -2.33 -8.73 33.76
N GLY D 199 -1.69 -8.52 32.62
CA GLY D 199 -0.37 -7.90 32.63
C GLY D 199 -0.41 -6.49 33.19
N LYS D 200 -1.42 -5.71 32.80
CA LYS D 200 -1.60 -4.39 33.38
C LYS D 200 -1.75 -4.47 34.90
N GLU D 201 -2.59 -5.38 35.38
CA GLU D 201 -2.79 -5.48 36.83
C GLU D 201 -1.50 -5.82 37.55
N VAL D 202 -0.76 -6.80 37.04
CA VAL D 202 0.51 -7.21 37.72
C VAL D 202 1.41 -5.99 37.86
N ALA D 203 1.51 -5.19 36.79
CA ALA D 203 2.43 -4.03 36.79
C ALA D 203 1.99 -2.99 37.82
N ASP D 204 0.71 -2.59 37.82
CA ASP D 204 0.28 -1.50 38.73
C ASP D 204 0.40 -1.94 40.20
N ILE D 205 -0.07 -3.14 40.53
CA ILE D 205 -0.04 -3.58 41.95
C ILE D 205 1.44 -3.67 42.38
N VAL D 206 2.29 -4.21 41.50
CA VAL D 206 3.73 -4.29 41.82
C VAL D 206 4.24 -2.90 42.22
N GLN D 207 3.96 -1.86 41.43
CA GLN D 207 4.54 -0.53 41.73
C GLN D 207 3.79 0.09 42.90
N ILE D 208 2.48 -0.09 42.94
CA ILE D 208 1.71 0.40 44.08
C ILE D 208 2.33 -0.12 45.37
N VAL D 209 2.62 -1.41 45.41
CA VAL D 209 3.11 -2.05 46.63
C VAL D 209 4.56 -1.65 46.88
N ALA D 210 5.43 -1.75 45.86
CA ALA D 210 6.84 -1.50 46.07
C ALA D 210 7.09 -0.05 46.49
N PHE D 211 6.35 0.90 45.90
CA PHE D 211 6.58 2.32 46.09
C PHE D 211 5.52 3.00 46.96
N ASP D 212 4.62 2.22 47.56
CA ASP D 212 3.58 2.76 48.45
C ASP D 212 2.85 3.93 47.81
N LEU D 213 2.39 3.71 46.58
CA LEU D 213 1.52 4.65 45.90
C LEU D 213 0.14 4.63 46.58
N PRO D 214 -0.73 5.58 46.26
CA PRO D 214 -2.08 5.56 46.85
C PRO D 214 -2.75 4.22 46.63
N LYS D 215 -3.51 3.78 47.63
CA LYS D 215 -4.22 2.51 47.55
C LYS D 215 -5.70 2.81 47.73
N GLY D 216 -6.31 3.35 46.67
CA GLY D 216 -7.72 3.68 46.68
C GLY D 216 -8.07 4.97 47.39
N ASP D 217 -7.14 5.90 47.52
CA ASP D 217 -7.34 7.10 48.30
C ASP D 217 -8.41 7.99 47.65
N PRO D 218 -9.61 8.14 48.25
CA PRO D 218 -10.65 8.97 47.67
C PRO D 218 -10.30 10.45 47.72
N ASP D 219 -9.35 10.81 48.60
CA ASP D 219 -8.95 12.23 48.76
C ASP D 219 -7.51 12.37 48.26
N ALA D 220 -7.12 11.57 47.28
CA ALA D 220 -5.76 11.66 46.72
C ALA D 220 -5.40 13.11 46.42
N PRO D 221 -4.14 13.51 46.64
CA PRO D 221 -3.74 14.88 46.43
C PRO D 221 -3.94 15.34 44.98
N LEU D 222 -4.12 16.63 44.79
CA LEU D 222 -4.22 17.17 43.42
C LEU D 222 -2.85 17.74 43.03
N VAL D 223 -2.50 17.66 41.75
CA VAL D 223 -1.18 18.15 41.26
C VAL D 223 -1.40 19.02 40.03
N GLU D 224 -0.43 19.88 39.75
CA GLU D 224 -0.52 20.80 38.63
C GLU D 224 -0.26 20.09 37.30
N ILE D 225 -0.90 20.59 36.24
CA ILE D 225 -0.79 19.97 34.92
C ILE D 225 -0.99 21.04 33.86
N GLY D 226 -0.31 20.85 32.74
CA GLY D 226 -0.44 21.79 31.62
C GLY D 226 0.89 22.26 31.08
N MET D 227 0.89 22.76 29.85
CA MET D 227 2.12 23.28 29.22
C MET D 227 2.59 24.53 29.96
N GLY D 228 1.68 25.26 30.61
CA GLY D 228 2.04 26.55 31.22
C GLY D 228 2.20 26.48 32.72
N CYS D 229 2.27 25.25 33.26
CA CYS D 229 2.37 25.07 34.74
C CYS D 229 3.83 24.85 35.15
N ILE D 230 4.77 25.00 34.22
CA ILE D 230 6.20 24.74 34.54
C ILE D 230 6.89 26.05 34.95
N ASP D 231 7.61 26.01 36.07
CA ASP D 231 8.41 27.19 36.51
C ASP D 231 9.71 27.23 35.72
N GLU D 232 9.78 28.05 34.68
CA GLU D 232 10.97 28.07 33.78
C GLU D 232 12.17 28.65 34.51
N THR D 233 11.97 29.19 35.71
CA THR D 233 13.07 29.83 36.48
C THR D 233 13.91 28.77 37.19
N LYS D 234 13.42 27.55 37.28
CA LYS D 234 14.13 26.50 38.00
C LYS D 234 14.70 25.46 37.03
N PRO D 235 15.77 24.73 37.40
CA PRO D 235 16.24 23.65 36.56
C PRO D 235 15.03 22.73 36.29
N MET D 236 14.78 22.38 35.03
CA MET D 236 13.58 21.58 34.69
C MET D 236 13.98 20.20 34.14
N LEU D 237 13.68 19.15 34.90
CA LEU D 237 13.94 17.77 34.43
C LEU D 237 12.63 17.20 33.86
N LEU D 238 12.66 16.81 32.59
CA LEU D 238 11.50 16.23 31.92
C LEU D 238 11.67 14.72 31.80
N VAL D 239 10.65 13.97 32.21
CA VAL D 239 10.63 12.52 32.11
C VAL D 239 9.54 12.11 31.13
N ILE D 240 9.86 11.20 30.21
CA ILE D 240 8.92 10.74 29.19
C ILE D 240 8.91 9.22 29.20
N GLY D 241 7.72 8.64 29.17
CA GLY D 241 7.61 7.20 29.06
C GLY D 241 6.54 6.59 29.94
N HIS D 242 6.81 5.39 30.45
CA HIS D 242 5.80 4.65 31.25
C HIS D 242 6.40 3.99 32.49
N ASN D 243 7.70 3.69 32.46
CA ASN D 243 8.33 2.97 33.60
C ASN D 243 8.79 3.99 34.65
N VAL D 244 8.29 3.89 35.88
CA VAL D 244 8.56 4.91 36.93
C VAL D 244 9.85 4.61 37.71
N VAL D 245 10.37 3.40 37.61
CA VAL D 245 11.52 3.03 38.49
C VAL D 245 12.59 4.14 38.43
N PRO D 246 13.05 4.62 37.27
CA PRO D 246 14.08 5.66 37.26
C PRO D 246 13.64 6.96 37.92
N SER D 247 12.39 7.37 37.73
CA SER D 247 11.90 8.60 38.37
C SER D 247 11.80 8.45 39.88
N VAL D 248 11.57 7.24 40.38
CA VAL D 248 11.56 7.04 41.86
C VAL D 248 12.95 7.41 42.40
N SER D 249 14.00 6.99 41.72
CA SER D 249 15.38 7.31 42.16
C SER D 249 15.61 8.82 42.05
N VAL D 250 15.03 9.48 41.05
CA VAL D 250 15.16 10.96 40.95
C VAL D 250 14.58 11.58 42.22
N ILE D 251 13.33 11.24 42.55
CA ILE D 251 12.67 11.83 43.72
C ILE D 251 13.46 11.50 44.99
N ASP D 252 13.85 10.23 45.13
CA ASP D 252 14.56 9.83 46.35
C ASP D 252 15.91 10.55 46.45
N TYR D 253 16.59 10.74 45.32
CA TYR D 253 17.82 11.53 45.34
C TYR D 253 17.53 12.97 45.74
N MET D 254 16.46 13.55 45.18
CA MET D 254 16.11 14.93 45.52
C MET D 254 15.75 15.05 46.99
N ARG D 255 14.99 14.08 47.51
CA ARG D 255 14.63 14.12 48.93
C ARG D 255 15.87 13.97 49.81
N GLU D 256 16.83 13.16 49.39
CA GLU D 256 18.00 12.90 50.23
C GLU D 256 18.85 14.15 50.38
N HIS D 257 18.96 14.96 49.32
CA HIS D 257 19.80 16.15 49.33
C HIS D 257 18.99 17.43 49.39
N ASP D 258 17.71 17.34 49.77
CA ASP D 258 16.84 18.50 49.98
C ASP D 258 16.84 19.42 48.75
N LEU D 259 16.27 18.88 47.67
CA LEU D 259 16.24 19.59 46.39
C LEU D 259 14.84 19.69 45.79
N GLU D 260 13.80 19.30 46.55
CA GLU D 260 12.45 19.28 45.99
C GLU D 260 11.92 20.68 45.68
N ASP D 261 12.37 21.69 46.43
CA ASP D 261 11.99 23.06 46.10
C ASP D 261 12.89 23.68 45.04
N LYS D 262 14.01 23.04 44.70
CA LYS D 262 15.00 23.65 43.83
C LYS D 262 14.90 23.17 42.38
N ILE D 263 14.34 22.00 42.13
CA ILE D 263 14.29 21.44 40.78
C ILE D 263 12.84 21.18 40.43
N GLU D 264 12.53 21.48 39.16
CA GLU D 264 11.16 21.31 38.64
C GLU D 264 11.10 20.01 37.84
N VAL D 265 10.45 18.98 38.38
CA VAL D 265 10.38 17.66 37.76
C VAL D 265 8.96 17.47 37.23
N ALA D 266 8.84 17.25 35.92
CA ALA D 266 7.55 17.04 35.28
C ALA D 266 7.69 15.95 34.23
N GLY D 267 6.56 15.37 33.85
CA GLY D 267 6.57 14.25 32.92
C GLY D 267 5.55 14.43 31.81
N ILE D 268 5.76 13.65 30.75
CA ILE D 268 4.84 13.54 29.63
C ILE D 268 4.43 12.08 29.50
N CYS D 269 3.13 11.84 29.31
CA CYS D 269 2.59 10.49 29.26
C CYS D 269 2.71 9.82 30.62
N CYS D 270 2.49 8.50 30.70
CA CYS D 270 2.14 7.87 31.97
C CYS D 270 3.25 7.92 33.02
N THR D 271 4.51 8.07 32.62
CA THR D 271 5.58 8.21 33.65
C THR D 271 5.23 9.41 34.53
N ALA D 272 4.57 10.42 33.95
CA ALA D 272 4.16 11.61 34.72
C ALA D 272 3.15 11.20 35.80
N ILE D 273 2.16 10.39 35.41
CA ILE D 273 1.10 9.97 36.37
C ILE D 273 1.77 9.15 37.48
N ASP D 274 2.62 8.20 37.13
CA ASP D 274 3.23 7.36 38.16
C ASP D 274 4.20 8.17 39.03
N THR D 275 4.83 9.20 38.47
CA THR D 275 5.74 10.02 39.27
C THR D 275 4.95 10.84 40.31
N THR D 276 3.86 11.48 39.89
CA THR D 276 3.07 12.25 40.84
C THR D 276 2.34 11.36 41.83
N ARG D 277 2.14 10.07 41.50
CA ARG D 277 1.65 9.14 42.51
C ARG D 277 2.68 8.90 43.59
N TYR D 278 3.96 9.03 43.26
CA TYR D 278 5.04 8.87 44.23
C TYR D 278 5.32 10.16 44.97
N SER D 279 5.31 11.28 44.24
CA SER D 279 5.56 12.60 44.86
C SER D 279 4.59 13.63 44.32
N ASP D 280 3.72 14.18 45.17
CA ASP D 280 2.81 15.24 44.75
C ASP D 280 3.49 16.60 44.63
N ARG D 281 4.84 16.62 44.61
CA ARG D 281 5.60 17.85 44.40
C ARG D 281 6.00 17.94 42.94
N ALA D 282 5.86 16.85 42.19
CA ALA D 282 6.11 16.89 40.76
C ALA D 282 4.87 17.41 40.04
N LYS D 283 5.03 17.67 38.74
CA LYS D 283 3.95 18.16 37.90
C LYS D 283 3.86 17.30 36.65
N ILE D 284 2.84 17.55 35.86
CA ILE D 284 2.59 16.85 34.61
C ILE D 284 2.53 17.88 33.49
N VAL D 285 3.34 17.69 32.45
CA VAL D 285 3.30 18.64 31.29
C VAL D 285 2.00 18.38 30.51
N GLY D 286 1.77 17.14 30.08
CA GLY D 286 0.58 16.88 29.25
C GLY D 286 0.56 15.52 28.58
N SER D 287 -0.32 15.36 27.58
CA SER D 287 -0.51 14.05 26.91
C SER D 287 0.41 13.89 25.69
N ILE D 288 0.32 12.74 25.02
CA ILE D 288 1.15 12.44 23.81
C ILE D 288 1.13 13.62 22.84
N GLY D 289 -0.05 14.16 22.57
CA GLY D 289 -0.18 15.24 21.59
C GLY D 289 0.68 16.44 21.95
N ARG D 290 0.98 16.59 23.23
CA ARG D 290 1.76 17.72 23.68
C ARG D 290 3.26 17.47 23.63
N GLN D 291 3.69 16.21 23.50
CA GLN D 291 5.10 15.88 23.66
C GLN D 291 5.98 16.74 22.77
N LEU D 292 5.79 16.65 21.46
CA LEU D 292 6.70 17.37 20.52
C LEU D 292 6.77 18.86 20.85
N ARG D 293 5.63 19.49 21.14
CA ARG D 293 5.62 20.96 21.33
C ARG D 293 6.42 21.36 22.59
N PHE D 294 6.29 20.59 23.67
CA PHE D 294 7.04 20.91 24.91
C PHE D 294 8.53 20.68 24.71
N VAL D 295 8.87 19.56 24.07
CA VAL D 295 10.30 19.29 23.79
C VAL D 295 10.87 20.46 22.99
N ARG D 296 10.21 20.84 21.89
CA ARG D 296 10.67 21.98 21.05
CA ARG D 296 10.67 21.99 21.05
C ARG D 296 10.77 23.35 21.77
N SER D 297 9.94 23.50 22.81
CA SER D 297 9.96 24.75 23.61
C SER D 297 11.34 24.89 24.26
N GLY D 298 12.04 23.77 24.41
CA GLY D 298 13.32 23.83 25.07
C GLY D 298 13.28 24.24 26.53
N ILE D 299 12.14 24.09 27.20
CA ILE D 299 12.06 24.40 28.63
C ILE D 299 12.90 23.40 29.42
N ALA D 300 12.91 22.14 29.01
CA ALA D 300 13.65 21.12 29.72
C ALA D 300 15.15 21.30 29.56
N ASP D 301 15.88 21.23 30.67
CA ASP D 301 17.34 21.25 30.64
C ASP D 301 17.93 19.85 30.46
N VAL D 302 17.24 18.82 30.93
CA VAL D 302 17.65 17.43 30.77
C VAL D 302 16.39 16.61 30.52
N ILE D 303 16.48 15.65 29.60
CA ILE D 303 15.31 14.81 29.27
C ILE D 303 15.67 13.35 29.57
N MET D 304 14.93 12.73 30.49
CA MET D 304 15.16 11.32 30.85
C MET D 304 13.99 10.50 30.32
N VAL D 305 14.26 9.58 29.40
CA VAL D 305 13.17 8.78 28.78
C VAL D 305 13.35 7.33 29.23
N ASP D 306 12.26 6.58 29.26
CA ASP D 306 12.34 5.15 29.65
C ASP D 306 11.81 4.31 28.47
N GLU D 307 10.49 4.10 28.41
CA GLU D 307 9.96 3.21 27.34
C GLU D 307 8.49 3.47 27.02
N GLN D 308 8.11 3.41 25.75
CA GLN D 308 6.73 3.43 25.28
C GLN D 308 6.19 4.85 25.13
N CYS D 309 5.68 5.16 23.94
CA CYS D 309 5.04 6.42 23.61
C CYS D 309 6.00 7.61 23.67
N ILE D 310 7.28 7.37 23.49
CA ILE D 310 8.29 8.42 23.43
C ILE D 310 8.55 8.76 21.97
N ARG D 311 8.61 10.05 21.66
CA ARG D 311 8.96 10.46 20.31
C ARG D 311 10.21 9.72 19.85
N ALA D 312 10.10 9.00 18.74
CA ALA D 312 11.23 8.20 18.27
C ALA D 312 12.39 9.07 17.79
N ASP D 313 12.16 10.36 17.56
CA ASP D 313 13.22 11.31 17.23
C ASP D 313 13.64 12.15 18.44
N ILE D 314 13.43 11.65 19.65
CA ILE D 314 13.68 12.45 20.84
C ILE D 314 15.14 12.86 20.95
N LEU D 315 16.06 12.03 20.45
CA LEU D 315 17.48 12.39 20.49
C LEU D 315 17.73 13.63 19.64
N GLU D 316 17.24 13.62 18.40
CA GLU D 316 17.36 14.78 17.54
C GLU D 316 16.70 16.00 18.16
N GLN D 317 15.49 15.83 18.73
CA GLN D 317 14.77 16.96 19.31
C GLN D 317 15.49 17.49 20.54
N ALA D 318 16.02 16.60 21.38
CA ALA D 318 16.73 17.04 22.57
C ALA D 318 18.04 17.75 22.19
N LYS D 319 18.80 17.18 21.26
CA LYS D 319 20.01 17.83 20.79
C LYS D 319 19.73 19.23 20.29
N ARG D 320 18.67 19.38 19.51
CA ARG D 320 18.30 20.69 18.97
C ARG D 320 18.15 21.75 20.05
N THR D 321 17.67 21.37 21.24
CA THR D 321 17.47 22.33 22.31
C THR D 321 18.59 22.30 23.35
N HIS D 322 19.72 21.66 23.03
CA HIS D 322 20.89 21.61 23.92
C HIS D 322 20.57 20.93 25.24
N ALA D 323 19.69 19.93 25.20
CA ALA D 323 19.29 19.19 26.39
C ALA D 323 19.83 17.79 26.32
N PRO D 324 20.73 17.38 27.23
CA PRO D 324 21.18 15.99 27.23
C PRO D 324 20.02 15.02 27.40
N LEU D 325 20.14 13.88 26.74
CA LEU D 325 19.12 12.84 26.77
C LEU D 325 19.66 11.65 27.57
N ILE D 326 18.88 11.20 28.54
CA ILE D 326 19.20 10.03 29.33
C ILE D 326 18.18 8.95 29.00
N ALA D 327 18.64 7.85 28.39
CA ALA D 327 17.80 6.70 28.08
C ALA D 327 18.06 5.62 29.13
N THR D 328 16.97 5.14 29.74
CA THR D 328 17.06 4.28 30.91
C THR D 328 16.49 2.89 30.68
N ASN D 329 16.06 2.56 29.45
CA ASN D 329 15.41 1.29 29.17
C ASN D 329 15.91 0.71 27.87
N ASP D 330 16.14 -0.60 27.86
CA ASP D 330 16.75 -1.24 26.70
C ASP D 330 15.78 -1.37 25.52
N LYS D 331 14.52 -0.96 25.68
CA LYS D 331 13.63 -0.93 24.51
C LYS D 331 13.96 0.23 23.59
N ALA D 332 14.66 1.26 24.07
CA ALA D 332 14.87 2.47 23.29
C ALA D 332 16.23 3.03 23.67
N LEU D 333 17.24 2.72 22.85
CA LEU D 333 18.61 3.13 23.12
C LEU D 333 19.13 4.23 22.20
N TYR D 334 18.55 4.40 21.02
CA TYR D 334 18.83 5.54 20.15
C TYR D 334 20.29 5.61 19.70
N GLY D 335 20.96 4.45 19.61
CA GLY D 335 22.35 4.42 19.20
C GLY D 335 23.34 5.01 20.18
N LEU D 336 22.93 5.25 21.42
CA LEU D 336 23.78 5.88 22.41
C LEU D 336 24.63 4.86 23.12
N VAL D 337 25.78 5.31 23.63
CA VAL D 337 26.69 4.44 24.34
C VAL D 337 26.08 3.98 25.65
N ASP D 338 26.20 2.68 25.95
CA ASP D 338 25.73 2.13 27.22
C ASP D 338 26.78 2.42 28.29
N ARG D 339 26.48 3.37 29.18
CA ARG D 339 27.39 3.77 30.24
C ARG D 339 26.89 3.35 31.61
N THR D 340 26.15 2.24 31.66
CA THR D 340 25.63 1.74 32.93
C THR D 340 26.74 1.52 33.95
N ASP D 341 27.90 1.05 33.50
CA ASP D 341 29.01 0.75 34.40
C ASP D 341 29.92 1.95 34.67
N ASP D 342 29.67 3.09 34.03
CA ASP D 342 30.50 4.27 34.25
C ASP D 342 30.08 5.01 35.51
N SER D 343 31.02 5.73 36.11
CA SER D 343 30.70 6.54 37.27
C SER D 343 29.81 7.71 36.87
N ALA D 344 28.96 8.14 37.80
CA ALA D 344 28.10 9.28 37.54
C ALA D 344 28.91 10.53 37.23
N ASP D 345 30.02 10.71 37.95
CA ASP D 345 30.92 11.82 37.66
C ASP D 345 31.34 11.82 36.20
N ASP D 346 31.81 10.67 35.71
CA ASP D 346 32.30 10.61 34.33
C ASP D 346 31.18 10.81 33.33
N ILE D 347 30.00 10.24 33.61
CA ILE D 347 28.87 10.45 32.70
C ILE D 347 28.53 11.92 32.60
N ILE D 348 28.47 12.61 33.76
CA ILE D 348 28.14 14.03 33.75
C ILE D 348 29.18 14.81 32.96
N THR D 349 30.47 14.49 33.16
CA THR D 349 31.52 15.15 32.41
C THR D 349 31.31 14.99 30.90
N ILE D 350 31.03 13.75 30.47
CA ILE D 350 30.78 13.50 29.05
C ILE D 350 29.63 14.34 28.53
N LEU D 351 28.55 14.43 29.31
CA LEU D 351 27.34 15.12 28.87
C LEU D 351 27.49 16.63 28.90
N VAL D 352 28.03 17.17 30.00
CA VAL D 352 28.26 18.61 30.07
C VAL D 352 29.22 19.06 28.99
N SER D 353 30.22 18.23 28.70
CA SER D 353 31.24 18.54 27.66
C SER D 353 30.59 18.58 26.28
N GLY D 354 29.45 17.91 26.14
CA GLY D 354 28.84 17.79 24.84
C GLY D 354 29.49 16.79 23.91
N LYS D 355 30.46 16.00 24.39
CA LYS D 355 31.09 15.04 23.50
C LYS D 355 30.09 13.99 23.02
N GLU D 356 29.11 13.66 23.84
CA GLU D 356 28.01 12.78 23.44
C GLU D 356 26.69 13.47 23.77
N PRO D 357 25.69 13.40 22.87
CA PRO D 357 24.43 14.11 23.12
C PRO D 357 23.51 13.41 24.10
N GLY D 358 23.85 12.20 24.52
CA GLY D 358 23.03 11.45 25.45
C GLY D 358 23.77 10.20 25.83
N VAL D 359 23.18 9.44 26.76
CA VAL D 359 23.79 8.21 27.24
C VAL D 359 22.69 7.23 27.61
N VAL D 360 23.04 5.97 27.68
CA VAL D 360 22.17 4.92 28.20
C VAL D 360 22.65 4.57 29.60
N ILE D 361 21.74 4.63 30.58
CA ILE D 361 22.02 4.24 31.96
C ILE D 361 20.90 3.30 32.37
N LEU D 362 21.18 2.00 32.33
CA LEU D 362 20.16 1.00 32.65
C LEU D 362 20.09 0.70 34.14
N ASP D 363 20.91 1.36 34.95
CA ASP D 363 20.82 1.31 36.39
C ASP D 363 20.00 2.50 36.86
N PRO D 364 18.77 2.30 37.34
CA PRO D 364 17.91 3.46 37.63
C PRO D 364 18.40 4.29 38.81
N VAL D 365 19.00 3.67 39.82
CA VAL D 365 19.61 4.43 40.90
C VAL D 365 20.62 5.41 40.34
N LYS D 366 21.57 4.92 39.55
CA LYS D 366 22.58 5.78 38.95
C LYS D 366 21.95 6.79 38.00
N ALA D 367 20.95 6.37 37.22
CA ALA D 367 20.32 7.29 36.28
C ALA D 367 19.65 8.44 37.00
N GLY D 368 19.05 8.19 38.16
CA GLY D 368 18.43 9.25 38.92
C GLY D 368 19.44 10.26 39.44
N GLU D 369 20.60 9.77 39.90
CA GLU D 369 21.64 10.68 40.39
C GLU D 369 22.16 11.56 39.26
N VAL D 370 22.47 10.96 38.12
CA VAL D 370 22.98 11.71 36.98
C VAL D 370 21.96 12.76 36.55
N ALA D 371 20.69 12.37 36.42
CA ALA D 371 19.69 13.32 35.96
C ALA D 371 19.59 14.53 36.88
N VAL D 372 19.58 14.28 38.19
CA VAL D 372 19.38 15.38 39.17
C VAL D 372 20.64 16.25 39.23
N ARG D 373 21.81 15.62 39.26
CA ARG D 373 23.04 16.41 39.28
C ARG D 373 23.21 17.17 37.96
N LEU D 374 22.84 16.54 36.86
CA LEU D 374 23.07 17.13 35.54
C LEU D 374 22.10 18.29 35.27
N VAL D 375 20.84 18.15 35.70
CA VAL D 375 19.85 19.22 35.35
C VAL D 375 20.23 20.52 36.05
N GLN D 376 20.90 20.43 37.19
CA GLN D 376 21.34 21.65 37.84
C GLN D 376 22.45 22.34 37.06
N ILE D 377 23.39 21.57 36.53
CA ILE D 377 24.51 22.17 35.74
C ILE D 377 23.96 22.73 34.42
N MET D 378 23.09 21.99 33.76
CA MET D 378 22.59 22.39 32.41
C MET D 378 21.70 23.64 32.51
N HIS D 379 20.94 23.78 33.60
CA HIS D 379 20.06 24.96 33.76
C HIS D 379 20.89 26.24 33.55
N GLU D 380 22.04 26.29 34.19
CA GLU D 380 22.86 27.49 34.04
C GLU D 380 23.41 27.60 32.62
N LYS D 381 23.89 26.49 32.07
CA LYS D 381 24.51 26.50 30.75
C LYS D 381 23.51 26.92 29.67
N ARG D 382 22.26 26.50 29.81
CA ARG D 382 21.26 26.73 28.73
C ARG D 382 20.56 28.07 28.93
N LYS D 383 20.88 28.79 30.00
CA LYS D 383 20.14 30.05 30.28
C LYS D 383 20.30 30.99 29.08
N GLY D 384 19.21 31.63 28.66
CA GLY D 384 19.30 32.60 27.58
C GLY D 384 18.99 32.01 26.21
N LEU D 385 19.02 30.69 26.10
CA LEU D 385 18.79 30.08 24.79
C LEU D 385 17.37 30.41 24.31
N VAL D 386 17.22 30.47 22.99
CA VAL D 386 15.93 30.72 22.36
C VAL D 386 15.68 29.55 21.40
N HIS D 387 14.46 29.01 21.44
CA HIS D 387 14.13 27.82 20.67
C HIS D 387 12.98 28.03 19.69
N LEU D 388 11.94 28.75 20.07
CA LEU D 388 10.84 29.01 19.16
C LEU D 388 11.18 30.19 18.25
N PRO D 389 10.48 30.31 17.13
CA PRO D 389 10.75 31.43 16.22
C PRO D 389 10.61 32.77 16.93
N THR D 390 11.48 33.70 16.58
CA THR D 390 11.32 35.08 16.99
C THR D 390 10.17 35.72 16.21
N ASP D 391 9.78 36.93 16.62
CA ASP D 391 8.74 37.64 15.91
C ASP D 391 9.11 37.82 14.44
N GLU D 392 10.35 38.19 14.16
CA GLU D 392 10.78 38.39 12.77
C GLU D 392 10.80 37.07 12.01
N GLU D 393 11.32 36.02 12.63
CA GLU D 393 11.31 34.71 11.99
C GLU D 393 9.89 34.24 11.74
N PHE D 394 8.99 34.45 12.71
CA PHE D 394 7.59 34.10 12.53
C PHE D 394 6.99 34.83 11.32
N LYS D 395 7.23 36.14 11.25
CA LYS D 395 6.69 36.93 10.14
C LYS D 395 7.22 36.43 8.79
N GLU D 396 8.51 36.08 8.74
CA GLU D 396 9.07 35.57 7.49
C GLU D 396 8.40 34.28 7.07
N TYR D 397 8.15 33.37 8.03
CA TYR D 397 7.59 32.07 7.69
C TYR D 397 6.18 32.19 7.13
N VAL D 398 5.34 33.00 7.77
CA VAL D 398 3.95 33.07 7.32
C VAL D 398 3.87 33.78 5.98
N GLU D 399 4.82 34.67 5.71
CA GLU D 399 4.76 35.45 4.45
C GLU D 399 5.24 34.59 3.28
N MET D 400 6.25 33.74 3.50
CA MET D 400 6.82 32.90 2.42
C MET D 400 5.87 31.75 2.08
N CYS D 401 4.97 31.42 2.99
CA CYS D 401 3.99 30.33 2.74
C CYS D 401 3.31 30.57 1.41
N GLN D 402 3.24 29.53 0.59
CA GLN D 402 2.64 29.60 -0.73
C GLN D 402 1.18 29.20 -0.76
N ASN D 403 0.57 28.96 0.40
CA ASN D 403 -0.85 28.53 0.48
C ASN D 403 -1.12 27.39 -0.50
N CYS D 404 -0.24 26.39 -0.50
CA CYS D 404 -0.35 25.23 -1.42
C CYS D 404 -1.73 24.59 -1.29
N ASP D 405 -2.36 24.23 -2.42
CA ASP D 405 -3.69 23.58 -2.41
C ASP D 405 -3.66 22.26 -1.64
N ALA D 406 -2.59 21.46 -1.79
CA ALA D 406 -2.62 20.12 -1.19
C ALA D 406 -1.22 19.59 -0.87
N ASN D 407 -0.56 20.20 0.10
CA ASN D 407 0.74 19.67 0.54
C ASN D 407 0.66 19.39 2.04
N CYS D 408 0.92 20.37 2.89
CA CYS D 408 0.97 20.11 4.33
C CYS D 408 -0.39 19.65 4.87
N VAL D 409 -1.48 20.19 4.36
CA VAL D 409 -2.84 19.76 4.80
C VAL D 409 -3.04 18.28 4.51
N ILE D 410 -2.47 17.77 3.42
CA ILE D 410 -2.65 16.34 3.01
C ILE D 410 -1.80 15.42 3.90
N ALA D 411 -0.66 15.91 4.37
CA ALA D 411 0.21 15.09 5.24
C ALA D 411 -0.32 15.10 6.68
N CYS D 412 -1.20 16.05 6.99
CA CYS D 412 -1.64 16.17 8.38
C CYS D 412 -2.74 15.16 8.66
N PRO D 413 -2.61 14.36 9.73
CA PRO D 413 -3.65 13.37 10.01
C PRO D 413 -4.98 13.98 10.35
N GLN D 414 -5.02 15.26 10.73
CA GLN D 414 -6.28 15.96 11.00
C GLN D 414 -6.67 16.92 9.89
N GLY D 415 -5.89 16.99 8.81
CA GLY D 415 -6.20 17.90 7.72
C GLY D 415 -6.37 19.33 8.18
N LEU D 416 -5.45 19.80 9.01
CA LEU D 416 -5.60 21.15 9.56
C LEU D 416 -5.32 22.19 8.47
N PRO D 417 -6.06 23.31 8.47
CA PRO D 417 -5.90 24.31 7.40
C PRO D 417 -4.70 25.23 7.64
N ILE D 418 -3.52 24.62 7.55
CA ILE D 418 -2.27 25.28 7.90
C ILE D 418 -1.99 26.43 6.95
N GLY D 419 -2.14 26.19 5.65
CA GLY D 419 -1.81 27.24 4.66
C GLY D 419 -2.63 28.49 4.87
N GLU D 420 -3.95 28.33 4.96
CA GLU D 420 -4.85 29.50 5.13
C GLU D 420 -4.49 30.23 6.43
N ALA D 421 -4.31 29.49 7.52
CA ALA D 421 -3.91 30.10 8.80
C ALA D 421 -2.65 30.96 8.59
N ASN D 422 -1.68 30.42 7.86
CA ASN D 422 -0.44 31.16 7.62
C ASN D 422 -0.72 32.48 6.91
N LYS D 423 -1.57 32.44 5.88
CA LYS D 423 -1.87 33.65 5.13
C LYS D 423 -2.61 34.67 6.00
N ALA D 424 -3.52 34.18 6.84
CA ALA D 424 -4.22 35.08 7.76
C ALA D 424 -3.21 35.80 8.66
N ALA D 425 -2.28 35.04 9.25
CA ALA D 425 -1.28 35.64 10.14
C ALA D 425 -0.42 36.64 9.38
N ALA D 426 -0.09 36.34 8.12
CA ALA D 426 0.69 37.28 7.32
C ALA D 426 -0.06 38.60 7.14
N ALA D 427 -1.38 38.56 7.17
CA ALA D 427 -2.21 39.76 7.06
C ALA D 427 -2.62 40.31 8.41
N GLY D 428 -2.03 39.83 9.50
CA GLY D 428 -2.25 40.40 10.82
C GLY D 428 -3.16 39.63 11.75
N ASN D 429 -3.70 38.51 11.30
CA ASN D 429 -4.64 37.70 12.08
C ASN D 429 -3.95 36.38 12.45
N ILE D 430 -3.47 36.28 13.70
CA ILE D 430 -2.81 35.05 14.14
C ILE D 430 -3.76 34.07 14.83
N GLU D 431 -5.04 34.40 14.95
CA GLU D 431 -5.95 33.54 15.70
C GLU D 431 -6.15 32.22 14.97
N PRO D 432 -6.30 32.21 13.64
CA PRO D 432 -6.40 30.92 12.95
C PRO D 432 -5.26 29.97 13.28
N LEU D 433 -4.02 30.46 13.28
CA LEU D 433 -2.89 29.62 13.65
C LEU D 433 -2.99 29.19 15.12
N ALA D 434 -3.30 30.14 16.01
CA ALA D 434 -3.38 29.83 17.43
C ALA D 434 -4.44 28.77 17.70
N GLU D 435 -5.51 28.76 16.92
CA GLU D 435 -6.56 27.77 17.10
C GLU D 435 -6.08 26.36 16.76
N LEU D 436 -5.04 26.25 15.94
CA LEU D 436 -4.55 24.93 15.53
C LEU D 436 -3.77 24.24 16.64
N PHE D 437 -3.30 24.97 17.66
CA PHE D 437 -2.39 24.37 18.62
C PHE D 437 -3.03 23.18 19.32
N ASP D 438 -4.26 23.33 19.79
CA ASP D 438 -4.90 22.24 20.50
C ASP D 438 -5.44 21.16 19.56
N LEU D 439 -5.73 21.52 18.31
CA LEU D 439 -6.18 20.52 17.34
C LEU D 439 -5.02 19.67 16.84
N CYS D 440 -3.82 20.22 16.89
CA CYS D 440 -2.63 19.51 16.43
C CYS D 440 -2.25 18.47 17.46
N VAL D 441 -1.83 17.29 16.96
CA VAL D 441 -1.41 16.20 17.83
C VAL D 441 0.10 16.05 17.86
N GLY D 442 0.83 17.06 17.38
CA GLY D 442 2.28 17.09 17.51
C GLY D 442 3.03 15.96 16.82
N CYS D 443 2.67 15.66 15.57
CA CYS D 443 3.25 14.52 14.85
C CYS D 443 4.38 14.89 13.92
N GLY D 444 4.40 16.12 13.42
CA GLY D 444 5.49 16.60 12.58
C GLY D 444 5.43 16.18 11.12
N ARG D 445 4.34 15.59 10.65
CA ARG D 445 4.31 15.16 9.25
C ARG D 445 4.19 16.35 8.30
N CYS D 446 3.52 17.42 8.71
CA CYS D 446 3.32 18.57 7.83
C CYS D 446 4.64 19.17 7.37
N GLU D 447 5.60 19.31 8.28
CA GLU D 447 6.83 20.04 7.96
C GLU D 447 7.63 19.35 6.85
N GLN D 448 7.47 18.03 6.70
CA GLN D 448 8.34 17.27 5.81
C GLN D 448 7.92 17.34 4.34
N VAL D 449 6.72 17.82 4.04
CA VAL D 449 6.28 17.99 2.66
C VAL D 449 6.29 19.47 2.24
N CYS D 450 6.85 20.34 3.07
CA CYS D 450 6.88 21.80 2.80
C CYS D 450 8.22 22.22 2.20
N LYS D 451 8.24 22.57 0.91
CA LYS D 451 9.48 22.97 0.21
C LYS D 451 10.08 24.22 0.84
N LYS D 452 9.26 25.05 1.48
CA LYS D 452 9.74 26.32 2.07
C LYS D 452 10.39 26.01 3.41
N HIS D 453 10.30 24.77 3.88
CA HIS D 453 10.98 24.40 5.12
C HIS D 453 10.50 25.23 6.31
N ILE D 454 9.23 25.59 6.28
CA ILE D 454 8.59 26.30 7.40
C ILE D 454 8.44 25.33 8.57
N PRO D 455 8.89 25.68 9.77
CA PRO D 455 8.66 24.79 10.94
C PRO D 455 7.24 24.96 11.48
N ILE D 456 6.29 24.34 10.78
CA ILE D 456 4.87 24.57 11.04
C ILE D 456 4.53 24.30 12.51
N VAL D 457 5.11 23.25 13.10
CA VAL D 457 4.75 22.93 14.47
C VAL D 457 5.16 24.06 15.40
N ASP D 458 6.31 24.68 15.14
CA ASP D 458 6.79 25.80 15.93
C ASP D 458 6.04 27.08 15.62
N VAL D 459 5.64 27.28 14.36
CA VAL D 459 4.88 28.46 13.98
C VAL D 459 3.53 28.46 14.69
N ILE D 460 2.85 27.32 14.69
CA ILE D 460 1.56 27.20 15.42
C ILE D 460 1.81 27.50 16.90
N HIS D 461 2.78 26.82 17.51
CA HIS D 461 3.10 27.03 18.95
C HIS D 461 3.31 28.52 19.20
N LYS D 462 4.17 29.18 18.44
CA LYS D 462 4.46 30.62 18.63
C LYS D 462 3.16 31.42 18.65
N ALA D 463 2.33 31.24 17.61
CA ALA D 463 1.07 32.01 17.50
C ALA D 463 0.18 31.77 18.72
N ALA D 464 0.39 30.67 19.44
CA ALA D 464 -0.50 30.32 20.56
C ALA D 464 0.22 30.49 21.90
N LEU D 465 1.41 31.07 21.90
CA LEU D 465 2.18 31.16 23.16
C LEU D 465 1.27 31.62 24.30
N PRO D 466 0.48 32.71 24.16
CA PRO D 466 -0.35 33.18 25.27
C PRO D 466 -1.20 32.04 25.84
N LEU D 467 -1.88 31.29 24.99
CA LEU D 467 -2.76 30.19 25.46
C LEU D 467 -1.90 29.06 26.05
N VAL D 468 -0.77 28.76 25.41
CA VAL D 468 0.09 27.70 25.93
C VAL D 468 0.55 28.07 27.34
N ARG D 469 0.99 29.32 27.52
CA ARG D 469 1.44 29.78 28.82
C ARG D 469 0.32 29.79 29.86
N ALA D 470 -0.93 29.83 29.42
CA ALA D 470 -2.07 29.86 30.33
C ALA D 470 -2.66 28.48 30.59
N GLU D 471 -2.06 27.42 30.03
CA GLU D 471 -2.57 26.07 30.19
C GLU D 471 -2.14 25.53 31.55
N LYS D 472 -2.99 25.74 32.55
CA LYS D 472 -2.64 25.49 33.95
C LYS D 472 -3.84 24.82 34.62
N GLY D 473 -3.86 23.50 34.59
CA GLY D 473 -4.93 22.72 35.17
C GLY D 473 -4.56 22.12 36.51
N MET D 474 -5.46 21.27 37.02
CA MET D 474 -5.22 20.60 38.32
C MET D 474 -5.87 19.21 38.23
N ILE D 475 -5.10 18.15 38.51
CA ILE D 475 -5.66 16.77 38.37
C ILE D 475 -5.37 15.98 39.64
N ARG D 476 -6.30 15.12 40.04
CA ARG D 476 -6.05 14.24 41.20
C ARG D 476 -5.08 13.13 40.77
N VAL D 477 -4.13 12.77 41.62
CA VAL D 477 -3.15 11.75 41.30
C VAL D 477 -3.83 10.38 41.23
N GLY D 478 -3.17 9.46 40.51
CA GLY D 478 -3.68 8.13 40.32
C GLY D 478 -4.01 7.42 41.62
N ARG D 479 -5.28 7.04 41.79
CA ARG D 479 -5.74 6.43 43.03
C ARG D 479 -5.52 4.92 43.07
N GLY D 480 -5.47 4.28 41.91
CA GLY D 480 -5.33 2.84 41.85
C GLY D 480 -6.65 2.11 42.09
N PRO D 481 -6.66 1.16 43.03
CA PRO D 481 -7.82 0.26 43.13
C PRO D 481 -9.06 0.96 43.65
N VAL D 482 -10.20 0.32 43.46
CA VAL D 482 -11.45 0.71 44.09
C VAL D 482 -11.57 -0.02 45.42
N LEU D 483 -11.97 0.72 46.46
CA LEU D 483 -12.09 0.13 47.78
C LEU D 483 -13.28 -0.82 47.85
N ASP D 484 -13.10 -1.93 48.57
CA ASP D 484 -14.20 -2.91 48.71
C ASP D 484 -15.39 -2.17 49.32
N THR D 485 -15.13 -1.17 50.17
CA THR D 485 -16.22 -0.36 50.77
C THR D 485 -17.03 0.28 49.64
N GLU D 486 -16.34 0.91 48.68
CA GLU D 486 -17.04 1.59 47.56
C GLU D 486 -17.87 0.55 46.81
N ILE D 487 -17.33 -0.64 46.59
CA ILE D 487 -18.07 -1.69 45.90
C ILE D 487 -19.34 -2.03 46.68
N ARG D 488 -19.23 -2.13 48.01
CA ARG D 488 -20.41 -2.43 48.82
CA ARG D 488 -20.40 -2.42 48.82
C ARG D 488 -21.45 -1.32 48.69
N ASN D 489 -21.01 -0.09 48.46
CA ASN D 489 -21.94 1.05 48.39
C ASN D 489 -22.64 1.10 47.04
N VAL D 490 -21.89 0.88 45.95
CA VAL D 490 -22.45 1.10 44.58
C VAL D 490 -22.90 -0.22 43.94
N GLY D 491 -22.52 -1.35 44.51
CA GLY D 491 -22.81 -2.62 43.86
C GLY D 491 -24.26 -2.79 43.46
N ALA D 492 -25.16 -2.72 44.44
CA ALA D 492 -26.57 -2.97 44.15
C ALA D 492 -27.16 -1.89 43.25
N PRO D 493 -27.01 -0.59 43.54
CA PRO D 493 -27.59 0.42 42.64
C PRO D 493 -26.96 0.44 41.26
N LEU D 494 -25.72 -0.01 41.12
CA LEU D 494 -25.13 -0.11 39.78
C LEU D 494 -25.78 -1.25 39.00
N VAL D 495 -25.98 -2.40 39.64
CA VAL D 495 -26.57 -3.54 38.93
C VAL D 495 -28.06 -3.30 38.69
N LEU D 496 -28.74 -2.60 39.59
CA LEU D 496 -30.13 -2.23 39.36
C LEU D 496 -30.25 -1.18 38.27
N GLY D 497 -29.22 -0.33 38.11
CA GLY D 497 -29.22 0.74 37.13
C GLY D 497 -29.47 2.13 37.70
N THR D 498 -29.87 2.24 38.97
CA THR D 498 -30.15 3.55 39.55
C THR D 498 -28.91 4.43 39.62
N ILE D 499 -27.73 3.83 39.73
CA ILE D 499 -26.48 4.47 39.32
C ILE D 499 -26.28 4.14 37.85
N PRO D 500 -26.43 5.11 36.93
CA PRO D 500 -26.65 4.77 35.51
C PRO D 500 -25.43 4.21 34.79
N GLY D 501 -24.28 4.07 35.41
CA GLY D 501 -23.19 3.38 34.77
C GLY D 501 -21.83 3.90 35.18
N ILE D 502 -20.81 3.06 34.97
CA ILE D 502 -19.42 3.47 35.04
C ILE D 502 -19.02 4.01 33.67
N ILE D 503 -18.52 5.24 33.65
CA ILE D 503 -17.98 5.86 32.45
C ILE D 503 -16.46 5.88 32.59
N ALA D 504 -15.76 5.20 31.69
CA ALA D 504 -14.30 5.07 31.73
C ALA D 504 -13.72 5.79 30.52
N ILE D 505 -13.20 6.99 30.76
CA ILE D 505 -12.58 7.81 29.72
C ILE D 505 -11.08 7.54 29.78
N VAL D 506 -10.58 6.81 28.80
CA VAL D 506 -9.21 6.30 28.81
C VAL D 506 -8.62 6.48 27.42
N GLY D 507 -7.40 5.96 27.23
CA GLY D 507 -6.86 5.94 25.85
C GLY D 507 -5.92 7.09 25.49
N CYS D 508 -5.38 7.02 24.26
CA CYS D 508 -4.39 8.03 23.80
C CYS D 508 -5.08 9.32 23.37
N GLY D 509 -4.31 10.27 22.82
CA GLY D 509 -4.88 11.59 22.47
C GLY D 509 -4.92 11.87 20.98
N ASN D 510 -5.07 10.84 20.13
CA ASN D 510 -5.24 11.14 18.71
C ASN D 510 -6.70 11.51 18.44
N TYR D 511 -7.07 12.67 18.99
CA TYR D 511 -8.44 13.14 18.90
C TYR D 511 -8.73 13.74 17.53
N PRO D 512 -9.99 13.71 17.09
CA PRO D 512 -10.35 14.38 15.83
C PRO D 512 -10.40 15.90 15.92
N ASN D 513 -10.62 16.46 17.10
CA ASN D 513 -10.94 17.88 17.19
C ASN D 513 -10.55 18.46 18.55
N GLY D 514 -9.33 18.19 18.99
CA GLY D 514 -8.81 18.83 20.19
C GLY D 514 -9.04 18.01 21.45
N THR D 515 -8.52 18.54 22.55
CA THR D 515 -8.51 17.84 23.83
C THR D 515 -9.73 18.17 24.69
N LYS D 516 -10.60 19.08 24.27
CA LYS D 516 -11.73 19.44 25.12
C LYS D 516 -12.86 18.43 25.04
N ASP D 517 -12.90 17.59 24.00
CA ASP D 517 -14.01 16.65 23.87
C ASP D 517 -14.09 15.72 25.08
N VAL D 518 -12.95 15.18 25.52
CA VAL D 518 -12.97 14.26 26.66
C VAL D 518 -13.34 15.00 27.94
N TYR D 519 -13.00 16.29 28.04
CA TYR D 519 -13.46 17.08 29.16
C TYR D 519 -14.98 17.17 29.17
N ILE D 520 -15.58 17.55 28.04
CA ILE D 520 -17.03 17.67 27.96
C ILE D 520 -17.69 16.32 28.27
N MET D 521 -17.08 15.23 27.82
CA MET D 521 -17.65 13.91 28.10
C MET D 521 -17.68 13.64 29.60
N ALA D 522 -16.53 13.77 30.26
CA ALA D 522 -16.48 13.53 31.70
C ALA D 522 -17.41 14.48 32.45
N LYS D 523 -17.40 15.76 32.07
CA LYS D 523 -18.23 16.74 32.76
C LYS D 523 -19.70 16.43 32.59
N GLU D 524 -20.12 16.07 31.37
CA GLU D 524 -21.52 15.76 31.12
C GLU D 524 -21.98 14.59 31.97
N PHE D 525 -21.17 13.53 32.05
CA PHE D 525 -21.63 12.33 32.74
C PHE D 525 -21.47 12.43 34.25
N VAL D 526 -20.51 13.22 34.75
CA VAL D 526 -20.43 13.39 36.20
C VAL D 526 -21.59 14.24 36.70
N GLU D 527 -22.00 15.24 35.90
CA GLU D 527 -23.15 16.05 36.28
C GLU D 527 -24.43 15.22 36.33
N ARG D 528 -24.46 14.08 35.66
CA ARG D 528 -25.63 13.20 35.67
C ARG D 528 -25.46 12.04 36.65
N LYS D 529 -24.44 12.08 37.49
CA LYS D 529 -24.25 11.15 38.60
C LYS D 529 -23.79 9.77 38.14
N TYR D 530 -23.22 9.67 36.95
CA TYR D 530 -22.50 8.47 36.58
C TYR D 530 -21.22 8.37 37.43
N ILE D 531 -20.62 7.18 37.46
CA ILE D 531 -19.30 7.00 38.03
C ILE D 531 -18.29 7.21 36.91
N VAL D 532 -17.52 8.28 37.00
CA VAL D 532 -16.61 8.70 35.94
C VAL D 532 -15.19 8.42 36.39
N VAL D 533 -14.52 7.51 35.68
CA VAL D 533 -13.14 7.15 35.97
C VAL D 533 -12.32 7.46 34.72
N LEU D 534 -11.03 7.75 34.92
CA LEU D 534 -10.16 8.14 33.82
C LEU D 534 -8.76 7.55 34.04
N THR D 535 -8.03 7.40 32.95
CA THR D 535 -6.65 6.92 33.00
C THR D 535 -5.85 7.54 31.86
N GLY D 536 -4.53 7.47 32.00
CA GLY D 536 -3.65 7.85 30.90
C GLY D 536 -3.93 9.23 30.34
N CYS D 537 -3.73 9.37 29.04
CA CYS D 537 -3.82 10.70 28.42
C CYS D 537 -5.20 11.31 28.62
N GLY D 538 -6.25 10.49 28.57
CA GLY D 538 -7.59 11.00 28.79
C GLY D 538 -7.74 11.68 30.14
N ALA D 539 -7.22 11.05 31.19
CA ALA D 539 -7.26 11.67 32.51
C ALA D 539 -6.55 13.02 32.51
N MET D 540 -5.44 13.09 31.79
CA MET D 540 -4.65 14.34 31.72
C MET D 540 -5.43 15.42 30.98
N ASP D 541 -5.97 15.07 29.81
CA ASP D 541 -6.60 16.07 28.95
C ASP D 541 -7.89 16.59 29.57
N ALA D 542 -8.62 15.74 30.29
CA ALA D 542 -9.82 16.20 30.99
C ALA D 542 -9.52 17.20 32.08
N ALA D 543 -8.27 17.28 32.55
CA ALA D 543 -7.89 18.18 33.63
C ALA D 543 -7.51 19.58 33.16
N LEU D 544 -7.47 19.84 31.86
CA LEU D 544 -6.92 21.09 31.33
C LEU D 544 -7.93 22.23 31.34
N TYR D 545 -9.21 21.95 31.52
CA TYR D 545 -10.24 22.95 31.33
C TYR D 545 -10.94 23.25 32.66
N ARG D 546 -11.46 24.46 32.76
CA ARG D 546 -12.09 24.95 33.97
C ARG D 546 -13.49 25.46 33.64
N ASP D 547 -14.39 25.33 34.61
CA ASP D 547 -15.79 25.71 34.41
C ASP D 547 -15.94 27.21 34.71
N GLU D 548 -17.19 27.67 34.71
CA GLU D 548 -17.47 29.10 34.98
C GLU D 548 -16.94 29.53 36.35
N ASP D 549 -16.68 28.56 37.24
CA ASP D 549 -16.19 28.87 38.61
C ASP D 549 -14.67 28.65 38.66
N GLY D 550 -14.03 28.44 37.50
CA GLY D 550 -12.57 28.27 37.45
C GLY D 550 -12.11 26.99 38.12
N LYS D 551 -12.99 25.99 38.24
CA LYS D 551 -12.61 24.73 38.82
C LYS D 551 -12.44 23.68 37.73
N THR D 552 -11.40 22.88 37.83
CA THR D 552 -11.32 21.68 37.01
C THR D 552 -12.23 20.61 37.59
N LEU D 553 -12.50 19.59 36.79
CA LEU D 553 -13.36 18.50 37.25
C LEU D 553 -12.80 17.86 38.52
N TYR D 554 -11.47 17.75 38.60
CA TYR D 554 -10.86 17.13 39.78
C TYR D 554 -10.90 18.05 40.99
N GLU D 555 -10.94 19.37 40.76
CA GLU D 555 -11.09 20.31 41.85
C GLU D 555 -12.52 20.36 42.36
N LYS D 556 -13.49 20.20 41.46
CA LYS D 556 -14.89 20.39 41.82
C LYS D 556 -15.51 19.13 42.44
N TYR D 557 -15.20 17.97 41.90
CA TYR D 557 -15.92 16.76 42.29
C TYR D 557 -15.05 15.83 43.16
N PRO D 558 -15.66 15.11 44.10
CA PRO D 558 -14.86 14.22 44.96
C PRO D 558 -14.26 13.07 44.16
N GLY D 559 -13.27 12.44 44.78
CA GLY D 559 -12.54 11.34 44.18
C GLY D 559 -13.01 9.96 44.60
N ASP D 560 -14.14 9.84 45.27
CA ASP D 560 -14.66 8.54 45.63
C ASP D 560 -15.12 7.79 44.38
N PHE D 561 -15.05 6.47 44.44
CA PHE D 561 -15.67 5.63 43.41
C PHE D 561 -17.17 5.57 43.74
N ASP D 562 -17.87 6.60 43.30
CA ASP D 562 -19.28 6.77 43.63
C ASP D 562 -19.92 7.62 42.54
N GLY D 563 -21.25 7.58 42.48
CA GLY D 563 -21.94 8.39 41.50
C GLY D 563 -21.62 9.86 41.70
N GLY D 564 -21.47 10.57 40.59
CA GLY D 564 -21.20 12.00 40.65
C GLY D 564 -19.80 12.33 41.12
N CYS D 565 -18.85 11.44 40.90
CA CYS D 565 -17.47 11.64 41.30
C CYS D 565 -16.55 11.50 40.09
N ILE D 566 -15.38 12.13 40.20
CA ILE D 566 -14.32 12.08 39.19
C ILE D 566 -13.14 11.36 39.83
N VAL D 567 -12.69 10.28 39.20
CA VAL D 567 -11.62 9.44 39.72
C VAL D 567 -10.52 9.34 38.67
N ASN D 568 -9.29 9.69 39.05
CA ASN D 568 -8.13 9.38 38.23
C ASN D 568 -7.61 8.03 38.67
N ILE D 569 -8.01 6.98 37.96
CA ILE D 569 -7.60 5.63 38.35
C ILE D 569 -6.09 5.50 38.25
N GLY D 570 -5.51 6.19 37.27
CA GLY D 570 -4.05 6.21 37.19
C GLY D 570 -3.49 6.11 35.78
N SER D 571 -2.37 5.42 35.65
CA SER D 571 -1.69 5.27 34.35
C SER D 571 -2.44 4.23 33.50
N CYS D 572 -1.94 3.95 32.31
CA CYS D 572 -2.63 2.99 31.41
C CYS D 572 -2.69 1.61 32.07
N VAL D 573 -1.62 1.20 32.73
CA VAL D 573 -1.60 -0.11 33.45
C VAL D 573 -2.69 -0.09 34.53
N SER D 574 -3.01 1.10 35.05
CA SER D 574 -4.04 1.23 36.12
C SER D 574 -5.43 0.88 35.56
N ASN D 575 -5.58 0.83 34.23
CA ASN D 575 -6.86 0.44 33.66
C ASN D 575 -7.36 -0.87 34.24
N ALA D 576 -6.44 -1.74 34.67
CA ALA D 576 -6.83 -3.04 35.21
C ALA D 576 -7.71 -2.90 36.45
N HIS D 577 -7.61 -1.78 37.17
CA HIS D 577 -8.45 -1.57 38.34
C HIS D 577 -9.91 -1.42 37.97
N ILE D 578 -10.19 -0.99 36.75
CA ILE D 578 -11.61 -0.89 36.31
C ILE D 578 -12.16 -2.31 36.20
N HIS D 579 -11.50 -3.18 35.45
CA HIS D 579 -11.91 -4.60 35.36
C HIS D 579 -12.06 -5.13 36.78
N ASP D 580 -11.07 -4.85 37.63
CA ASP D 580 -11.08 -5.35 39.02
C ASP D 580 -12.36 -4.87 39.73
N ALA D 581 -12.79 -3.64 39.49
CA ALA D 581 -13.99 -3.14 40.15
C ALA D 581 -15.21 -3.95 39.72
N ALA D 582 -15.35 -4.18 38.41
CA ALA D 582 -16.46 -4.99 37.91
C ALA D 582 -16.42 -6.40 38.49
N ILE D 583 -15.22 -6.97 38.58
CA ILE D 583 -15.06 -8.33 39.19
C ILE D 583 -15.50 -8.26 40.66
N LYS D 584 -15.03 -7.27 41.40
CA LYS D 584 -15.35 -7.20 42.85
C LYS D 584 -16.87 -7.11 43.03
N VAL D 585 -17.56 -6.41 42.14
CA VAL D 585 -19.05 -6.38 42.20
C VAL D 585 -19.56 -7.82 42.14
N ALA D 586 -19.14 -8.58 41.14
CA ALA D 586 -19.65 -9.98 40.99
C ALA D 586 -19.37 -10.78 42.25
N SER D 587 -18.21 -10.59 42.87
CA SER D 587 -17.83 -11.42 44.06
C SER D 587 -18.44 -10.85 45.34
N ILE D 588 -18.39 -9.53 45.52
CA ILE D 588 -18.88 -8.93 46.80
C ILE D 588 -20.41 -8.84 46.77
N PHE D 589 -20.98 -8.20 45.75
CA PHE D 589 -22.43 -8.01 45.73
C PHE D 589 -23.15 -9.30 45.32
N ALA D 590 -22.78 -9.88 44.18
CA ALA D 590 -23.47 -11.07 43.70
C ALA D 590 -22.98 -12.35 44.35
N ARG D 591 -21.93 -12.29 45.15
CA ARG D 591 -21.42 -13.45 45.89
C ARG D 591 -21.09 -14.61 44.95
N ARG D 592 -20.50 -14.29 43.80
CA ARG D 592 -20.03 -15.28 42.85
C ARG D 592 -18.57 -15.64 43.16
N ASN D 593 -18.23 -16.89 42.89
CA ASN D 593 -16.83 -17.31 42.94
C ASN D 593 -16.09 -16.77 41.72
N ILE D 594 -14.88 -16.28 41.95
CA ILE D 594 -14.06 -15.75 40.87
C ILE D 594 -12.84 -16.64 40.57
N ARG D 595 -12.48 -17.55 41.46
CA ARG D 595 -11.25 -18.31 41.26
C ARG D 595 -11.35 -19.05 39.93
N ALA D 596 -10.50 -18.67 38.97
CA ALA D 596 -10.38 -19.36 37.70
C ALA D 596 -11.75 -19.55 37.04
N ASN D 597 -12.55 -18.48 37.07
CA ASN D 597 -13.96 -18.54 36.69
C ASN D 597 -14.32 -17.40 35.75
N TYR D 598 -13.49 -17.22 34.72
CA TYR D 598 -13.59 -16.04 33.87
C TYR D 598 -14.96 -15.94 33.19
N ALA D 599 -15.38 -17.02 32.52
CA ALA D 599 -16.59 -16.94 31.70
C ALA D 599 -17.78 -16.48 32.53
N GLU D 600 -17.97 -17.08 33.72
CA GLU D 600 -19.15 -16.73 34.55
C GLU D 600 -19.15 -15.24 34.87
N ILE D 601 -18.01 -14.71 35.33
CA ILE D 601 -17.94 -13.28 35.74
C ILE D 601 -18.17 -12.38 34.52
N ALA D 602 -17.46 -12.64 33.42
CA ALA D 602 -17.62 -11.83 32.20
C ALA D 602 -19.12 -11.77 31.83
N ASP D 603 -19.78 -12.93 31.83
CA ASP D 603 -21.21 -12.97 31.50
C ASP D 603 -22.03 -12.16 32.49
N TYR D 604 -21.67 -12.23 33.78
CA TYR D 604 -22.35 -11.42 34.78
C TYR D 604 -22.18 -9.94 34.46
N ILE D 605 -20.94 -9.52 34.17
CA ILE D 605 -20.67 -8.11 33.90
C ILE D 605 -21.43 -7.67 32.65
N LEU D 606 -21.48 -8.53 31.63
CA LEU D 606 -22.13 -8.16 30.38
C LEU D 606 -23.64 -8.00 30.55
N ASN D 607 -24.24 -8.81 31.43
CA ASN D 607 -25.72 -8.81 31.59
C ASN D 607 -26.19 -7.87 32.70
N ARG D 608 -25.30 -7.43 33.60
N ARG D 608 -25.30 -7.42 33.60
CA ARG D 608 -25.80 -6.65 34.76
CA ARG D 608 -25.82 -6.65 34.76
C ARG D 608 -25.01 -5.38 35.08
C ARG D 608 -25.01 -5.39 35.09
N VAL D 609 -23.75 -5.28 34.69
CA VAL D 609 -22.95 -4.10 35.14
C VAL D 609 -22.97 -3.00 34.07
N GLY D 610 -23.77 -1.96 34.27
CA GLY D 610 -23.82 -0.85 33.33
C GLY D 610 -22.49 -0.13 33.28
N ALA D 611 -21.80 -0.23 32.13
CA ALA D 611 -20.50 0.42 31.99
C ALA D 611 -20.23 0.67 30.52
N CYS D 612 -19.43 1.70 30.25
CA CYS D 612 -18.99 1.97 28.88
C CYS D 612 -17.62 2.60 28.92
N GLY D 613 -16.69 2.04 28.14
CA GLY D 613 -15.40 2.67 27.97
C GLY D 613 -15.42 3.65 26.81
N MET D 614 -14.49 4.60 26.86
CA MET D 614 -14.38 5.63 25.82
C MET D 614 -12.90 5.94 25.62
N ALA D 615 -12.36 5.59 24.47
CA ALA D 615 -10.99 5.93 24.08
C ALA D 615 -11.15 6.82 22.85
N TRP D 616 -11.39 8.11 23.10
CA TRP D 616 -11.77 9.03 22.03
C TRP D 616 -10.60 9.28 21.09
N GLY D 617 -9.37 9.10 21.56
CA GLY D 617 -8.20 9.30 20.73
C GLY D 617 -7.33 8.07 20.61
N ALA D 618 -7.95 6.89 20.71
CA ALA D 618 -7.21 5.63 20.68
C ALA D 618 -6.25 5.60 19.50
N MET D 619 -4.99 5.27 19.79
CA MET D 619 -3.95 5.33 18.76
C MET D 619 -3.04 4.11 18.84
N SER D 620 -2.59 3.76 20.03
CA SER D 620 -1.47 2.84 20.21
C SER D 620 -1.90 1.38 20.03
N GLN D 621 -0.91 0.49 20.08
CA GLN D 621 -1.18 -0.94 20.14
C GLN D 621 -1.64 -1.36 21.53
N LYS D 622 -1.07 -0.71 22.56
CA LYS D 622 -1.56 -0.88 23.92
C LYS D 622 -3.04 -0.56 24.01
N ALA D 623 -3.51 0.47 23.30
CA ALA D 623 -4.93 0.80 23.33
C ALA D 623 -5.75 -0.32 22.70
N ALA D 624 -5.26 -0.93 21.63
CA ALA D 624 -5.98 -2.06 21.05
C ALA D 624 -6.05 -3.23 22.02
N SER D 625 -4.93 -3.55 22.69
CA SER D 625 -4.94 -4.66 23.63
C SER D 625 -5.79 -4.34 24.86
N ILE D 626 -5.83 -3.07 25.29
CA ILE D 626 -6.70 -2.69 26.40
C ILE D 626 -8.16 -2.90 26.02
N ALA D 627 -8.56 -2.43 24.84
CA ALA D 627 -9.95 -2.61 24.42
C ALA D 627 -10.30 -4.09 24.35
N SER D 628 -9.39 -4.91 23.83
CA SER D 628 -9.65 -6.34 23.73
C SER D 628 -9.92 -6.96 25.10
N GLY D 629 -9.08 -6.63 26.09
CA GLY D 629 -9.27 -7.19 27.43
C GLY D 629 -10.49 -6.62 28.13
N VAL D 630 -10.86 -5.37 27.83
CA VAL D 630 -12.08 -4.81 28.39
C VAL D 630 -13.30 -5.48 27.76
N ASN D 631 -13.25 -5.72 26.45
CA ASN D 631 -14.39 -6.34 25.77
C ASN D 631 -14.61 -7.76 26.26
N ARG D 632 -13.54 -8.56 26.38
CA ARG D 632 -13.72 -9.96 26.74
C ARG D 632 -14.37 -10.12 28.11
N ILE D 633 -14.09 -9.21 29.05
CA ILE D 633 -14.73 -9.30 30.35
C ILE D 633 -16.13 -8.72 30.35
N GLY D 634 -16.62 -8.27 29.20
CA GLY D 634 -18.03 -7.97 29.03
C GLY D 634 -18.43 -6.51 29.05
N ILE D 635 -17.51 -5.60 28.74
CA ILE D 635 -17.75 -4.16 28.82
C ILE D 635 -17.57 -3.58 27.42
N PRO D 636 -18.50 -2.76 26.94
CA PRO D 636 -18.35 -2.16 25.61
C PRO D 636 -17.42 -0.96 25.65
N VAL D 637 -16.86 -0.64 24.48
CA VAL D 637 -15.90 0.45 24.32
C VAL D 637 -16.24 1.22 23.06
N VAL D 638 -16.34 2.54 23.18
CA VAL D 638 -16.43 3.46 22.05
C VAL D 638 -15.04 4.02 21.80
N ILE D 639 -14.71 4.24 20.52
CA ILE D 639 -13.45 4.89 20.14
C ILE D 639 -13.78 6.01 19.16
N GLY D 640 -12.76 6.82 18.86
CA GLY D 640 -12.92 7.95 17.96
C GLY D 640 -12.85 7.53 16.50
N PRO D 641 -12.96 8.53 15.62
CA PRO D 641 -13.00 8.23 14.18
C PRO D 641 -11.70 7.69 13.63
N HIS D 642 -10.57 7.96 14.28
CA HIS D 642 -9.31 7.33 13.89
C HIS D 642 -9.32 5.84 14.15
N GLY D 643 -10.21 5.37 15.03
CA GLY D 643 -10.27 3.97 15.39
C GLY D 643 -10.66 3.04 14.27
N TRP D 644 -11.23 3.56 13.17
CA TRP D 644 -11.45 2.73 12.00
C TRP D 644 -10.16 2.10 11.51
N LYS D 645 -9.01 2.75 11.78
CA LYS D 645 -7.74 2.32 11.24
C LYS D 645 -7.18 1.08 11.93
N TYR D 646 -7.75 0.69 13.06
CA TYR D 646 -7.48 -0.62 13.64
C TYR D 646 -8.03 -1.74 12.76
N ARG D 647 -8.88 -1.38 11.79
CA ARG D 647 -9.43 -2.33 10.79
C ARG D 647 -10.63 -3.15 11.30
N ARG D 648 -10.58 -3.61 12.54
CA ARG D 648 -11.67 -4.52 13.02
C ARG D 648 -12.52 -3.86 14.11
N ALA D 649 -13.82 -4.19 14.13
CA ALA D 649 -14.71 -3.71 15.19
C ALA D 649 -15.64 -4.86 15.56
N TYR D 650 -16.45 -4.68 16.58
CA TYR D 650 -17.42 -5.72 17.03
C TYR D 650 -18.77 -5.01 17.09
N LEU D 651 -19.61 -5.24 16.09
CA LEU D 651 -20.84 -4.48 15.95
C LEU D 651 -22.03 -5.44 15.95
N GLY D 652 -23.08 -5.05 16.67
CA GLY D 652 -24.28 -5.85 16.71
C GLY D 652 -25.29 -5.44 15.65
N ARG D 653 -26.20 -6.37 15.37
CA ARG D 653 -27.30 -6.16 14.44
C ARG D 653 -28.59 -6.13 15.26
N LYS D 654 -28.99 -4.94 15.70
CA LYS D 654 -30.15 -4.84 16.58
C LYS D 654 -31.41 -5.37 15.92
N ASP D 655 -31.41 -5.52 14.59
CA ASP D 655 -32.57 -5.98 13.85
C ASP D 655 -32.68 -7.50 13.78
N VAL D 656 -31.64 -8.24 14.17
CA VAL D 656 -31.59 -9.68 14.01
C VAL D 656 -32.01 -10.31 15.33
N ASP D 657 -33.25 -10.78 15.41
CA ASP D 657 -33.80 -11.26 16.67
C ASP D 657 -32.96 -12.37 17.27
N ARG D 658 -32.54 -13.33 16.44
CA ARG D 658 -31.84 -14.49 16.98
C ARG D 658 -30.52 -14.12 17.63
N ASP D 659 -29.98 -12.93 17.36
CA ASP D 659 -28.72 -12.50 17.94
C ASP D 659 -28.86 -11.95 19.34
N TRP D 660 -30.08 -11.81 19.86
CA TRP D 660 -30.31 -11.13 21.14
C TRP D 660 -31.09 -12.01 22.11
N MET D 661 -30.90 -13.32 22.03
CA MET D 661 -31.53 -14.26 22.94
C MET D 661 -30.65 -14.49 24.16
N VAL D 662 -31.26 -14.33 25.33
CA VAL D 662 -30.61 -14.52 26.62
C VAL D 662 -31.43 -15.54 27.42
N TYR D 663 -30.74 -16.42 28.12
CA TYR D 663 -31.42 -17.38 28.98
C TYR D 663 -31.94 -16.69 30.23
N ASP D 664 -33.08 -17.17 30.71
CA ASP D 664 -33.52 -16.92 32.08
C ASP D 664 -33.03 -18.10 32.92
N ALA D 665 -32.01 -17.86 33.75
CA ALA D 665 -31.38 -18.96 34.47
C ALA D 665 -32.33 -19.68 35.41
N ARG D 666 -33.49 -19.08 35.73
CA ARG D 666 -34.42 -19.74 36.63
C ARG D 666 -35.01 -21.01 36.00
N ASP D 667 -35.43 -20.93 34.74
CA ASP D 667 -36.13 -22.02 34.09
C ASP D 667 -35.53 -22.44 32.76
N GLY D 668 -34.55 -21.71 32.23
CA GLY D 668 -33.94 -22.07 30.98
C GLY D 668 -34.59 -21.48 29.74
N SER D 669 -35.67 -20.71 29.91
CA SER D 669 -36.34 -20.13 28.75
C SER D 669 -35.44 -19.11 28.08
N LYS D 670 -35.72 -18.87 26.80
CA LYS D 670 -34.97 -17.89 26.01
C LYS D 670 -35.79 -16.62 25.87
N VAL D 671 -35.14 -15.47 26.08
CA VAL D 671 -35.80 -14.16 26.06
C VAL D 671 -35.07 -13.27 25.08
N ARG D 672 -35.82 -12.59 24.21
CA ARG D 672 -35.26 -11.65 23.24
C ARG D 672 -35.14 -10.28 23.90
N ILE D 673 -33.92 -9.79 24.03
CA ILE D 673 -33.66 -8.57 24.78
C ILE D 673 -33.41 -7.41 23.84
N GLU D 674 -33.60 -6.21 24.39
CA GLU D 674 -33.24 -4.98 23.72
C GLU D 674 -31.73 -4.94 23.48
N PRO D 675 -31.29 -4.14 22.51
CA PRO D 675 -29.84 -4.07 22.24
C PRO D 675 -29.11 -3.34 23.35
N ALA D 676 -28.63 -4.08 24.35
CA ALA D 676 -28.15 -3.50 25.60
C ALA D 676 -27.02 -4.35 26.16
N PRO D 677 -25.76 -4.02 25.85
CA PRO D 677 -25.30 -2.96 24.97
C PRO D 677 -25.39 -3.35 23.49
N GLU D 678 -25.68 -2.37 22.64
CA GLU D 678 -25.88 -2.66 21.23
C GLU D 678 -24.58 -3.04 20.51
N HIS D 679 -23.45 -2.47 20.95
CA HIS D 679 -22.17 -2.74 20.32
C HIS D 679 -21.12 -3.01 21.39
N LEU D 680 -20.07 -3.73 21.00
CA LEU D 680 -18.98 -4.08 21.90
C LEU D 680 -17.73 -3.23 21.66
N LEU D 681 -17.43 -2.91 20.41
CA LEU D 681 -16.34 -2.01 20.06
C LEU D 681 -16.77 -1.22 18.82
N VAL D 682 -17.02 0.08 18.99
CA VAL D 682 -17.61 0.90 17.95
C VAL D 682 -16.89 2.24 17.90
N ALA D 683 -16.74 2.78 16.69
CA ALA D 683 -16.12 4.08 16.47
C ALA D 683 -17.20 5.10 16.17
N ALA D 684 -17.18 6.21 16.89
CA ALA D 684 -18.04 7.35 16.61
C ALA D 684 -17.22 8.47 15.98
N ASP D 685 -17.92 9.40 15.31
CA ASP D 685 -17.24 10.48 14.54
C ASP D 685 -17.10 11.78 15.32
N THR D 686 -18.10 12.14 16.12
CA THR D 686 -18.05 13.41 16.81
C THR D 686 -18.48 13.25 18.26
N LEU D 687 -18.05 14.21 19.08
CA LEU D 687 -18.49 14.26 20.46
C LEU D 687 -20.01 14.24 20.55
N GLU D 688 -20.68 14.98 19.67
CA GLU D 688 -22.14 15.08 19.73
C GLU D 688 -22.82 13.74 19.46
N GLU D 689 -22.22 12.91 18.61
CA GLU D 689 -22.73 11.55 18.42
C GLU D 689 -22.32 10.66 19.59
N ALA D 690 -21.11 10.86 20.11
CA ALA D 690 -20.52 9.89 21.04
C ALA D 690 -21.22 9.91 22.40
N ILE D 691 -21.67 11.06 22.86
CA ILE D 691 -22.18 11.20 24.23
C ILE D 691 -23.52 10.46 24.34
N PRO D 692 -24.49 10.68 23.44
CA PRO D 692 -25.69 9.84 23.47
C PRO D 692 -25.38 8.36 23.33
N LEU D 693 -24.38 8.00 22.51
CA LEU D 693 -24.05 6.59 22.29
C LEU D 693 -23.53 5.96 23.58
N MET D 694 -22.68 6.69 24.30
CA MET D 694 -22.17 6.19 25.58
C MET D 694 -23.32 5.89 26.54
N ALA D 695 -24.29 6.80 26.65
CA ALA D 695 -25.43 6.53 27.51
C ALA D 695 -26.20 5.30 27.03
N ARG D 696 -26.36 5.17 25.71
CA ARG D 696 -27.11 4.05 25.17
C ARG D 696 -26.45 2.71 25.54
N LEU D 697 -25.11 2.69 25.58
CA LEU D 697 -24.37 1.45 25.81
C LEU D 697 -24.29 1.07 27.28
N CYS D 698 -24.90 1.87 28.17
CA CYS D 698 -24.99 1.53 29.58
C CYS D 698 -26.26 0.75 29.91
N PHE D 699 -27.22 0.70 29.00
CA PHE D 699 -28.42 -0.09 29.22
C PHE D 699 -28.06 -1.55 29.45
N ARG D 700 -28.79 -2.22 30.33
CA ARG D 700 -28.53 -3.62 30.61
C ARG D 700 -29.85 -4.37 30.78
N PRO D 701 -29.92 -5.62 30.35
CA PRO D 701 -31.21 -6.34 30.39
C PRO D 701 -31.75 -6.56 31.80
N THR D 702 -30.92 -6.52 32.83
CA THR D 702 -31.39 -6.74 34.20
C THR D 702 -31.76 -5.45 34.90
N ASP D 703 -31.79 -4.31 34.20
CA ASP D 703 -32.25 -3.06 34.79
C ASP D 703 -33.64 -3.24 35.40
N ASN D 704 -33.85 -2.69 36.59
CA ASN D 704 -35.20 -2.61 37.12
C ASN D 704 -35.85 -1.33 36.60
N SER D 705 -37.11 -1.10 37.00
CA SER D 705 -37.86 0.03 36.45
C SER D 705 -37.17 1.35 36.77
N MET D 706 -36.78 1.55 38.03
CA MET D 706 -36.17 2.81 38.43
C MET D 706 -34.82 3.01 37.76
N GLY D 707 -34.03 1.94 37.63
CA GLY D 707 -32.75 2.06 36.96
C GLY D 707 -32.89 2.35 35.48
N ARG D 708 -33.78 1.62 34.80
CA ARG D 708 -34.00 1.88 33.38
C ARG D 708 -34.52 3.30 33.17
N GLN D 709 -35.34 3.79 34.09
CA GLN D 709 -35.85 5.16 34.00
C GLN D 709 -34.72 6.17 34.14
N VAL D 710 -33.84 5.99 35.13
CA VAL D 710 -32.68 6.87 35.27
C VAL D 710 -31.85 6.85 33.99
N LYS D 711 -31.49 5.65 33.51
CA LYS D 711 -30.67 5.54 32.31
C LYS D 711 -31.38 6.13 31.09
N LEU D 712 -32.68 5.89 30.97
CA LEU D 712 -33.41 6.38 29.80
C LEU D 712 -33.60 7.89 29.86
N THR D 713 -33.78 8.46 31.05
CA THR D 713 -33.88 9.90 31.16
C THR D 713 -32.65 10.58 30.54
N HIS D 714 -31.46 10.09 30.90
CA HIS D 714 -30.25 10.71 30.38
C HIS D 714 -30.10 10.48 28.89
N TYR D 715 -30.35 9.25 28.43
CA TYR D 715 -30.23 8.97 27.01
C TYR D 715 -31.16 9.87 26.20
N MET D 716 -32.39 10.05 26.66
CA MET D 716 -33.35 10.87 25.87
C MET D 716 -32.91 12.32 25.91
N ASP D 717 -32.52 12.82 27.09
CA ASP D 717 -32.15 14.24 27.18
C ASP D 717 -30.83 14.51 26.50
N LEU D 718 -29.85 13.61 26.64
CA LEU D 718 -28.58 13.81 25.97
C LEU D 718 -28.75 13.77 24.46
N SER D 719 -29.61 12.87 23.98
CA SER D 719 -29.88 12.80 22.55
C SER D 719 -30.53 14.08 22.07
N MET D 720 -31.49 14.59 22.84
CA MET D 720 -32.16 15.81 22.43
C MET D 720 -31.20 17.00 22.47
N LYS D 721 -30.26 16.99 23.42
CA LYS D 721 -29.36 18.13 23.61
C LYS D 721 -28.31 18.20 22.51
N TYR D 722 -27.66 17.08 22.19
CA TYR D 722 -26.56 17.07 21.23
C TYR D 722 -26.98 16.75 19.81
N LEU D 723 -28.12 16.07 19.64
CA LEU D 723 -28.58 15.65 18.28
C LEU D 723 -29.84 16.41 17.88
N GLY D 724 -30.55 17.02 18.84
CA GLY D 724 -31.71 17.87 18.50
C GLY D 724 -32.96 17.07 18.21
N LYS D 725 -32.94 15.80 18.56
CA LYS D 725 -34.09 14.91 18.26
C LYS D 725 -33.92 13.64 19.10
N TYR D 726 -35.02 13.04 19.51
CA TYR D 726 -34.97 11.78 20.29
C TYR D 726 -34.57 10.67 19.32
N PRO D 727 -33.88 9.61 19.80
CA PRO D 727 -33.44 8.50 18.94
C PRO D 727 -34.63 7.87 18.24
N ASP D 728 -34.41 7.45 16.99
CA ASP D 728 -35.50 6.86 16.21
C ASP D 728 -36.07 5.59 16.84
N ASP D 729 -35.26 4.89 17.64
CA ASP D 729 -35.71 3.59 18.20
C ASP D 729 -35.72 3.59 19.73
N TRP D 730 -35.94 4.75 20.35
CA TRP D 730 -35.89 4.84 21.83
C TRP D 730 -36.89 3.88 22.51
N PRO D 731 -38.13 3.66 21.99
CA PRO D 731 -39.09 2.80 22.68
C PRO D 731 -38.54 1.40 22.94
N VAL D 732 -37.53 0.96 22.19
CA VAL D 732 -36.98 -0.41 22.35
C VAL D 732 -36.56 -0.61 23.81
N PHE D 733 -36.10 0.47 24.45
CA PHE D 733 -35.67 0.37 25.84
C PHE D 733 -36.80 0.65 26.83
N VAL D 734 -38.05 0.52 26.40
CA VAL D 734 -39.21 0.72 27.27
C VAL D 734 -39.93 -0.62 27.38
N ARG D 735 -40.03 -1.13 28.60
CA ARG D 735 -40.73 -2.38 28.88
C ARG D 735 -42.09 -2.16 29.53
N THR D 736 -42.19 -1.17 30.41
CA THR D 736 -43.46 -0.78 31.01
C THR D 736 -43.45 0.73 31.23
N GLU D 737 -44.56 1.25 31.79
CA GLU D 737 -44.68 2.72 32.01
C GLU D 737 -43.64 3.18 33.02
N ALA D 738 -43.33 2.35 34.02
CA ALA D 738 -42.36 2.73 35.05
C ALA D 738 -40.97 2.96 34.49
N ASP D 739 -40.73 2.67 33.21
CA ASP D 739 -39.44 2.90 32.60
C ASP D 739 -39.28 4.30 32.05
N LEU D 740 -40.39 5.02 31.80
CA LEU D 740 -40.25 6.30 31.10
C LEU D 740 -39.82 7.39 32.07
N PRO D 741 -39.00 8.34 31.61
CA PRO D 741 -38.63 9.48 32.46
C PRO D 741 -39.87 10.16 33.03
N LEU D 742 -39.81 10.47 34.32
CA LEU D 742 -41.00 10.94 35.03
C LEU D 742 -41.48 12.29 34.50
N ALA D 743 -40.57 13.26 34.39
CA ALA D 743 -40.98 14.63 34.02
C ALA D 743 -41.86 14.68 32.77
N LYS D 744 -41.60 13.81 31.78
CA LYS D 744 -42.37 13.90 30.51
C LYS D 744 -43.06 12.57 30.23
N LYS D 745 -43.39 11.83 31.28
CA LYS D 745 -44.04 10.50 31.11
C LYS D 745 -45.28 10.61 30.22
N GLU D 746 -46.04 11.69 30.30
CA GLU D 746 -47.29 11.73 29.51
C GLU D 746 -47.00 11.99 28.03
N GLU D 747 -46.13 12.94 27.68
CA GLU D 747 -45.93 13.14 26.22
C GLU D 747 -45.24 11.91 25.64
N TYR D 748 -44.34 11.30 26.41
CA TYR D 748 -43.68 10.05 25.98
C TYR D 748 -44.77 9.02 25.68
N LEU D 749 -45.74 8.90 26.58
CA LEU D 749 -46.83 7.96 26.32
C LEU D 749 -47.56 8.33 25.03
N ARG D 750 -47.81 9.62 24.81
CA ARG D 750 -48.48 10.04 23.59
C ARG D 750 -47.64 9.71 22.36
N ILE D 751 -46.33 9.98 22.42
CA ILE D 751 -45.45 9.67 21.29
C ILE D 751 -45.51 8.19 20.97
N LEU D 752 -45.39 7.34 22.00
CA LEU D 752 -45.44 5.89 21.78
C LEU D 752 -46.68 5.51 20.98
N LYS D 753 -47.83 6.10 21.32
CA LYS D 753 -49.09 5.75 20.67
C LYS D 753 -49.19 6.35 19.27
N GLU D 754 -49.00 7.67 19.17
CA GLU D 754 -49.27 8.36 17.91
C GLU D 754 -48.15 8.21 16.90
N ASP D 755 -46.90 8.11 17.37
CA ASP D 755 -45.76 8.08 16.46
C ASP D 755 -45.19 6.68 16.25
N TYR D 756 -45.28 5.80 17.25
CA TYR D 756 -44.77 4.44 17.13
C TYR D 756 -45.89 3.41 17.03
N GLY D 757 -47.14 3.85 16.89
CA GLY D 757 -48.24 2.92 16.74
C GLY D 757 -48.39 1.94 17.88
N TRP D 758 -47.93 2.32 19.07
CA TRP D 758 -48.12 1.48 20.24
C TRP D 758 -49.57 1.56 20.71
N ASP D 759 -50.03 0.49 21.35
CA ASP D 759 -51.38 0.46 21.91
C ASP D 759 -51.31 0.95 23.34
N VAL D 760 -51.72 2.20 23.56
CA VAL D 760 -51.58 2.85 24.85
C VAL D 760 -52.90 3.50 25.22
N ASP D 761 -53.30 3.32 26.48
CA ASP D 761 -54.45 4.01 27.05
C ASP D 761 -53.92 5.26 27.73
N LEU D 762 -54.00 6.41 27.03
CA LEU D 762 -53.45 7.64 27.59
C LEU D 762 -54.20 8.05 28.84
N GLU D 763 -55.51 7.82 28.87
CA GLU D 763 -56.30 8.14 30.06
C GLU D 763 -55.72 7.46 31.29
N ALA D 764 -55.49 6.15 31.19
CA ALA D 764 -55.02 5.36 32.33
C ALA D 764 -53.51 5.39 32.48
N LYS D 765 -52.82 5.97 31.49
CA LYS D 765 -51.34 6.03 31.53
C LYS D 765 -50.85 4.58 31.56
N LYS D 766 -51.33 3.76 30.63
CA LYS D 766 -50.97 2.32 30.64
C LYS D 766 -50.55 1.85 29.25
N ILE D 767 -49.49 1.06 29.17
CA ILE D 767 -49.05 0.51 27.86
C ILE D 767 -49.66 -0.89 27.74
N ILE D 768 -50.43 -1.10 26.68
CA ILE D 768 -51.14 -2.40 26.49
C ILE D 768 -50.26 -3.29 25.58
N SER D 769 -49.70 -2.74 24.51
CA SER D 769 -48.86 -3.51 23.56
C SER D 769 -47.78 -2.60 22.98
N GLY D 770 -46.61 -3.17 22.67
CA GLY D 770 -45.56 -2.40 22.06
C GLY D 770 -44.18 -2.80 22.53
N PRO D 771 -44.01 -2.95 23.84
CA PRO D 771 -42.69 -3.33 24.37
C PRO D 771 -42.20 -4.65 23.77
N ILE D 772 -40.88 -4.73 23.61
CA ILE D 772 -40.27 -5.91 23.03
C ILE D 772 -40.47 -7.12 23.94
N ARG D 773 -40.50 -6.92 25.25
CA ARG D 773 -40.68 -8.01 26.19
C ARG D 773 -41.39 -7.52 27.44
N LYS D 774 -41.96 -8.46 28.19
CA LYS D 774 -42.51 -8.17 29.51
C LYS D 774 -41.37 -7.87 30.49
N PHE D 775 -41.71 -7.19 31.58
CA PHE D 775 -40.74 -6.86 32.61
C PHE D 775 -40.89 -7.83 33.78
N ASP D 776 -39.76 -8.25 34.34
CA ASP D 776 -39.74 -9.15 35.49
C ASP D 776 -38.50 -8.83 36.31
N VAL D 777 -38.69 -8.40 37.55
CA VAL D 777 -37.56 -8.00 38.38
C VAL D 777 -36.60 -9.16 38.60
N SER D 778 -37.12 -10.39 38.52
CA SER D 778 -36.27 -11.57 38.83
C SER D 778 -35.77 -12.25 37.55
N PHE D 779 -35.78 -11.55 36.41
CA PHE D 779 -35.20 -12.13 35.17
C PHE D 779 -33.73 -12.40 35.50
N ASP D 780 -33.34 -13.68 35.51
CA ASP D 780 -31.94 -14.08 35.78
C ASP D 780 -31.22 -14.16 34.44
N ALA D 781 -30.85 -13.02 33.84
CA ALA D 781 -30.28 -13.02 32.50
C ALA D 781 -28.89 -13.66 32.49
N THR D 782 -28.68 -14.56 31.51
CA THR D 782 -27.38 -15.18 31.31
C THR D 782 -27.29 -15.73 29.89
N ASN D 783 -26.07 -15.71 29.36
CA ASN D 783 -25.77 -16.29 28.06
C ASN D 783 -25.22 -17.72 28.17
N LEU D 784 -25.02 -18.24 29.37
CA LEU D 784 -24.32 -19.49 29.59
C LEU D 784 -25.29 -20.58 29.98
N GLU D 785 -25.32 -21.65 29.19
CA GLU D 785 -26.17 -22.80 29.50
C GLU D 785 -25.81 -23.39 30.86
N GLN D 786 -24.52 -23.38 31.22
CA GLN D 786 -24.09 -24.02 32.46
C GLN D 786 -24.67 -23.35 33.69
N LEU D 787 -25.12 -22.10 33.58
CA LEU D 787 -25.71 -21.37 34.70
C LEU D 787 -27.21 -21.61 34.82
N ILE D 788 -27.82 -22.35 33.88
CA ILE D 788 -29.24 -22.63 33.98
C ILE D 788 -29.47 -23.64 35.11
N ARG D 789 -30.45 -23.35 35.96
CA ARG D 789 -30.72 -24.21 37.11
C ARG D 789 -31.79 -25.26 36.83
N GLU D 790 -32.75 -24.97 35.97
CA GLU D 790 -33.78 -25.95 35.60
C GLU D 790 -34.23 -25.76 34.16
N MET E 1 -4.00 -3.47 -30.77
CA MET E 1 -4.05 -2.35 -31.75
C MET E 1 -3.38 -1.12 -31.14
N LYS E 2 -3.13 -0.10 -31.95
CA LYS E 2 -2.50 1.14 -31.44
C LYS E 2 -3.53 1.96 -30.68
N PHE E 3 -3.11 2.69 -29.65
CA PHE E 3 -4.00 3.58 -28.88
C PHE E 3 -4.94 2.73 -28.01
N ASP E 4 -4.53 1.50 -27.72
CA ASP E 4 -5.34 0.62 -26.86
C ASP E 4 -5.21 1.04 -25.40
N GLU E 5 -6.24 0.79 -24.60
CA GLU E 5 -6.26 1.17 -23.20
C GLU E 5 -6.72 0.00 -22.35
N LYS E 6 -6.08 -0.19 -21.21
CA LYS E 6 -6.50 -1.18 -20.24
C LYS E 6 -7.61 -0.60 -19.36
N GLY E 7 -8.55 -1.46 -18.98
CA GLY E 7 -9.63 -1.04 -18.11
C GLY E 7 -10.44 -2.22 -17.65
N SER E 8 -11.19 -1.99 -16.58
CA SER E 8 -12.06 -3.00 -15.99
C SER E 8 -13.49 -2.46 -15.95
N ILE E 9 -14.36 -3.21 -15.27
CA ILE E 9 -15.79 -2.87 -15.25
C ILE E 9 -16.00 -1.47 -14.69
N ILE E 10 -15.20 -1.09 -13.69
CA ILE E 10 -15.39 0.23 -13.08
C ILE E 10 -15.10 1.32 -14.11
N ASP E 11 -14.06 1.13 -14.92
CA ASP E 11 -13.78 2.09 -15.98
C ASP E 11 -14.90 2.12 -17.00
N LEU E 12 -15.45 0.95 -17.34
CA LEU E 12 -16.56 0.90 -18.28
C LEU E 12 -17.75 1.66 -17.73
N GLU E 13 -18.07 1.48 -16.45
CA GLU E 13 -19.18 2.22 -15.84
C GLU E 13 -18.89 3.71 -15.80
N THR E 14 -17.64 4.08 -15.50
CA THR E 14 -17.29 5.49 -15.35
C THR E 14 -17.34 6.22 -16.70
N LYS E 15 -16.81 5.60 -17.75
CA LYS E 15 -16.64 6.29 -19.02
C LYS E 15 -17.78 6.07 -20.00
N VAL E 16 -18.58 5.02 -19.82
CA VAL E 16 -19.56 4.63 -20.82
C VAL E 16 -20.95 4.58 -20.19
N VAL E 17 -21.17 3.62 -19.28
CA VAL E 17 -22.52 3.39 -18.76
C VAL E 17 -23.08 4.65 -18.11
N TYR E 18 -22.38 5.17 -17.10
CA TYR E 18 -22.86 6.33 -16.37
C TYR E 18 -22.62 7.62 -17.14
N SER E 19 -21.84 7.58 -18.22
CA SER E 19 -21.71 8.72 -19.13
C SER E 19 -22.85 8.79 -20.14
N ASN E 20 -23.69 7.76 -20.19
CA ASN E 20 -24.86 7.71 -21.07
C ASN E 20 -24.50 7.57 -22.54
N ILE E 21 -23.41 6.85 -22.83
CA ILE E 21 -23.00 6.66 -24.21
C ILE E 21 -22.90 5.18 -24.58
N CYS E 22 -23.58 4.33 -23.82
CA CYS E 22 -23.64 2.89 -24.20
C CYS E 22 -24.63 2.75 -25.37
N CYS E 23 -24.30 1.97 -26.40
CA CYS E 23 -25.13 1.85 -27.62
C CYS E 23 -25.83 0.48 -27.68
N TYR E 24 -25.77 -0.30 -26.61
CA TYR E 24 -26.37 -1.65 -26.55
C TYR E 24 -25.88 -2.53 -27.71
N CYS E 25 -24.58 -2.48 -28.00
CA CYS E 25 -23.99 -3.33 -29.08
C CYS E 25 -23.96 -4.80 -28.61
N GLY E 26 -23.79 -5.03 -27.31
CA GLY E 26 -23.80 -6.39 -26.76
C GLY E 26 -22.41 -7.00 -26.61
N ALA E 27 -21.34 -6.24 -26.84
CA ALA E 27 -20.02 -6.85 -26.83
C ALA E 27 -19.59 -7.22 -25.41
N CYS E 28 -19.78 -6.32 -24.45
CA CYS E 28 -19.33 -6.60 -23.09
C CYS E 28 -20.08 -7.81 -22.51
N GLY E 29 -21.36 -7.96 -22.83
CA GLY E 29 -22.09 -9.12 -22.35
C GLY E 29 -21.71 -10.38 -23.08
N ALA E 30 -21.37 -10.26 -24.36
CA ALA E 30 -21.08 -11.45 -25.17
C ALA E 30 -19.87 -12.20 -24.66
N PHE E 31 -18.92 -11.50 -24.05
CA PHE E 31 -17.66 -12.12 -23.63
C PHE E 31 -17.43 -11.98 -22.13
N CYS E 32 -18.50 -11.70 -21.38
CA CYS E 32 -18.52 -11.86 -19.93
C CYS E 32 -19.90 -12.36 -19.51
N THR E 33 -20.28 -13.54 -19.99
CA THR E 33 -21.48 -14.19 -19.50
C THR E 33 -21.37 -14.47 -18.01
N GLU E 34 -20.15 -14.46 -17.47
CA GLU E 34 -19.94 -14.81 -16.07
C GLU E 34 -20.47 -13.73 -15.13
N TYR E 35 -20.48 -12.47 -15.56
CA TYR E 35 -20.88 -11.38 -14.68
C TYR E 35 -21.86 -10.38 -15.28
N ILE E 36 -21.77 -10.10 -16.57
CA ILE E 36 -22.53 -8.99 -17.16
C ILE E 36 -23.91 -9.49 -17.59
N SER E 37 -24.94 -8.74 -17.24
CA SER E 37 -26.27 -8.88 -17.83
C SER E 37 -26.73 -7.50 -18.28
N TYR E 38 -27.81 -7.46 -19.04
CA TYR E 38 -28.34 -6.21 -19.56
C TYR E 38 -29.69 -5.90 -18.92
N GLU E 39 -29.86 -4.65 -18.50
CA GLU E 39 -31.12 -4.14 -17.97
C GLU E 39 -31.37 -2.78 -18.62
N ASN E 40 -32.45 -2.69 -19.39
CA ASN E 40 -32.77 -1.46 -20.12
C ASN E 40 -31.62 -1.04 -21.03
N GLY E 41 -31.07 -2.02 -21.76
CA GLY E 41 -30.07 -1.73 -22.76
C GLY E 41 -28.71 -1.29 -22.25
N THR E 42 -28.41 -1.49 -20.96
CA THR E 42 -27.10 -1.15 -20.45
C THR E 42 -26.57 -2.29 -19.58
N PRO E 43 -25.27 -2.54 -19.59
CA PRO E 43 -24.73 -3.66 -18.81
C PRO E 43 -24.73 -3.37 -17.32
N VAL E 44 -24.94 -4.43 -16.56
CA VAL E 44 -24.82 -4.39 -15.11
C VAL E 44 -24.11 -5.65 -14.66
N THR E 45 -23.49 -5.58 -13.48
CA THR E 45 -23.01 -6.75 -12.78
C THR E 45 -23.63 -6.76 -11.39
N LYS E 46 -23.83 -7.95 -10.83
CA LYS E 46 -24.53 -8.07 -9.53
C LYS E 46 -23.59 -8.64 -8.47
N GLN E 47 -22.39 -9.03 -8.89
CA GLN E 47 -21.38 -9.56 -7.93
C GLN E 47 -20.01 -9.03 -8.34
N LYS E 48 -19.18 -8.75 -7.35
CA LYS E 48 -17.85 -8.19 -7.63
C LYS E 48 -17.02 -9.17 -8.45
N CYS E 49 -16.35 -8.65 -9.48
CA CYS E 49 -15.40 -9.43 -10.26
C CYS E 49 -13.99 -9.01 -9.88
N PHE E 50 -13.01 -9.84 -10.26
CA PHE E 50 -11.63 -9.63 -9.76
C PHE E 50 -10.58 -9.60 -10.86
N GLU E 51 -11.01 -9.44 -12.12
CA GLU E 51 -10.05 -9.31 -13.25
C GLU E 51 -9.28 -7.98 -13.07
N ILE E 52 -7.98 -7.97 -13.35
CA ILE E 52 -7.20 -6.70 -13.32
C ILE E 52 -7.65 -5.85 -14.50
N HIS E 53 -7.78 -6.48 -15.68
CA HIS E 53 -8.28 -5.76 -16.89
C HIS E 53 -9.32 -6.67 -17.53
N GLY E 54 -10.39 -6.09 -18.09
CA GLY E 54 -11.48 -6.94 -18.62
C GLY E 54 -11.78 -6.76 -20.09
N ALA E 55 -12.37 -7.78 -20.70
CA ALA E 55 -12.76 -7.69 -22.13
C ALA E 55 -13.94 -6.73 -22.29
N CYS E 56 -14.72 -6.52 -21.21
CA CYS E 56 -15.82 -5.56 -21.30
C CYS E 56 -15.32 -4.19 -21.73
N PHE E 57 -14.25 -3.70 -21.11
CA PHE E 57 -13.68 -2.40 -21.48
C PHE E 57 -12.95 -2.48 -22.81
N ASP E 58 -12.24 -3.58 -23.07
CA ASP E 58 -11.41 -3.67 -24.27
C ASP E 58 -12.27 -3.71 -25.53
N PHE E 59 -13.36 -4.48 -25.52
CA PHE E 59 -14.17 -4.67 -26.71
C PHE E 59 -15.19 -3.55 -26.92
N CYS E 60 -15.42 -2.71 -25.92
CA CYS E 60 -16.46 -1.69 -26.04
C CYS E 60 -16.05 -0.66 -27.09
N PRO E 61 -16.94 -0.31 -28.03
CA PRO E 61 -16.60 0.72 -29.01
C PRO E 61 -16.67 2.14 -28.48
N ARG E 62 -17.13 2.34 -27.24
CA ARG E 62 -17.28 3.66 -26.67
C ARG E 62 -16.25 3.95 -25.58
N THR E 63 -15.36 3.01 -25.27
CA THR E 63 -14.23 3.30 -24.38
C THR E 63 -13.07 3.94 -25.13
N PHE E 64 -12.54 3.25 -26.14
CA PHE E 64 -11.55 3.82 -27.04
C PHE E 64 -11.80 3.25 -28.43
N LEU E 65 -11.77 4.12 -29.43
CA LEU E 65 -12.05 3.75 -30.82
C LEU E 65 -11.09 4.49 -31.72
N PRO E 66 -9.90 3.94 -31.95
CA PRO E 66 -8.96 4.60 -32.88
C PRO E 66 -9.28 4.24 -34.33
N VAL E 67 -10.34 4.86 -34.86
CA VAL E 67 -10.88 4.48 -36.19
C VAL E 67 -9.81 4.43 -37.30
N LEU E 68 -8.97 5.45 -37.39
CA LEU E 68 -7.99 5.50 -38.52
C LEU E 68 -6.98 4.36 -38.36
N GLU E 69 -6.53 4.14 -37.13
CA GLU E 69 -5.59 3.02 -36.89
C GLU E 69 -6.27 1.71 -37.24
N MET E 70 -7.55 1.59 -36.92
CA MET E 70 -8.27 0.38 -37.28
C MET E 70 -8.40 0.25 -38.79
N GLU E 71 -8.66 1.36 -39.48
CA GLU E 71 -8.74 1.34 -40.94
C GLU E 71 -7.45 0.85 -41.56
N ARG E 72 -6.31 1.24 -40.99
N ARG E 72 -6.32 1.26 -40.98
CA ARG E 72 -5.02 0.82 -41.54
CA ARG E 72 -5.00 0.85 -41.53
C ARG E 72 -4.84 -0.69 -41.41
C ARG E 72 -4.86 -0.67 -41.42
N GLU E 73 -5.22 -1.25 -40.26
CA GLU E 73 -5.08 -2.69 -40.07
C GLU E 73 -6.05 -3.46 -40.99
N LEU E 74 -7.27 -2.96 -41.16
CA LEU E 74 -8.27 -3.72 -41.90
C LEU E 74 -8.13 -3.54 -43.40
N PHE E 75 -7.83 -2.32 -43.86
CA PHE E 75 -7.79 -2.01 -45.27
C PHE E 75 -6.40 -1.70 -45.79
N GLY E 76 -5.40 -1.59 -44.92
CA GLY E 76 -4.09 -1.13 -45.34
C GLY E 76 -4.00 0.35 -45.66
N GLU E 77 -5.12 1.04 -45.56
CA GLU E 77 -5.15 2.48 -45.94
C GLU E 77 -6.18 3.21 -45.07
N VAL E 78 -5.94 4.49 -44.80
CA VAL E 78 -6.94 5.29 -44.06
C VAL E 78 -7.95 5.83 -45.08
N ARG E 79 -9.00 6.49 -44.61
CA ARG E 79 -10.05 7.01 -45.52
C ARG E 79 -9.56 8.18 -46.37
N SER E 80 -10.19 8.39 -47.53
CA SER E 80 -9.90 9.59 -48.35
C SER E 80 -11.21 10.38 -48.41
N ASP E 81 -12.31 9.76 -47.95
CA ASP E 81 -13.64 10.42 -47.93
C ASP E 81 -14.12 10.49 -46.48
N TRP E 82 -14.23 11.69 -45.92
CA TRP E 82 -14.63 11.86 -44.50
C TRP E 82 -16.06 11.36 -44.27
N GLU E 83 -16.96 11.55 -45.25
CA GLU E 83 -18.35 11.19 -44.99
C GLU E 83 -18.55 9.69 -44.95
N LEU E 84 -17.92 8.94 -45.86
CA LEU E 84 -18.21 7.53 -46.05
C LEU E 84 -17.10 6.59 -45.58
N GLY E 85 -15.93 7.11 -45.23
CA GLY E 85 -14.84 6.25 -44.84
C GLY E 85 -14.10 5.69 -46.06
N TYR E 86 -13.35 4.61 -45.82
CA TYR E 86 -12.54 4.00 -46.86
C TYR E 86 -13.37 3.01 -47.66
N TYR E 87 -13.34 3.15 -48.98
CA TYR E 87 -14.04 2.22 -49.87
C TYR E 87 -13.37 2.26 -51.23
N THR E 88 -13.44 1.12 -51.94
CA THR E 88 -12.91 1.03 -53.30
C THR E 88 -13.98 1.11 -54.37
N ASP E 89 -15.25 1.01 -54.02
CA ASP E 89 -16.31 1.07 -55.01
C ASP E 89 -17.65 1.20 -54.31
N ILE E 90 -18.58 1.87 -54.98
CA ILE E 90 -19.98 1.97 -54.55
C ILE E 90 -20.84 1.55 -55.72
N VAL E 91 -21.73 0.58 -55.50
CA VAL E 91 -22.63 0.07 -56.52
C VAL E 91 -24.03 0.02 -55.95
N THR E 92 -24.96 -0.39 -56.82
CA THR E 92 -26.35 -0.67 -56.41
C THR E 92 -26.60 -2.13 -56.79
N ALA E 93 -27.30 -2.88 -55.96
CA ALA E 93 -27.47 -4.31 -56.22
C ALA E 93 -28.77 -4.80 -55.59
N ARG E 94 -29.18 -6.00 -56.00
CA ARG E 94 -30.37 -6.63 -55.45
C ARG E 94 -30.26 -8.13 -55.64
N ALA E 95 -31.00 -8.87 -54.83
CA ALA E 95 -31.01 -10.32 -54.94
C ALA E 95 -31.74 -10.76 -56.21
N THR E 96 -31.32 -11.91 -56.74
CA THR E 96 -31.98 -12.50 -57.90
C THR E 96 -33.02 -13.53 -57.52
N ASN E 97 -32.94 -14.11 -56.33
CA ASN E 97 -33.93 -15.10 -55.91
C ASN E 97 -35.22 -14.40 -55.51
N PRO E 98 -36.35 -14.69 -56.16
CA PRO E 98 -37.56 -13.89 -55.87
C PRO E 98 -38.00 -13.98 -54.42
N GLU E 99 -37.80 -15.12 -53.76
CA GLU E 99 -38.23 -15.23 -52.37
C GLU E 99 -37.37 -14.36 -51.46
N ILE E 100 -36.05 -14.41 -51.63
CA ILE E 100 -35.18 -13.51 -50.89
C ILE E 100 -35.53 -12.06 -51.21
N LEU E 101 -35.80 -11.79 -52.48
CA LEU E 101 -36.07 -10.41 -52.90
C LEU E 101 -37.36 -9.89 -52.28
N GLU E 102 -38.36 -10.75 -52.08
CA GLU E 102 -39.60 -10.32 -51.48
C GLU E 102 -39.48 -10.19 -49.96
N LYS E 103 -38.63 -11.00 -49.32
CA LYS E 103 -38.48 -10.95 -47.88
C LYS E 103 -37.45 -9.92 -47.42
N GLY E 104 -36.54 -9.51 -48.29
CA GLY E 104 -35.53 -8.55 -47.89
C GLY E 104 -36.11 -7.15 -47.67
N GLN E 105 -35.40 -6.36 -46.86
CA GLN E 105 -35.86 -5.00 -46.58
C GLN E 105 -35.94 -4.19 -47.88
N ASN E 106 -34.85 -4.16 -48.63
CA ASN E 106 -34.78 -3.39 -49.88
C ASN E 106 -34.62 -4.42 -51.00
N GLY E 107 -33.39 -4.74 -51.39
CA GLY E 107 -33.16 -5.72 -52.43
C GLY E 107 -32.75 -7.09 -51.91
N GLY E 108 -32.63 -7.25 -50.60
CA GLY E 108 -32.26 -8.54 -50.05
C GLY E 108 -30.83 -8.92 -50.33
N VAL E 109 -29.96 -7.93 -50.55
CA VAL E 109 -28.56 -8.23 -50.83
C VAL E 109 -27.92 -8.95 -49.65
N VAL E 110 -28.17 -8.47 -48.42
CA VAL E 110 -27.53 -9.09 -47.26
C VAL E 110 -27.96 -10.54 -47.14
N THR E 111 -29.27 -10.81 -47.15
CA THR E 111 -29.74 -12.19 -47.10
C THR E 111 -29.18 -13.01 -48.25
N ALA E 112 -29.06 -12.42 -49.44
CA ALA E 112 -28.56 -13.18 -50.59
C ALA E 112 -27.09 -13.53 -50.43
N LEU E 113 -26.29 -12.62 -49.87
CA LEU E 113 -24.87 -12.90 -49.71
C LEU E 113 -24.63 -13.95 -48.63
N LEU E 114 -25.35 -13.86 -47.51
CA LEU E 114 -25.20 -14.87 -46.45
C LEU E 114 -25.63 -16.24 -46.94
N THR E 115 -26.69 -16.29 -47.76
CA THR E 115 -27.14 -17.58 -48.29
C THR E 115 -26.11 -18.15 -49.25
N HIS E 116 -25.46 -17.30 -50.04
CA HIS E 116 -24.41 -17.76 -50.94
C HIS E 116 -23.25 -18.34 -50.15
N LEU E 117 -22.88 -17.70 -49.03
CA LEU E 117 -21.75 -18.17 -48.25
C LEU E 117 -22.04 -19.52 -47.61
N ILE E 118 -23.24 -19.71 -47.09
CA ILE E 118 -23.53 -20.98 -46.43
C ILE E 118 -23.72 -22.08 -47.46
N ASP E 119 -24.28 -21.73 -48.62
CA ASP E 119 -24.50 -22.74 -49.68
C ASP E 119 -23.15 -23.24 -50.20
N GLU E 120 -22.13 -22.40 -50.19
CA GLU E 120 -20.80 -22.79 -50.75
C GLU E 120 -19.83 -23.14 -49.62
N GLY E 121 -20.35 -23.31 -48.39
CA GLY E 121 -19.50 -23.74 -47.26
C GLY E 121 -18.47 -22.71 -46.87
N LYS E 122 -18.69 -21.43 -47.17
CA LYS E 122 -17.75 -20.42 -46.69
C LYS E 122 -17.98 -20.06 -45.23
N ILE E 123 -19.21 -20.23 -44.75
CA ILE E 123 -19.54 -20.03 -43.35
C ILE E 123 -20.36 -21.22 -42.89
N ASP E 124 -20.31 -21.48 -41.59
CA ASP E 124 -21.21 -22.42 -40.95
C ASP E 124 -22.14 -21.74 -39.96
N ALA E 125 -22.10 -20.41 -39.86
CA ALA E 125 -23.02 -19.68 -39.00
C ALA E 125 -23.07 -18.23 -39.45
N ALA E 126 -24.28 -17.67 -39.46
CA ALA E 126 -24.50 -16.26 -39.74
C ALA E 126 -25.09 -15.62 -38.50
N CYS E 127 -24.33 -14.73 -37.89
CA CYS E 127 -24.79 -14.07 -36.65
C CYS E 127 -25.59 -12.83 -37.07
N ILE E 128 -26.91 -12.96 -37.03
CA ILE E 128 -27.78 -11.85 -37.50
C ILE E 128 -28.78 -11.50 -36.41
N THR E 129 -29.86 -10.82 -36.78
CA THR E 129 -30.94 -10.51 -35.81
C THR E 129 -32.31 -11.07 -36.17
N GLY E 130 -33.03 -11.58 -35.17
CA GLY E 130 -34.40 -12.08 -35.41
C GLY E 130 -35.41 -11.28 -34.59
N ARG E 131 -36.63 -11.80 -34.44
CA ARG E 131 -37.69 -11.09 -33.70
C ARG E 131 -38.28 -12.02 -32.62
N SER E 132 -38.55 -11.47 -31.43
CA SER E 132 -39.15 -12.28 -30.35
C SER E 132 -40.58 -12.69 -30.73
N ASP E 133 -40.98 -13.90 -30.34
CA ASP E 133 -42.37 -14.35 -30.60
C ASP E 133 -43.27 -13.84 -29.47
N ASP E 134 -42.72 -13.62 -28.27
CA ASP E 134 -43.52 -13.15 -27.15
C ASP E 134 -43.60 -11.63 -27.06
N GLU E 135 -42.47 -10.95 -27.25
CA GLU E 135 -42.47 -9.46 -27.23
C GLU E 135 -42.42 -8.98 -28.69
N PRO E 136 -43.53 -8.49 -29.27
CA PRO E 136 -43.58 -8.16 -30.70
C PRO E 136 -42.49 -7.22 -31.24
N TRP E 137 -41.80 -7.67 -32.29
CA TRP E 137 -40.75 -6.84 -32.95
C TRP E 137 -39.55 -6.54 -32.03
N LYS E 138 -39.48 -7.14 -30.85
CA LYS E 138 -38.27 -6.97 -30.06
C LYS E 138 -37.14 -7.75 -30.72
N PRO E 139 -36.11 -7.11 -31.25
CA PRO E 139 -35.05 -7.86 -31.90
C PRO E 139 -34.25 -8.67 -30.89
N GLU E 140 -33.73 -9.80 -31.36
CA GLU E 140 -32.85 -10.64 -30.57
C GLU E 140 -31.81 -11.26 -31.49
N PRO E 141 -30.61 -11.53 -30.98
CA PRO E 141 -29.59 -12.12 -31.83
C PRO E 141 -30.04 -13.47 -32.37
N LEU E 142 -29.67 -13.74 -33.62
CA LEU E 142 -30.04 -14.98 -34.29
C LEU E 142 -28.77 -15.61 -34.85
N VAL E 143 -28.43 -16.80 -34.38
CA VAL E 143 -27.29 -17.54 -34.86
C VAL E 143 -27.83 -18.53 -35.89
N ALA E 144 -27.89 -18.09 -37.14
CA ALA E 144 -28.46 -18.91 -38.23
C ALA E 144 -27.47 -19.94 -38.74
N THR E 145 -27.90 -21.19 -38.85
CA THR E 145 -27.03 -22.30 -39.30
C THR E 145 -27.65 -22.93 -40.56
N THR E 146 -28.80 -22.41 -41.00
CA THR E 146 -29.48 -22.90 -42.22
C THR E 146 -29.84 -21.71 -43.11
N ARG E 147 -30.03 -21.98 -44.40
CA ARG E 147 -30.42 -20.87 -45.32
C ARG E 147 -31.84 -20.41 -44.99
N ASP E 148 -32.65 -21.28 -44.38
CA ASP E 148 -34.02 -20.88 -43.97
C ASP E 148 -33.95 -19.98 -42.73
N GLU E 149 -33.02 -20.27 -41.82
CA GLU E 149 -32.84 -19.42 -40.63
C GLU E 149 -32.30 -18.05 -41.07
N ILE E 150 -31.44 -18.04 -42.07
CA ILE E 150 -30.89 -16.76 -42.60
C ILE E 150 -32.04 -15.93 -43.15
N LEU E 151 -32.96 -16.55 -43.89
CA LEU E 151 -34.13 -15.83 -44.47
C LEU E 151 -35.03 -15.32 -43.34
N LYS E 152 -35.11 -16.07 -42.24
CA LYS E 152 -35.97 -15.67 -41.09
C LYS E 152 -35.44 -14.39 -40.45
N GLY E 153 -34.19 -14.03 -40.72
CA GLY E 153 -33.66 -12.80 -40.19
C GLY E 153 -33.79 -11.60 -41.10
N ALA E 154 -34.30 -11.79 -42.31
CA ALA E 154 -34.40 -10.69 -43.27
C ALA E 154 -35.30 -9.58 -42.72
N GLY E 155 -35.04 -8.37 -43.20
CA GLY E 155 -35.84 -7.22 -42.82
C GLY E 155 -35.15 -6.39 -41.75
N SER E 156 -35.44 -5.09 -41.78
CA SER E 156 -34.89 -4.16 -40.79
C SER E 156 -35.74 -4.16 -39.53
N ASN E 157 -35.06 -4.17 -38.38
CA ASN E 157 -35.67 -3.86 -37.09
C ASN E 157 -35.06 -2.55 -36.60
N TYR E 158 -35.89 -1.54 -36.38
CA TYR E 158 -35.37 -0.23 -36.01
C TYR E 158 -35.17 -0.07 -34.50
N GLU E 159 -35.35 -1.16 -33.78
CA GLU E 159 -34.96 -1.14 -32.34
C GLU E 159 -33.55 -1.72 -32.31
N GLN E 160 -32.77 -1.40 -31.28
CA GLN E 160 -31.38 -1.87 -31.24
C GLN E 160 -31.34 -3.33 -30.79
N CYS E 161 -30.50 -4.13 -31.44
CA CYS E 161 -30.30 -5.53 -31.01
C CYS E 161 -28.89 -5.65 -30.45
N PRO E 162 -28.69 -6.35 -29.32
CA PRO E 162 -27.32 -6.60 -28.84
C PRO E 162 -26.63 -7.69 -29.65
N ALA E 163 -26.42 -7.40 -30.94
CA ALA E 163 -26.12 -8.44 -31.92
C ALA E 163 -24.83 -9.19 -31.60
N ILE E 164 -23.84 -8.52 -30.99
CA ILE E 164 -22.59 -9.20 -30.68
C ILE E 164 -22.82 -10.37 -29.74
N MET E 165 -23.92 -10.35 -28.98
CA MET E 165 -24.26 -11.52 -28.18
C MET E 165 -24.31 -12.77 -29.05
N GLY E 166 -24.74 -12.62 -30.32
CA GLY E 166 -24.79 -13.78 -31.21
C GLY E 166 -23.41 -14.25 -31.63
N VAL E 167 -22.51 -13.31 -31.89
CA VAL E 167 -21.14 -13.66 -32.24
C VAL E 167 -20.48 -14.44 -31.10
N GLY E 168 -20.63 -13.96 -29.87
CA GLY E 168 -20.09 -14.69 -28.74
C GLY E 168 -20.69 -16.07 -28.60
N GLU E 169 -21.96 -16.22 -28.95
CA GLU E 169 -22.61 -17.52 -28.89
C GLU E 169 -22.03 -18.46 -29.94
N ALA E 170 -21.81 -17.96 -31.16
CA ALA E 170 -21.29 -18.80 -32.22
C ALA E 170 -19.84 -19.19 -31.94
N LEU E 171 -19.04 -18.27 -31.39
CA LEU E 171 -17.66 -18.59 -31.05
C LEU E 171 -17.59 -19.62 -29.92
N ALA E 172 -18.64 -19.67 -29.10
CA ALA E 172 -18.67 -20.64 -27.99
C ALA E 172 -19.33 -21.96 -28.40
N ASN E 173 -19.89 -22.05 -29.61
CA ASN E 173 -20.66 -23.24 -30.02
C ASN E 173 -19.85 -24.13 -30.99
N GLY E 174 -18.69 -23.68 -31.43
CA GLY E 174 -17.85 -24.53 -32.29
C GLY E 174 -17.86 -24.14 -33.76
N SER E 175 -18.67 -23.16 -34.14
CA SER E 175 -18.67 -22.67 -35.55
C SER E 175 -17.24 -22.24 -35.93
N GLU E 176 -16.78 -22.63 -37.12
CA GLU E 176 -15.37 -22.36 -37.50
C GLU E 176 -15.29 -21.22 -38.53
N ASN E 177 -16.39 -20.96 -39.21
CA ASN E 177 -16.42 -19.88 -40.22
C ASN E 177 -17.70 -19.07 -39.98
N ILE E 178 -17.57 -17.84 -39.52
CA ILE E 178 -18.72 -17.06 -39.10
C ILE E 178 -18.83 -15.82 -39.97
N ALA E 179 -20.06 -15.48 -40.34
CA ALA E 179 -20.38 -14.17 -40.89
C ALA E 179 -21.31 -13.47 -39.91
N MET E 180 -21.17 -12.16 -39.79
CA MET E 180 -22.02 -11.38 -38.92
C MET E 180 -22.51 -10.13 -39.66
N VAL E 181 -23.71 -9.70 -39.28
CA VAL E 181 -24.32 -8.49 -39.80
C VAL E 181 -24.48 -7.53 -38.63
N GLY E 182 -24.23 -6.26 -38.87
CA GLY E 182 -24.21 -5.30 -37.79
C GLY E 182 -24.42 -3.89 -38.27
N LEU E 183 -25.03 -3.09 -37.41
CA LEU E 183 -25.02 -1.66 -37.56
C LEU E 183 -23.59 -1.16 -37.34
N PRO E 184 -23.31 0.10 -37.65
CA PRO E 184 -21.93 0.59 -37.49
C PRO E 184 -21.34 0.33 -36.12
N CYS E 185 -22.15 0.46 -35.06
CA CYS E 185 -21.62 0.24 -33.72
C CYS E 185 -21.31 -1.23 -33.49
N HIS E 186 -22.17 -2.12 -33.99
CA HIS E 186 -21.85 -3.54 -33.95
C HIS E 186 -20.56 -3.81 -34.69
N ILE E 187 -20.38 -3.18 -35.85
CA ILE E 187 -19.17 -3.41 -36.64
C ILE E 187 -17.95 -2.91 -35.89
N GLN E 188 -18.06 -1.74 -35.26
CA GLN E 188 -16.93 -1.22 -34.49
C GLN E 188 -16.52 -2.21 -33.41
N ALA E 189 -17.49 -2.79 -32.70
CA ALA E 189 -17.17 -3.76 -31.63
C ALA E 189 -16.51 -5.01 -32.21
N MET E 190 -17.10 -5.56 -33.26
CA MET E 190 -16.53 -6.76 -33.93
C MET E 190 -15.07 -6.48 -34.29
N ARG E 191 -14.80 -5.28 -34.80
CA ARG E 191 -13.43 -4.93 -35.26
C ARG E 191 -12.52 -4.78 -34.04
N LYS E 192 -13.03 -4.18 -32.97
CA LYS E 192 -12.23 -4.11 -31.75
C LYS E 192 -11.90 -5.50 -31.24
N ILE E 193 -12.84 -6.44 -31.38
CA ILE E 193 -12.61 -7.79 -30.90
C ILE E 193 -11.55 -8.47 -31.76
N GLN E 194 -11.69 -8.37 -33.08
CA GLN E 194 -10.77 -9.02 -33.99
C GLN E 194 -9.36 -8.46 -33.90
N LEU E 195 -9.22 -7.15 -33.60
CA LEU E 195 -7.93 -6.49 -33.62
C LEU E 195 -7.29 -6.39 -32.23
N SER E 196 -7.98 -6.86 -31.19
CA SER E 196 -7.45 -6.74 -29.84
C SER E 196 -6.18 -7.54 -29.69
N LYS E 197 -5.20 -6.96 -29.00
CA LYS E 197 -4.03 -7.71 -28.54
C LYS E 197 -4.10 -8.01 -27.06
N ALA E 198 -5.18 -7.58 -26.38
CA ALA E 198 -5.36 -7.85 -24.96
C ALA E 198 -6.11 -9.14 -24.68
N PHE E 199 -6.95 -9.60 -25.62
CA PHE E 199 -7.74 -10.81 -25.43
C PHE E 199 -7.83 -11.57 -26.74
N ASP E 200 -7.81 -12.90 -26.64
CA ASP E 200 -8.05 -13.80 -27.76
C ASP E 200 -9.30 -14.60 -27.44
N VAL E 201 -10.41 -14.27 -28.09
CA VAL E 201 -11.66 -15.01 -27.93
C VAL E 201 -12.00 -15.79 -29.19
N GLY E 202 -11.00 -16.01 -30.06
CA GLY E 202 -11.20 -16.79 -31.26
C GLY E 202 -11.87 -16.06 -32.39
N ALA E 203 -11.84 -14.73 -32.39
CA ALA E 203 -12.57 -13.94 -33.37
C ALA E 203 -11.98 -14.04 -34.77
N SER E 204 -10.79 -14.62 -34.93
CA SER E 204 -10.31 -14.89 -36.27
C SER E 204 -11.25 -15.81 -37.03
N ARG E 205 -12.12 -16.52 -36.31
CA ARG E 205 -13.09 -17.39 -36.95
C ARG E 205 -14.25 -16.60 -37.57
N VAL E 206 -14.38 -15.32 -37.24
CA VAL E 206 -15.34 -14.45 -37.91
C VAL E 206 -14.70 -13.98 -39.20
N LYS E 207 -15.23 -14.44 -40.34
CA LYS E 207 -14.63 -14.23 -41.65
C LYS E 207 -15.26 -13.07 -42.42
N TYR E 208 -16.45 -12.63 -42.04
CA TYR E 208 -17.16 -11.60 -42.78
C TYR E 208 -17.89 -10.69 -41.81
N ALA E 209 -17.70 -9.39 -41.97
CA ALA E 209 -18.43 -8.38 -41.20
C ALA E 209 -19.21 -7.53 -42.22
N ILE E 210 -20.50 -7.79 -42.33
CA ILE E 210 -21.37 -7.08 -43.26
C ILE E 210 -22.06 -5.95 -42.51
N GLY E 211 -21.77 -4.72 -42.90
CA GLY E 211 -22.31 -3.57 -42.22
C GLY E 211 -23.59 -3.04 -42.85
N LEU E 212 -24.44 -2.48 -42.01
CA LEU E 212 -25.66 -1.82 -42.43
C LEU E 212 -25.48 -0.32 -42.23
N LEU E 213 -26.01 0.46 -43.17
CA LEU E 213 -26.01 1.93 -42.95
C LEU E 213 -27.01 2.21 -41.84
N CYS E 214 -26.76 3.23 -41.01
CA CYS E 214 -27.66 3.48 -39.86
C CYS E 214 -27.62 4.94 -39.43
N THR E 215 -28.80 5.54 -39.28
CA THR E 215 -28.88 6.94 -38.78
C THR E 215 -29.16 6.88 -37.28
N GLU E 216 -30.02 5.93 -36.86
CA GLU E 216 -30.28 5.76 -35.41
C GLU E 216 -31.21 4.58 -35.12
N THR E 217 -31.20 4.10 -33.88
CA THR E 217 -32.13 3.02 -33.44
C THR E 217 -33.12 3.69 -32.49
N PHE E 218 -34.28 3.07 -32.28
CA PHE E 218 -35.32 3.73 -31.46
C PHE E 218 -35.56 2.99 -30.15
N ASP E 219 -35.68 3.74 -29.07
CA ASP E 219 -36.05 3.15 -27.78
C ASP E 219 -37.39 2.45 -27.91
N ARG E 220 -37.48 1.24 -27.36
CA ARG E 220 -38.68 0.43 -27.54
C ARG E 220 -39.92 1.14 -26.99
N ASP E 221 -39.84 1.60 -25.74
CA ASP E 221 -41.00 2.25 -25.12
C ASP E 221 -41.48 3.43 -25.94
N LEU E 222 -40.55 4.31 -26.34
CA LEU E 222 -40.96 5.48 -27.13
C LEU E 222 -41.54 5.06 -28.47
N LEU E 223 -40.92 4.10 -29.15
CA LEU E 223 -41.39 3.71 -30.46
C LEU E 223 -42.80 3.11 -30.39
N HIS E 224 -43.04 2.24 -29.41
CA HIS E 224 -44.35 1.60 -29.31
C HIS E 224 -45.40 2.57 -28.80
N ALA E 225 -45.01 3.57 -28.00
CA ALA E 225 -45.93 4.66 -27.72
C ALA E 225 -46.31 5.39 -29.00
N LYS E 226 -45.33 5.59 -29.89
CA LYS E 226 -45.62 6.22 -31.17
C LYS E 226 -46.56 5.35 -32.00
N LEU E 227 -46.38 4.03 -31.93
CA LEU E 227 -47.25 3.12 -32.68
C LEU E 227 -48.69 3.21 -32.16
N ARG E 228 -48.86 3.27 -30.84
CA ARG E 228 -50.20 3.41 -30.28
C ARG E 228 -50.84 4.73 -30.71
N GLU E 229 -50.04 5.80 -30.75
CA GLU E 229 -50.54 7.07 -31.25
C GLU E 229 -51.01 6.95 -32.69
N MET E 230 -50.32 6.12 -33.48
CA MET E 230 -50.73 5.89 -34.89
C MET E 230 -51.87 4.87 -34.91
N LYS E 231 -52.32 4.43 -33.74
CA LYS E 231 -53.42 3.43 -33.64
C LYS E 231 -53.01 2.12 -34.30
N ILE E 232 -51.76 1.70 -34.07
CA ILE E 232 -51.27 0.41 -34.65
C ILE E 232 -50.73 -0.48 -33.53
N LYS E 233 -51.15 -1.73 -33.49
CA LYS E 233 -50.59 -2.69 -32.56
C LYS E 233 -49.36 -3.33 -33.17
N ALA E 234 -48.28 -3.50 -32.39
CA ALA E 234 -47.01 -4.03 -32.94
C ALA E 234 -47.20 -5.42 -33.57
N GLU E 235 -48.05 -6.25 -32.98
CA GLU E 235 -48.28 -7.62 -33.50
C GLU E 235 -48.90 -7.57 -34.90
N ASP E 236 -49.53 -6.45 -35.24
CA ASP E 236 -50.19 -6.31 -36.56
C ASP E 236 -49.20 -5.76 -37.58
N VAL E 237 -48.00 -5.39 -37.14
CA VAL E 237 -47.04 -4.77 -38.09
C VAL E 237 -46.35 -5.86 -38.90
N LYS E 238 -46.37 -5.72 -40.21
CA LYS E 238 -45.73 -6.68 -41.11
C LYS E 238 -44.30 -6.29 -41.43
N LYS E 239 -44.03 -4.99 -41.55
CA LYS E 239 -42.71 -4.51 -41.95
C LYS E 239 -42.60 -3.05 -41.57
N PHE E 240 -41.39 -2.62 -41.19
CA PHE E 240 -41.04 -1.22 -41.01
C PHE E 240 -40.16 -0.78 -42.17
N ASP E 241 -40.23 0.51 -42.51
CA ASP E 241 -39.33 1.06 -43.51
C ASP E 241 -39.20 2.55 -43.27
N ILE E 242 -38.08 3.10 -43.71
CA ILE E 242 -37.86 4.56 -43.61
C ILE E 242 -37.46 5.03 -45.00
N GLY E 243 -38.28 5.89 -45.60
CA GLY E 243 -37.99 6.37 -46.96
C GLY E 243 -38.87 7.54 -47.34
N GLU E 244 -38.50 8.25 -48.42
CA GLU E 244 -39.35 9.37 -48.90
C GLU E 244 -39.70 10.25 -47.70
N GLY E 245 -38.71 10.64 -46.92
CA GLY E 245 -38.96 11.48 -45.74
C GLY E 245 -40.06 10.93 -44.86
N LYS E 246 -40.18 9.61 -44.79
CA LYS E 246 -41.34 9.07 -44.04
C LYS E 246 -40.99 7.81 -43.25
N PHE E 247 -41.64 7.63 -42.10
CA PHE E 247 -41.49 6.36 -41.35
C PHE E 247 -42.69 5.52 -41.78
N LYS E 248 -42.43 4.38 -42.41
CA LYS E 248 -43.50 3.56 -42.97
C LYS E 248 -43.78 2.37 -42.07
N VAL E 249 -45.05 2.11 -41.80
CA VAL E 249 -45.48 0.99 -40.98
C VAL E 249 -46.47 0.19 -41.80
N PHE E 250 -46.06 -1.01 -42.22
CA PHE E 250 -46.86 -1.83 -43.12
C PHE E 250 -47.67 -2.84 -42.32
N THR E 251 -48.97 -2.90 -42.63
CA THR E 251 -49.90 -3.87 -42.00
C THR E 251 -50.70 -4.50 -43.14
N GLU E 252 -51.50 -5.51 -42.84
CA GLU E 252 -52.32 -6.19 -43.88
C GLU E 252 -53.31 -5.19 -44.49
N GLU E 253 -53.82 -4.27 -43.68
CA GLU E 253 -54.83 -3.28 -44.16
C GLU E 253 -54.13 -2.27 -45.08
N GLY E 254 -52.80 -2.17 -44.98
CA GLY E 254 -52.05 -1.25 -45.84
C GLY E 254 -50.89 -0.58 -45.14
N VAL E 255 -50.45 0.58 -45.62
CA VAL E 255 -49.25 1.25 -45.05
C VAL E 255 -49.64 2.50 -44.28
N ARG E 256 -49.07 2.71 -43.10
CA ARG E 256 -49.32 3.94 -42.29
C ARG E 256 -48.00 4.70 -42.20
N THR E 257 -47.96 5.98 -42.51
CA THR E 257 -46.68 6.73 -42.60
C THR E 257 -46.65 7.86 -41.58
N GLU E 258 -45.47 8.45 -41.41
CA GLU E 258 -45.32 9.57 -40.49
C GLU E 258 -44.00 10.26 -40.81
N LYS E 259 -44.01 11.58 -40.80
CA LYS E 259 -42.81 12.32 -41.18
C LYS E 259 -41.67 11.94 -40.25
N ILE E 260 -40.52 11.62 -40.84
CA ILE E 260 -39.43 10.98 -40.10
C ILE E 260 -38.89 11.87 -39.00
N ALA E 261 -39.01 13.20 -39.13
CA ALA E 261 -38.46 14.07 -38.10
C ALA E 261 -39.15 13.86 -36.76
N THR E 262 -40.42 13.46 -36.78
CA THR E 262 -41.14 13.23 -35.52
C THR E 262 -40.66 11.97 -34.82
N MET E 263 -39.93 11.10 -35.51
CA MET E 263 -39.36 9.91 -34.90
C MET E 263 -38.09 10.21 -34.12
N LYS E 264 -37.49 11.39 -34.32
CA LYS E 264 -36.22 11.68 -33.65
C LYS E 264 -36.36 11.59 -32.13
N SER E 265 -37.46 12.08 -31.58
CA SER E 265 -37.67 12.01 -30.14
C SER E 265 -37.66 10.58 -29.62
N CYS E 266 -37.77 9.58 -30.50
CA CYS E 266 -37.76 8.18 -30.11
C CYS E 266 -36.38 7.57 -30.12
N MET E 267 -35.36 8.31 -30.53
CA MET E 267 -34.04 7.73 -30.73
C MET E 267 -33.39 7.36 -29.40
N ARG E 268 -32.54 6.33 -29.44
CA ARG E 268 -31.78 5.93 -28.26
C ARG E 268 -30.72 6.98 -27.94
N ASP E 269 -30.57 7.28 -26.64
CA ASP E 269 -29.56 8.24 -26.21
C ASP E 269 -28.19 7.86 -26.73
N GLY E 270 -27.86 6.56 -26.70
CA GLY E 270 -26.55 6.11 -27.12
C GLY E 270 -26.26 6.45 -28.57
N CYS E 271 -27.29 6.60 -29.39
CA CYS E 271 -27.10 6.95 -30.79
C CYS E 271 -26.76 8.42 -30.99
N LYS E 272 -26.89 9.25 -29.96
CA LYS E 272 -26.64 10.68 -30.10
C LYS E 272 -25.17 11.02 -30.28
N VAL E 273 -24.27 10.14 -29.88
CA VAL E 273 -22.83 10.38 -30.00
C VAL E 273 -22.20 9.44 -31.03
N CYS E 274 -23.00 8.92 -31.96
CA CYS E 274 -22.51 7.99 -32.97
C CYS E 274 -21.99 8.80 -34.16
N TYR E 275 -20.73 8.56 -34.51
CA TYR E 275 -20.04 9.34 -35.54
C TYR E 275 -19.80 8.53 -36.81
N ASP E 276 -20.64 7.54 -37.07
CA ASP E 276 -20.41 6.58 -38.15
C ASP E 276 -21.75 6.25 -38.77
N PHE E 277 -22.00 6.76 -39.98
CA PHE E 277 -23.24 6.48 -40.68
C PHE E 277 -23.14 5.25 -41.57
N ALA E 278 -22.01 5.05 -42.24
CA ALA E 278 -21.92 4.12 -43.35
C ALA E 278 -21.28 2.79 -42.97
N ALA E 279 -21.17 2.47 -41.69
CA ALA E 279 -20.46 1.26 -41.27
C ALA E 279 -19.06 1.25 -41.87
N GLU E 280 -18.30 2.29 -41.52
CA GLU E 280 -17.04 2.59 -42.18
C GLU E 280 -16.00 1.47 -42.05
N LEU E 281 -16.11 0.61 -41.05
CA LEU E 281 -15.10 -0.40 -40.78
C LEU E 281 -15.50 -1.80 -41.26
N ALA E 282 -16.64 -1.94 -41.95
CA ALA E 282 -17.10 -3.24 -42.37
C ALA E 282 -16.38 -3.69 -43.64
N ASP E 283 -16.53 -4.97 -43.96
CA ASP E 283 -16.02 -5.48 -45.23
C ASP E 283 -16.80 -4.90 -46.40
N ILE E 284 -18.13 -4.87 -46.28
CA ILE E 284 -19.02 -4.17 -47.19
C ILE E 284 -20.07 -3.50 -46.32
N SER E 285 -20.63 -2.41 -46.82
CA SER E 285 -21.68 -1.70 -46.10
C SER E 285 -22.89 -1.55 -47.01
N VAL E 286 -24.05 -1.99 -46.53
CA VAL E 286 -25.24 -2.11 -47.35
C VAL E 286 -26.31 -1.18 -46.80
N GLY E 287 -26.95 -0.43 -47.69
CA GLY E 287 -27.99 0.50 -47.31
C GLY E 287 -29.06 0.69 -48.38
N SER E 288 -29.88 1.72 -48.21
CA SER E 288 -30.97 2.04 -49.11
C SER E 288 -30.78 3.36 -49.82
N ILE E 289 -30.33 4.40 -49.11
CA ILE E 289 -30.21 5.73 -49.68
C ILE E 289 -29.38 5.66 -50.96
N GLY E 290 -29.83 6.40 -51.98
CA GLY E 290 -29.12 6.44 -53.27
C GLY E 290 -29.60 5.39 -54.24
N SER E 291 -30.32 4.39 -53.76
CA SER E 291 -30.73 3.29 -54.65
C SER E 291 -32.24 3.32 -54.89
N GLU E 292 -32.67 2.68 -55.96
CA GLU E 292 -34.11 2.63 -56.30
C GLU E 292 -34.83 1.67 -55.36
N GLU E 293 -36.14 1.79 -55.29
CA GLU E 293 -36.91 0.87 -54.46
C GLU E 293 -36.63 -0.55 -54.94
N GLY E 294 -36.42 -1.46 -53.99
CA GLY E 294 -36.06 -2.82 -54.33
C GLY E 294 -34.60 -3.02 -54.66
N TRP E 295 -33.74 -2.04 -54.40
CA TRP E 295 -32.31 -2.15 -54.64
C TRP E 295 -31.56 -1.65 -53.42
N ASN E 296 -30.29 -2.03 -53.33
CA ASN E 296 -29.43 -1.69 -52.22
C ASN E 296 -28.22 -0.91 -52.72
N THR E 297 -27.79 0.06 -51.93
CA THR E 297 -26.49 0.68 -52.11
C THR E 297 -25.46 -0.14 -51.35
N VAL E 298 -24.36 -0.47 -52.03
CA VAL E 298 -23.34 -1.34 -51.45
C VAL E 298 -21.99 -0.68 -51.61
N LEU E 299 -21.36 -0.35 -50.48
CA LEU E 299 -20.00 0.17 -50.48
C LEU E 299 -19.04 -1.01 -50.31
N ILE E 300 -18.12 -1.16 -51.24
CA ILE E 300 -17.07 -2.16 -51.17
C ILE E 300 -15.87 -1.56 -50.46
N ARG E 301 -15.36 -2.23 -49.43
CA ARG E 301 -14.27 -1.68 -48.62
C ARG E 301 -13.07 -2.60 -48.60
N SER E 302 -13.16 -3.77 -47.98
CA SER E 302 -12.02 -4.68 -47.83
C SER E 302 -11.90 -5.59 -49.03
N LYS E 303 -10.75 -6.28 -49.10
CA LYS E 303 -10.53 -7.23 -50.19
C LYS E 303 -11.49 -8.40 -50.07
N ALA E 304 -11.75 -8.86 -48.85
CA ALA E 304 -12.73 -9.92 -48.65
C ALA E 304 -14.11 -9.45 -49.06
N GLY E 305 -14.44 -8.18 -48.79
CA GLY E 305 -15.71 -7.65 -49.22
C GLY E 305 -15.82 -7.61 -50.74
N LYS E 306 -14.75 -7.21 -51.42
CA LYS E 306 -14.78 -7.16 -52.88
C LYS E 306 -14.96 -8.55 -53.47
N GLU E 307 -14.15 -9.51 -53.02
CA GLU E 307 -14.27 -10.87 -53.55
C GLU E 307 -15.64 -11.46 -53.27
N LEU E 308 -16.27 -11.06 -52.16
CA LEU E 308 -17.61 -11.56 -51.86
C LEU E 308 -18.65 -11.05 -52.86
N ILE E 309 -18.56 -9.77 -53.24
CA ILE E 309 -19.52 -9.22 -54.19
C ILE E 309 -19.25 -9.78 -55.59
N ASP E 310 -17.98 -9.93 -55.95
CA ASP E 310 -17.67 -10.48 -57.27
C ASP E 310 -18.11 -11.93 -57.37
N GLU E 311 -17.84 -12.73 -56.33
CA GLU E 311 -18.21 -14.14 -56.37
C GLU E 311 -19.71 -14.33 -56.31
N ALA E 312 -20.42 -13.45 -55.60
CA ALA E 312 -21.88 -13.53 -55.59
C ALA E 312 -22.47 -13.14 -56.93
N GLU E 313 -21.90 -12.10 -57.57
CA GLU E 313 -22.36 -11.72 -58.89
C GLU E 313 -22.10 -12.82 -59.91
N LYS E 314 -20.93 -13.46 -59.85
CA LYS E 314 -20.66 -14.57 -60.75
C LYS E 314 -21.65 -15.71 -60.53
N ALA E 315 -21.93 -16.04 -59.28
CA ALA E 315 -22.90 -17.08 -58.97
C ALA E 315 -24.33 -16.67 -59.29
N LYS E 316 -24.54 -15.42 -59.73
CA LYS E 316 -25.84 -14.95 -60.17
C LYS E 316 -26.87 -14.92 -59.04
N VAL E 317 -26.41 -14.73 -57.79
CA VAL E 317 -27.33 -14.58 -56.68
C VAL E 317 -27.66 -13.10 -56.43
N ILE E 318 -26.88 -12.18 -56.98
CA ILE E 318 -27.19 -10.76 -56.93
C ILE E 318 -27.00 -10.17 -58.32
N GLU E 319 -27.71 -9.07 -58.56
CA GLU E 319 -27.53 -8.34 -59.83
C GLU E 319 -26.90 -7.00 -59.46
N VAL E 320 -25.84 -6.60 -60.15
CA VAL E 320 -25.12 -5.35 -59.79
C VAL E 320 -25.08 -4.39 -60.96
N LYS E 321 -25.27 -3.10 -60.68
CA LYS E 321 -25.14 -2.07 -61.72
C LYS E 321 -24.54 -0.82 -61.08
N PRO E 322 -23.91 0.08 -61.86
CA PRO E 322 -23.27 1.24 -61.29
C PRO E 322 -24.29 2.16 -60.61
N LEU E 323 -23.81 3.03 -59.72
CA LEU E 323 -24.69 4.02 -59.05
C LEU E 323 -24.31 5.41 -59.55
N ASN E 324 -25.30 6.27 -59.81
CA ASN E 324 -25.02 7.61 -60.40
C ASN E 324 -24.36 8.55 -59.40
N GLU E 325 -23.67 9.57 -59.91
CA GLU E 325 -22.96 10.49 -59.03
C GLU E 325 -23.93 11.24 -58.10
N ALA E 326 -25.10 11.62 -58.61
CA ALA E 326 -26.08 12.29 -57.76
C ALA E 326 -26.59 11.36 -56.67
N SER E 327 -26.54 10.06 -56.91
CA SER E 327 -26.98 9.08 -55.91
C SER E 327 -25.92 8.97 -54.82
N ILE E 328 -24.67 8.76 -55.22
CA ILE E 328 -23.58 8.71 -54.25
C ILE E 328 -23.58 9.96 -53.39
N GLN E 329 -23.86 11.13 -54.00
CA GLN E 329 -23.87 12.37 -53.24
C GLN E 329 -24.96 12.34 -52.17
N SER E 330 -26.13 11.77 -52.50
CA SER E 330 -27.20 11.67 -51.51
C SER E 330 -26.76 10.83 -50.32
N VAL E 331 -25.89 9.85 -50.54
CA VAL E 331 -25.36 9.03 -49.40
C VAL E 331 -24.45 9.93 -48.56
N LYS E 332 -23.53 10.64 -49.20
CA LYS E 332 -22.58 11.53 -48.49
C LYS E 332 -23.37 12.57 -47.68
N ASP E 333 -24.45 13.12 -48.25
CA ASP E 333 -25.23 14.17 -47.57
C ASP E 333 -25.77 13.66 -46.23
N LEU E 334 -26.37 12.46 -46.24
CA LEU E 334 -26.95 11.89 -45.00
C LEU E 334 -25.82 11.59 -44.00
N ALA E 335 -24.70 11.04 -44.46
CA ALA E 335 -23.55 10.79 -43.58
C ALA E 335 -23.10 12.10 -42.93
N SER E 336 -22.97 13.15 -43.72
CA SER E 336 -22.49 14.42 -43.18
C SER E 336 -23.45 14.99 -42.15
N ARG E 337 -24.75 14.87 -42.41
CA ARG E 337 -25.72 15.42 -41.46
C ARG E 337 -25.68 14.66 -40.14
N LYS E 338 -25.51 13.33 -40.19
CA LYS E 338 -25.42 12.56 -38.96
C LYS E 338 -24.14 12.87 -38.20
N LYS E 339 -23.01 12.85 -38.90
CA LYS E 339 -21.70 13.08 -38.22
C LYS E 339 -21.66 14.51 -37.64
N SER E 340 -22.05 15.49 -38.44
CA SER E 340 -21.97 16.91 -37.99
C SER E 340 -22.88 17.14 -36.78
N GLU E 341 -24.10 16.60 -36.81
CA GLU E 341 -25.06 16.82 -35.69
C GLU E 341 -24.61 16.07 -34.44
N ASN E 342 -24.08 14.86 -34.60
CA ASN E 342 -23.70 14.08 -33.43
C ASN E 342 -22.37 14.53 -32.86
N MET E 343 -21.48 15.08 -33.68
CA MET E 343 -20.29 15.69 -33.12
C MET E 343 -20.66 16.88 -32.25
N ASP E 344 -21.77 17.54 -32.56
CA ASP E 344 -22.29 18.58 -31.67
C ASP E 344 -22.66 17.99 -30.32
N ASN E 345 -23.23 16.79 -30.32
CA ASN E 345 -23.53 16.10 -29.07
C ASN E 345 -22.24 15.61 -28.40
N ILE E 346 -21.31 15.09 -29.18
CA ILE E 346 -20.07 14.56 -28.63
C ILE E 346 -19.36 15.63 -27.80
N VAL E 347 -19.20 16.83 -28.36
CA VAL E 347 -18.40 17.86 -27.71
C VAL E 347 -19.04 18.40 -26.44
N GLU E 348 -20.31 18.11 -26.18
CA GLU E 348 -20.93 18.55 -24.95
C GLU E 348 -20.64 17.61 -23.79
N ILE E 349 -20.32 16.35 -24.07
CA ILE E 349 -19.93 15.40 -23.02
C ILE E 349 -18.43 15.21 -22.96
N ALA E 350 -17.70 15.49 -24.03
CA ALA E 350 -16.29 15.16 -24.09
C ALA E 350 -15.49 16.01 -23.14
N GLY E 351 -14.46 15.42 -22.56
CA GLY E 351 -13.51 16.18 -21.77
C GLY E 351 -12.66 17.07 -22.64
N ALA E 352 -11.74 17.78 -22.00
CA ALA E 352 -10.86 18.68 -22.73
C ALA E 352 -10.00 17.89 -23.71
N THR E 353 -9.75 18.49 -24.88
CA THR E 353 -8.87 17.93 -25.87
C THR E 353 -7.47 18.49 -25.64
N LYS E 354 -6.46 17.61 -25.60
CA LYS E 354 -5.09 18.01 -25.33
C LYS E 354 -4.20 17.67 -26.52
N ILE E 355 -3.40 18.64 -26.94
CA ILE E 355 -2.42 18.50 -28.02
C ILE E 355 -1.10 18.97 -27.45
N LEU E 356 -0.27 18.03 -26.99
CA LEU E 356 0.95 18.34 -26.22
C LEU E 356 0.49 19.19 -25.05
N HIS E 357 1.07 20.36 -24.81
CA HIS E 357 0.70 21.18 -23.66
C HIS E 357 -0.63 21.90 -23.82
N LEU E 358 -1.11 22.06 -25.05
CA LEU E 358 -2.30 22.85 -25.29
C LEU E 358 -3.54 22.05 -24.91
N ALA E 359 -4.49 22.74 -24.27
CA ALA E 359 -5.74 22.10 -23.86
C ALA E 359 -6.88 23.05 -24.18
N VAL E 360 -7.90 22.55 -24.87
CA VAL E 360 -9.07 23.34 -25.22
C VAL E 360 -10.29 22.44 -25.19
N LYS E 361 -11.46 23.06 -25.01
CA LYS E 361 -12.70 22.33 -25.21
C LYS E 361 -12.75 21.80 -26.64
N PRO E 362 -13.22 20.56 -26.84
CA PRO E 362 -13.32 20.05 -28.22
C PRO E 362 -14.08 20.98 -29.15
N GLN E 363 -15.15 21.62 -28.68
CA GLN E 363 -15.94 22.49 -29.54
C GLN E 363 -15.18 23.73 -29.98
N GLU E 364 -14.17 24.16 -29.23
CA GLU E 364 -13.38 25.34 -29.57
C GLU E 364 -12.11 24.99 -30.32
N LEU E 365 -12.05 23.76 -30.85
CA LEU E 365 -10.81 23.28 -31.45
C LEU E 365 -10.38 24.17 -32.61
N SER E 366 -11.32 24.62 -33.43
CA SER E 366 -10.95 25.41 -34.60
C SER E 366 -10.49 26.82 -34.23
N LEU E 367 -10.91 27.34 -33.07
CA LEU E 367 -10.39 28.62 -32.61
C LEU E 367 -8.90 28.53 -32.29
N LEU E 368 -8.44 27.35 -31.89
CA LEU E 368 -7.03 27.15 -31.59
C LEU E 368 -6.24 26.81 -32.85
N LEU E 369 -6.77 25.93 -33.69
CA LEU E 369 -5.98 25.45 -34.86
C LEU E 369 -6.37 26.19 -36.15
N GLY E 370 -7.48 26.93 -36.13
CA GLY E 370 -7.95 27.61 -37.35
C GLY E 370 -8.79 26.69 -38.20
N MET F 1 -2.87 13.85 -11.60
CA MET F 1 -2.44 13.33 -10.28
C MET F 1 -3.61 13.37 -9.30
N ASN F 2 -4.08 12.20 -8.85
CA ASN F 2 -5.19 12.15 -7.86
C ASN F 2 -4.59 12.18 -6.45
N ILE F 3 -4.96 13.16 -5.63
CA ILE F 3 -4.34 13.30 -4.28
C ILE F 3 -5.34 12.86 -3.20
N PRO F 4 -5.12 11.71 -2.52
CA PRO F 4 -5.98 11.30 -1.41
C PRO F 4 -5.77 12.29 -0.27
N PHE F 5 -6.83 12.59 0.50
CA PHE F 5 -6.73 13.63 1.56
C PHE F 5 -5.64 13.24 2.55
N ASP F 6 -5.48 11.94 2.79
CA ASP F 6 -4.32 11.46 3.57
C ASP F 6 -3.39 10.83 2.55
N ILE F 7 -2.25 11.46 2.29
CA ILE F 7 -1.32 10.97 1.24
C ILE F 7 -0.99 9.49 1.50
N GLY F 8 -1.04 9.06 2.75
CA GLY F 8 -0.70 7.69 3.07
C GLY F 8 -1.80 6.68 2.85
N ASN F 9 -2.96 7.12 2.38
CA ASN F 9 -4.13 6.26 2.26
C ASN F 9 -4.08 5.49 0.93
N ILE F 10 -2.95 4.85 0.65
CA ILE F 10 -2.78 4.04 -0.56
C ILE F 10 -3.07 2.59 -0.15
N SER F 11 -4.33 2.19 -0.31
CA SER F 11 -4.81 0.97 0.32
C SER F 11 -4.44 -0.27 -0.47
N GLY F 12 -4.40 -0.18 -1.79
CA GLY F 12 -4.24 -1.33 -2.65
C GLY F 12 -4.33 -0.94 -4.10
N PRO F 13 -4.41 -1.94 -5.00
CA PRO F 13 -4.31 -1.65 -6.42
C PRO F 13 -5.60 -1.13 -7.06
N GLU F 14 -6.75 -1.34 -6.46
CA GLU F 14 -8.03 -0.97 -7.08
C GLU F 14 -8.42 0.41 -6.53
N MET F 15 -8.16 1.43 -7.33
CA MET F 15 -8.16 2.81 -6.89
C MET F 15 -9.36 3.51 -7.49
N GLY F 16 -10.01 4.38 -6.72
CA GLY F 16 -11.25 4.98 -7.18
C GLY F 16 -11.06 5.79 -8.44
N ARG F 17 -12.06 5.73 -9.33
CA ARG F 17 -11.98 6.36 -10.64
C ARG F 17 -12.56 7.78 -10.58
N ILE F 18 -11.82 8.73 -11.19
CA ILE F 18 -12.37 10.07 -11.35
C ILE F 18 -13.57 10.01 -12.28
N ALA F 19 -14.68 10.58 -11.84
CA ALA F 19 -15.94 10.60 -12.58
C ALA F 19 -16.44 12.02 -12.69
N THR F 20 -17.14 12.32 -13.78
CA THR F 20 -17.75 13.62 -13.94
C THR F 20 -18.95 13.75 -13.00
N PRO F 21 -19.34 14.98 -12.66
CA PRO F 21 -20.56 15.14 -11.85
C PRO F 21 -21.77 14.49 -12.49
N GLU F 22 -21.86 14.55 -13.82
CA GLU F 22 -23.00 13.96 -14.52
C GLU F 22 -22.99 12.45 -14.37
N ALA F 23 -21.81 11.82 -14.40
CA ALA F 23 -21.73 10.38 -14.29
C ALA F 23 -22.10 9.93 -12.87
N LEU F 24 -21.66 10.67 -11.87
CA LEU F 24 -22.05 10.38 -10.49
C LEU F 24 -23.54 10.58 -10.30
N GLY F 25 -24.09 11.66 -10.85
CA GLY F 25 -25.52 11.85 -10.77
C GLY F 25 -26.28 10.70 -11.40
N ARG F 26 -25.87 10.29 -12.61
CA ARG F 26 -26.60 9.24 -13.31
C ARG F 26 -26.51 7.91 -12.57
N ALA F 27 -25.41 7.66 -11.86
CA ALA F 27 -25.30 6.43 -11.08
C ALA F 27 -26.31 6.42 -9.93
N ILE F 28 -26.62 7.59 -9.36
CA ILE F 28 -27.69 7.67 -8.38
C ILE F 28 -29.03 7.50 -9.07
N LYS F 29 -29.19 8.10 -10.25
CA LYS F 29 -30.43 7.99 -10.99
C LYS F 29 -30.72 6.54 -11.37
N ASN F 30 -29.69 5.81 -11.80
CA ASN F 30 -29.87 4.44 -12.26
C ASN F 30 -30.09 3.45 -11.13
N ALA F 31 -29.71 3.80 -9.92
CA ALA F 31 -29.82 2.88 -8.80
C ALA F 31 -31.27 2.56 -8.49
N LYS F 32 -31.52 1.31 -8.08
CA LYS F 32 -32.86 0.92 -7.68
C LYS F 32 -33.19 1.41 -6.28
N ARG F 33 -32.20 1.40 -5.39
CA ARG F 33 -32.37 1.83 -4.00
C ARG F 33 -31.11 2.54 -3.58
N PRO F 34 -30.91 3.78 -4.04
CA PRO F 34 -29.74 4.54 -3.61
C PRO F 34 -29.90 5.04 -2.18
N LEU F 35 -28.77 5.32 -1.56
CA LEU F 35 -28.74 5.87 -0.22
C LEU F 35 -27.69 6.97 -0.18
N LEU F 36 -28.08 8.15 0.29
CA LEU F 36 -27.14 9.23 0.52
C LEU F 36 -26.64 9.17 1.95
N VAL F 37 -25.33 9.19 2.13
CA VAL F 37 -24.72 9.15 3.46
C VAL F 37 -24.02 10.48 3.67
N VAL F 38 -24.41 11.19 4.73
CA VAL F 38 -23.81 12.47 5.06
C VAL F 38 -23.21 12.37 6.46
N GLY F 39 -22.12 13.11 6.67
CA GLY F 39 -21.45 13.19 7.95
C GLY F 39 -21.43 14.59 8.52
N SER F 40 -20.55 14.83 9.50
CA SER F 40 -20.57 16.10 10.23
C SER F 40 -20.17 17.29 9.36
N GLU F 41 -19.52 17.08 8.23
CA GLU F 41 -19.05 18.23 7.41
C GLU F 41 -20.19 18.79 6.56
N ILE F 42 -21.35 18.12 6.54
CA ILE F 42 -22.53 18.62 5.78
C ILE F 42 -23.07 19.86 6.50
N LEU F 43 -22.72 20.02 7.77
CA LEU F 43 -23.26 21.15 8.56
C LEU F 43 -22.55 22.46 8.22
N GLU F 44 -21.78 22.48 7.13
CA GLU F 44 -21.00 23.68 6.75
C GLU F 44 -21.25 24.07 5.28
N ASP F 45 -20.88 25.30 4.89
CA ASP F 45 -20.96 25.75 3.47
C ASP F 45 -22.33 25.52 2.82
N GLY F 46 -23.42 25.66 3.55
CA GLY F 46 -24.74 25.37 2.95
C GLY F 46 -24.73 24.08 2.14
N LEU F 47 -24.05 23.05 2.62
CA LEU F 47 -23.97 21.76 1.88
C LEU F 47 -25.24 20.95 2.15
N ILE F 48 -25.92 21.18 3.27
CA ILE F 48 -27.16 20.43 3.63
C ILE F 48 -28.28 20.77 2.63
N ASP F 49 -28.26 21.97 2.08
CA ASP F 49 -29.25 22.30 1.03
C ASP F 49 -29.13 21.28 -0.10
N ARG F 50 -27.90 20.97 -0.49
CA ARG F 50 -27.64 19.99 -1.57
C ARG F 50 -28.13 18.61 -1.11
N ALA F 51 -27.91 18.25 0.14
CA ALA F 51 -28.35 16.93 0.65
C ALA F 51 -29.87 16.86 0.65
N ILE F 52 -30.53 17.95 1.04
CA ILE F 52 -32.02 18.00 1.10
C ILE F 52 -32.56 17.95 -0.33
N ALA F 53 -31.93 18.67 -1.25
CA ALA F 53 -32.35 18.61 -2.67
C ALA F 53 -32.28 17.17 -3.16
N ILE F 54 -31.24 16.45 -2.74
CA ILE F 54 -31.12 15.05 -3.14
C ILE F 54 -32.22 14.22 -2.48
N GLY F 55 -32.38 14.37 -1.16
CA GLY F 55 -33.42 13.63 -0.48
C GLY F 55 -34.79 13.88 -1.07
N LYS F 56 -35.08 15.13 -1.44
CA LYS F 56 -36.39 15.48 -1.99
C LYS F 56 -36.63 14.87 -3.35
N LYS F 57 -35.63 14.24 -3.96
CA LYS F 57 -35.82 13.49 -5.18
C LYS F 57 -36.27 12.05 -4.91
N GLY F 58 -36.60 11.73 -3.66
CA GLY F 58 -37.06 10.42 -3.29
C GLY F 58 -36.00 9.49 -2.76
N ILE F 59 -34.88 10.02 -2.26
CA ILE F 59 -33.72 9.23 -1.88
C ILE F 59 -33.55 9.31 -0.37
N PRO F 60 -33.43 8.19 0.33
CA PRO F 60 -33.23 8.25 1.78
C PRO F 60 -31.86 8.79 2.13
N ILE F 61 -31.76 9.38 3.32
CA ILE F 61 -30.53 9.97 3.82
C ILE F 61 -30.16 9.28 5.12
N ALA F 62 -28.90 8.82 5.21
CA ALA F 62 -28.31 8.36 6.46
C ALA F 62 -27.51 9.51 7.04
N ALA F 63 -28.03 10.10 8.12
CA ALA F 63 -27.39 11.23 8.80
C ALA F 63 -26.46 10.69 9.87
N THR F 64 -25.17 10.60 9.53
CA THR F 64 -24.18 10.03 10.47
C THR F 64 -23.63 11.15 11.36
N ALA F 65 -22.74 10.81 12.29
CA ALA F 65 -22.23 11.81 13.25
C ALA F 65 -23.43 12.48 13.92
N HIS F 66 -23.44 13.81 13.97
CA HIS F 66 -24.57 14.56 14.58
C HIS F 66 -25.26 15.39 13.50
N SER F 67 -25.14 14.98 12.24
CA SER F 67 -25.72 15.74 11.15
C SER F 67 -27.24 15.82 11.25
N ILE F 68 -27.87 14.93 12.02
CA ILE F 68 -29.32 15.00 12.18
C ILE F 68 -29.74 16.34 12.76
N LYS F 69 -28.87 16.96 13.58
CA LYS F 69 -29.20 18.27 14.12
C LYS F 69 -29.40 19.29 13.00
N GLY F 70 -28.57 19.24 11.96
CA GLY F 70 -28.73 20.16 10.85
C GLY F 70 -30.03 19.94 10.09
N PHE F 71 -30.46 18.68 9.97
CA PHE F 71 -31.71 18.39 9.29
C PHE F 71 -32.90 18.82 10.13
N VAL F 72 -32.81 18.66 11.46
CA VAL F 72 -33.86 19.15 12.35
C VAL F 72 -33.98 20.66 12.23
N ASP F 73 -32.85 21.35 12.32
CA ASP F 73 -32.88 22.81 12.25
C ASP F 73 -33.31 23.31 10.87
N ALA F 74 -33.07 22.53 9.82
CA ALA F 74 -33.45 22.94 8.47
C ALA F 74 -34.91 22.69 8.17
N GLY F 75 -35.58 21.84 8.94
CA GLY F 75 -36.98 21.53 8.70
C GLY F 75 -37.25 20.40 7.75
N TYR F 76 -36.23 19.59 7.44
CA TYR F 76 -36.37 18.42 6.58
C TYR F 76 -35.85 17.21 7.35
N THR F 77 -36.76 16.37 7.83
CA THR F 77 -36.37 15.16 8.60
C THR F 77 -37.04 13.91 8.02
N ASP F 78 -37.84 14.09 6.98
CA ASP F 78 -38.56 12.96 6.34
C ASP F 78 -37.59 12.14 5.49
N ASN F 79 -37.60 10.83 5.64
CA ASN F 79 -36.69 9.95 4.87
C ASN F 79 -35.24 10.26 5.28
N VAL F 80 -35.06 10.78 6.50
CA VAL F 80 -33.69 11.04 7.01
C VAL F 80 -33.56 10.20 8.27
N TYR F 81 -32.50 9.41 8.38
CA TYR F 81 -32.40 8.47 9.52
C TYR F 81 -31.13 8.67 10.35
N MET F 82 -31.29 8.74 11.66
CA MET F 82 -30.14 8.81 12.56
C MET F 82 -29.44 7.46 12.61
N VAL F 83 -28.14 7.44 12.40
CA VAL F 83 -27.40 6.18 12.37
C VAL F 83 -25.92 6.49 12.49
N GLY F 84 -25.18 5.56 13.10
CA GLY F 84 -23.74 5.70 13.16
C GLY F 84 -23.09 5.20 11.86
N LEU F 85 -22.00 5.85 11.47
CA LEU F 85 -21.30 5.43 10.22
C LEU F 85 -20.81 3.98 10.35
N HIS F 86 -20.35 3.59 11.52
CA HIS F 86 -19.77 2.23 11.69
C HIS F 86 -20.87 1.17 11.53
N GLU F 87 -21.96 1.33 12.27
CA GLU F 87 -23.08 0.34 12.21
C GLU F 87 -23.68 0.37 10.81
N LEU F 88 -23.70 1.53 10.18
CA LEU F 88 -24.24 1.65 8.81
C LEU F 88 -23.41 0.76 7.88
N ALA F 89 -22.09 0.85 7.99
CA ALA F 89 -21.26 0.00 7.10
C ALA F 89 -21.59 -1.49 7.32
N ASN F 90 -21.65 -1.90 8.58
CA ASN F 90 -21.92 -3.33 8.91
C ASN F 90 -23.28 -3.71 8.30
N ASN F 91 -24.23 -2.79 8.40
CA ASN F 91 -25.61 -3.05 7.93
C ASN F 91 -25.64 -3.20 6.40
N ILE F 92 -25.02 -2.26 5.67
CA ILE F 92 -25.06 -2.26 4.18
C ILE F 92 -24.46 -3.55 3.63
N LYS F 93 -23.41 -4.08 4.26
CA LYS F 93 -22.70 -5.26 3.73
C LYS F 93 -23.42 -6.54 4.17
N SER F 94 -24.43 -6.38 5.02
CA SER F 94 -25.19 -7.55 5.49
C SER F 94 -26.36 -7.79 4.53
N PRO F 95 -26.30 -8.83 3.68
CA PRO F 95 -27.34 -9.03 2.67
C PRO F 95 -28.75 -9.24 3.25
N ASP F 96 -28.85 -9.55 4.55
CA ASP F 96 -30.16 -9.78 5.21
C ASP F 96 -30.72 -8.48 5.78
N TRP F 97 -29.91 -7.43 5.83
CA TRP F 97 -30.41 -6.11 6.31
C TRP F 97 -31.44 -5.54 5.33
N MET F 98 -32.61 -5.19 5.83
CA MET F 98 -33.69 -4.71 4.97
C MET F 98 -33.83 -3.19 4.97
N GLY F 99 -32.73 -2.48 5.25
CA GLY F 99 -32.74 -1.04 5.07
C GLY F 99 -33.52 -0.30 6.15
N PHE F 100 -33.66 1.01 5.91
CA PHE F 100 -34.33 1.88 6.87
C PHE F 100 -35.84 1.81 6.75
N ASP F 101 -36.35 1.44 5.58
CA ASP F 101 -37.78 1.26 5.36
C ASP F 101 -38.21 -0.19 5.47
N GLY F 102 -37.27 -1.11 5.68
CA GLY F 102 -37.61 -2.52 5.78
C GLY F 102 -37.89 -3.22 4.46
N LYS F 103 -37.56 -2.59 3.33
CA LYS F 103 -37.86 -3.15 2.01
C LYS F 103 -36.66 -3.83 1.37
N GLY F 104 -35.46 -3.62 1.88
CA GLY F 104 -34.29 -4.29 1.35
C GLY F 104 -33.06 -3.43 1.54
N GLY F 105 -31.94 -3.98 1.07
CA GLY F 105 -30.68 -3.26 1.11
C GLY F 105 -30.63 -2.16 0.07
N TYR F 106 -29.46 -1.53 -0.01
CA TYR F 106 -29.21 -0.43 -0.95
C TYR F 106 -28.12 -0.87 -1.93
N ASP F 107 -28.35 -0.58 -3.22
CA ASP F 107 -27.42 -1.01 -4.29
C ASP F 107 -26.42 0.09 -4.63
N LEU F 108 -26.65 1.33 -4.19
CA LEU F 108 -25.76 2.48 -4.47
C LEU F 108 -25.65 3.34 -3.22
N VAL F 109 -24.44 3.57 -2.74
CA VAL F 109 -24.22 4.43 -1.53
C VAL F 109 -23.34 5.60 -1.96
N ALA F 110 -23.81 6.82 -1.70
CA ALA F 110 -23.08 8.02 -2.07
C ALA F 110 -22.78 8.84 -0.83
N VAL F 111 -21.51 9.17 -0.62
CA VAL F 111 -21.06 9.89 0.58
C VAL F 111 -20.83 11.35 0.23
N LEU F 112 -21.15 12.23 1.19
CA LEU F 112 -21.05 13.67 1.01
C LEU F 112 -20.95 14.32 2.38
N GLY F 113 -20.08 15.32 2.50
CA GLY F 113 -19.89 16.00 3.77
C GLY F 113 -19.46 15.10 4.91
N GLY F 114 -18.39 14.32 4.73
CA GLY F 114 -17.95 13.39 5.76
C GLY F 114 -16.50 13.59 6.13
N ILE F 115 -16.21 13.35 7.41
CA ILE F 115 -14.82 13.33 7.88
C ILE F 115 -14.02 12.36 7.02
N TYR F 116 -12.92 12.83 6.44
CA TYR F 116 -12.27 12.08 5.38
C TYR F 116 -11.86 10.67 5.84
N TYR F 117 -11.09 10.57 6.92
CA TYR F 117 -10.44 9.29 7.20
C TYR F 117 -11.43 8.24 7.68
N SER F 118 -12.54 8.65 8.30
CA SER F 118 -13.53 7.68 8.72
C SER F 118 -14.46 7.31 7.57
N THR F 119 -14.86 8.29 6.76
CA THR F 119 -15.67 7.99 5.58
C THR F 119 -14.91 7.12 4.59
N SER F 120 -13.60 7.36 4.42
CA SER F 120 -12.80 6.50 3.55
C SER F 120 -12.84 5.05 4.02
N GLN F 121 -12.67 4.82 5.32
CA GLN F 121 -12.73 3.46 5.84
C GLN F 121 -14.14 2.89 5.71
N PHE F 122 -15.15 3.73 5.87
CA PHE F 122 -16.52 3.31 5.58
C PHE F 122 -16.64 2.82 4.14
N LEU F 123 -16.10 3.57 3.19
CA LEU F 123 -16.13 3.16 1.76
C LEU F 123 -15.35 1.86 1.55
N ILE F 124 -14.18 1.73 2.18
CA ILE F 124 -13.32 0.52 1.99
C ILE F 124 -14.02 -0.71 2.55
N SER F 125 -14.80 -0.56 3.62
CA SER F 125 -15.60 -1.68 4.17
C SER F 125 -16.54 -2.20 3.08
N ILE F 126 -17.25 -1.29 2.41
CA ILE F 126 -18.21 -1.68 1.39
C ILE F 126 -17.51 -2.30 0.18
N LYS F 127 -16.44 -1.65 -0.30
CA LYS F 127 -15.72 -2.16 -1.46
C LYS F 127 -15.25 -3.58 -1.23
N ASN F 128 -14.86 -3.91 0.01
CA ASN F 128 -14.21 -5.17 0.28
C ASN F 128 -15.14 -6.25 0.83
N CYS F 129 -16.29 -5.87 1.39
CA CYS F 129 -17.21 -6.81 2.01
C CYS F 129 -18.61 -6.83 1.42
N ALA F 130 -19.03 -5.80 0.68
CA ALA F 130 -20.34 -5.80 0.02
C ALA F 130 -20.16 -6.20 -1.44
N THR F 131 -19.88 -7.49 -1.62
CA THR F 131 -19.50 -8.04 -2.93
C THR F 131 -20.57 -8.92 -3.58
N ASP F 132 -21.51 -9.46 -2.81
CA ASP F 132 -22.53 -10.36 -3.35
C ASP F 132 -23.75 -10.38 -2.43
N PRO F 133 -24.79 -9.58 -2.71
CA PRO F 133 -24.93 -8.68 -3.86
C PRO F 133 -23.94 -7.53 -3.81
N LEU F 134 -23.45 -7.12 -4.98
CA LEU F 134 -22.53 -6.00 -5.07
C LEU F 134 -23.25 -4.70 -4.73
N VAL F 135 -22.66 -3.94 -3.82
CA VAL F 135 -23.09 -2.58 -3.51
C VAL F 135 -22.04 -1.64 -4.06
N ARG F 136 -22.46 -0.69 -4.89
CA ARG F 136 -21.56 0.30 -5.46
C ARG F 136 -21.54 1.53 -4.56
N ALA F 137 -20.36 1.93 -4.11
CA ALA F 137 -20.22 3.12 -3.27
C ALA F 137 -19.43 4.17 -4.03
N ILE F 138 -19.95 5.39 -4.03
CA ILE F 138 -19.35 6.51 -4.74
C ILE F 138 -19.22 7.70 -3.80
N SER F 139 -18.41 8.67 -4.21
CA SER F 139 -18.20 9.90 -3.46
C SER F 139 -18.57 11.08 -4.33
N ILE F 140 -19.40 11.98 -3.78
CA ILE F 140 -19.67 13.26 -4.42
C ILE F 140 -19.16 14.38 -3.52
N ASP F 141 -18.16 14.06 -2.70
CA ASP F 141 -17.62 14.99 -1.72
C ASP F 141 -16.41 15.73 -2.31
N ARG F 142 -15.78 16.58 -1.50
CA ARG F 142 -14.66 17.38 -1.95
C ARG F 142 -13.35 16.62 -1.99
N TYR F 143 -13.32 15.35 -1.61
CA TYR F 143 -12.09 14.58 -1.49
C TYR F 143 -11.98 13.56 -2.61
N TYR F 144 -10.74 13.24 -2.98
CA TYR F 144 -10.48 12.06 -3.79
C TYR F 144 -10.59 10.84 -2.89
N HIS F 145 -11.67 10.10 -3.03
CA HIS F 145 -11.93 8.94 -2.19
C HIS F 145 -11.42 7.72 -2.93
N ILE F 146 -10.14 7.41 -2.68
CA ILE F 146 -9.47 6.28 -3.30
C ILE F 146 -10.16 4.97 -2.99
N ALA F 147 -10.95 4.93 -1.92
CA ALA F 147 -11.70 3.74 -1.56
C ALA F 147 -13.09 3.71 -2.17
N ALA F 148 -13.52 4.78 -2.80
CA ALA F 148 -14.77 4.77 -3.53
C ALA F 148 -14.59 4.09 -4.88
N ARG F 149 -15.71 3.65 -5.44
CA ARG F 149 -15.72 3.18 -6.82
C ARG F 149 -15.50 4.32 -7.79
N MET F 150 -16.29 5.37 -7.62
CA MET F 150 -16.16 6.57 -8.47
C MET F 150 -16.13 7.77 -7.52
N THR F 151 -15.38 8.80 -7.89
CA THR F 151 -15.20 9.96 -6.97
C THR F 151 -14.75 11.19 -7.73
N PHE F 152 -14.81 12.33 -7.09
CA PHE F 152 -14.22 13.54 -7.69
C PHE F 152 -12.75 13.55 -7.29
N ASP F 153 -11.96 14.43 -7.89
CA ASP F 153 -10.57 14.63 -7.43
C ASP F 153 -10.63 15.59 -6.23
N ASN F 154 -9.49 15.81 -5.59
CA ASN F 154 -9.44 16.68 -4.39
C ASN F 154 -9.75 18.13 -4.74
N ILE F 155 -10.66 18.74 -4.01
CA ILE F 155 -10.95 20.16 -4.15
C ILE F 155 -10.68 20.80 -2.80
N SER F 156 -9.65 21.64 -2.74
CA SER F 156 -9.25 22.23 -1.48
C SER F 156 -10.36 23.11 -0.93
N ARG F 157 -10.31 23.35 0.37
CA ARG F 157 -11.37 24.13 1.01
C ARG F 157 -11.39 25.56 0.49
N LYS F 158 -10.23 26.13 0.14
CA LYS F 158 -10.26 27.49 -0.40
C LYS F 158 -10.83 27.53 -1.80
N ARG F 159 -11.13 26.39 -2.41
CA ARG F 159 -11.81 26.30 -3.69
C ARG F 159 -13.20 25.69 -3.53
N THR F 160 -13.80 25.85 -2.35
CA THR F 160 -15.09 25.24 -2.09
C THR F 160 -16.17 25.73 -3.05
N ASP F 161 -15.94 26.88 -3.66
CA ASP F 161 -16.89 27.41 -4.68
C ASP F 161 -16.95 26.43 -5.86
N GLU F 162 -15.78 25.97 -6.32
CA GLU F 162 -15.76 25.02 -7.43
C GLU F 162 -16.42 23.71 -7.04
N PHE F 163 -16.12 23.21 -5.83
CA PHE F 163 -16.77 21.99 -5.35
C PHE F 163 -18.28 22.12 -5.39
N LYS F 164 -18.82 23.26 -4.94
CA LYS F 164 -20.26 23.44 -4.94
C LYS F 164 -20.81 23.46 -6.36
N GLU F 165 -20.05 24.04 -7.30
CA GLU F 165 -20.48 24.02 -8.70
C GLU F 165 -20.61 22.59 -9.21
N MET F 166 -19.67 21.72 -8.84
CA MET F 166 -19.76 20.33 -9.29
CA MET F 166 -19.76 20.32 -9.28
C MET F 166 -20.85 19.57 -8.55
N LEU F 167 -20.96 19.78 -7.23
CA LEU F 167 -21.99 19.11 -6.47
C LEU F 167 -23.37 19.47 -7.00
N ASP F 168 -23.57 20.73 -7.36
CA ASP F 168 -24.85 21.14 -7.92
C ASP F 168 -25.12 20.42 -9.25
N ARG F 169 -24.08 20.19 -10.04
CA ARG F 169 -24.25 19.44 -11.28
C ARG F 169 -24.65 17.99 -11.00
N VAL F 170 -24.14 17.39 -9.92
CA VAL F 170 -24.60 16.07 -9.51
C VAL F 170 -26.10 16.11 -9.25
N VAL F 171 -26.56 17.08 -8.46
CA VAL F 171 -27.99 17.18 -8.13
C VAL F 171 -28.80 17.33 -9.40
N GLN F 172 -28.39 18.24 -10.30
CA GLN F 172 -29.09 18.42 -11.56
C GLN F 172 -29.23 17.12 -12.35
N SER F 173 -28.23 16.23 -12.25
CA SER F 173 -28.23 15.01 -13.05
C SER F 173 -29.02 13.86 -12.43
N ILE F 174 -29.45 13.98 -11.17
CA ILE F 174 -30.15 12.81 -10.53
C ILE F 174 -31.56 12.70 -11.10
#